data_7Q0A
#
_entry.id   7Q0A
#
_cell.length_a   1.00
_cell.length_b   1.00
_cell.length_c   1.00
_cell.angle_alpha   90.00
_cell.angle_beta   90.00
_cell.angle_gamma   90.00
#
_symmetry.space_group_name_H-M   'P 1'
#
loop_
_entity.id
_entity.type
_entity.pdbx_description
1 polymer "Spike glycoprotein,Spike ectodomain,Spike protein S2'"
2 polymer 'FI3A fab heavy chain'
3 polymer 'FI3A fab Light chain'
4 branched 2-acetamido-2-deoxy-beta-D-glucopyranose-(1-4)-2-acetamido-2-deoxy-beta-D-glucopyranose
5 non-polymer 2-acetamido-2-deoxy-beta-D-glucopyranose
#
loop_
_entity_poly.entity_id
_entity_poly.type
_entity_poly.pdbx_seq_one_letter_code
_entity_poly.pdbx_strand_id
1 'polypeptide(L)'
;MFVFLVLLPLVSSQCVNLTTRTQLPPAYTNSFTRGVYYPDKVFRSSVLHSTQDLFLPFFSNVTWFHAIHVSGTNGTKRFD
NPVLPFNDGVYFASTEKSNIIRGWIFGTTLDSKTQSLLIVNNATNVVIKVCEFQFCNDPFLGVYYHKNNKSWMESEFRVY
SSANNCTFEYVSQPFLMDLEGKQGNFKNLREFVFKNIDGYFKIYSKHTPINLVRDLPQGFSALEPLVDLPIGINITRFQT
LLALHRSYLTPGDSSSGWTAGAAAYYVGYLQPRTFLLKYNENGTITDAVDCALDPLSETKCTLKSFTVEKGIYQTSNFRV
QPTESIVRFPNITNLCPFGEVFNATRFASVYAWNRKRISNCVADYSVLYNSASFSTFKCYGVSPTKLNDLCFTNVYADSF
VIRGDEVRQIAPGQTGKIADYNYKLPDDFTGCVIAWNSNNLDSKVGGNYNYLYRLFRKSNLKPFERDISTEIYQAGSTPC
NGVEGFNCYFPLQSYGFQPTNGVGYQPYRVVVLSFELLHAPATVCGPKKSTNLVKNKCVNFNFNGLTGTGVLTESNKKFL
PFQQFGRDIADTTDAVRDPQTLEILDITPCSFGGVSVITPGTNTSNQVAVLYQDVNCTEVPVAIHADQLTPTWRVYSTGS
NVFQTRAGCLIGAEHVNNSYECDIPIGAGICASYQTQTNSPGSASSVASQSIIAYTMSLGAENSVAYSNNSIAIPTNFTI
SVTTEILPVSMTKTSVDCTMYICGDSTECSNLLLQYGSFCTQLNRALTGIAVEQDKNTQEVFAQVKQIYKTPPIKDFGGF
NFSQILPDPSKPSKRSFIEDLLFNKVTLADAGFIKQYGDCLGDIAARDLICAQKFNGLTVLPPLLTDEMIAQYTSALLAG
TITSGWTFGAGAALQIPFAMQMAYRFNGIGVTQNVLYENQKLIANQFNSAIGKIQDSLSSTASALGKLQDVVNQNAQALN
TLVKQLSSNFGAISSVLNDILSRLDPPEAEVQIDRLITGRLQSLQTYVTQQLIRAAEIRASANLAATKMSECVLGQSKRV
DFCGKGYHLMSFPQSAPHGVVFLHVTYVPAQEKNFTTAPAICHDGKAHFPREGVFVSNGTHWFVTQRNFYEPQIITTDNT
FVSGNCDVVIGIVNNTVYDPLQPELDSFKEELDKYFKNHTSPDVDLGDISGINASVVNIQKEIDRLNEVAKNLNESLIDL
QELGKYEQGSGYIPEAPRDGQAYVRKDGEWVLLSTFLGRSLEVLFQGPGHHHHHHHHGSAWSHPQFEKGGGSGGGSGGSA
WSHPQFEKDSFKKEELDYFAGHDSFKEELDKYFKNH
;
A,B,C
2 'polypeptide(L)'
;EVQLLESGGGLIQPGGSLRLSCAASGFTVSSNYMSWVRQAPGKGLEWVSVIYSGGSTYYADSVKGRFTISRDNSKNTLYL
QMNSLRAEDTAVYYCARDHVRPGMNIWGQGTMVTVS
;
Y
3 'polypeptide(L)'
;AIRMTQSPSSLSASVGDRVTITCQASQDISNYLNWYQQKPGKAPKLLIYDASNLETGVPSRFSGSGSGTDFTFTISSLQP
EDIATYYCQQYDNLPVTFGGGTKVDIK
;
Z
#
# COMPACT_ATOMS: atom_id res chain seq x y z
N ALA A 27 -48.51 -0.33 33.98
CA ALA A 27 -47.78 -1.52 34.39
C ALA A 27 -46.49 -1.68 33.58
N TYR A 28 -45.53 -2.39 34.16
CA TYR A 28 -44.25 -2.63 33.50
C TYR A 28 -43.79 -4.05 33.84
N THR A 29 -42.95 -4.61 32.98
CA THR A 29 -42.39 -5.93 33.22
C THR A 29 -41.02 -6.01 32.57
N ASN A 30 -40.33 -7.12 32.82
CA ASN A 30 -38.93 -7.30 32.46
C ASN A 30 -38.83 -8.17 31.22
N SER A 31 -38.27 -7.62 30.14
CA SER A 31 -38.03 -8.38 28.91
C SER A 31 -36.71 -9.14 29.08
N PHE A 32 -36.80 -10.29 29.77
CA PHE A 32 -35.64 -11.05 30.21
C PHE A 32 -34.62 -11.27 29.08
N THR A 33 -35.00 -12.05 28.07
CA THR A 33 -34.10 -12.31 26.94
C THR A 33 -34.84 -12.35 25.61
N ARG A 34 -36.10 -11.96 25.56
CA ARG A 34 -36.89 -12.07 24.34
C ARG A 34 -36.69 -10.86 23.44
N GLY A 35 -37.04 -11.03 22.17
CA GLY A 35 -36.88 -10.00 21.17
C GLY A 35 -35.76 -10.22 20.18
N VAL A 36 -35.16 -11.41 20.16
CA VAL A 36 -34.14 -11.74 19.18
C VAL A 36 -34.78 -12.45 17.99
N TYR A 37 -34.47 -11.96 16.80
CA TYR A 37 -35.08 -12.45 15.57
C TYR A 37 -33.99 -12.64 14.52
N TYR A 38 -34.20 -13.62 13.64
CA TYR A 38 -33.23 -13.92 12.57
C TYR A 38 -33.00 -12.68 11.73
N PRO A 39 -31.84 -12.04 11.83
CA PRO A 39 -31.63 -10.78 11.08
C PRO A 39 -31.47 -11.01 9.60
N ASP A 40 -31.21 -12.24 9.16
CA ASP A 40 -31.02 -12.58 7.77
C ASP A 40 -31.74 -13.89 7.49
N LYS A 41 -32.13 -14.09 6.22
CA LYS A 41 -32.80 -15.30 5.78
C LYS A 41 -31.83 -16.36 5.29
N VAL A 42 -30.61 -16.37 5.83
CA VAL A 42 -29.57 -17.32 5.44
C VAL A 42 -29.28 -18.22 6.64
N PHE A 43 -29.25 -19.52 6.39
CA PHE A 43 -28.96 -20.49 7.45
C PHE A 43 -27.49 -20.44 7.87
N ARG A 44 -27.26 -20.67 9.16
CA ARG A 44 -25.93 -20.81 9.73
C ARG A 44 -25.99 -21.92 10.77
N SER A 45 -24.82 -22.31 11.28
CA SER A 45 -24.76 -23.44 12.20
C SER A 45 -23.53 -23.31 13.08
N SER A 46 -23.72 -23.57 14.38
CA SER A 46 -22.65 -23.69 15.37
C SER A 46 -21.63 -22.56 15.23
N VAL A 47 -22.09 -21.34 15.47
CA VAL A 47 -21.27 -20.15 15.26
C VAL A 47 -21.82 -19.03 16.13
N LEU A 48 -20.97 -18.06 16.44
CA LEU A 48 -21.35 -16.87 17.19
C LEU A 48 -21.22 -15.68 16.24
N HIS A 49 -22.35 -15.24 15.70
CA HIS A 49 -22.38 -14.22 14.66
C HIS A 49 -22.81 -12.88 15.25
N SER A 50 -22.05 -11.84 14.95
CA SER A 50 -22.35 -10.49 15.40
C SER A 50 -23.10 -9.74 14.31
N THR A 51 -24.12 -8.99 14.72
CA THR A 51 -24.92 -8.23 13.77
C THR A 51 -25.56 -7.05 14.48
N GLN A 52 -25.58 -5.91 13.82
CA GLN A 52 -26.21 -4.70 14.34
C GLN A 52 -27.49 -4.41 13.58
N ASP A 53 -28.56 -4.14 14.32
CA ASP A 53 -29.87 -3.83 13.77
C ASP A 53 -30.75 -3.36 14.92
N LEU A 54 -32.02 -3.11 14.61
CA LEU A 54 -32.98 -2.68 15.62
C LEU A 54 -33.47 -3.91 16.38
N PHE A 55 -33.10 -4.02 17.65
CA PHE A 55 -33.49 -5.14 18.50
C PHE A 55 -34.13 -4.62 19.78
N LEU A 56 -34.74 -5.54 20.51
CA LEU A 56 -35.25 -5.25 21.85
C LEU A 56 -34.13 -5.42 22.87
N PRO A 57 -33.70 -4.35 23.53
CA PRO A 57 -32.61 -4.47 24.51
C PRO A 57 -32.96 -5.45 25.61
N PHE A 58 -31.96 -6.24 26.01
CA PHE A 58 -32.17 -7.23 27.06
C PHE A 58 -32.47 -6.56 28.39
N PHE A 59 -33.28 -7.24 29.21
CA PHE A 59 -33.66 -6.78 30.54
C PHE A 59 -34.24 -5.36 30.48
N SER A 60 -35.03 -5.10 29.46
CA SER A 60 -35.66 -3.79 29.28
C SER A 60 -37.02 -3.75 29.96
N ASN A 61 -37.47 -2.53 30.23
CA ASN A 61 -38.79 -2.30 30.81
C ASN A 61 -39.81 -2.25 29.68
N VAL A 62 -40.61 -3.31 29.56
CA VAL A 62 -41.62 -3.42 28.51
C VAL A 62 -42.98 -3.18 29.15
N THR A 63 -43.79 -2.36 28.49
CA THR A 63 -45.08 -1.96 29.06
C THR A 63 -46.08 -3.11 28.97
N TRP A 64 -46.84 -3.29 30.05
CA TRP A 64 -47.78 -4.39 30.21
C TRP A 64 -49.19 -3.81 30.22
N PHE A 65 -50.01 -4.22 29.26
CA PHE A 65 -51.40 -3.78 29.16
C PHE A 65 -52.33 -4.95 29.44
N HIS A 66 -53.23 -4.78 30.39
CA HIS A 66 -54.18 -5.83 30.75
C HIS A 66 -55.54 -5.54 30.10
N ALA A 67 -56.34 -6.60 30.00
CA ALA A 67 -57.65 -6.54 29.36
C ALA A 67 -58.72 -7.12 30.27
N ILE A 68 -58.71 -6.72 31.54
CA ILE A 68 -59.60 -7.27 32.55
C ILE A 68 -60.30 -6.12 33.25
N HIS A 69 -61.60 -6.29 33.49
CA HIS A 69 -62.43 -5.28 34.16
C HIS A 69 -62.21 -3.87 33.63
N PRO A 82 -56.35 1.18 22.86
CA PRO A 82 -55.43 2.30 23.10
C PRO A 82 -54.38 2.43 22.01
N VAL A 83 -54.06 3.67 21.63
CA VAL A 83 -53.06 3.94 20.59
C VAL A 83 -51.69 4.08 21.25
N LEU A 84 -50.67 3.56 20.59
CA LEU A 84 -49.31 3.58 21.11
C LEU A 84 -48.35 4.13 20.07
N PRO A 85 -47.24 4.71 20.50
CA PRO A 85 -46.24 5.20 19.53
C PRO A 85 -45.53 4.06 18.82
N PHE A 86 -44.93 4.40 17.69
CA PHE A 86 -44.19 3.45 16.84
C PHE A 86 -42.82 4.03 16.50
N ASN A 87 -42.09 4.45 17.54
CA ASN A 87 -40.88 5.25 17.42
C ASN A 87 -39.95 4.76 16.31
N ASP A 88 -39.38 3.56 16.48
CA ASP A 88 -38.44 3.01 15.50
C ASP A 88 -38.65 1.51 15.31
N GLY A 89 -39.88 1.03 15.47
CA GLY A 89 -40.13 -0.40 15.49
C GLY A 89 -40.66 -0.86 16.83
N VAL A 90 -41.35 -1.99 16.86
CA VAL A 90 -42.08 -2.42 18.05
C VAL A 90 -41.98 -3.94 18.18
N TYR A 91 -41.83 -4.40 19.42
CA TYR A 91 -41.99 -5.81 19.77
C TYR A 91 -43.31 -5.95 20.51
N PHE A 92 -44.16 -6.83 20.00
CA PHE A 92 -45.47 -7.08 20.58
C PHE A 92 -45.52 -8.52 21.06
N ALA A 93 -46.20 -8.75 22.18
CA ALA A 93 -46.35 -10.12 22.68
C ALA A 93 -47.72 -10.29 23.31
N SER A 94 -48.25 -11.50 23.19
CA SER A 94 -49.59 -11.82 23.67
C SER A 94 -49.56 -13.14 24.43
N THR A 95 -50.17 -13.15 25.61
CA THR A 95 -50.44 -14.37 26.36
C THR A 95 -51.94 -14.62 26.32
N GLU A 96 -52.34 -15.80 25.88
CA GLU A 96 -53.73 -16.06 25.55
C GLU A 96 -54.20 -17.36 26.19
N LYS A 97 -55.49 -17.37 26.56
CA LYS A 97 -56.19 -18.58 26.96
C LYS A 97 -57.28 -18.99 25.98
N SER A 98 -57.86 -18.04 25.25
CA SER A 98 -58.85 -18.36 24.23
C SER A 98 -58.67 -17.49 22.97
N ASN A 99 -57.49 -16.88 22.79
CA ASN A 99 -57.18 -16.07 21.61
C ASN A 99 -58.11 -14.87 21.49
N ILE A 100 -58.17 -14.07 22.56
CA ILE A 100 -59.00 -12.87 22.54
C ILE A 100 -58.43 -11.83 21.58
N ILE A 101 -57.13 -11.58 21.66
CA ILE A 101 -56.51 -10.57 20.80
C ILE A 101 -56.41 -11.12 19.39
N ARG A 102 -56.91 -10.37 18.42
CA ARG A 102 -56.85 -10.80 17.04
C ARG A 102 -56.25 -9.76 16.10
N GLY A 103 -56.52 -8.48 16.31
CA GLY A 103 -56.27 -7.51 15.27
C GLY A 103 -55.24 -6.43 15.58
N TRP A 104 -54.72 -5.81 14.53
CA TRP A 104 -53.82 -4.66 14.65
C TRP A 104 -54.26 -3.57 13.66
N ILE A 105 -54.12 -2.32 14.09
CA ILE A 105 -54.34 -1.16 13.23
C ILE A 105 -53.07 -0.31 13.26
N PHE A 106 -52.65 0.15 12.08
CA PHE A 106 -51.44 0.96 11.94
C PHE A 106 -51.77 2.23 11.15
N GLY A 107 -51.04 3.30 11.45
CA GLY A 107 -51.18 4.52 10.70
C GLY A 107 -50.80 5.73 11.56
N THR A 108 -51.02 6.91 10.97
CA THR A 108 -50.74 8.17 11.65
C THR A 108 -51.95 8.70 12.40
N THR A 109 -53.09 8.84 11.71
CA THR A 109 -54.32 9.29 12.32
C THR A 109 -55.27 8.14 12.65
N LEU A 110 -55.20 7.05 11.89
CA LEU A 110 -55.90 5.80 12.19
C LEU A 110 -57.41 5.94 11.98
N ASP A 111 -57.84 6.85 11.11
CA ASP A 111 -59.27 6.99 10.81
C ASP A 111 -59.40 7.50 9.37
N SER A 112 -59.58 6.55 8.45
CA SER A 112 -59.90 6.85 7.04
C SER A 112 -58.90 7.85 6.44
N LYS A 113 -57.62 7.60 6.68
CA LYS A 113 -56.56 8.45 6.13
C LYS A 113 -55.19 7.79 6.29
N SER A 116 -52.74 3.67 6.04
CA SER A 116 -53.09 2.92 7.24
C SER A 116 -53.26 1.43 6.92
N LEU A 117 -52.92 0.58 7.89
CA LEU A 117 -52.99 -0.87 7.72
C LEU A 117 -53.93 -1.47 8.75
N LEU A 118 -54.51 -2.62 8.40
CA LEU A 118 -55.31 -3.40 9.33
C LEU A 118 -54.99 -4.87 9.13
N ILE A 119 -54.92 -5.60 10.24
CA ILE A 119 -54.81 -7.05 10.23
C ILE A 119 -55.84 -7.60 11.20
N VAL A 120 -56.47 -8.71 10.85
CA VAL A 120 -57.49 -9.31 11.72
C VAL A 120 -57.61 -10.79 11.40
N ASN A 121 -57.70 -11.60 12.44
CA ASN A 121 -57.81 -13.05 12.31
C ASN A 121 -59.20 -13.45 12.78
N ASN A 122 -60.11 -13.66 11.82
CA ASN A 122 -61.47 -14.06 12.15
C ASN A 122 -61.52 -15.59 12.22
N ALA A 123 -61.07 -16.10 13.36
CA ALA A 123 -61.51 -17.35 13.96
C ALA A 123 -61.23 -18.59 13.11
N THR A 124 -60.94 -18.40 11.83
CA THR A 124 -60.34 -19.44 11.02
C THR A 124 -59.37 -18.83 10.01
N ASN A 125 -59.47 -17.53 9.77
CA ASN A 125 -58.82 -16.95 8.60
C ASN A 125 -58.08 -15.66 8.95
N VAL A 126 -56.84 -15.54 8.48
CA VAL A 126 -56.11 -14.29 8.59
C VAL A 126 -56.55 -13.38 7.44
N VAL A 127 -56.59 -12.07 7.70
CA VAL A 127 -56.97 -11.08 6.71
C VAL A 127 -56.16 -9.81 6.92
N ILE A 128 -55.33 -9.45 5.93
CA ILE A 128 -54.54 -8.23 5.97
C ILE A 128 -55.05 -7.31 4.86
N LYS A 129 -55.32 -6.05 5.23
CA LYS A 129 -55.74 -5.04 4.28
C LYS A 129 -54.99 -3.74 4.57
N VAL A 130 -54.90 -2.89 3.55
CA VAL A 130 -54.21 -1.61 3.70
C VAL A 130 -55.15 -0.49 3.28
N CYS A 131 -56.45 -0.79 3.21
CA CYS A 131 -57.44 0.25 2.94
C CYS A 131 -57.53 1.21 4.11
N GLU A 132 -57.88 2.46 3.81
CA GLU A 132 -58.10 3.47 4.84
C GLU A 132 -59.48 3.26 5.44
N PHE A 133 -59.57 2.28 6.33
CA PHE A 133 -60.84 1.86 6.89
C PHE A 133 -61.41 2.93 7.82
N GLN A 134 -62.71 2.82 8.11
CA GLN A 134 -63.38 3.64 9.10
C GLN A 134 -63.49 2.85 10.39
N PHE A 135 -62.71 3.25 11.40
CA PHE A 135 -62.69 2.58 12.69
C PHE A 135 -63.19 3.52 13.78
N CYS A 136 -63.76 2.93 14.83
CA CYS A 136 -64.26 3.71 15.95
C CYS A 136 -63.11 4.31 16.74
N ASN A 137 -63.44 5.25 17.62
CA ASN A 137 -62.45 5.83 18.51
C ASN A 137 -61.66 4.76 19.27
N ASP A 138 -62.34 3.71 19.72
CA ASP A 138 -61.70 2.57 20.34
C ASP A 138 -62.44 1.30 19.93
N PRO A 139 -62.06 0.70 18.81
CA PRO A 139 -62.78 -0.49 18.33
C PRO A 139 -62.66 -1.66 19.30
N PHE A 140 -63.65 -2.54 19.23
CA PHE A 140 -63.72 -3.69 20.13
C PHE A 140 -64.48 -4.81 19.44
N LEU A 141 -64.57 -5.95 20.12
CA LEU A 141 -65.34 -7.09 19.64
C LEU A 141 -66.23 -7.60 20.76
N GLY A 142 -67.40 -8.10 20.39
CA GLY A 142 -68.36 -8.61 21.35
C GLY A 142 -68.06 -10.03 21.77
N VAL A 143 -68.91 -10.54 22.66
CA VAL A 143 -68.77 -11.90 23.17
C VAL A 143 -70.13 -12.60 23.15
N CYS A 166 -57.10 0.91 -1.53
CA CYS A 166 -56.73 -0.47 -1.24
C CYS A 166 -55.64 -0.94 -2.20
N THR A 167 -54.38 -0.81 -1.77
CA THR A 167 -53.25 -1.24 -2.59
C THR A 167 -52.85 -2.69 -2.33
N PHE A 168 -53.46 -3.34 -1.35
CA PHE A 168 -53.12 -4.73 -1.02
C PHE A 168 -54.26 -5.34 -0.23
N GLU A 169 -54.44 -6.65 -0.40
CA GLU A 169 -55.40 -7.40 0.39
C GLU A 169 -55.03 -8.87 0.31
N TYR A 170 -54.90 -9.52 1.46
CA TYR A 170 -54.54 -10.94 1.53
C TYR A 170 -55.43 -11.67 2.52
N VAL A 171 -55.77 -12.91 2.18
CA VAL A 171 -56.59 -13.78 3.00
C VAL A 171 -55.94 -15.15 3.06
N SER A 172 -55.90 -15.75 4.24
CA SER A 172 -55.35 -17.09 4.41
C SER A 172 -56.45 -18.13 4.37
N ASN A 188 -51.21 -19.78 25.72
CA ASN A 188 -50.14 -19.76 24.71
C ASN A 188 -49.49 -18.39 24.63
N LEU A 189 -48.28 -18.34 24.08
CA LEU A 189 -47.54 -17.10 23.92
C LEU A 189 -47.23 -16.88 22.44
N ARG A 190 -47.49 -15.67 21.98
CA ARG A 190 -47.22 -15.26 20.59
C ARG A 190 -46.37 -14.00 20.61
N GLU A 191 -45.29 -14.00 19.84
CA GLU A 191 -44.37 -12.86 19.78
C GLU A 191 -44.25 -12.38 18.34
N PHE A 192 -44.37 -11.06 18.15
CA PHE A 192 -44.26 -10.42 16.85
C PHE A 192 -43.29 -9.24 16.93
N VAL A 193 -42.60 -8.98 15.83
CA VAL A 193 -41.78 -7.79 15.66
C VAL A 193 -42.23 -7.05 14.41
N PHE A 194 -42.50 -5.76 14.55
CA PHE A 194 -42.93 -4.91 13.45
C PHE A 194 -41.86 -3.84 13.23
N LYS A 195 -41.32 -3.78 12.02
CA LYS A 195 -40.44 -2.67 11.63
C LYS A 195 -40.84 -2.14 10.27
N ASN A 196 -40.55 -0.86 10.04
CA ASN A 196 -40.88 -0.19 8.77
C ASN A 196 -39.62 0.46 8.23
N ILE A 197 -39.00 -0.18 7.24
CA ILE A 197 -37.72 0.26 6.67
C ILE A 197 -37.93 0.50 5.18
N ASP A 198 -37.68 1.73 4.74
CA ASP A 198 -37.79 2.12 3.33
C ASP A 198 -39.16 1.76 2.75
N GLY A 199 -40.21 1.99 3.54
CA GLY A 199 -41.56 1.71 3.11
C GLY A 199 -41.95 0.25 3.14
N TYR A 200 -41.05 -0.63 3.54
CA TYR A 200 -41.34 -2.06 3.65
C TYR A 200 -41.65 -2.39 5.10
N PHE A 201 -42.75 -3.10 5.32
CA PHE A 201 -43.21 -3.47 6.65
C PHE A 201 -42.82 -4.92 6.88
N LYS A 202 -41.86 -5.13 7.79
CA LYS A 202 -41.40 -6.47 8.14
C LYS A 202 -42.08 -6.91 9.43
N ILE A 203 -42.70 -8.08 9.37
CA ILE A 203 -43.40 -8.69 10.49
C ILE A 203 -42.77 -10.05 10.74
N TYR A 204 -42.12 -10.18 11.88
CA TYR A 204 -41.54 -11.44 12.33
C TYR A 204 -42.46 -12.03 13.39
N SER A 205 -42.56 -13.36 13.41
CA SER A 205 -43.53 -14.00 14.28
C SER A 205 -42.92 -15.25 14.90
N LYS A 206 -43.52 -15.67 16.02
CA LYS A 206 -43.16 -16.92 16.68
C LYS A 206 -44.25 -17.26 17.69
N HIS A 207 -44.43 -18.55 17.94
CA HIS A 207 -45.45 -19.02 18.86
C HIS A 207 -44.84 -20.10 19.74
N THR A 208 -45.45 -20.29 20.92
CA THR A 208 -45.05 -21.38 21.82
C THR A 208 -46.06 -21.57 22.93
N PRO A 209 -46.36 -22.81 23.32
CA PRO A 209 -47.22 -23.02 24.49
C PRO A 209 -46.53 -22.60 25.78
N ILE A 210 -47.35 -22.18 26.75
CA ILE A 210 -46.86 -21.70 28.03
C ILE A 210 -47.86 -22.09 29.10
N ASN A 211 -47.42 -22.06 30.36
CA ASN A 211 -48.30 -22.25 31.52
C ASN A 211 -47.88 -21.24 32.59
N LEU A 212 -48.49 -20.05 32.54
CA LEU A 212 -48.21 -18.99 33.50
C LEU A 212 -49.29 -17.94 33.36
N VAL A 213 -49.60 -17.27 34.48
CA VAL A 213 -50.70 -16.31 34.54
C VAL A 213 -50.27 -14.96 35.09
N ARG A 214 -48.98 -14.76 35.38
CA ARG A 214 -48.49 -13.51 35.96
C ARG A 214 -47.95 -12.56 34.88
N ASP A 215 -46.99 -13.03 34.10
CA ASP A 215 -46.38 -12.23 33.05
C ASP A 215 -45.74 -13.16 32.04
N LEU A 216 -45.00 -12.60 31.09
CA LEU A 216 -44.32 -13.43 30.10
C LEU A 216 -43.23 -14.26 30.77
N PRO A 217 -43.17 -15.56 30.53
CA PRO A 217 -42.19 -16.40 31.22
C PRO A 217 -40.77 -16.06 30.82
N GLN A 218 -39.84 -16.34 31.72
CA GLN A 218 -38.42 -16.15 31.45
C GLN A 218 -37.91 -17.26 30.54
N GLY A 219 -37.17 -16.87 29.51
CA GLY A 219 -36.66 -17.82 28.55
C GLY A 219 -36.15 -17.11 27.31
N PHE A 220 -35.73 -17.91 26.34
CA PHE A 220 -35.20 -17.39 25.09
C PHE A 220 -35.80 -18.15 23.92
N SER A 221 -36.05 -17.43 22.83
CA SER A 221 -36.54 -18.03 21.59
C SER A 221 -36.29 -17.04 20.46
N ALA A 222 -36.37 -17.54 19.23
CA ALA A 222 -36.10 -16.74 18.05
C ALA A 222 -37.39 -16.56 17.25
N LEU A 223 -37.57 -15.37 16.69
CA LEU A 223 -38.77 -14.96 15.98
C LEU A 223 -38.46 -14.87 14.49
N GLU A 224 -38.74 -15.94 13.75
CA GLU A 224 -38.44 -15.94 12.33
C GLU A 224 -39.32 -14.93 11.60
N PRO A 225 -38.85 -14.40 10.47
CA PRO A 225 -39.70 -13.50 9.67
C PRO A 225 -40.83 -14.27 8.99
N LEU A 226 -41.99 -13.62 8.91
CA LEU A 226 -43.14 -14.24 8.27
C LEU A 226 -43.75 -13.38 7.15
N VAL A 227 -43.73 -12.06 7.28
CA VAL A 227 -44.36 -11.21 6.27
C VAL A 227 -43.46 -10.02 5.95
N ASP A 228 -43.34 -9.72 4.66
CA ASP A 228 -42.78 -8.47 4.16
C ASP A 228 -43.82 -7.82 3.27
N LEU A 229 -44.26 -6.61 3.62
CA LEU A 229 -45.36 -5.95 2.96
C LEU A 229 -44.90 -4.66 2.30
N PRO A 230 -45.17 -4.45 1.02
CA PRO A 230 -44.77 -3.21 0.32
C PRO A 230 -45.78 -2.07 0.48
N ILE A 231 -46.02 -1.66 1.72
CA ILE A 231 -47.04 -0.64 1.96
C ILE A 231 -46.56 0.72 1.46
N GLY A 232 -45.33 1.10 1.76
CA GLY A 232 -44.88 2.46 1.50
C GLY A 232 -45.68 3.50 2.25
N ILE A 233 -46.26 3.13 3.39
CA ILE A 233 -47.21 3.96 4.12
C ILE A 233 -46.52 4.51 5.36
N ASN A 234 -46.73 5.81 5.62
CA ASN A 234 -46.17 6.41 6.82
C ASN A 234 -46.76 5.73 8.06
N ILE A 235 -45.92 5.57 9.08
CA ILE A 235 -46.33 4.94 10.33
C ILE A 235 -45.83 5.80 11.48
N THR A 236 -46.74 6.20 12.37
CA THR A 236 -46.37 6.81 13.64
C THR A 236 -47.24 6.34 14.81
N ARG A 237 -48.16 5.41 14.60
CA ARG A 237 -49.02 4.96 15.68
C ARG A 237 -49.67 3.63 15.30
N PHE A 238 -50.06 2.89 16.33
CA PHE A 238 -50.74 1.62 16.15
C PHE A 238 -51.65 1.37 17.34
N GLN A 239 -52.50 0.36 17.20
CA GLN A 239 -53.45 0.01 18.25
C GLN A 239 -53.91 -1.44 18.06
N THR A 240 -53.93 -2.20 19.15
CA THR A 240 -54.34 -3.58 19.08
C THR A 240 -55.87 -3.69 19.07
N LEU A 241 -56.35 -4.92 18.89
CA LEU A 241 -57.78 -5.19 18.81
C LEU A 241 -58.04 -6.55 19.43
N LEU A 242 -58.82 -6.57 20.50
CA LEU A 242 -59.17 -7.81 21.17
C LEU A 242 -60.67 -7.88 21.45
N ALA A 263 -56.90 -11.46 28.62
CA ALA A 263 -55.74 -11.62 27.76
C ALA A 263 -54.92 -10.33 27.69
N ALA A 264 -53.84 -10.28 28.47
CA ALA A 264 -52.97 -9.13 28.46
C ALA A 264 -51.95 -9.24 27.33
N TYR A 265 -51.29 -8.11 27.06
CA TYR A 265 -50.23 -8.07 26.05
C TYR A 265 -49.11 -7.16 26.54
N TYR A 266 -47.99 -7.22 25.82
CA TYR A 266 -46.77 -6.52 26.21
C TYR A 266 -46.18 -5.82 25.00
N VAL A 267 -45.71 -4.60 25.20
CA VAL A 267 -45.17 -3.76 24.13
C VAL A 267 -43.79 -3.28 24.52
N GLY A 268 -42.82 -3.42 23.59
CA GLY A 268 -41.49 -2.88 23.78
C GLY A 268 -41.01 -2.19 22.53
N TYR A 269 -39.94 -1.41 22.69
CA TYR A 269 -39.41 -0.60 21.61
C TYR A 269 -37.99 -1.05 21.27
N LEU A 270 -37.67 -1.01 19.98
CA LEU A 270 -36.38 -1.45 19.47
C LEU A 270 -35.40 -0.29 19.37
N GLN A 271 -34.12 -0.60 19.52
CA GLN A 271 -33.04 0.36 19.37
C GLN A 271 -31.96 -0.27 18.49
N PRO A 272 -31.12 0.55 17.83
CA PRO A 272 -30.06 -0.01 16.99
C PRO A 272 -28.89 -0.54 17.80
N ARG A 273 -28.99 -1.79 18.25
CA ARG A 273 -27.99 -2.38 19.13
C ARG A 273 -27.41 -3.64 18.52
N THR A 274 -26.09 -3.80 18.66
CA THR A 274 -25.42 -4.98 18.15
C THR A 274 -25.70 -6.17 19.07
N PHE A 275 -25.82 -7.35 18.47
CA PHE A 275 -26.10 -8.58 19.20
C PHE A 275 -25.21 -9.69 18.66
N LEU A 276 -24.98 -10.69 19.50
CA LEU A 276 -24.12 -11.83 19.21
C LEU A 276 -24.94 -13.11 19.31
N LEU A 277 -25.50 -13.54 18.18
CA LEU A 277 -26.38 -14.69 18.14
C LEU A 277 -25.59 -15.98 18.06
N LYS A 278 -26.06 -17.01 18.77
CA LYS A 278 -25.42 -18.32 18.77
C LYS A 278 -26.27 -19.31 17.98
N TYR A 279 -25.82 -19.65 16.77
CA TYR A 279 -26.46 -20.68 15.98
C TYR A 279 -25.93 -22.05 16.40
N ASN A 280 -26.84 -22.95 16.76
CA ASN A 280 -26.48 -24.26 17.26
C ASN A 280 -26.14 -25.20 16.10
N GLU A 281 -25.99 -26.49 16.40
CA GLU A 281 -25.73 -27.46 15.34
C GLU A 281 -26.90 -27.52 14.36
N ASN A 282 -28.13 -27.36 14.86
CA ASN A 282 -29.33 -27.48 14.06
C ASN A 282 -29.79 -26.14 13.48
N GLY A 283 -29.10 -25.05 13.80
CA GLY A 283 -29.38 -23.76 13.19
C GLY A 283 -30.44 -22.94 13.88
N THR A 284 -30.77 -23.23 15.13
CA THR A 284 -31.71 -22.43 15.89
C THR A 284 -30.95 -21.56 16.88
N ILE A 285 -31.28 -20.28 16.93
CA ILE A 285 -30.67 -19.34 17.86
C ILE A 285 -31.00 -19.76 19.29
N THR A 286 -29.98 -20.17 20.06
CA THR A 286 -30.20 -20.66 21.42
C THR A 286 -29.84 -19.64 22.49
N ASP A 287 -29.02 -18.65 22.16
CA ASP A 287 -28.58 -17.68 23.16
C ASP A 287 -28.14 -16.42 22.41
N ALA A 288 -28.02 -15.33 23.17
CA ALA A 288 -27.61 -14.05 22.62
C ALA A 288 -26.92 -13.23 23.70
N VAL A 289 -26.21 -12.19 23.28
CA VAL A 289 -25.48 -11.32 24.18
C VAL A 289 -25.62 -9.89 23.68
N ASP A 290 -26.35 -9.06 24.43
CA ASP A 290 -26.50 -7.65 24.10
C ASP A 290 -25.13 -6.99 24.21
N CYS A 291 -24.69 -6.34 23.13
CA CYS A 291 -23.35 -5.77 23.10
C CYS A 291 -23.24 -4.45 23.85
N ALA A 292 -24.33 -4.00 24.50
CA ALA A 292 -24.28 -2.78 25.30
C ALA A 292 -25.05 -2.92 26.61
N LEU A 293 -25.42 -4.14 27.00
CA LEU A 293 -26.21 -4.33 28.22
C LEU A 293 -25.37 -4.07 29.46
N ASP A 294 -24.18 -4.64 29.53
CA ASP A 294 -23.37 -4.59 30.74
C ASP A 294 -21.93 -4.86 30.35
N PRO A 295 -20.97 -4.58 31.25
CA PRO A 295 -19.55 -4.80 30.89
C PRO A 295 -19.22 -6.22 30.46
N LEU A 296 -19.70 -7.23 31.20
CA LEU A 296 -19.41 -8.61 30.82
C LEU A 296 -19.98 -8.93 29.45
N SER A 297 -21.19 -8.46 29.17
CA SER A 297 -21.77 -8.67 27.84
C SER A 297 -20.95 -7.98 26.77
N GLU A 298 -20.46 -6.77 27.05
CA GLU A 298 -19.60 -6.07 26.09
C GLU A 298 -18.32 -6.87 25.84
N THR A 299 -17.74 -7.44 26.89
CA THR A 299 -16.55 -8.26 26.72
C THR A 299 -16.84 -9.47 25.85
N LYS A 300 -17.94 -10.18 26.15
CA LYS A 300 -18.31 -11.32 25.33
C LYS A 300 -18.53 -10.91 23.87
N CYS A 301 -19.10 -9.72 23.66
CA CYS A 301 -19.31 -9.22 22.30
C CYS A 301 -17.97 -8.99 21.60
N THR A 302 -17.03 -8.33 22.27
CA THR A 302 -15.76 -8.01 21.64
C THR A 302 -14.92 -9.25 21.38
N LEU A 303 -15.00 -10.24 22.29
CA LEU A 303 -14.22 -11.46 22.16
C LEU A 303 -14.85 -12.47 21.20
N LYS A 304 -16.08 -12.24 20.76
CA LYS A 304 -16.82 -13.17 19.91
C LYS A 304 -16.94 -14.54 20.57
N SER A 305 -17.15 -14.54 21.88
CA SER A 305 -17.30 -15.78 22.63
C SER A 305 -18.32 -15.58 23.75
N PHE A 306 -18.93 -16.69 24.18
CA PHE A 306 -19.83 -16.71 25.31
C PHE A 306 -19.16 -17.20 26.60
N THR A 307 -17.86 -17.52 26.54
CA THR A 307 -17.08 -17.84 27.72
C THR A 307 -15.83 -16.97 27.72
N VAL A 308 -15.55 -16.34 28.86
CA VAL A 308 -14.44 -15.41 28.99
C VAL A 308 -13.50 -15.94 30.07
N GLU A 309 -12.22 -16.08 29.72
CA GLU A 309 -11.23 -16.58 30.65
C GLU A 309 -10.85 -15.49 31.65
N LYS A 310 -10.24 -15.90 32.75
CA LYS A 310 -9.74 -14.94 33.73
C LYS A 310 -8.71 -14.02 33.08
N GLY A 311 -8.83 -12.73 33.35
CA GLY A 311 -7.90 -11.76 32.82
C GLY A 311 -8.58 -10.41 32.68
N ILE A 312 -7.81 -9.47 32.13
CA ILE A 312 -8.27 -8.10 31.89
C ILE A 312 -8.30 -7.88 30.38
N TYR A 313 -9.48 -7.54 29.86
CA TYR A 313 -9.68 -7.35 28.43
C TYR A 313 -10.06 -5.90 28.16
N GLN A 314 -9.37 -5.28 27.21
CA GLN A 314 -9.71 -3.92 26.79
C GLN A 314 -10.86 -4.00 25.80
N THR A 315 -12.05 -3.57 26.22
CA THR A 315 -13.25 -3.76 25.42
C THR A 315 -13.58 -2.55 24.56
N SER A 316 -13.82 -1.39 25.19
CA SER A 316 -14.47 -0.29 24.48
C SER A 316 -13.79 1.05 24.72
N ASN A 317 -14.42 2.12 24.26
CA ASN A 317 -13.93 3.49 24.50
C ASN A 317 -15.12 4.32 24.97
N PHE A 318 -15.22 4.51 26.29
CA PHE A 318 -16.25 5.35 26.86
C PHE A 318 -16.14 6.77 26.30
N ARG A 319 -17.26 7.30 25.84
CA ARG A 319 -17.34 8.65 25.29
C ARG A 319 -18.66 9.27 25.73
N VAL A 320 -18.59 10.48 26.30
CA VAL A 320 -19.79 11.19 26.69
C VAL A 320 -20.48 11.74 25.45
N GLN A 321 -21.79 11.59 25.39
CA GLN A 321 -22.36 12.07 24.14
C GLN A 321 -22.74 13.55 24.26
N PRO A 322 -22.71 14.29 23.15
CA PRO A 322 -23.13 15.70 23.21
C PRO A 322 -24.57 15.83 23.67
N THR A 323 -24.85 16.90 24.41
CA THR A 323 -26.20 17.15 24.90
C THR A 323 -26.88 18.36 24.29
N GLU A 324 -26.14 19.25 23.63
CA GLU A 324 -26.72 20.43 23.01
C GLU A 324 -26.13 20.61 21.62
N SER A 325 -26.88 21.33 20.78
CA SER A 325 -26.44 21.72 19.45
C SER A 325 -26.34 23.23 19.41
N ILE A 326 -25.13 23.76 19.27
CA ILE A 326 -24.89 25.20 19.31
C ILE A 326 -24.46 25.63 17.92
N VAL A 327 -25.31 26.42 17.26
CA VAL A 327 -25.03 26.97 15.95
C VAL A 327 -25.00 28.49 16.09
N ARG A 328 -23.95 29.12 15.57
CA ARG A 328 -23.79 30.56 15.67
C ARG A 328 -23.32 31.14 14.35
N PHE A 329 -23.80 32.34 14.05
CA PHE A 329 -23.47 33.06 12.83
C PHE A 329 -23.60 34.54 13.11
N PRO A 330 -22.92 35.39 12.35
CA PRO A 330 -23.16 36.84 12.47
C PRO A 330 -24.59 37.20 12.11
N ASN A 331 -25.16 38.12 12.88
CA ASN A 331 -26.56 38.52 12.75
C ASN A 331 -26.72 39.52 11.60
N ILE A 332 -26.48 39.04 10.40
CA ILE A 332 -26.51 39.88 9.19
C ILE A 332 -27.85 39.66 8.50
N THR A 333 -28.40 40.75 7.96
CA THR A 333 -29.77 40.78 7.45
C THR A 333 -29.84 40.77 5.94
N ASN A 334 -29.07 41.62 5.28
CA ASN A 334 -29.28 41.92 3.87
C ASN A 334 -29.18 40.66 3.02
N LEU A 335 -30.17 40.48 2.14
CA LEU A 335 -30.14 39.37 1.19
C LEU A 335 -29.15 39.67 0.07
N CYS A 336 -28.53 38.62 -0.46
CA CYS A 336 -27.58 38.78 -1.54
C CYS A 336 -28.32 39.11 -2.84
N PRO A 337 -27.77 40.01 -3.66
CA PRO A 337 -28.48 40.47 -4.87
C PRO A 337 -28.30 39.52 -6.06
N PHE A 338 -28.70 38.26 -5.86
CA PHE A 338 -28.64 37.30 -6.95
C PHE A 338 -29.56 37.69 -8.10
N GLY A 339 -30.64 38.41 -7.80
CA GLY A 339 -31.60 38.79 -8.82
C GLY A 339 -30.97 39.62 -9.93
N GLU A 340 -30.15 40.60 -9.56
CA GLU A 340 -29.51 41.46 -10.56
C GLU A 340 -28.58 40.70 -11.49
N VAL A 341 -28.13 39.51 -11.08
CA VAL A 341 -27.28 38.69 -11.93
C VAL A 341 -28.13 37.75 -12.77
N PHE A 342 -28.95 36.93 -12.13
CA PHE A 342 -29.80 35.97 -12.83
C PHE A 342 -30.90 36.63 -13.65
N ASN A 343 -31.18 37.91 -13.42
CA ASN A 343 -32.23 38.63 -14.12
C ASN A 343 -31.72 39.97 -14.63
N ALA A 344 -30.47 40.00 -15.06
CA ALA A 344 -29.98 41.15 -15.82
C ALA A 344 -30.56 41.16 -17.21
N THR A 345 -30.95 42.35 -17.69
CA THR A 345 -31.57 42.45 -19.00
C THR A 345 -30.62 41.99 -20.10
N ARG A 346 -29.36 42.41 -20.04
CA ARG A 346 -28.35 42.04 -21.01
C ARG A 346 -27.27 41.21 -20.33
N PHE A 347 -26.77 40.20 -21.04
CA PHE A 347 -25.67 39.38 -20.57
C PHE A 347 -24.43 39.66 -21.42
N ALA A 348 -23.26 39.46 -20.81
CA ALA A 348 -22.01 39.71 -21.51
C ALA A 348 -21.64 38.52 -22.39
N SER A 349 -20.83 38.82 -23.41
CA SER A 349 -20.31 37.77 -24.28
C SER A 349 -19.35 36.86 -23.52
N VAL A 350 -19.27 35.60 -23.97
CA VAL A 350 -18.46 34.61 -23.27
C VAL A 350 -17.00 35.06 -23.17
N TYR A 351 -16.46 35.64 -24.24
CA TYR A 351 -15.09 36.13 -24.19
C TYR A 351 -14.94 37.30 -23.23
N ALA A 352 -16.02 38.01 -22.92
CA ALA A 352 -15.98 39.13 -22.00
C ALA A 352 -16.91 38.89 -20.81
N TRP A 353 -16.85 37.68 -20.25
CA TRP A 353 -17.75 37.29 -19.17
C TRP A 353 -17.67 38.28 -18.01
N ASN A 354 -18.83 38.65 -17.49
CA ASN A 354 -18.89 39.64 -16.41
C ASN A 354 -18.71 38.94 -15.07
N ARG A 355 -18.03 39.62 -14.15
CA ARG A 355 -17.78 39.10 -12.81
C ARG A 355 -18.42 40.03 -11.79
N LYS A 356 -19.28 39.47 -10.94
CA LYS A 356 -19.93 40.21 -9.87
C LYS A 356 -19.49 39.63 -8.53
N ARG A 357 -19.09 40.50 -7.61
CA ARG A 357 -18.62 40.09 -6.30
C ARG A 357 -19.78 40.11 -5.31
N ILE A 358 -19.94 39.02 -4.58
CA ILE A 358 -20.98 38.87 -3.57
C ILE A 358 -20.32 38.83 -2.21
N SER A 359 -20.78 39.67 -1.29
CA SER A 359 -20.20 39.72 0.04
C SER A 359 -21.16 40.42 1.00
N ASN A 360 -20.94 40.19 2.29
CA ASN A 360 -21.68 40.82 3.38
C ASN A 360 -23.18 40.76 3.16
N CYS A 361 -23.67 39.55 2.96
CA CYS A 361 -25.10 39.35 2.70
C CYS A 361 -25.46 37.90 3.02
N VAL A 362 -26.76 37.66 3.14
CA VAL A 362 -27.31 36.33 3.37
C VAL A 362 -27.76 35.75 2.04
N ALA A 363 -27.27 34.56 1.73
CA ALA A 363 -27.52 33.90 0.44
C ALA A 363 -28.51 32.77 0.68
N ASP A 364 -29.77 32.99 0.29
CA ASP A 364 -30.82 31.96 0.37
C ASP A 364 -30.77 31.17 -0.93
N TYR A 365 -29.88 30.17 -0.95
CA TYR A 365 -29.68 29.38 -2.17
C TYR A 365 -30.91 28.58 -2.56
N SER A 366 -31.88 28.41 -1.67
CA SER A 366 -33.11 27.71 -2.02
C SER A 366 -33.75 28.32 -3.25
N VAL A 367 -33.90 29.65 -3.25
CA VAL A 367 -34.46 30.38 -4.38
C VAL A 367 -33.87 29.91 -5.70
N LEU A 368 -32.61 29.49 -5.67
CA LEU A 368 -31.96 28.99 -6.88
C LEU A 368 -32.29 27.51 -7.10
N TYR A 369 -32.03 26.66 -6.11
CA TYR A 369 -32.18 25.23 -6.35
C TYR A 369 -33.61 24.73 -6.22
N ASN A 370 -34.54 25.57 -5.76
CA ASN A 370 -35.95 25.25 -5.81
C ASN A 370 -36.65 25.84 -7.02
N SER A 371 -35.95 26.66 -7.80
CA SER A 371 -36.54 27.24 -9.01
C SER A 371 -36.55 26.22 -10.13
N ALA A 372 -37.59 26.29 -10.96
CA ALA A 372 -37.70 25.43 -12.13
C ALA A 372 -37.18 26.10 -13.39
N SER A 373 -36.57 27.28 -13.27
CA SER A 373 -36.12 28.05 -14.42
C SER A 373 -34.76 27.62 -14.95
N PHE A 374 -34.12 26.62 -14.33
CA PHE A 374 -32.77 26.23 -14.69
C PHE A 374 -32.78 24.82 -15.25
N SER A 375 -32.12 24.63 -16.40
CA SER A 375 -32.01 23.32 -17.00
C SER A 375 -30.74 22.58 -16.59
N THR A 376 -29.68 23.31 -16.25
CA THR A 376 -28.45 22.71 -15.76
C THR A 376 -28.06 23.37 -14.44
N PHE A 377 -27.85 22.55 -13.41
CA PHE A 377 -27.45 23.03 -12.08
C PHE A 377 -26.50 21.99 -11.49
N LYS A 378 -25.19 22.24 -11.62
CA LYS A 378 -24.17 21.26 -11.28
C LYS A 378 -23.14 21.90 -10.35
N CYS A 379 -23.07 21.40 -9.12
CA CYS A 379 -22.15 21.94 -8.13
C CYS A 379 -21.00 20.96 -7.91
N TYR A 380 -19.77 21.45 -8.05
CA TYR A 380 -18.56 20.68 -7.85
C TYR A 380 -17.94 21.05 -6.50
N GLY A 381 -17.65 20.03 -5.70
CA GLY A 381 -17.02 20.22 -4.42
C GLY A 381 -17.95 20.58 -3.29
N VAL A 382 -19.26 20.69 -3.56
CA VAL A 382 -20.26 21.06 -2.56
C VAL A 382 -21.57 20.41 -3.00
N SER A 383 -22.48 20.23 -2.03
CA SER A 383 -23.87 19.86 -2.29
C SER A 383 -24.78 21.04 -2.00
N PRO A 384 -25.61 21.44 -2.96
CA PRO A 384 -26.36 22.70 -2.80
C PRO A 384 -27.26 22.76 -1.57
N THR A 385 -27.81 21.63 -1.12
CA THR A 385 -28.63 21.65 0.09
C THR A 385 -27.82 22.16 1.28
N LYS A 386 -26.59 21.69 1.42
CA LYS A 386 -25.73 22.07 2.54
C LYS A 386 -25.23 23.51 2.44
N LEU A 387 -25.34 24.16 1.27
CA LEU A 387 -24.96 25.56 1.17
C LEU A 387 -25.72 26.43 2.18
N ASN A 388 -26.96 26.07 2.50
CA ASN A 388 -27.72 26.83 3.48
C ASN A 388 -27.05 26.84 4.85
N ASP A 389 -26.20 25.85 5.13
CA ASP A 389 -25.48 25.72 6.39
C ASP A 389 -24.01 26.12 6.29
N LEU A 390 -23.61 26.82 5.24
CA LEU A 390 -22.21 27.15 5.02
C LEU A 390 -22.01 28.63 4.78
N CYS A 391 -20.83 29.10 5.18
CA CYS A 391 -20.34 30.46 4.92
C CYS A 391 -19.08 30.41 4.08
N PHE A 392 -18.85 31.48 3.32
CA PHE A 392 -17.70 31.58 2.44
C PHE A 392 -17.15 32.99 2.50
N THR A 393 -15.87 33.12 2.16
CA THR A 393 -15.20 34.41 2.19
C THR A 393 -15.21 35.12 0.84
N ASN A 394 -15.46 34.40 -0.24
CA ASN A 394 -15.45 34.94 -1.59
C ASN A 394 -16.54 34.25 -2.40
N VAL A 395 -17.42 35.04 -3.01
CA VAL A 395 -18.39 34.53 -3.96
C VAL A 395 -18.27 35.37 -5.23
N TYR A 396 -18.04 34.71 -6.35
CA TYR A 396 -17.77 35.38 -7.63
C TYR A 396 -18.74 34.81 -8.67
N ALA A 397 -19.81 35.56 -8.95
CA ALA A 397 -20.78 35.17 -9.97
C ALA A 397 -20.25 35.62 -11.32
N ASP A 398 -19.90 34.66 -12.17
CA ASP A 398 -19.44 34.94 -13.53
C ASP A 398 -20.58 34.65 -14.49
N SER A 399 -21.06 35.67 -15.18
CA SER A 399 -22.19 35.56 -16.09
C SER A 399 -21.74 35.72 -17.53
N PHE A 400 -22.34 34.93 -18.41
CA PHE A 400 -22.11 35.06 -19.86
C PHE A 400 -23.17 34.24 -20.59
N VAL A 401 -23.02 34.13 -21.90
CA VAL A 401 -23.96 33.41 -22.77
C VAL A 401 -23.15 32.54 -23.72
N ILE A 402 -23.62 31.31 -23.94
CA ILE A 402 -23.03 30.42 -24.93
C ILE A 402 -24.15 29.73 -25.72
N ARG A 403 -23.78 28.79 -26.57
CA ARG A 403 -24.76 27.93 -27.23
C ARG A 403 -24.84 26.59 -26.51
N GLY A 404 -25.99 25.92 -26.68
CA GLY A 404 -26.29 24.75 -25.86
C GLY A 404 -25.21 23.68 -25.93
N ASP A 405 -24.74 23.38 -27.13
CA ASP A 405 -23.74 22.33 -27.31
C ASP A 405 -22.48 22.60 -26.48
N GLU A 406 -22.21 23.87 -26.18
CA GLU A 406 -21.01 24.26 -25.45
C GLU A 406 -21.23 24.29 -23.94
N VAL A 407 -22.45 24.02 -23.46
CA VAL A 407 -22.70 24.06 -22.02
C VAL A 407 -21.81 23.05 -21.31
N ARG A 408 -21.59 21.89 -21.93
CA ARG A 408 -20.71 20.89 -21.33
C ARG A 408 -19.31 21.43 -21.07
N GLN A 409 -18.85 22.39 -21.89
CA GLN A 409 -17.49 22.90 -21.76
C GLN A 409 -17.31 23.76 -20.51
N ILE A 410 -18.40 24.22 -19.90
CA ILE A 410 -18.30 25.04 -18.67
C ILE A 410 -18.29 24.05 -17.51
N ALA A 411 -17.10 23.53 -17.22
CA ALA A 411 -16.88 22.55 -16.16
C ALA A 411 -15.39 22.30 -16.00
N PRO A 412 -14.92 21.95 -14.81
CA PRO A 412 -13.48 21.73 -14.62
C PRO A 412 -12.97 20.60 -15.51
N GLY A 413 -11.76 20.80 -16.04
CA GLY A 413 -11.12 19.74 -16.80
C GLY A 413 -11.72 19.50 -18.17
N GLN A 414 -12.37 20.50 -18.74
CA GLN A 414 -12.98 20.41 -20.06
C GLN A 414 -12.11 21.12 -21.09
N THR A 415 -12.26 20.70 -22.34
CA THR A 415 -11.52 21.26 -23.47
C THR A 415 -12.51 21.64 -24.56
N GLY A 416 -12.00 22.35 -25.56
CA GLY A 416 -12.78 22.87 -26.66
C GLY A 416 -12.63 24.36 -26.80
N LYS A 417 -13.32 24.90 -27.81
CA LYS A 417 -13.25 26.33 -28.12
C LYS A 417 -13.46 27.18 -26.87
N ILE A 418 -14.63 27.05 -26.25
CA ILE A 418 -14.98 27.88 -25.10
C ILE A 418 -13.99 27.67 -23.96
N ALA A 419 -13.73 26.41 -23.62
CA ALA A 419 -12.84 26.11 -22.50
C ALA A 419 -11.43 26.61 -22.77
N ASP A 420 -10.93 26.42 -23.99
CA ASP A 420 -9.53 26.74 -24.27
C ASP A 420 -9.31 28.24 -24.42
N TYR A 421 -10.24 28.96 -25.04
CA TYR A 421 -10.00 30.32 -25.49
C TYR A 421 -10.91 31.37 -24.87
N ASN A 422 -12.02 30.97 -24.23
CA ASN A 422 -12.99 31.93 -23.73
C ASN A 422 -13.11 31.93 -22.22
N TYR A 423 -13.35 30.78 -21.60
CA TYR A 423 -13.46 30.72 -20.15
C TYR A 423 -12.97 29.36 -19.67
N LYS A 424 -11.97 29.35 -18.80
CA LYS A 424 -11.34 28.13 -18.33
C LYS A 424 -11.47 28.03 -16.81
N LEU A 425 -12.11 26.97 -16.33
CA LEU A 425 -12.19 26.69 -14.91
C LEU A 425 -10.94 25.94 -14.44
N PRO A 426 -10.59 26.05 -13.16
CA PRO A 426 -9.50 25.24 -12.62
C PRO A 426 -9.94 23.79 -12.43
N ASP A 427 -8.95 22.89 -12.46
CA ASP A 427 -9.23 21.47 -12.28
C ASP A 427 -9.84 21.19 -10.91
N ASP A 428 -9.47 21.98 -9.89
CA ASP A 428 -10.01 21.82 -8.56
C ASP A 428 -11.10 22.86 -8.25
N PHE A 429 -11.87 23.23 -9.26
CA PHE A 429 -12.90 24.25 -9.10
C PHE A 429 -13.88 23.86 -8.00
N THR A 430 -14.23 24.82 -7.15
CA THR A 430 -15.16 24.61 -6.06
C THR A 430 -16.29 25.64 -6.18
N GLY A 431 -17.49 25.17 -6.49
CA GLY A 431 -18.62 26.03 -6.68
C GLY A 431 -19.60 25.43 -7.66
N CYS A 432 -20.57 26.26 -8.08
CA CYS A 432 -21.70 25.77 -8.84
C CYS A 432 -21.73 26.41 -10.23
N VAL A 433 -22.25 25.66 -11.20
CA VAL A 433 -22.48 26.15 -12.56
C VAL A 433 -23.97 25.98 -12.85
N ILE A 434 -24.59 27.06 -13.35
CA ILE A 434 -26.02 27.10 -13.62
C ILE A 434 -26.21 27.61 -15.04
N ALA A 435 -27.03 26.91 -15.82
CA ALA A 435 -27.24 27.26 -17.21
C ALA A 435 -28.72 27.06 -17.55
N TRP A 436 -29.28 28.01 -18.29
CA TRP A 436 -30.68 27.91 -18.69
C TRP A 436 -30.86 28.52 -20.06
N ASN A 437 -31.77 27.92 -20.84
CA ASN A 437 -32.09 28.42 -22.17
C ASN A 437 -32.64 29.85 -22.10
N SER A 438 -32.19 30.68 -23.02
CA SER A 438 -32.61 32.06 -23.15
C SER A 438 -32.98 32.39 -24.59
N ASN A 439 -33.58 31.43 -25.29
CA ASN A 439 -33.96 31.63 -26.68
C ASN A 439 -34.94 32.79 -26.83
N ASN A 440 -35.91 32.88 -25.92
CA ASN A 440 -36.91 33.93 -26.01
C ASN A 440 -36.30 35.32 -25.88
N LEU A 441 -35.15 35.43 -25.21
CA LEU A 441 -34.55 36.72 -24.88
C LEU A 441 -33.39 37.12 -25.79
N ASP A 442 -32.54 36.17 -26.18
CA ASP A 442 -31.32 36.49 -26.90
C ASP A 442 -31.39 36.19 -28.39
N SER A 443 -32.52 35.69 -28.89
CA SER A 443 -32.67 35.37 -30.30
C SER A 443 -33.46 36.46 -31.01
N LYS A 444 -33.13 36.68 -32.28
CA LYS A 444 -33.81 37.65 -33.13
C LYS A 444 -34.13 37.01 -34.47
N VAL A 445 -35.24 37.45 -35.06
CA VAL A 445 -35.67 36.89 -36.35
C VAL A 445 -34.58 37.06 -37.41
N GLY A 446 -33.93 38.23 -37.42
CA GLY A 446 -32.82 38.48 -38.32
C GLY A 446 -31.49 37.96 -37.85
N GLY A 447 -31.45 37.35 -36.66
CA GLY A 447 -30.20 36.83 -36.13
C GLY A 447 -29.51 37.84 -35.22
N ASN A 448 -29.35 37.47 -33.94
CA ASN A 448 -28.68 38.34 -32.98
C ASN A 448 -27.19 38.00 -32.95
N TYR A 449 -26.36 38.98 -33.30
CA TYR A 449 -24.91 38.79 -33.36
C TYR A 449 -24.19 39.58 -32.28
N ASN A 450 -24.89 40.08 -31.27
CA ASN A 450 -24.25 40.87 -30.22
C ASN A 450 -23.39 40.02 -29.30
N TYR A 451 -23.61 38.71 -29.27
CA TYR A 451 -22.83 37.82 -28.42
C TYR A 451 -21.67 37.24 -29.23
N LEU A 452 -20.46 37.35 -28.68
CA LEU A 452 -19.25 36.98 -29.38
C LEU A 452 -18.55 35.83 -28.66
N TYR A 453 -17.64 35.19 -29.38
CA TYR A 453 -16.78 34.15 -28.81
C TYR A 453 -15.42 34.23 -29.46
N ARG A 454 -14.37 34.03 -28.66
CA ARG A 454 -13.01 34.02 -29.19
C ARG A 454 -12.76 32.70 -29.93
N LEU A 455 -12.23 32.79 -31.14
CA LEU A 455 -12.01 31.60 -31.94
C LEU A 455 -10.55 31.17 -32.00
N PHE A 456 -9.60 32.08 -31.78
CA PHE A 456 -8.18 31.75 -31.83
C PHE A 456 -7.47 32.38 -30.64
N ARG A 457 -6.35 31.76 -30.26
CA ARG A 457 -5.47 32.26 -29.21
C ARG A 457 -4.18 31.45 -29.25
N LYS A 458 -3.07 32.13 -28.93
CA LYS A 458 -1.76 31.50 -28.99
C LYS A 458 -1.59 30.42 -27.92
N SER A 459 -2.41 30.44 -26.87
CA SER A 459 -2.34 29.42 -25.83
C SER A 459 -3.68 29.37 -25.10
N ASN A 460 -3.88 28.28 -24.37
CA ASN A 460 -5.10 28.11 -23.60
C ASN A 460 -5.10 29.02 -22.38
N LEU A 461 -6.29 29.47 -21.99
CA LEU A 461 -6.42 30.35 -20.83
C LEU A 461 -6.10 29.60 -19.54
N LYS A 462 -5.43 30.29 -18.63
CA LYS A 462 -5.25 29.79 -17.28
C LYS A 462 -6.56 29.93 -16.50
N PRO A 463 -6.71 29.18 -15.40
CA PRO A 463 -7.97 29.25 -14.65
C PRO A 463 -8.33 30.67 -14.25
N PHE A 464 -9.61 31.01 -14.43
CA PHE A 464 -10.18 32.32 -14.13
C PHE A 464 -9.50 33.47 -14.87
N GLU A 465 -8.69 33.17 -15.89
CA GLU A 465 -8.08 34.22 -16.69
C GLU A 465 -9.10 34.84 -17.63
N ARG A 466 -9.01 36.16 -17.81
CA ARG A 466 -9.91 36.89 -18.68
C ARG A 466 -9.09 37.61 -19.74
N ASP A 467 -9.44 37.39 -21.01
CA ASP A 467 -8.76 38.01 -22.13
C ASP A 467 -9.79 38.73 -22.99
N ILE A 468 -9.67 40.05 -23.06
CA ILE A 468 -10.56 40.88 -23.88
C ILE A 468 -9.80 41.59 -24.99
N SER A 469 -8.54 41.22 -25.22
CA SER A 469 -7.73 41.87 -26.25
C SER A 469 -8.30 41.58 -27.64
N THR A 470 -8.16 42.57 -28.52
CA THR A 470 -8.64 42.45 -29.90
C THR A 470 -7.48 42.36 -30.89
N GLU A 471 -6.30 41.93 -30.42
CA GLU A 471 -5.14 41.79 -31.30
C GLU A 471 -5.45 40.82 -32.43
N ILE A 472 -4.98 41.16 -33.64
CA ILE A 472 -5.23 40.32 -34.81
C ILE A 472 -4.42 39.03 -34.68
N TYR A 473 -5.11 37.90 -34.81
CA TYR A 473 -4.46 36.60 -34.74
C TYR A 473 -3.82 36.29 -36.07
N GLN A 474 -2.52 35.99 -36.04
CA GLN A 474 -1.74 35.64 -37.23
C GLN A 474 -1.81 34.13 -37.41
N ALA A 475 -2.71 33.68 -38.28
CA ALA A 475 -2.87 32.25 -38.53
C ALA A 475 -1.81 31.67 -39.45
N GLY A 476 -1.00 32.50 -40.09
CA GLY A 476 0.04 32.01 -40.97
C GLY A 476 1.42 32.48 -40.58
N SER A 477 2.38 32.41 -41.51
CA SER A 477 3.74 32.84 -41.26
C SER A 477 3.97 34.32 -41.56
N THR A 478 2.98 34.99 -42.16
CA THR A 478 3.13 36.40 -42.52
C THR A 478 2.69 37.28 -41.36
N PRO A 479 3.54 38.15 -40.83
CA PRO A 479 3.09 39.07 -39.77
C PRO A 479 1.95 39.95 -40.26
N CYS A 480 0.99 40.20 -39.37
CA CYS A 480 -0.20 40.97 -39.73
C CYS A 480 -0.01 42.46 -39.53
N ASN A 481 0.79 42.86 -38.54
CA ASN A 481 1.04 44.28 -38.24
C ASN A 481 -0.27 45.04 -38.02
N GLY A 482 -1.21 44.39 -37.34
CA GLY A 482 -2.50 45.00 -37.08
C GLY A 482 -3.42 45.12 -38.27
N VAL A 483 -3.13 44.43 -39.36
CA VAL A 483 -3.93 44.48 -40.57
C VAL A 483 -4.56 43.12 -40.80
N GLU A 484 -5.90 43.09 -40.85
CA GLU A 484 -6.61 41.85 -41.10
C GLU A 484 -6.49 41.45 -42.57
N GLY A 485 -6.65 40.15 -42.82
CA GLY A 485 -6.55 39.63 -44.17
C GLY A 485 -6.35 38.12 -44.13
N PHE A 486 -5.79 37.61 -45.23
CA PHE A 486 -5.51 36.18 -45.33
C PHE A 486 -4.59 35.75 -44.20
N ASN A 487 -5.03 34.72 -43.45
CA ASN A 487 -4.32 34.22 -42.27
C ASN A 487 -4.14 35.29 -41.19
N CYS A 488 -4.89 36.38 -41.28
CA CYS A 488 -4.87 37.46 -40.29
C CYS A 488 -6.31 37.75 -39.89
N TYR A 489 -6.74 37.20 -38.76
CA TYR A 489 -8.16 37.17 -38.42
C TYR A 489 -8.43 37.97 -37.15
N PHE A 490 -9.64 38.49 -37.07
CA PHE A 490 -10.14 39.05 -35.82
C PHE A 490 -10.49 37.92 -34.86
N PRO A 491 -9.90 37.89 -33.66
CA PRO A 491 -10.05 36.70 -32.80
C PRO A 491 -11.49 36.41 -32.41
N LEU A 492 -12.38 37.39 -32.48
CA LEU A 492 -13.76 37.23 -32.06
C LEU A 492 -14.64 36.90 -33.26
N GLN A 493 -15.73 36.18 -32.99
CA GLN A 493 -16.73 35.84 -34.00
C GLN A 493 -18.10 35.85 -33.34
N SER A 494 -19.09 36.36 -34.07
CA SER A 494 -20.42 36.55 -33.51
C SER A 494 -21.22 35.24 -33.54
N TYR A 495 -22.01 35.03 -32.50
CA TYR A 495 -22.97 33.93 -32.51
C TYR A 495 -24.15 34.23 -33.44
N GLY A 496 -24.64 33.20 -34.12
CA GLY A 496 -25.87 33.33 -34.86
C GLY A 496 -27.07 32.80 -34.11
N PHE A 497 -27.84 33.69 -33.49
CA PHE A 497 -28.97 33.30 -32.64
C PHE A 497 -30.26 33.71 -33.33
N GLN A 498 -30.97 32.72 -33.89
CA GLN A 498 -32.31 32.91 -34.42
C GLN A 498 -33.29 31.99 -33.70
N PRO A 499 -34.55 32.40 -33.54
CA PRO A 499 -35.51 31.56 -32.80
C PRO A 499 -35.74 30.20 -33.43
N THR A 500 -35.52 30.04 -34.73
CA THR A 500 -35.69 28.76 -35.41
C THR A 500 -34.45 27.87 -35.32
N ASN A 501 -33.37 28.34 -34.71
CA ASN A 501 -32.17 27.54 -34.57
C ASN A 501 -32.41 26.33 -33.68
N GLY A 502 -31.68 25.25 -33.97
CA GLY A 502 -31.76 24.06 -33.14
C GLY A 502 -31.34 24.36 -31.71
N VAL A 503 -31.88 23.56 -30.78
CA VAL A 503 -31.66 23.81 -29.36
C VAL A 503 -30.17 23.82 -29.04
N GLY A 504 -29.39 22.95 -29.69
CA GLY A 504 -27.95 22.97 -29.49
C GLY A 504 -27.31 24.28 -29.88
N TYR A 505 -27.91 25.00 -30.83
CA TYR A 505 -27.44 26.31 -31.26
C TYR A 505 -28.21 27.46 -30.62
N GLN A 506 -29.19 27.17 -29.77
CA GLN A 506 -29.96 28.23 -29.15
C GLN A 506 -29.16 28.86 -28.00
N PRO A 507 -29.36 30.14 -27.74
CA PRO A 507 -28.60 30.80 -26.67
C PRO A 507 -28.95 30.25 -25.29
N TYR A 508 -27.94 30.17 -24.45
CA TYR A 508 -28.06 29.73 -23.07
C TYR A 508 -27.31 30.71 -22.19
N ARG A 509 -27.97 31.17 -21.13
CA ARG A 509 -27.34 32.04 -20.15
C ARG A 509 -26.72 31.19 -19.05
N VAL A 510 -25.47 31.49 -18.71
CA VAL A 510 -24.69 30.68 -17.78
C VAL A 510 -24.14 31.58 -16.69
N VAL A 511 -24.29 31.15 -15.44
CA VAL A 511 -23.75 31.82 -14.27
C VAL A 511 -22.94 30.79 -13.49
N VAL A 512 -21.69 31.14 -13.19
CA VAL A 512 -20.80 30.27 -12.44
C VAL A 512 -20.52 30.95 -11.11
N LEU A 513 -21.02 30.37 -10.03
CA LEU A 513 -20.76 30.88 -8.70
C LEU A 513 -19.50 30.20 -8.18
N SER A 514 -18.48 31.01 -7.86
CA SER A 514 -17.22 30.49 -7.37
C SER A 514 -17.03 30.88 -5.91
N PHE A 515 -16.80 29.89 -5.06
CA PHE A 515 -16.60 30.08 -3.64
C PHE A 515 -15.12 29.92 -3.29
N GLU A 516 -14.76 30.42 -2.10
CA GLU A 516 -13.43 30.24 -1.53
C GLU A 516 -13.64 29.80 -0.10
N LEU A 517 -13.64 28.49 0.12
CA LEU A 517 -13.92 27.90 1.43
C LEU A 517 -12.67 27.69 2.26
N LEU A 518 -11.87 28.75 2.40
CA LEU A 518 -10.73 28.75 3.28
C LEU A 518 -11.16 29.37 4.60
N HIS A 519 -10.83 28.70 5.70
CA HIS A 519 -11.25 29.14 7.03
C HIS A 519 -10.72 30.52 7.36
N ALA A 520 -11.62 31.50 7.43
CA ALA A 520 -11.26 32.91 7.48
C ALA A 520 -12.49 33.71 7.94
N PRO A 521 -12.39 35.04 8.10
CA PRO A 521 -13.58 35.81 8.51
C PRO A 521 -14.66 35.83 7.45
N ALA A 522 -15.39 34.72 7.33
CA ALA A 522 -16.41 34.57 6.29
C ALA A 522 -17.47 35.65 6.39
N THR A 523 -17.91 36.14 5.23
CA THR A 523 -18.92 37.19 5.14
C THR A 523 -20.25 36.68 4.62
N VAL A 524 -20.26 35.98 3.48
CA VAL A 524 -21.51 35.42 2.98
C VAL A 524 -21.87 34.20 3.81
N CYS A 525 -23.16 34.04 4.09
CA CYS A 525 -23.66 32.92 4.89
C CYS A 525 -25.07 32.58 4.45
N GLY A 526 -25.53 31.40 4.87
CA GLY A 526 -26.85 30.92 4.53
C GLY A 526 -27.85 31.19 5.64
N PRO A 527 -29.04 30.63 5.52
CA PRO A 527 -30.10 30.88 6.51
C PRO A 527 -29.95 29.99 7.74
N LYS A 528 -29.65 30.62 8.87
CA LYS A 528 -29.53 29.93 10.15
C LYS A 528 -29.73 30.94 11.26
N LYS A 529 -30.09 30.44 12.44
CA LYS A 529 -30.32 31.26 13.61
C LYS A 529 -29.27 30.98 14.68
N SER A 530 -28.62 32.03 15.16
CA SER A 530 -27.61 31.90 16.20
C SER A 530 -28.30 31.71 17.54
N THR A 531 -28.05 30.56 18.18
CA THR A 531 -28.63 30.26 19.47
C THR A 531 -27.69 30.68 20.59
N ASN A 532 -28.12 30.43 21.83
CA ASN A 532 -27.29 30.75 22.98
C ASN A 532 -26.15 29.75 23.12
N LEU A 533 -25.15 30.13 23.90
CA LEU A 533 -23.94 29.33 24.07
C LEU A 533 -23.87 28.83 25.51
N VAL A 534 -23.55 27.55 25.67
CA VAL A 534 -23.42 26.91 26.98
C VAL A 534 -21.97 26.45 27.13
N LYS A 535 -21.36 26.78 28.26
CA LYS A 535 -19.99 26.41 28.55
C LYS A 535 -19.95 25.20 29.48
N ASN A 536 -18.78 24.58 29.56
CA ASN A 536 -18.50 23.46 30.45
C ASN A 536 -19.39 22.25 30.18
N LYS A 537 -20.08 22.24 29.04
CA LYS A 537 -20.90 21.10 28.63
C LYS A 537 -20.54 20.72 27.20
N CYS A 538 -20.39 19.42 26.97
CA CYS A 538 -20.04 18.90 25.65
C CYS A 538 -21.21 19.07 24.68
N VAL A 539 -20.99 19.82 23.61
CA VAL A 539 -22.04 20.19 22.68
C VAL A 539 -21.55 19.97 21.25
N ASN A 540 -22.51 19.84 20.34
CA ASN A 540 -22.24 19.74 18.91
C ASN A 540 -22.30 21.15 18.34
N PHE A 541 -21.14 21.76 18.14
CA PHE A 541 -21.06 23.16 17.72
C PHE A 541 -20.74 23.27 16.24
N ASN A 542 -21.08 24.43 15.68
CA ASN A 542 -20.78 24.73 14.28
C ASN A 542 -20.60 26.25 14.18
N PHE A 543 -19.35 26.69 14.16
CA PHE A 543 -19.02 28.10 14.12
C PHE A 543 -18.71 28.49 12.67
N ASN A 544 -19.60 29.28 12.07
CA ASN A 544 -19.38 29.87 10.74
C ASN A 544 -19.07 28.81 9.69
N GLY A 545 -19.57 27.60 9.87
CA GLY A 545 -19.36 26.50 8.94
C GLY A 545 -18.40 25.44 9.43
N LEU A 546 -17.55 25.77 10.40
CA LEU A 546 -16.64 24.79 10.99
C LEU A 546 -17.39 23.98 12.04
N THR A 547 -17.57 22.69 11.77
CA THR A 547 -18.36 21.83 12.62
C THR A 547 -17.46 21.01 13.54
N GLY A 548 -17.97 20.69 14.72
CA GLY A 548 -17.21 19.89 15.66
C GLY A 548 -18.07 19.52 16.85
N THR A 549 -17.50 18.68 17.71
CA THR A 549 -18.16 18.24 18.94
C THR A 549 -17.17 18.31 20.09
N GLY A 550 -17.59 18.94 21.18
CA GLY A 550 -16.72 19.03 22.34
C GLY A 550 -17.24 20.04 23.33
N VAL A 551 -16.51 20.17 24.43
CA VAL A 551 -16.80 21.13 25.48
C VAL A 551 -16.16 22.47 25.13
N LEU A 552 -16.89 23.55 25.39
CA LEU A 552 -16.39 24.90 25.21
C LEU A 552 -16.12 25.49 26.58
N THR A 553 -14.88 25.93 26.81
CA THR A 553 -14.48 26.46 28.11
C THR A 553 -13.78 27.79 27.92
N GLU A 554 -14.16 28.78 28.74
CA GLU A 554 -13.52 30.09 28.70
C GLU A 554 -12.00 29.94 28.76
N SER A 555 -11.33 30.33 27.70
CA SER A 555 -9.90 30.10 27.56
C SER A 555 -9.10 31.28 28.10
N ASN A 556 -7.87 30.98 28.54
CA ASN A 556 -6.93 31.99 28.99
C ASN A 556 -5.91 32.36 27.91
N LYS A 557 -6.09 31.84 26.69
CA LYS A 557 -5.16 32.11 25.61
C LYS A 557 -5.15 33.59 25.26
N LYS A 558 -3.97 34.11 24.95
CA LYS A 558 -3.81 35.52 24.59
C LYS A 558 -3.92 35.67 23.07
N PHE A 559 -5.14 35.47 22.58
CA PHE A 559 -5.42 35.65 21.16
C PHE A 559 -5.15 37.08 20.73
N LEU A 560 -4.56 37.25 19.56
CA LEU A 560 -4.41 38.56 18.97
C LEU A 560 -5.75 39.04 18.39
N PRO A 561 -5.92 40.35 18.24
CA PRO A 561 -7.23 40.87 17.81
C PRO A 561 -7.68 40.36 16.44
N PHE A 562 -6.77 39.94 15.58
CA PHE A 562 -7.12 39.51 14.23
C PHE A 562 -7.25 38.00 14.10
N GLN A 563 -6.83 37.23 15.10
CA GLN A 563 -6.90 35.78 15.04
C GLN A 563 -8.34 35.34 15.26
N GLN A 564 -8.83 34.45 14.38
CA GLN A 564 -10.20 33.98 14.47
C GLN A 564 -10.32 32.67 15.24
N PHE A 565 -9.33 31.79 15.14
CA PHE A 565 -9.40 30.50 15.83
C PHE A 565 -8.02 29.86 15.80
N GLY A 566 -7.80 28.96 16.76
CA GLY A 566 -6.56 28.21 16.85
C GLY A 566 -6.68 26.81 16.26
N ARG A 567 -5.56 26.09 16.28
CA ARG A 567 -5.50 24.73 15.76
C ARG A 567 -4.59 23.89 16.64
N ASP A 568 -4.79 22.58 16.57
CA ASP A 568 -3.87 21.61 17.13
C ASP A 568 -2.87 21.16 16.06
N ILE A 569 -1.85 20.42 16.50
CA ILE A 569 -0.84 19.95 15.57
C ILE A 569 -1.41 18.96 14.56
N ALA A 570 -2.53 18.33 14.88
CA ALA A 570 -3.21 17.40 13.99
C ALA A 570 -4.12 18.09 12.99
N ASP A 571 -4.01 19.41 12.84
CA ASP A 571 -4.85 20.19 11.92
C ASP A 571 -6.31 20.15 12.34
N THR A 572 -6.57 20.31 13.64
CA THR A 572 -7.91 20.30 14.18
C THR A 572 -8.12 21.54 15.04
N THR A 573 -9.35 22.05 15.02
CA THR A 573 -9.67 23.27 15.75
C THR A 573 -9.42 23.10 17.24
N ASP A 574 -8.88 24.13 17.88
CA ASP A 574 -8.61 24.10 19.32
C ASP A 574 -9.37 25.16 20.09
N ALA A 575 -9.36 26.41 19.64
CA ALA A 575 -10.10 27.48 20.30
C ALA A 575 -10.68 28.41 19.24
N VAL A 576 -11.88 28.94 19.51
CA VAL A 576 -12.60 29.79 18.58
C VAL A 576 -13.04 31.07 19.27
N ARG A 577 -13.10 32.15 18.49
CA ARG A 577 -13.64 33.43 18.95
C ARG A 577 -15.10 33.53 18.54
N ASP A 578 -15.97 33.76 19.51
CA ASP A 578 -17.41 33.77 19.25
C ASP A 578 -17.73 34.85 18.22
N PRO A 579 -18.39 34.52 17.11
CA PRO A 579 -18.78 35.58 16.16
C PRO A 579 -19.71 36.62 16.74
N GLN A 580 -20.59 36.25 17.67
CA GLN A 580 -21.56 37.19 18.21
C GLN A 580 -20.98 38.02 19.36
N THR A 581 -20.13 37.42 20.19
CA THR A 581 -19.56 38.10 21.35
C THR A 581 -18.04 38.13 21.23
N LEU A 582 -17.44 39.24 21.64
CA LEU A 582 -15.99 39.39 21.60
C LEU A 582 -15.33 38.58 22.73
N GLU A 583 -15.49 37.26 22.64
CA GLU A 583 -14.93 36.33 23.61
C GLU A 583 -14.29 35.17 22.88
N ILE A 584 -13.22 34.64 23.48
CA ILE A 584 -12.46 33.52 22.93
C ILE A 584 -12.59 32.35 23.89
N LEU A 585 -12.99 31.19 23.37
CA LEU A 585 -13.15 30.01 24.20
C LEU A 585 -12.50 28.80 23.56
N ASP A 586 -11.88 27.98 24.39
CA ASP A 586 -11.18 26.79 23.94
C ASP A 586 -12.14 25.62 23.75
N ILE A 587 -11.83 24.78 22.77
CA ILE A 587 -12.60 23.58 22.47
C ILE A 587 -11.79 22.39 22.93
N THR A 588 -12.35 21.61 23.86
CA THR A 588 -11.72 20.37 24.29
C THR A 588 -12.63 19.21 23.89
N PRO A 589 -12.16 18.28 23.06
CA PRO A 589 -13.04 17.19 22.62
C PRO A 589 -13.65 16.42 23.78
N CYS A 590 -14.89 15.99 23.57
CA CYS A 590 -15.73 15.36 24.59
C CYS A 590 -14.94 14.34 25.41
N SER A 591 -15.06 14.44 26.73
CA SER A 591 -14.29 13.58 27.62
C SER A 591 -14.50 12.11 27.27
N PHE A 592 -13.43 11.33 27.32
CA PHE A 592 -13.44 9.97 26.82
C PHE A 592 -12.45 9.13 27.62
N GLY A 593 -12.30 7.87 27.18
CA GLY A 593 -11.29 7.00 27.74
C GLY A 593 -11.49 5.53 27.46
N GLY A 594 -10.39 4.79 27.33
CA GLY A 594 -10.49 3.36 27.15
C GLY A 594 -11.19 2.68 28.32
N VAL A 595 -11.92 1.62 28.00
CA VAL A 595 -12.67 0.83 28.98
C VAL A 595 -12.24 -0.62 28.87
N SER A 596 -11.57 -1.12 29.91
CA SER A 596 -11.18 -2.52 30.01
C SER A 596 -12.06 -3.18 31.06
N VAL A 597 -12.31 -4.46 30.88
CA VAL A 597 -13.22 -5.19 31.76
C VAL A 597 -12.45 -6.32 32.42
N ILE A 598 -12.17 -6.16 33.71
CA ILE A 598 -11.47 -7.17 34.49
C ILE A 598 -12.48 -8.20 34.95
N THR A 599 -12.20 -9.48 34.66
CA THR A 599 -13.13 -10.52 35.04
C THR A 599 -12.40 -11.81 35.35
N PRO A 600 -12.77 -12.49 36.42
CA PRO A 600 -12.37 -13.89 36.57
C PRO A 600 -13.12 -14.76 35.58
N GLY A 601 -12.64 -16.00 35.42
CA GLY A 601 -13.25 -16.94 34.52
C GLY A 601 -14.74 -17.08 34.75
N THR A 602 -15.53 -16.98 33.68
CA THR A 602 -16.98 -17.13 33.81
C THR A 602 -17.35 -18.45 34.45
N ASN A 603 -16.49 -19.47 34.31
CA ASN A 603 -16.66 -20.72 35.03
C ASN A 603 -16.84 -20.45 36.53
N THR A 604 -16.06 -19.53 37.08
CA THR A 604 -16.13 -19.25 38.51
C THR A 604 -17.29 -18.30 38.84
N SER A 605 -17.27 -17.10 38.26
CA SER A 605 -18.30 -16.10 38.54
C SER A 605 -18.48 -15.20 37.34
N ASN A 606 -19.62 -14.50 37.32
CA ASN A 606 -19.92 -13.51 36.30
C ASN A 606 -20.01 -12.11 36.89
N GLN A 607 -19.24 -11.86 37.95
CA GLN A 607 -19.09 -10.53 38.53
C GLN A 607 -17.78 -9.92 38.03
N VAL A 608 -17.84 -8.69 37.54
CA VAL A 608 -16.71 -8.09 36.84
C VAL A 608 -16.49 -6.68 37.36
N ALA A 609 -15.27 -6.18 37.16
CA ALA A 609 -14.90 -4.80 37.41
C ALA A 609 -14.54 -4.11 36.09
N VAL A 610 -14.55 -2.79 36.11
CA VAL A 610 -14.29 -1.99 34.92
C VAL A 610 -13.20 -0.99 35.23
N LEU A 611 -12.17 -0.95 34.38
CA LEU A 611 -11.08 0.00 34.47
C LEU A 611 -11.24 1.02 33.35
N TYR A 612 -11.50 2.27 33.72
CA TYR A 612 -11.45 3.40 32.80
C TYR A 612 -10.03 3.95 32.81
N GLN A 613 -9.37 3.92 31.65
CA GLN A 613 -7.95 4.24 31.58
C GLN A 613 -7.71 5.75 31.62
N ASP A 614 -6.85 6.18 32.53
CA ASP A 614 -6.35 7.56 32.59
C ASP A 614 -7.49 8.58 32.68
N VAL A 615 -8.52 8.27 33.47
CA VAL A 615 -9.58 9.23 33.76
C VAL A 615 -9.74 9.34 35.27
N ASN A 616 -9.79 10.58 35.76
CA ASN A 616 -10.10 10.83 37.16
C ASN A 616 -11.45 10.22 37.51
N CYS A 617 -11.63 9.85 38.78
CA CYS A 617 -12.89 9.25 39.19
C CYS A 617 -13.92 10.33 39.49
N THR A 618 -14.08 11.28 38.57
CA THR A 618 -15.12 12.30 38.67
C THR A 618 -16.01 12.34 37.43
N GLU A 619 -15.42 12.36 36.23
CA GLU A 619 -16.21 12.52 35.02
C GLU A 619 -17.12 11.33 34.77
N VAL A 620 -16.60 10.12 34.96
CA VAL A 620 -17.35 8.90 34.69
C VAL A 620 -18.56 8.79 35.60
N ASN A 641 -17.84 2.35 46.10
CA ASN A 641 -16.98 1.23 45.75
C ASN A 641 -16.16 1.59 44.51
N VAL A 642 -15.35 2.63 44.62
CA VAL A 642 -14.54 3.15 43.52
C VAL A 642 -13.10 3.31 44.01
N PHE A 643 -12.14 2.93 43.16
CA PHE A 643 -10.72 2.97 43.49
C PHE A 643 -10.01 3.85 42.46
N GLN A 644 -9.17 4.75 42.92
CA GLN A 644 -8.33 5.55 42.04
C GLN A 644 -6.94 4.92 41.96
N THR A 645 -6.41 4.79 40.75
CA THR A 645 -5.08 4.22 40.54
C THR A 645 -4.38 5.03 39.45
N ARG A 646 -3.06 4.88 39.39
CA ARG A 646 -2.30 5.56 38.36
C ARG A 646 -2.73 5.13 36.96
N ALA A 647 -3.38 3.98 36.85
CA ALA A 647 -3.90 3.52 35.56
C ALA A 647 -5.24 4.14 35.21
N GLY A 648 -5.99 4.61 36.19
CA GLY A 648 -7.28 5.20 35.91
C GLY A 648 -8.24 5.03 37.07
N CYS A 649 -9.51 4.81 36.73
CA CYS A 649 -10.57 4.62 37.70
C CYS A 649 -11.05 3.17 37.63
N LEU A 650 -10.97 2.47 38.74
CA LEU A 650 -11.40 1.07 38.85
C LEU A 650 -12.71 1.00 39.62
N ILE A 651 -13.77 0.49 38.97
CA ILE A 651 -15.10 0.43 39.55
C ILE A 651 -15.51 -1.03 39.67
N GLY A 652 -16.13 -1.37 40.80
CA GLY A 652 -16.54 -2.72 41.10
C GLY A 652 -15.56 -3.53 41.91
N ALA A 653 -14.35 -3.01 42.13
CA ALA A 653 -13.31 -3.72 42.89
C ALA A 653 -13.21 -3.12 44.29
N GLU A 654 -12.90 -3.98 45.26
CA GLU A 654 -12.77 -3.59 46.65
C GLU A 654 -11.30 -3.38 46.98
N HIS A 655 -10.94 -2.17 47.40
CA HIS A 655 -9.55 -1.85 47.71
C HIS A 655 -9.15 -2.49 49.03
N VAL A 656 -8.06 -3.26 49.00
CA VAL A 656 -7.56 -3.98 50.16
C VAL A 656 -6.15 -3.49 50.46
N ASN A 657 -5.76 -3.58 51.74
CA ASN A 657 -4.42 -3.17 52.14
C ASN A 657 -3.45 -4.33 52.14
N ASN A 658 -3.93 -5.54 52.41
CA ASN A 658 -3.08 -6.72 52.37
C ASN A 658 -2.61 -7.01 50.95
N SER A 659 -1.33 -7.31 50.80
CA SER A 659 -0.74 -7.56 49.49
C SER A 659 -0.60 -9.05 49.25
N TYR A 660 -0.79 -9.45 48.00
CA TYR A 660 -0.70 -10.86 47.59
C TYR A 660 0.06 -10.93 46.28
N GLU A 661 0.25 -12.16 45.79
CA GLU A 661 0.83 -12.36 44.47
C GLU A 661 -0.12 -11.85 43.41
N CYS A 662 0.44 -11.24 42.36
CA CYS A 662 -0.38 -10.70 41.29
C CYS A 662 -1.06 -11.82 40.51
N ASP A 663 -2.36 -11.65 40.27
CA ASP A 663 -3.17 -12.65 39.58
C ASP A 663 -3.72 -12.12 38.27
N ILE A 664 -4.38 -10.96 38.30
CA ILE A 664 -4.94 -10.34 37.09
C ILE A 664 -4.32 -8.94 36.99
N PRO A 665 -3.19 -8.78 36.30
CA PRO A 665 -2.47 -7.52 36.35
C PRO A 665 -3.31 -6.37 35.77
N ILE A 666 -3.45 -5.31 36.58
CA ILE A 666 -4.10 -4.10 36.12
C ILE A 666 -3.04 -3.13 35.62
N GLY A 667 -2.13 -2.75 36.50
CA GLY A 667 -1.03 -1.89 36.11
C GLY A 667 -0.64 -0.96 37.24
N ALA A 668 0.50 -0.31 37.06
CA ALA A 668 1.04 0.62 38.05
C ALA A 668 1.18 -0.04 39.41
N GLY A 669 1.55 -1.33 39.39
CA GLY A 669 1.73 -2.08 40.62
C GLY A 669 0.44 -2.59 41.24
N ILE A 670 -0.71 -2.32 40.63
CA ILE A 670 -2.00 -2.75 41.16
C ILE A 670 -2.44 -3.99 40.39
N CYS A 671 -2.80 -5.04 41.12
CA CYS A 671 -3.37 -6.25 40.57
C CYS A 671 -4.65 -6.59 41.32
N ALA A 672 -5.58 -7.22 40.61
CA ALA A 672 -6.86 -7.60 41.19
C ALA A 672 -7.03 -9.11 41.11
N SER A 673 -7.87 -9.64 42.00
CA SER A 673 -8.10 -11.07 42.03
C SER A 673 -9.44 -11.36 42.71
N TYR A 674 -9.96 -12.54 42.43
CA TYR A 674 -11.24 -12.99 42.98
C TYR A 674 -10.99 -13.77 44.26
N GLN A 675 -11.58 -13.31 45.36
CA GLN A 675 -11.35 -13.93 46.67
C GLN A 675 -12.60 -13.81 47.51
N THR A 676 -12.64 -14.60 48.58
CA THR A 676 -13.77 -14.60 49.50
C THR A 676 -13.66 -13.45 50.50
N GLN A 690 -18.12 -13.99 48.29
CA GLN A 690 -16.94 -13.74 47.49
C GLN A 690 -17.09 -12.45 46.70
N SER A 691 -15.97 -11.92 46.19
CA SER A 691 -15.97 -10.68 45.44
C SER A 691 -14.61 -10.55 44.75
N ILE A 692 -14.39 -9.39 44.12
CA ILE A 692 -13.13 -9.05 43.47
C ILE A 692 -12.44 -7.98 44.31
N ILE A 693 -11.15 -8.14 44.55
CA ILE A 693 -10.38 -7.21 45.36
C ILE A 693 -9.21 -6.71 44.53
N ALA A 694 -8.79 -5.48 44.80
CA ALA A 694 -7.67 -4.85 44.12
C ALA A 694 -6.63 -4.45 45.17
N TYR A 695 -5.37 -4.80 44.91
CA TYR A 695 -4.31 -4.59 45.89
C TYR A 695 -3.01 -4.27 45.18
N THR A 696 -2.13 -3.56 45.87
CA THR A 696 -0.78 -3.37 45.38
C THR A 696 0.00 -4.68 45.52
N MET A 697 0.41 -5.25 44.39
CA MET A 697 1.02 -6.59 44.41
C MET A 697 2.31 -6.57 45.23
N SER A 698 2.59 -7.68 45.88
CA SER A 698 3.82 -7.84 46.65
C SER A 698 4.90 -8.46 45.77
N LEU A 699 6.13 -7.99 45.97
CA LEU A 699 7.28 -8.51 45.23
C LEU A 699 7.84 -9.80 45.81
N GLY A 700 7.40 -10.20 47.00
CA GLY A 700 7.91 -11.40 47.64
C GLY A 700 8.07 -11.22 49.13
N ALA A 701 8.26 -12.32 49.85
CA ALA A 701 8.42 -12.25 51.29
C ALA A 701 9.74 -11.58 51.65
N GLU A 702 9.69 -10.60 52.54
CA GLU A 702 10.90 -9.94 53.01
C GLU A 702 11.71 -10.90 53.87
N ASN A 703 13.04 -10.85 53.72
CA ASN A 703 13.92 -11.73 54.49
C ASN A 703 15.30 -11.09 54.59
N SER A 704 15.64 -10.60 55.78
CA SER A 704 16.97 -10.07 56.02
C SER A 704 17.99 -11.21 56.06
N VAL A 705 19.25 -10.86 55.86
CA VAL A 705 20.35 -11.82 55.90
C VAL A 705 21.24 -11.46 57.08
N ALA A 706 21.50 -12.44 57.94
CA ALA A 706 22.26 -12.22 59.16
C ALA A 706 23.74 -12.12 58.82
N TYR A 707 24.09 -11.02 58.17
CA TYR A 707 25.47 -10.79 57.74
C TYR A 707 26.31 -10.34 58.93
N SER A 708 27.53 -10.85 58.99
CA SER A 708 28.50 -10.45 60.00
C SER A 708 29.88 -10.89 59.55
N ASN A 709 30.89 -10.17 60.00
CA ASN A 709 32.22 -10.29 59.43
C ASN A 709 32.96 -11.55 59.85
N ASN A 710 32.41 -12.34 60.78
CA ASN A 710 33.06 -13.58 61.21
C ASN A 710 32.03 -14.69 61.37
N SER A 711 31.14 -14.83 60.38
CA SER A 711 30.14 -15.88 60.42
C SER A 711 29.85 -16.36 59.00
N ILE A 712 29.81 -17.68 58.81
CA ILE A 712 29.51 -18.29 57.53
C ILE A 712 28.44 -19.34 57.74
N ALA A 713 27.50 -19.42 56.82
CA ALA A 713 26.41 -20.38 56.89
C ALA A 713 26.69 -21.50 55.91
N ILE A 714 26.95 -22.69 56.44
CA ILE A 714 27.31 -23.82 55.58
C ILE A 714 26.17 -24.84 55.62
N PRO A 715 25.79 -25.42 54.49
CA PRO A 715 24.76 -26.45 54.50
C PRO A 715 25.26 -27.71 55.21
N THR A 716 24.31 -28.47 55.74
CA THR A 716 24.60 -29.77 56.33
C THR A 716 23.80 -30.87 55.68
N ASN A 717 23.05 -30.57 54.62
CA ASN A 717 22.20 -31.52 53.94
C ASN A 717 21.87 -30.92 52.58
N PHE A 718 21.32 -31.74 51.70
CA PHE A 718 21.02 -31.31 50.35
C PHE A 718 19.71 -31.91 49.89
N THR A 719 19.27 -31.49 48.70
CA THR A 719 18.10 -32.04 48.07
C THR A 719 18.30 -32.02 46.56
N ILE A 720 17.94 -33.13 45.92
CA ILE A 720 18.04 -33.26 44.47
C ILE A 720 16.66 -32.96 43.92
N SER A 721 16.56 -31.87 43.15
CA SER A 721 15.28 -31.43 42.62
C SER A 721 15.27 -31.55 41.11
N VAL A 722 14.18 -32.09 40.58
CA VAL A 722 13.98 -32.20 39.14
C VAL A 722 12.93 -31.17 38.76
N THR A 723 13.37 -30.09 38.12
CA THR A 723 12.47 -29.04 37.67
C THR A 723 12.18 -29.22 36.19
N THR A 724 11.16 -28.52 35.70
CA THR A 724 10.70 -28.67 34.33
C THR A 724 10.80 -27.32 33.63
N GLU A 725 11.23 -27.35 32.37
CA GLU A 725 11.34 -26.13 31.58
C GLU A 725 10.91 -26.43 30.15
N ILE A 726 9.88 -25.73 29.68
CA ILE A 726 9.26 -25.99 28.39
C ILE A 726 9.71 -24.92 27.42
N LEU A 727 10.01 -25.32 26.17
CA LEU A 727 10.46 -24.37 25.18
C LEU A 727 9.87 -24.72 23.83
N PRO A 728 9.18 -23.79 23.18
CA PRO A 728 8.74 -24.00 21.80
C PRO A 728 9.93 -24.07 20.86
N VAL A 729 9.79 -24.92 19.84
CA VAL A 729 10.83 -25.12 18.84
C VAL A 729 10.36 -24.72 17.45
N SER A 730 9.12 -25.07 17.10
CA SER A 730 8.59 -24.82 15.76
C SER A 730 7.13 -24.43 15.85
N MET A 731 6.69 -23.67 14.84
CA MET A 731 5.31 -23.27 14.68
C MET A 731 4.57 -24.33 13.87
N THR A 732 3.36 -24.00 13.44
CA THR A 732 2.62 -24.84 12.49
C THR A 732 3.00 -24.42 11.08
N LYS A 733 3.42 -25.40 10.28
CA LYS A 733 3.94 -25.15 8.93
C LYS A 733 2.77 -24.79 8.00
N THR A 734 2.32 -23.55 8.12
CA THR A 734 1.23 -23.06 7.28
C THR A 734 1.75 -22.74 5.89
N SER A 735 0.82 -22.71 4.93
CA SER A 735 1.13 -22.31 3.56
C SER A 735 -0.14 -21.80 2.92
N VAL A 736 -0.09 -20.58 2.37
CA VAL A 736 -1.27 -19.91 1.85
C VAL A 736 -1.12 -19.78 0.33
N ASP A 737 -2.18 -20.14 -0.39
CA ASP A 737 -2.20 -20.01 -1.84
C ASP A 737 -2.75 -18.64 -2.17
N CYS A 738 -1.85 -17.73 -2.60
CA CYS A 738 -2.24 -16.35 -2.82
C CYS A 738 -3.35 -16.24 -3.86
N THR A 739 -3.16 -16.84 -5.03
CA THR A 739 -4.15 -16.71 -6.10
C THR A 739 -5.48 -17.33 -5.71
N MET A 740 -5.45 -18.52 -5.12
CA MET A 740 -6.70 -19.19 -4.77
C MET A 740 -7.40 -18.51 -3.61
N TYR A 741 -6.64 -17.91 -2.68
CA TYR A 741 -7.27 -17.18 -1.59
C TYR A 741 -7.92 -15.90 -2.09
N ILE A 742 -7.15 -15.08 -2.81
CA ILE A 742 -7.67 -13.78 -3.24
C ILE A 742 -8.73 -13.95 -4.33
N CYS A 743 -8.50 -14.87 -5.27
CA CYS A 743 -9.31 -14.99 -6.48
C CYS A 743 -9.76 -16.43 -6.69
N GLY A 744 -10.34 -17.05 -5.65
CA GLY A 744 -10.71 -18.44 -5.72
C GLY A 744 -11.58 -18.80 -6.91
N ASP A 745 -11.01 -19.58 -7.84
CA ASP A 745 -11.72 -20.12 -9.00
C ASP A 745 -12.42 -19.01 -9.78
N SER A 746 -11.62 -18.11 -10.33
CA SER A 746 -12.15 -17.02 -11.15
C SER A 746 -11.04 -16.49 -12.05
N THR A 747 -11.20 -16.67 -13.36
CA THR A 747 -10.17 -16.24 -14.30
C THR A 747 -10.04 -14.71 -14.30
N GLU A 748 -11.17 -14.00 -14.30
CA GLU A 748 -11.12 -12.54 -14.39
C GLU A 748 -10.43 -11.93 -13.18
N CYS A 749 -10.74 -12.43 -11.98
CA CYS A 749 -10.10 -11.93 -10.78
C CYS A 749 -8.60 -12.18 -10.82
N SER A 750 -8.18 -13.35 -11.30
CA SER A 750 -6.75 -13.65 -11.40
C SER A 750 -6.07 -12.74 -12.40
N ASN A 751 -6.73 -12.46 -13.53
CA ASN A 751 -6.15 -11.55 -14.52
C ASN A 751 -6.01 -10.14 -13.95
N LEU A 752 -7.00 -9.69 -13.18
CA LEU A 752 -6.87 -8.39 -12.51
C LEU A 752 -5.76 -8.41 -11.46
N LEU A 753 -5.62 -9.53 -10.75
CA LEU A 753 -4.60 -9.64 -9.71
C LEU A 753 -3.19 -9.58 -10.29
N LEU A 754 -2.97 -10.26 -11.42
CA LEU A 754 -1.65 -10.34 -12.01
C LEU A 754 -1.16 -9.01 -12.57
N GLN A 755 -1.99 -7.96 -12.52
CA GLN A 755 -1.54 -6.62 -12.85
C GLN A 755 -0.62 -6.05 -11.78
N TYR A 756 -0.70 -6.53 -10.54
CA TYR A 756 0.09 -6.00 -9.44
C TYR A 756 1.52 -6.54 -9.43
N GLY A 757 1.84 -7.50 -10.29
CA GLY A 757 3.20 -8.02 -10.37
C GLY A 757 3.44 -9.13 -9.39
N SER A 758 4.53 -9.02 -8.63
CA SER A 758 4.98 -10.09 -7.74
C SER A 758 4.44 -9.97 -6.32
N PHE A 759 3.28 -9.32 -6.14
CA PHE A 759 2.66 -9.20 -4.84
C PHE A 759 2.13 -10.53 -4.30
N CYS A 760 2.06 -11.58 -5.12
CA CYS A 760 1.61 -12.89 -4.67
C CYS A 760 2.75 -13.89 -4.52
N THR A 761 3.64 -13.99 -5.51
CA THR A 761 4.68 -15.01 -5.48
C THR A 761 5.58 -14.85 -4.24
N GLN A 762 5.86 -13.61 -3.84
CA GLN A 762 6.78 -13.40 -2.73
C GLN A 762 6.15 -13.79 -1.40
N LEU A 763 4.83 -13.72 -1.27
CA LEU A 763 4.17 -14.24 -0.08
C LEU A 763 4.39 -15.74 0.05
N ASN A 764 4.21 -16.48 -1.05
CA ASN A 764 4.47 -17.91 -1.04
C ASN A 764 5.94 -18.19 -0.74
N ARG A 765 6.85 -17.38 -1.31
CA ARG A 765 8.26 -17.54 -1.02
C ARG A 765 8.56 -17.37 0.46
N ALA A 766 7.96 -16.34 1.07
CA ALA A 766 8.17 -16.09 2.49
C ALA A 766 7.63 -17.24 3.33
N LEU A 767 6.44 -17.74 3.00
CA LEU A 767 5.86 -18.82 3.79
C LEU A 767 6.67 -20.11 3.66
N THR A 768 7.17 -20.41 2.46
CA THR A 768 8.04 -21.56 2.29
C THR A 768 9.33 -21.39 3.08
N GLY A 769 9.89 -20.18 3.08
CA GLY A 769 11.03 -19.90 3.92
C GLY A 769 10.74 -20.15 5.38
N ILE A 770 9.56 -19.72 5.84
CA ILE A 770 9.15 -19.95 7.23
C ILE A 770 9.11 -21.44 7.53
N ALA A 771 8.51 -22.22 6.64
CA ALA A 771 8.41 -23.67 6.85
C ALA A 771 9.81 -24.29 6.93
N VAL A 772 10.69 -23.92 6.00
CA VAL A 772 12.05 -24.43 6.03
C VAL A 772 12.73 -24.04 7.34
N GLU A 773 12.47 -22.81 7.81
CA GLU A 773 13.05 -22.36 9.06
C GLU A 773 12.57 -23.22 10.22
N GLN A 774 11.29 -23.59 10.22
CA GLN A 774 10.78 -24.47 11.27
C GLN A 774 11.47 -25.82 11.25
N ASP A 775 11.62 -26.40 10.05
CA ASP A 775 12.29 -27.69 9.95
C ASP A 775 13.73 -27.61 10.43
N LYS A 776 14.43 -26.53 10.03
CA LYS A 776 15.81 -26.33 10.49
C LYS A 776 15.86 -26.16 12.01
N ASN A 777 14.89 -25.43 12.57
CA ASN A 777 14.81 -25.28 14.02
C ASN A 777 14.72 -26.64 14.70
N THR A 778 13.80 -27.48 14.26
CA THR A 778 13.64 -28.79 14.90
C THR A 778 14.91 -29.63 14.76
N GLN A 779 15.51 -29.63 13.57
CA GLN A 779 16.72 -30.42 13.36
C GLN A 779 17.87 -29.93 14.22
N GLU A 780 18.02 -28.60 14.34
CA GLU A 780 19.05 -28.04 15.21
C GLU A 780 18.82 -28.41 16.66
N VAL A 781 17.57 -28.29 17.13
CA VAL A 781 17.28 -28.51 18.54
C VAL A 781 17.55 -29.96 18.91
N PHE A 782 17.02 -30.91 18.13
CA PHE A 782 17.06 -32.30 18.56
C PHE A 782 18.26 -33.06 18.00
N ALA A 783 18.53 -32.92 16.70
CA ALA A 783 19.54 -33.76 16.04
C ALA A 783 20.95 -33.23 16.33
N GLN A 784 21.32 -33.28 17.60
CA GLN A 784 22.68 -32.96 18.05
C GLN A 784 23.48 -34.19 18.44
N VAL A 785 22.96 -35.39 18.19
CA VAL A 785 23.64 -36.63 18.53
C VAL A 785 23.93 -37.39 17.23
N LYS A 786 25.20 -37.74 17.04
CA LYS A 786 25.63 -38.37 15.80
C LYS A 786 25.02 -39.76 15.63
N GLN A 787 24.94 -40.52 16.72
CA GLN A 787 24.47 -41.91 16.67
C GLN A 787 23.22 -42.05 17.53
N ILE A 788 22.64 -43.25 17.51
CA ILE A 788 21.44 -43.56 18.28
C ILE A 788 21.84 -44.57 19.36
N TYR A 789 21.95 -44.10 20.59
CA TYR A 789 22.32 -44.97 21.70
C TYR A 789 21.08 -45.63 22.31
N LYS A 790 21.32 -46.72 23.03
CA LYS A 790 20.26 -47.46 23.71
C LYS A 790 20.74 -47.92 25.08
N THR A 791 19.86 -47.86 26.06
CA THR A 791 20.19 -48.34 27.39
C THR A 791 20.27 -49.86 27.39
N PRO A 792 21.04 -50.44 28.30
CA PRO A 792 21.06 -51.90 28.43
C PRO A 792 19.75 -52.41 29.00
N PRO A 793 19.43 -53.70 28.81
CA PRO A 793 18.15 -54.21 29.34
C PRO A 793 18.05 -54.12 30.85
N ILE A 794 19.18 -54.08 31.56
CA ILE A 794 19.19 -54.08 33.02
C ILE A 794 19.44 -52.66 33.50
N LYS A 795 18.58 -52.17 34.39
CA LYS A 795 18.68 -50.82 34.91
C LYS A 795 19.41 -50.82 36.25
N ASP A 796 20.69 -51.20 36.19
CA ASP A 796 21.54 -51.24 37.38
C ASP A 796 22.35 -49.95 37.46
N PHE A 797 21.61 -48.87 37.73
CA PHE A 797 22.15 -47.52 37.79
C PHE A 797 22.42 -47.07 39.22
N GLY A 798 22.72 -48.01 40.12
CA GLY A 798 23.08 -47.65 41.48
C GLY A 798 21.90 -47.23 42.32
N GLY A 799 20.69 -47.69 41.98
CA GLY A 799 19.49 -47.39 42.72
C GLY A 799 18.59 -46.39 42.06
N PHE A 800 19.11 -45.54 41.17
CA PHE A 800 18.29 -44.60 40.44
C PHE A 800 17.33 -45.35 39.52
N ASN A 801 16.11 -44.82 39.40
CA ASN A 801 15.03 -45.47 38.65
C ASN A 801 14.61 -44.52 37.53
N PHE A 802 15.03 -44.82 36.31
CA PHE A 802 14.70 -44.02 35.14
C PHE A 802 13.59 -44.64 34.29
N SER A 803 12.87 -45.64 34.83
CA SER A 803 11.83 -46.31 34.06
C SER A 803 10.73 -45.36 33.62
N GLN A 804 10.57 -44.23 34.31
CA GLN A 804 9.50 -43.28 33.99
C GLN A 804 9.90 -42.27 32.93
N ILE A 805 11.17 -42.26 32.52
CA ILE A 805 11.63 -41.39 31.45
C ILE A 805 12.23 -42.15 30.28
N LEU A 806 12.72 -43.37 30.50
CA LEU A 806 13.14 -44.22 29.40
C LEU A 806 11.91 -44.71 28.63
N PRO A 807 12.04 -44.92 27.33
CA PRO A 807 10.87 -45.33 26.53
C PRO A 807 10.30 -46.66 27.00
N ASP A 808 8.98 -46.74 27.01
CA ASP A 808 8.30 -47.99 27.32
C ASP A 808 8.24 -48.86 26.06
N PRO A 809 8.80 -50.07 26.10
CA PRO A 809 8.88 -50.88 24.87
C PRO A 809 7.52 -51.22 24.28
N SER A 810 6.50 -51.40 25.11
CA SER A 810 5.19 -51.85 24.64
C SER A 810 4.30 -50.70 24.15
N LYS A 811 4.61 -49.45 24.54
CA LYS A 811 3.82 -48.29 24.14
C LYS A 811 3.65 -48.24 22.62
N PRO A 812 2.60 -47.58 22.11
CA PRO A 812 2.37 -47.57 20.66
C PRO A 812 3.35 -46.73 19.87
N SER A 813 4.17 -45.90 20.53
CA SER A 813 5.08 -45.01 19.83
C SER A 813 6.47 -44.97 20.43
N LYS A 814 6.80 -45.90 21.34
CA LYS A 814 8.09 -45.91 22.04
C LYS A 814 8.32 -44.61 22.80
N ARG A 815 7.25 -44.02 23.33
CA ARG A 815 7.32 -42.79 24.11
C ARG A 815 7.14 -43.12 25.59
N SER A 816 7.94 -42.48 26.42
CA SER A 816 7.91 -42.78 27.85
C SER A 816 6.63 -42.25 28.47
N PHE A 817 6.39 -42.69 29.71
CA PHE A 817 5.17 -42.31 30.43
C PHE A 817 5.00 -40.80 30.45
N ILE A 818 6.05 -40.08 30.81
CA ILE A 818 5.96 -38.62 30.92
C ILE A 818 5.72 -37.99 29.55
N GLU A 819 6.31 -38.56 28.49
CA GLU A 819 6.03 -38.07 27.15
C GLU A 819 4.55 -38.19 26.82
N ASP A 820 3.94 -39.34 27.14
CA ASP A 820 2.51 -39.51 26.90
C ASP A 820 1.70 -38.50 27.71
N LEU A 821 2.07 -38.30 28.98
CA LEU A 821 1.39 -37.29 29.78
C LEU A 821 1.47 -35.91 29.13
N LEU A 822 2.65 -35.56 28.59
CA LEU A 822 2.80 -34.27 27.93
C LEU A 822 1.92 -34.19 26.68
N PHE A 823 1.87 -35.27 25.90
CA PHE A 823 1.18 -35.22 24.62
C PHE A 823 -0.32 -35.03 24.78
N ASN A 824 -0.87 -35.45 25.92
CA ASN A 824 -2.30 -35.37 26.17
C ASN A 824 -2.72 -34.00 26.69
N LYS A 825 -1.76 -33.11 26.95
CA LYS A 825 -2.04 -31.80 27.49
C LYS A 825 -2.00 -30.70 26.44
N VAL A 826 -1.71 -31.05 25.18
CA VAL A 826 -1.62 -30.09 24.09
C VAL A 826 -2.60 -30.51 23.01
N THR A 827 -3.39 -29.55 22.51
CA THR A 827 -4.39 -29.82 21.49
C THR A 827 -3.92 -29.34 20.12
N ILE A 850 -10.85 -27.00 10.86
CA ILE A 850 -9.75 -26.94 9.89
C ILE A 850 -10.33 -27.09 8.49
N CYS A 851 -11.56 -27.61 8.42
CA CYS A 851 -12.21 -27.86 7.14
C CYS A 851 -12.20 -26.62 6.25
N ALA A 852 -12.82 -25.53 6.73
CA ALA A 852 -12.89 -24.32 5.93
C ALA A 852 -11.48 -23.78 5.62
N GLN A 853 -10.60 -23.83 6.62
CA GLN A 853 -9.22 -23.40 6.43
C GLN A 853 -8.57 -24.10 5.25
N LYS A 854 -8.74 -25.42 5.16
CA LYS A 854 -8.10 -26.23 4.13
C LYS A 854 -8.90 -26.23 2.82
N PHE A 855 -9.79 -25.24 2.63
CA PHE A 855 -10.54 -25.11 1.39
C PHE A 855 -10.27 -23.82 0.64
N ASN A 856 -9.78 -22.78 1.31
CA ASN A 856 -9.55 -21.48 0.69
C ASN A 856 -8.09 -21.26 0.32
N GLY A 857 -7.41 -22.33 -0.09
CA GLY A 857 -6.00 -22.24 -0.46
C GLY A 857 -5.03 -22.35 0.70
N LEU A 858 -5.51 -22.37 1.94
CA LEU A 858 -4.65 -22.53 3.10
C LEU A 858 -4.43 -24.01 3.39
N THR A 859 -3.20 -24.36 3.74
CA THR A 859 -2.87 -25.76 4.01
C THR A 859 -1.81 -25.80 5.10
N VAL A 860 -1.70 -26.97 5.73
CA VAL A 860 -0.77 -27.20 6.82
C VAL A 860 0.14 -28.34 6.40
N LEU A 861 1.41 -28.02 6.19
CA LEU A 861 2.37 -29.07 5.85
C LEU A 861 2.74 -29.88 7.09
N PRO A 862 3.05 -31.15 6.92
CA PRO A 862 3.50 -31.96 8.06
C PRO A 862 4.98 -31.76 8.31
N PRO A 863 5.40 -31.70 9.57
CA PRO A 863 6.83 -31.53 9.87
C PRO A 863 7.64 -32.72 9.37
N LEU A 864 8.88 -32.45 8.97
CA LEU A 864 9.75 -33.50 8.45
C LEU A 864 9.91 -34.63 9.46
N LEU A 865 10.21 -34.27 10.71
CA LEU A 865 10.46 -35.24 11.77
C LEU A 865 9.14 -35.50 12.48
N THR A 866 8.60 -36.72 12.33
CA THR A 866 7.42 -37.10 13.09
C THR A 866 7.74 -37.09 14.59
N ASP A 867 6.68 -37.16 15.39
CA ASP A 867 6.85 -37.07 16.84
C ASP A 867 7.53 -38.31 17.40
N GLU A 868 7.28 -39.48 16.81
CA GLU A 868 7.96 -40.69 17.27
C GLU A 868 9.46 -40.61 17.03
N MET A 869 9.86 -40.01 15.90
CA MET A 869 11.28 -39.82 15.63
C MET A 869 11.92 -38.86 16.63
N ILE A 870 11.20 -37.79 16.99
CA ILE A 870 11.70 -36.89 18.03
C ILE A 870 11.83 -37.65 19.35
N ALA A 871 10.88 -38.54 19.64
CA ALA A 871 10.97 -39.36 20.83
C ALA A 871 12.20 -40.26 20.77
N GLN A 872 12.48 -40.82 19.59
CA GLN A 872 13.69 -41.63 19.42
C GLN A 872 14.94 -40.79 19.68
N TYR A 873 14.98 -39.57 19.16
CA TYR A 873 16.13 -38.70 19.39
C TYR A 873 16.31 -38.43 20.88
N THR A 874 15.23 -38.08 21.57
CA THR A 874 15.33 -37.78 23.00
C THR A 874 15.71 -39.03 23.80
N SER A 875 15.21 -40.20 23.39
CA SER A 875 15.61 -41.44 24.05
C SER A 875 17.08 -41.76 23.82
N ALA A 876 17.59 -41.49 22.61
CA ALA A 876 19.00 -41.68 22.34
C ALA A 876 19.86 -40.74 23.19
N LEU A 877 19.45 -39.48 23.26
CA LEU A 877 20.15 -38.51 24.10
C LEU A 877 20.14 -38.95 25.56
N LEU A 878 18.99 -39.43 26.03
CA LEU A 878 18.85 -39.88 27.40
C LEU A 878 19.79 -41.05 27.68
N ALA A 879 19.75 -42.06 26.81
CA ALA A 879 20.61 -43.23 27.01
C ALA A 879 22.08 -42.84 26.99
N GLY A 880 22.46 -41.94 26.07
CA GLY A 880 23.83 -41.47 26.03
C GLY A 880 24.24 -40.78 27.32
N THR A 881 23.39 -39.87 27.81
CA THR A 881 23.69 -39.16 29.05
C THR A 881 23.81 -40.14 30.22
N ILE A 882 22.90 -41.12 30.28
CA ILE A 882 22.89 -42.04 31.41
C ILE A 882 24.13 -42.93 31.39
N THR A 883 24.49 -43.46 30.22
CA THR A 883 25.52 -44.49 30.15
C THR A 883 26.91 -43.93 29.88
N SER A 884 27.04 -42.65 29.51
CA SER A 884 28.32 -42.09 29.15
C SER A 884 28.57 -40.69 29.72
N GLY A 885 27.61 -40.11 30.42
CA GLY A 885 27.83 -38.79 30.98
C GLY A 885 27.82 -37.74 29.89
N TRP A 886 28.80 -36.83 29.94
CA TRP A 886 28.91 -35.77 28.96
C TRP A 886 29.81 -36.14 27.78
N THR A 887 30.50 -37.28 27.87
CA THR A 887 31.49 -37.64 26.85
C THR A 887 30.86 -37.86 25.48
N PHE A 888 29.59 -38.26 25.43
CA PHE A 888 28.96 -38.54 24.14
C PHE A 888 28.75 -37.31 23.29
N GLY A 889 28.89 -36.11 23.87
CA GLY A 889 28.77 -34.89 23.09
C GLY A 889 30.11 -34.42 22.55
N ALA A 890 31.16 -34.58 23.36
CA ALA A 890 32.48 -34.12 22.95
C ALA A 890 33.06 -35.02 21.86
N GLY A 891 33.18 -36.31 22.15
CA GLY A 891 33.72 -37.26 21.20
C GLY A 891 32.88 -38.51 21.07
N ALA A 892 33.52 -39.67 21.26
CA ALA A 892 32.83 -40.94 21.24
C ALA A 892 32.33 -41.29 22.63
N ALA A 893 31.17 -41.95 22.69
CA ALA A 893 30.57 -42.35 23.95
C ALA A 893 31.51 -43.25 24.74
N LEU A 894 31.81 -42.87 25.97
CA LEU A 894 32.67 -43.64 26.86
C LEU A 894 31.82 -44.08 28.04
N GLN A 895 31.57 -45.39 28.15
CA GLN A 895 30.71 -45.86 29.23
C GLN A 895 31.33 -45.53 30.58
N ILE A 896 30.48 -45.45 31.59
CA ILE A 896 30.90 -45.15 32.95
C ILE A 896 29.76 -45.46 33.91
N PRO A 897 30.04 -46.09 35.06
CA PRO A 897 28.95 -46.37 36.01
C PRO A 897 28.27 -45.08 36.42
N PHE A 898 26.95 -45.14 36.56
CA PHE A 898 26.18 -43.91 36.75
C PHE A 898 26.59 -43.21 38.04
N ALA A 899 26.84 -43.98 39.10
CA ALA A 899 27.30 -43.38 40.35
C ALA A 899 28.58 -42.58 40.13
N MET A 900 29.52 -43.11 39.33
CA MET A 900 30.74 -42.38 39.04
C MET A 900 30.43 -41.10 38.25
N GLN A 901 29.47 -41.16 37.34
CA GLN A 901 29.06 -39.96 36.61
C GLN A 901 28.54 -38.89 37.56
N MET A 902 27.68 -39.28 38.51
CA MET A 902 27.17 -38.33 39.48
C MET A 902 28.29 -37.82 40.38
N ALA A 903 29.29 -38.66 40.66
CA ALA A 903 30.45 -38.20 41.43
C ALA A 903 31.20 -37.11 40.68
N TYR A 904 31.38 -37.29 39.37
CA TYR A 904 32.01 -36.24 38.57
C TYR A 904 31.16 -34.97 38.58
N ARG A 905 29.84 -35.11 38.50
CA ARG A 905 28.99 -33.92 38.53
C ARG A 905 29.14 -33.18 39.86
N PHE A 906 29.17 -33.93 40.97
CA PHE A 906 29.36 -33.31 42.27
C PHE A 906 30.71 -32.60 42.34
N ASN A 907 31.78 -33.25 41.86
CA ASN A 907 33.05 -32.56 41.74
C ASN A 907 32.90 -31.30 40.89
N GLY A 908 32.03 -31.35 39.88
CA GLY A 908 31.76 -30.21 39.01
C GLY A 908 31.10 -29.06 39.73
N ILE A 909 30.43 -29.32 40.84
CA ILE A 909 29.74 -28.27 41.58
C ILE A 909 30.43 -28.03 42.93
N GLY A 910 31.69 -28.41 43.04
CA GLY A 910 32.48 -28.09 44.21
C GLY A 910 32.18 -28.92 45.43
N VAL A 911 31.50 -30.05 45.27
CA VAL A 911 31.23 -30.98 46.35
C VAL A 911 32.06 -32.23 46.12
N THR A 912 32.97 -32.51 47.06
CA THR A 912 33.82 -33.70 46.96
C THR A 912 32.95 -34.94 46.74
N GLN A 913 33.50 -35.91 46.01
CA GLN A 913 32.69 -37.03 45.55
C GLN A 913 32.37 -38.03 46.64
N ASN A 914 33.02 -37.95 47.80
CA ASN A 914 32.69 -38.86 48.90
C ASN A 914 31.26 -38.64 49.40
N VAL A 915 30.72 -37.43 49.21
CA VAL A 915 29.37 -37.13 49.65
C VAL A 915 28.38 -38.04 48.92
N LEU A 916 28.52 -38.12 47.60
CA LEU A 916 27.62 -38.95 46.81
C LEU A 916 27.74 -40.42 47.19
N TYR A 917 28.98 -40.90 47.34
CA TYR A 917 29.14 -42.31 47.62
C TYR A 917 28.62 -42.68 49.00
N GLU A 918 28.68 -41.73 49.95
CA GLU A 918 28.12 -41.99 51.28
C GLU A 918 26.62 -41.77 51.36
N ASN A 919 26.02 -41.03 50.41
CA ASN A 919 24.59 -40.77 50.44
C ASN A 919 23.90 -41.20 49.15
N GLN A 920 24.43 -42.23 48.50
CA GLN A 920 23.88 -42.71 47.23
C GLN A 920 22.43 -43.15 47.37
N LYS A 921 22.11 -43.90 48.41
CA LYS A 921 20.74 -44.38 48.59
C LYS A 921 19.78 -43.20 48.76
N LEU A 922 20.16 -42.24 49.61
CA LEU A 922 19.34 -41.07 49.82
C LEU A 922 19.13 -40.28 48.53
N ILE A 923 20.21 -40.10 47.76
CA ILE A 923 20.11 -39.33 46.52
C ILE A 923 19.23 -40.04 45.51
N ALA A 924 19.37 -41.36 45.39
CA ALA A 924 18.52 -42.12 44.47
C ALA A 924 17.05 -42.00 44.86
N ASN A 925 16.76 -42.15 46.16
CA ASN A 925 15.38 -42.03 46.62
C ASN A 925 14.84 -40.63 46.34
N GLN A 926 15.65 -39.60 46.61
CA GLN A 926 15.21 -38.22 46.37
C GLN A 926 14.92 -37.99 44.90
N PHE A 927 15.81 -38.47 44.02
CA PHE A 927 15.61 -38.27 42.59
C PHE A 927 14.35 -38.99 42.11
N ASN A 928 14.14 -40.23 42.56
CA ASN A 928 12.93 -40.95 42.17
C ASN A 928 11.68 -40.24 42.65
N SER A 929 11.70 -39.75 43.90
CA SER A 929 10.55 -39.00 44.41
C SER A 929 10.32 -37.73 43.61
N ALA A 930 11.40 -37.06 43.18
CA ALA A 930 11.26 -35.87 42.37
C ALA A 930 10.63 -36.19 41.02
N ILE A 931 11.04 -37.29 40.40
CA ILE A 931 10.45 -37.70 39.13
C ILE A 931 8.97 -38.02 39.30
N GLY A 932 8.63 -38.71 40.39
CA GLY A 932 7.22 -38.95 40.69
C GLY A 932 6.42 -37.68 40.86
N LYS A 933 6.99 -36.71 41.59
CA LYS A 933 6.33 -35.42 41.77
C LYS A 933 6.13 -34.72 40.45
N ILE A 934 7.11 -34.82 39.55
CA ILE A 934 6.98 -34.25 38.21
C ILE A 934 5.83 -34.91 37.47
N GLN A 935 5.74 -36.25 37.57
CA GLN A 935 4.63 -36.97 36.94
C GLN A 935 3.28 -36.45 37.45
N ASP A 936 3.14 -36.34 38.77
CA ASP A 936 1.87 -35.86 39.34
C ASP A 936 1.57 -34.44 38.90
N SER A 937 2.56 -33.55 38.94
CA SER A 937 2.36 -32.16 38.55
C SER A 937 1.92 -32.05 37.11
N LEU A 938 2.58 -32.78 36.21
CA LEU A 938 2.20 -32.76 34.80
C LEU A 938 0.80 -33.35 34.60
N SER A 939 0.47 -34.41 35.34
CA SER A 939 -0.85 -35.03 35.21
C SER A 939 -1.96 -34.12 35.74
N SER A 940 -1.64 -33.23 36.68
CA SER A 940 -2.65 -32.40 37.32
C SER A 940 -2.86 -31.09 36.58
N THR A 941 -1.81 -30.28 36.47
CA THR A 941 -1.92 -28.91 35.97
C THR A 941 -1.61 -28.91 34.48
N ALA A 942 -2.64 -28.69 33.66
CA ALA A 942 -2.44 -28.60 32.21
C ALA A 942 -1.65 -27.34 31.84
N SER A 943 -1.93 -26.21 32.49
CA SER A 943 -1.30 -24.95 32.15
C SER A 943 0.22 -25.00 32.23
N ALA A 944 0.78 -26.07 32.81
CA ALA A 944 2.23 -26.24 32.81
C ALA A 944 2.78 -26.15 31.39
N LEU A 945 2.05 -26.69 30.41
CA LEU A 945 2.49 -26.67 29.02
C LEU A 945 1.95 -25.47 28.26
N GLY A 946 1.42 -24.47 28.96
CA GLY A 946 0.76 -23.32 28.39
C GLY A 946 1.46 -22.78 27.17
N LYS A 947 2.77 -22.54 27.32
CA LYS A 947 3.59 -21.99 26.25
C LYS A 947 3.30 -22.68 24.93
N LEU A 948 3.53 -24.00 24.86
CA LEU A 948 3.27 -24.72 23.61
C LEU A 948 1.85 -24.48 23.15
N GLN A 949 0.89 -24.73 24.04
CA GLN A 949 -0.52 -24.49 23.70
C GLN A 949 -0.68 -23.09 23.15
N ASP A 950 -0.14 -22.10 23.87
CA ASP A 950 -0.28 -20.71 23.45
C ASP A 950 0.14 -20.56 22.00
N VAL A 951 1.31 -21.09 21.65
CA VAL A 951 1.80 -20.99 20.27
C VAL A 951 0.70 -21.41 19.31
N VAL A 952 0.21 -22.65 19.48
CA VAL A 952 -0.82 -23.17 18.58
C VAL A 952 -1.95 -22.18 18.48
N ASN A 953 -2.48 -21.76 19.64
CA ASN A 953 -3.64 -20.88 19.66
C ASN A 953 -3.39 -19.67 18.78
N GLN A 954 -2.23 -19.01 18.98
CA GLN A 954 -1.88 -17.85 18.18
C GLN A 954 -2.09 -18.15 16.69
N ASN A 955 -1.37 -19.17 16.20
CA ASN A 955 -1.45 -19.51 14.78
C ASN A 955 -2.91 -19.70 14.37
N ALA A 956 -3.65 -20.47 15.17
CA ALA A 956 -5.05 -20.74 14.84
C ALA A 956 -5.78 -19.43 14.62
N GLN A 957 -5.69 -18.51 15.59
CA GLN A 957 -6.38 -17.24 15.47
C GLN A 957 -6.02 -16.58 14.15
N ALA A 958 -4.73 -16.52 13.85
CA ALA A 958 -4.27 -15.95 12.58
C ALA A 958 -5.10 -16.51 11.44
N LEU A 959 -5.06 -17.83 11.26
CA LEU A 959 -5.77 -18.45 10.15
C LEU A 959 -7.25 -18.06 10.18
N ASN A 960 -7.87 -18.15 11.36
CA ASN A 960 -9.28 -17.80 11.47
C ASN A 960 -9.50 -16.38 10.97
N THR A 961 -8.68 -15.44 11.45
CA THR A 961 -8.80 -14.07 10.97
C THR A 961 -8.60 -14.02 9.47
N LEU A 962 -7.56 -14.70 8.97
CA LEU A 962 -7.27 -14.69 7.55
C LEU A 962 -8.44 -15.23 6.75
N VAL A 963 -9.31 -16.01 7.37
CA VAL A 963 -10.49 -16.53 6.69
C VAL A 963 -11.66 -15.55 6.83
N LYS A 964 -11.81 -14.95 8.01
CA LYS A 964 -12.93 -14.01 8.21
C LYS A 964 -12.81 -12.79 7.32
N GLN A 965 -11.60 -12.45 6.85
CA GLN A 965 -11.45 -11.34 5.93
C GLN A 965 -11.99 -11.65 4.54
N LEU A 966 -12.35 -12.91 4.27
CA LEU A 966 -12.98 -13.27 3.02
C LEU A 966 -14.46 -12.88 2.96
N SER A 967 -15.03 -12.45 4.09
CA SER A 967 -16.43 -12.09 4.17
C SER A 967 -16.67 -10.59 4.13
N SER A 968 -15.62 -9.78 4.12
CA SER A 968 -15.78 -8.33 4.10
C SER A 968 -16.01 -7.81 2.69
N ASN A 969 -16.83 -6.75 2.60
CA ASN A 969 -17.12 -6.15 1.30
C ASN A 969 -15.95 -5.34 0.78
N PHE A 970 -15.18 -4.73 1.68
CA PHE A 970 -14.10 -3.79 1.31
C PHE A 970 -14.60 -2.66 0.41
N GLY A 971 -15.88 -2.33 0.52
CA GLY A 971 -16.48 -1.31 -0.32
C GLY A 971 -17.23 -1.83 -1.52
N ALA A 972 -17.02 -3.09 -1.89
CA ALA A 972 -17.71 -3.66 -3.04
C ALA A 972 -19.19 -3.83 -2.74
N ILE A 973 -19.94 -4.29 -3.75
CA ILE A 973 -21.37 -4.50 -3.57
C ILE A 973 -21.68 -5.79 -2.84
N SER A 974 -20.76 -6.76 -2.86
CA SER A 974 -20.97 -8.02 -2.18
C SER A 974 -19.60 -8.67 -1.96
N SER A 975 -19.43 -9.29 -0.80
CA SER A 975 -18.18 -9.94 -0.45
C SER A 975 -17.97 -11.27 -1.17
N VAL A 976 -18.93 -11.71 -1.98
CA VAL A 976 -18.83 -12.95 -2.73
C VAL A 976 -18.48 -12.59 -4.17
N LEU A 977 -17.36 -13.14 -4.65
CA LEU A 977 -16.90 -12.85 -6.00
C LEU A 977 -17.90 -13.31 -7.04
N ASN A 978 -18.49 -14.49 -6.85
CA ASN A 978 -19.39 -15.07 -7.84
C ASN A 978 -20.61 -14.19 -8.06
N ASP A 979 -21.14 -13.59 -6.98
CA ASP A 979 -22.30 -12.73 -7.12
C ASP A 979 -21.99 -11.53 -8.01
N ILE A 980 -20.84 -10.88 -7.77
CA ILE A 980 -20.44 -9.74 -8.61
C ILE A 980 -20.26 -10.19 -10.05
N LEU A 981 -19.57 -11.32 -10.25
CA LEU A 981 -19.30 -11.78 -11.61
C LEU A 981 -20.58 -12.22 -12.33
N SER A 982 -21.65 -12.51 -11.59
CA SER A 982 -22.91 -12.88 -12.21
C SER A 982 -23.87 -11.70 -12.37
N ARG A 983 -23.72 -10.65 -11.57
CA ARG A 983 -24.64 -9.52 -11.61
C ARG A 983 -24.15 -8.35 -12.47
N LEU A 984 -22.85 -8.19 -12.65
CA LEU A 984 -22.32 -7.05 -13.38
C LEU A 984 -21.43 -7.50 -14.53
N ASP A 985 -21.34 -6.63 -15.54
CA ASP A 985 -20.49 -6.79 -16.72
C ASP A 985 -19.10 -6.23 -16.42
N PRO A 986 -18.10 -6.60 -17.23
CA PRO A 986 -16.70 -6.25 -16.91
C PRO A 986 -16.49 -4.79 -16.54
N PRO A 987 -17.06 -3.81 -17.29
CA PRO A 987 -16.71 -2.40 -17.02
C PRO A 987 -16.86 -1.97 -15.57
N GLU A 988 -17.76 -2.57 -14.80
CA GLU A 988 -17.88 -2.29 -13.38
C GLU A 988 -17.48 -3.47 -12.50
N ALA A 989 -17.69 -4.69 -13.00
CA ALA A 989 -17.24 -5.89 -12.28
C ALA A 989 -15.75 -5.82 -11.97
N GLU A 990 -14.95 -5.31 -12.90
CA GLU A 990 -13.51 -5.31 -12.68
C GLU A 990 -13.11 -4.24 -11.67
N VAL A 991 -13.89 -3.16 -11.55
CA VAL A 991 -13.66 -2.18 -10.49
C VAL A 991 -13.98 -2.79 -9.14
N GLN A 992 -15.14 -3.45 -9.03
CA GLN A 992 -15.50 -4.09 -7.77
C GLN A 992 -14.48 -5.15 -7.38
N ILE A 993 -14.01 -5.92 -8.36
CA ILE A 993 -13.01 -6.95 -8.09
C ILE A 993 -11.66 -6.32 -7.75
N ASP A 994 -11.37 -5.14 -8.30
CA ASP A 994 -10.17 -4.41 -7.90
C ASP A 994 -10.24 -4.07 -6.42
N ARG A 995 -11.39 -3.57 -5.96
CA ARG A 995 -11.55 -3.26 -4.54
C ARG A 995 -11.36 -4.52 -3.69
N LEU A 996 -12.02 -5.61 -4.09
CA LEU A 996 -11.93 -6.85 -3.33
C LEU A 996 -10.49 -7.37 -3.28
N ILE A 997 -9.79 -7.33 -4.42
CA ILE A 997 -8.41 -7.80 -4.49
C ILE A 997 -7.52 -6.94 -3.62
N THR A 998 -7.72 -5.63 -3.62
CA THR A 998 -6.93 -4.75 -2.77
C THR A 998 -7.11 -5.13 -1.31
N GLY A 999 -8.36 -5.29 -0.89
CA GLY A 999 -8.61 -5.65 0.52
C GLY A 999 -8.00 -6.98 0.89
N ARG A 1000 -8.24 -8.01 0.07
CA ARG A 1000 -7.73 -9.34 0.41
C ARG A 1000 -6.21 -9.39 0.37
N LEU A 1001 -5.60 -8.67 -0.56
CA LEU A 1001 -4.15 -8.63 -0.65
C LEU A 1001 -3.55 -7.92 0.57
N GLN A 1002 -4.18 -6.84 1.04
CA GLN A 1002 -3.72 -6.21 2.26
C GLN A 1002 -3.83 -7.16 3.45
N SER A 1003 -4.95 -7.90 3.53
CA SER A 1003 -5.10 -8.88 4.60
C SER A 1003 -4.01 -9.93 4.56
N LEU A 1004 -3.74 -10.47 3.36
CA LEU A 1004 -2.72 -11.50 3.21
C LEU A 1004 -1.34 -10.97 3.56
N GLN A 1005 -1.02 -9.75 3.12
CA GLN A 1005 0.29 -9.18 3.44
C GLN A 1005 0.44 -8.98 4.94
N THR A 1006 -0.61 -8.50 5.61
CA THR A 1006 -0.57 -8.36 7.06
C THR A 1006 -0.32 -9.71 7.72
N TYR A 1007 -1.04 -10.74 7.27
CA TYR A 1007 -0.86 -12.07 7.85
C TYR A 1007 0.56 -12.58 7.63
N VAL A 1008 1.12 -12.34 6.45
CA VAL A 1008 2.47 -12.83 6.17
C VAL A 1008 3.49 -12.11 7.03
N THR A 1009 3.30 -10.80 7.24
CA THR A 1009 4.21 -10.06 8.12
C THR A 1009 4.13 -10.60 9.55
N GLN A 1010 2.91 -10.85 10.03
CA GLN A 1010 2.75 -11.41 11.37
C GLN A 1010 3.43 -12.77 11.48
N GLN A 1011 3.27 -13.61 10.45
CA GLN A 1011 3.91 -14.93 10.47
C GLN A 1011 5.43 -14.80 10.47
N LEU A 1012 5.97 -13.86 9.70
CA LEU A 1012 7.41 -13.64 9.69
C LEU A 1012 7.93 -13.23 11.07
N ILE A 1013 7.22 -12.29 11.72
CA ILE A 1013 7.65 -11.84 13.03
C ILE A 1013 7.58 -12.98 14.04
N ARG A 1014 6.48 -13.73 14.03
CA ARG A 1014 6.32 -14.82 14.99
C ARG A 1014 7.33 -15.94 14.73
N ALA A 1015 7.68 -16.16 13.47
CA ALA A 1015 8.70 -17.15 13.15
C ALA A 1015 10.08 -16.70 13.61
N ALA A 1016 10.37 -15.40 13.51
CA ALA A 1016 11.62 -14.89 14.09
C ALA A 1016 11.66 -15.12 15.59
N GLU A 1017 10.56 -14.84 16.29
CA GLU A 1017 10.50 -15.11 17.72
C GLU A 1017 10.72 -16.58 18.01
N ILE A 1018 10.00 -17.46 17.30
CA ILE A 1018 10.10 -18.89 17.54
C ILE A 1018 11.48 -19.41 17.19
N ARG A 1019 12.16 -18.80 16.21
CA ARG A 1019 13.50 -19.24 15.88
C ARG A 1019 14.50 -18.80 16.94
N ALA A 1020 14.29 -17.62 17.54
CA ALA A 1020 15.10 -17.25 18.70
C ALA A 1020 14.91 -18.24 19.84
N SER A 1021 13.65 -18.62 20.10
CA SER A 1021 13.38 -19.61 21.14
C SER A 1021 14.01 -20.97 20.80
N ALA A 1022 13.97 -21.35 19.52
CA ALA A 1022 14.54 -22.63 19.10
C ALA A 1022 16.06 -22.62 19.25
N ASN A 1023 16.70 -21.50 18.94
CA ASN A 1023 18.14 -21.39 19.14
C ASN A 1023 18.49 -21.44 20.62
N LEU A 1024 17.67 -20.81 21.47
CA LEU A 1024 17.87 -20.94 22.91
C LEU A 1024 17.73 -22.39 23.36
N ALA A 1025 16.73 -23.10 22.82
CA ALA A 1025 16.53 -24.49 23.18
C ALA A 1025 17.70 -25.36 22.72
N ALA A 1026 18.21 -25.10 21.52
CA ALA A 1026 19.39 -25.82 21.03
C ALA A 1026 20.59 -25.55 21.93
N THR A 1027 20.80 -24.30 22.33
CA THR A 1027 21.87 -23.97 23.26
C THR A 1027 21.70 -24.75 24.56
N LYS A 1028 20.48 -24.79 25.09
CA LYS A 1028 20.22 -25.51 26.33
C LYS A 1028 20.52 -27.00 26.18
N MET A 1029 20.07 -27.60 25.08
CA MET A 1029 20.31 -29.02 24.88
C MET A 1029 21.80 -29.31 24.73
N SER A 1030 22.54 -28.41 24.09
CA SER A 1030 23.96 -28.62 23.86
C SER A 1030 24.75 -28.48 25.16
N GLU A 1031 24.48 -27.43 25.93
CA GLU A 1031 25.31 -27.04 27.06
C GLU A 1031 24.72 -27.47 28.39
N CYS A 1032 23.57 -28.12 28.38
CA CYS A 1032 22.85 -28.56 29.57
C CYS A 1032 22.72 -30.06 29.62
N VAL A 1033 22.26 -30.69 28.55
CA VAL A 1033 22.13 -32.13 28.51
C VAL A 1033 23.47 -32.77 28.20
N LEU A 1034 24.06 -32.40 27.05
CA LEU A 1034 25.31 -33.00 26.60
C LEU A 1034 26.49 -32.67 27.49
N GLY A 1035 26.37 -31.70 28.38
CA GLY A 1035 27.45 -31.34 29.28
C GLY A 1035 26.93 -30.87 30.62
N GLN A 1036 27.79 -30.23 31.41
CA GLN A 1036 27.38 -29.62 32.67
C GLN A 1036 27.61 -28.12 32.58
N SER A 1037 26.54 -27.35 32.74
CA SER A 1037 26.62 -25.90 32.65
C SER A 1037 26.99 -25.31 34.00
N LYS A 1038 28.00 -24.43 34.00
CA LYS A 1038 28.36 -23.66 35.19
C LYS A 1038 27.67 -22.30 35.21
N ARG A 1039 26.93 -21.98 34.14
CA ARG A 1039 26.16 -20.74 34.08
C ARG A 1039 25.01 -20.77 35.06
N VAL A 1040 24.92 -19.74 35.90
CA VAL A 1040 23.92 -19.73 36.97
C VAL A 1040 22.53 -19.49 36.38
N ASP A 1041 21.55 -20.25 36.86
CA ASP A 1041 20.14 -20.12 36.50
C ASP A 1041 19.88 -20.33 35.02
N PHE A 1042 20.84 -20.86 34.27
CA PHE A 1042 20.61 -21.23 32.88
C PHE A 1042 20.04 -22.63 32.74
N CYS A 1043 20.18 -23.47 33.76
CA CYS A 1043 19.70 -24.85 33.74
C CYS A 1043 19.01 -25.20 35.05
N GLY A 1044 18.08 -24.36 35.47
CA GLY A 1044 17.32 -24.65 36.66
C GLY A 1044 17.88 -23.97 37.88
N LYS A 1045 17.00 -23.60 38.80
CA LYS A 1045 17.42 -22.98 40.05
C LYS A 1045 18.33 -23.93 40.83
N GLY A 1046 19.41 -23.39 41.35
CA GLY A 1046 20.42 -24.19 42.00
C GLY A 1046 21.56 -24.58 41.08
N TYR A 1047 22.44 -25.42 41.62
CA TYR A 1047 23.59 -25.88 40.86
C TYR A 1047 23.14 -27.00 39.95
N HIS A 1048 23.67 -27.02 38.73
CA HIS A 1048 23.20 -27.95 37.71
C HIS A 1048 23.97 -29.25 37.81
N LEU A 1049 23.24 -30.35 37.97
CA LEU A 1049 23.80 -31.70 37.93
C LEU A 1049 23.67 -32.34 36.56
N MET A 1050 22.48 -32.30 35.97
CA MET A 1050 22.29 -32.82 34.63
C MET A 1050 20.90 -32.41 34.13
N SER A 1051 20.57 -32.85 32.91
CA SER A 1051 19.28 -32.56 32.32
C SER A 1051 18.88 -33.73 31.45
N PHE A 1052 17.58 -33.85 31.21
CA PHE A 1052 17.05 -34.88 30.34
C PHE A 1052 16.04 -34.24 29.40
N PRO A 1053 16.18 -34.42 28.09
CA PRO A 1053 15.17 -33.90 27.17
C PRO A 1053 13.95 -34.81 27.08
N GLN A 1054 12.85 -34.21 26.65
CA GLN A 1054 11.62 -34.93 26.35
C GLN A 1054 10.91 -34.20 25.22
N SER A 1055 10.40 -34.97 24.26
CA SER A 1055 9.66 -34.38 23.17
C SER A 1055 8.32 -33.84 23.65
N ALA A 1056 7.72 -32.97 22.84
CA ALA A 1056 6.37 -32.50 23.07
C ALA A 1056 5.85 -31.90 21.76
N PRO A 1057 4.53 -31.84 21.58
CA PRO A 1057 3.99 -31.31 20.31
C PRO A 1057 4.55 -29.94 19.99
N HIS A 1058 5.37 -29.86 18.95
CA HIS A 1058 5.98 -28.60 18.51
C HIS A 1058 6.80 -27.96 19.62
N GLY A 1059 7.53 -28.77 20.38
CA GLY A 1059 8.37 -28.20 21.42
C GLY A 1059 9.15 -29.27 22.17
N VAL A 1060 10.00 -28.79 23.08
CA VAL A 1060 10.84 -29.64 23.90
C VAL A 1060 10.62 -29.29 25.36
N VAL A 1061 10.87 -30.27 26.23
CA VAL A 1061 10.69 -30.10 27.67
C VAL A 1061 11.90 -30.70 28.36
N PHE A 1062 12.65 -29.86 29.08
CA PHE A 1062 13.82 -30.29 29.80
C PHE A 1062 13.46 -30.60 31.25
N LEU A 1063 13.94 -31.72 31.75
CA LEU A 1063 13.91 -32.03 33.17
C LEU A 1063 15.31 -31.76 33.70
N HIS A 1064 15.45 -30.69 34.48
CA HIS A 1064 16.73 -30.30 35.06
C HIS A 1064 16.88 -30.96 36.42
N VAL A 1065 17.84 -31.87 36.55
CA VAL A 1065 18.22 -32.44 37.83
C VAL A 1065 19.29 -31.54 38.43
N THR A 1066 18.98 -30.92 39.55
CA THR A 1066 19.81 -29.90 40.17
C THR A 1066 19.98 -30.19 41.65
N TYR A 1067 21.08 -29.69 42.21
CA TYR A 1067 21.46 -29.93 43.59
C TYR A 1067 21.26 -28.64 44.35
N VAL A 1068 20.42 -28.68 45.39
CA VAL A 1068 20.04 -27.49 46.14
C VAL A 1068 20.35 -27.72 47.61
N PRO A 1069 21.15 -26.88 48.25
CA PRO A 1069 21.35 -27.01 49.69
C PRO A 1069 20.03 -26.79 50.43
N ALA A 1070 19.83 -27.55 51.50
CA ALA A 1070 18.56 -27.53 52.22
C ALA A 1070 18.71 -26.99 53.63
N GLN A 1071 19.57 -27.57 54.46
CA GLN A 1071 19.66 -27.23 55.87
C GLN A 1071 21.03 -26.62 56.12
N GLU A 1072 21.04 -25.46 56.76
CA GLU A 1072 22.27 -24.71 56.96
C GLU A 1072 22.51 -24.45 58.44
N LYS A 1073 23.79 -24.25 58.79
CA LYS A 1073 24.20 -23.93 60.14
C LYS A 1073 25.15 -22.74 60.14
N ASN A 1074 25.04 -21.91 61.17
CA ASN A 1074 25.97 -20.81 61.38
C ASN A 1074 27.23 -21.31 62.05
N PHE A 1075 28.39 -20.99 61.47
CA PHE A 1075 29.67 -21.32 62.05
C PHE A 1075 30.52 -20.05 62.09
N THR A 1076 31.47 -20.02 63.02
CA THR A 1076 32.39 -18.89 63.12
C THR A 1076 33.58 -19.13 62.19
N THR A 1077 33.82 -18.19 61.29
CA THR A 1077 34.81 -18.37 60.23
C THR A 1077 35.98 -17.41 60.42
N ALA A 1078 37.01 -17.60 59.60
CA ALA A 1078 38.20 -16.78 59.69
C ALA A 1078 39.02 -16.94 58.42
N PRO A 1079 39.58 -15.86 57.86
CA PRO A 1079 40.31 -15.99 56.59
C PRO A 1079 41.54 -16.87 56.70
N ALA A 1080 42.21 -16.86 57.84
CA ALA A 1080 43.44 -17.63 58.02
C ALA A 1080 43.68 -17.83 59.50
N ILE A 1081 44.52 -18.81 59.82
CA ILE A 1081 44.92 -19.11 61.20
C ILE A 1081 46.43 -19.07 61.31
N CYS A 1082 46.93 -18.43 62.36
CA CYS A 1082 48.37 -18.31 62.61
C CYS A 1082 48.81 -19.35 63.63
N HIS A 1083 49.79 -20.16 63.25
CA HIS A 1083 50.30 -21.25 64.06
C HIS A 1083 51.63 -20.89 64.71
N ASP A 1084 52.61 -20.49 63.90
CA ASP A 1084 53.96 -20.15 64.36
C ASP A 1084 54.37 -18.78 63.87
N GLY A 1085 53.42 -17.84 63.83
CA GLY A 1085 53.65 -16.54 63.22
C GLY A 1085 53.37 -16.47 61.74
N LYS A 1086 53.36 -17.61 61.04
CA LYS A 1086 52.98 -17.65 59.65
C LYS A 1086 51.45 -17.71 59.51
N ALA A 1087 50.97 -17.32 58.34
CA ALA A 1087 49.54 -17.33 58.02
C ALA A 1087 49.21 -18.52 57.14
N HIS A 1088 48.19 -19.27 57.51
CA HIS A 1088 47.77 -20.46 56.78
C HIS A 1088 46.38 -20.24 56.18
N PHE A 1089 46.27 -20.36 54.86
CA PHE A 1089 45.01 -20.22 54.16
C PHE A 1089 44.53 -21.58 53.67
N PRO A 1090 43.22 -21.78 53.50
CA PRO A 1090 42.74 -23.10 53.06
C PRO A 1090 43.03 -23.34 51.59
N ARG A 1091 43.58 -24.51 51.28
CA ARG A 1091 43.89 -24.86 49.90
C ARG A 1091 42.63 -24.86 49.04
N GLU A 1092 41.57 -25.50 49.53
CA GLU A 1092 40.29 -25.52 48.84
C GLU A 1092 39.23 -25.81 49.89
N GLY A 1093 38.38 -24.83 50.19
CA GLY A 1093 37.44 -24.96 51.27
C GLY A 1093 37.41 -23.72 52.14
N VAL A 1094 37.03 -23.87 53.41
CA VAL A 1094 36.88 -22.73 54.29
C VAL A 1094 37.04 -23.21 55.72
N PHE A 1095 37.61 -22.35 56.57
CA PHE A 1095 37.72 -22.63 57.99
C PHE A 1095 36.39 -22.34 58.67
N VAL A 1096 35.97 -23.26 59.56
CA VAL A 1096 34.80 -23.04 60.38
C VAL A 1096 35.11 -23.44 61.81
N SER A 1097 34.26 -22.98 62.72
CA SER A 1097 34.34 -23.34 64.13
C SER A 1097 32.93 -23.43 64.68
N ASN A 1098 32.65 -24.53 65.36
CA ASN A 1098 31.39 -24.74 66.07
C ASN A 1098 31.40 -24.08 67.44
N GLY A 1099 32.44 -23.31 67.76
CA GLY A 1099 32.56 -22.60 69.02
C GLY A 1099 33.84 -22.91 69.77
N THR A 1100 34.33 -24.15 69.66
CA THR A 1100 35.51 -24.59 70.39
C THR A 1100 36.65 -24.99 69.47
N HIS A 1101 36.40 -25.89 68.52
CA HIS A 1101 37.43 -26.42 67.66
C HIS A 1101 37.28 -25.93 66.23
N TRP A 1102 38.42 -25.79 65.55
CA TRP A 1102 38.49 -25.24 64.20
C TRP A 1102 38.68 -26.38 63.20
N PHE A 1103 37.75 -26.51 62.26
CA PHE A 1103 37.84 -27.47 61.18
C PHE A 1103 37.94 -26.73 59.85
N VAL A 1104 38.28 -27.46 58.80
CA VAL A 1104 38.22 -26.95 57.44
C VAL A 1104 37.28 -27.84 56.63
N THR A 1105 36.29 -27.23 56.01
CA THR A 1105 35.27 -27.96 55.25
C THR A 1105 35.24 -27.51 53.80
N GLN A 1106 34.51 -28.27 53.00
CA GLN A 1106 34.15 -27.83 51.66
C GLN A 1106 33.02 -26.80 51.74
N ARG A 1107 32.97 -25.92 50.76
CA ARG A 1107 32.12 -24.73 50.89
C ARG A 1107 30.63 -25.09 50.88
N ASN A 1108 30.24 -26.11 50.12
CA ASN A 1108 28.83 -26.39 49.86
C ASN A 1108 28.30 -27.58 50.66
N PHE A 1109 29.07 -28.11 51.61
CA PHE A 1109 28.62 -29.24 52.41
C PHE A 1109 29.49 -29.37 53.65
N TYR A 1110 28.86 -29.32 54.83
CA TYR A 1110 29.60 -29.35 56.08
C TYR A 1110 30.17 -30.74 56.32
N GLU A 1111 31.46 -30.90 56.02
CA GLU A 1111 32.18 -32.15 56.19
C GLU A 1111 33.48 -31.81 56.90
N PRO A 1112 33.43 -31.61 58.21
CA PRO A 1112 34.59 -31.04 58.91
C PRO A 1112 35.78 -32.01 58.91
N GLN A 1113 36.98 -31.43 58.93
CA GLN A 1113 38.21 -32.18 58.99
C GLN A 1113 39.23 -31.41 59.81
N ILE A 1114 40.04 -32.13 60.57
CA ILE A 1114 41.10 -31.50 61.36
C ILE A 1114 41.99 -30.69 60.41
N ILE A 1115 42.52 -29.57 60.93
CA ILE A 1115 43.35 -28.70 60.12
C ILE A 1115 44.78 -29.22 60.16
N THR A 1116 45.34 -29.50 58.99
CA THR A 1116 46.70 -29.97 58.84
C THR A 1116 47.38 -29.20 57.72
N THR A 1117 48.70 -29.43 57.58
CA THR A 1117 49.50 -28.77 56.56
C THR A 1117 49.17 -29.23 55.15
N ASP A 1118 48.25 -30.17 54.98
CA ASP A 1118 47.78 -30.56 53.66
C ASP A 1118 46.52 -29.86 53.24
N ASN A 1119 45.69 -29.43 54.21
CA ASN A 1119 44.52 -28.62 53.92
C ASN A 1119 44.86 -27.15 53.75
N THR A 1120 45.95 -26.68 54.35
CA THR A 1120 46.32 -25.28 54.36
C THR A 1120 47.68 -25.06 53.72
N PHE A 1121 47.84 -23.89 53.11
CA PHE A 1121 49.12 -23.45 52.56
C PHE A 1121 49.54 -22.14 53.19
N VAL A 1122 50.85 -21.92 53.27
CA VAL A 1122 51.41 -20.79 54.01
C VAL A 1122 51.63 -19.63 53.05
N SER A 1123 51.30 -18.42 53.50
CA SER A 1123 51.57 -17.24 52.69
C SER A 1123 51.60 -16.02 53.60
N GLY A 1124 52.79 -15.46 53.82
CA GLY A 1124 52.92 -14.23 54.56
C GLY A 1124 53.00 -14.42 56.06
N ASN A 1125 52.42 -13.49 56.81
CA ASN A 1125 52.40 -13.56 58.27
C ASN A 1125 51.10 -12.92 58.75
N CYS A 1126 51.03 -12.67 60.06
CA CYS A 1126 49.81 -12.25 60.71
C CYS A 1126 49.60 -10.74 60.74
N ASP A 1127 50.58 -9.95 60.29
CA ASP A 1127 50.49 -8.50 60.42
C ASP A 1127 49.81 -7.85 59.23
N VAL A 1128 49.48 -8.60 58.19
CA VAL A 1128 48.90 -8.04 56.97
C VAL A 1128 47.44 -8.42 56.82
N VAL A 1129 47.09 -9.67 57.11
CA VAL A 1129 45.71 -10.13 56.95
C VAL A 1129 44.82 -9.42 57.95
N ILE A 1130 43.57 -9.16 57.56
CA ILE A 1130 42.60 -8.50 58.43
C ILE A 1130 41.59 -9.54 58.87
N GLY A 1131 41.53 -9.78 60.17
CA GLY A 1131 40.65 -10.78 60.75
C GLY A 1131 41.28 -12.13 61.02
N ILE A 1132 42.61 -12.21 61.00
CA ILE A 1132 43.28 -13.48 61.19
C ILE A 1132 43.17 -13.92 62.65
N VAL A 1133 43.10 -15.23 62.87
CA VAL A 1133 42.96 -15.76 64.22
C VAL A 1133 44.10 -16.74 64.53
N ASN A 1134 44.13 -17.22 65.76
CA ASN A 1134 45.16 -18.14 66.23
C ASN A 1134 44.58 -19.54 66.44
N ASN A 1135 45.36 -20.55 66.09
CA ASN A 1135 45.01 -21.94 66.33
C ASN A 1135 46.26 -22.79 66.10
N THR A 1136 46.11 -24.11 66.16
CA THR A 1136 47.19 -25.05 65.94
C THR A 1136 46.96 -25.81 64.64
N VAL A 1137 48.00 -25.87 63.81
CA VAL A 1137 47.99 -26.64 62.58
C VAL A 1137 48.77 -27.92 62.82
N TYR A 1138 48.09 -29.06 62.74
CA TYR A 1138 48.70 -30.34 63.09
C TYR A 1138 49.50 -30.87 61.91
N ASP A 1139 50.70 -31.36 62.19
CA ASP A 1139 51.59 -31.85 61.16
C ASP A 1139 51.51 -33.37 61.08
N PRO A 1140 51.17 -33.94 59.93
CA PRO A 1140 51.15 -35.41 59.83
C PRO A 1140 52.51 -36.05 60.00
N LEU A 1141 53.59 -35.28 59.86
CA LEU A 1141 54.94 -35.82 59.84
C LEU A 1141 55.53 -36.00 61.23
N GLN A 1142 55.19 -35.12 62.17
CA GLN A 1142 55.80 -35.17 63.50
C GLN A 1142 55.56 -36.49 64.23
N PRO A 1143 54.34 -37.04 64.29
CA PRO A 1143 54.17 -38.33 64.97
C PRO A 1143 55.02 -39.45 64.38
N GLU A 1144 55.21 -39.46 63.05
CA GLU A 1144 56.03 -40.50 62.44
C GLU A 1144 57.46 -40.45 62.95
N LEU A 1145 58.04 -39.25 63.02
CA LEU A 1145 59.38 -39.11 63.59
C LEU A 1145 59.40 -39.46 65.07
N ASP A 1146 58.35 -39.07 65.79
CA ASP A 1146 58.29 -39.35 67.22
C ASP A 1146 58.30 -40.86 67.49
N SER A 1147 57.53 -41.62 66.70
CA SER A 1147 57.49 -43.07 66.85
C SER A 1147 58.55 -43.74 66.01
N ALA B 27 22.89 51.59 -3.85
CA ALA B 27 23.15 51.28 -2.45
C ALA B 27 22.33 50.08 -1.99
N TYR B 28 22.99 49.14 -1.33
CA TYR B 28 22.35 47.93 -0.85
C TYR B 28 22.65 47.74 0.63
N THR B 29 21.73 47.05 1.32
CA THR B 29 21.86 46.83 2.74
C THR B 29 21.46 45.39 3.04
N ASN B 30 21.95 44.89 4.18
CA ASN B 30 21.67 43.53 4.60
C ASN B 30 20.23 43.41 5.10
N SER B 31 19.67 42.20 4.96
CA SER B 31 18.30 41.91 5.35
C SER B 31 18.23 40.77 6.38
N PHE B 32 19.00 40.87 7.46
CA PHE B 32 19.38 39.76 8.33
C PHE B 32 18.27 38.76 8.58
N THR B 33 17.20 39.18 9.27
CA THR B 33 16.10 38.28 9.58
C THR B 33 14.73 38.94 9.45
N ARG B 34 14.64 40.13 8.88
CA ARG B 34 13.37 40.83 8.81
C ARG B 34 12.54 40.30 7.64
N GLY B 35 11.27 40.68 7.62
CA GLY B 35 10.36 40.23 6.58
C GLY B 35 9.57 38.99 6.90
N VAL B 36 9.39 38.66 8.17
CA VAL B 36 8.61 37.48 8.58
C VAL B 36 7.23 37.95 9.03
N TYR B 37 6.19 37.28 8.53
CA TYR B 37 4.82 37.60 8.86
C TYR B 37 4.06 36.31 9.10
N TYR B 38 2.85 36.44 9.65
CA TYR B 38 2.00 35.28 9.84
C TYR B 38 1.40 34.85 8.50
N PRO B 39 1.70 33.65 8.00
CA PRO B 39 1.23 33.29 6.65
C PRO B 39 -0.28 33.25 6.52
N ASP B 40 -0.98 32.98 7.62
CA ASP B 40 -2.43 32.92 7.62
C ASP B 40 -2.92 33.61 8.89
N LYS B 41 -4.21 33.46 9.18
CA LYS B 41 -4.84 34.07 10.36
C LYS B 41 -5.34 33.00 11.32
N VAL B 42 -4.60 31.91 11.44
CA VAL B 42 -4.91 30.83 12.36
C VAL B 42 -3.89 30.84 13.49
N PHE B 43 -4.36 30.67 14.71
CA PHE B 43 -3.53 30.81 15.91
C PHE B 43 -2.83 29.49 16.22
N ARG B 44 -1.51 29.52 16.27
CA ARG B 44 -0.69 28.40 16.71
C ARG B 44 0.22 28.87 17.82
N SER B 45 0.51 27.96 18.77
CA SER B 45 1.33 28.32 19.91
C SER B 45 2.25 27.17 20.26
N SER B 46 3.48 27.51 20.67
CA SER B 46 4.48 26.54 21.11
C SER B 46 4.62 25.40 20.12
N VAL B 47 5.02 25.74 18.90
CA VAL B 47 5.11 24.74 17.84
C VAL B 47 6.09 25.24 16.77
N LEU B 48 6.80 24.30 16.16
CA LEU B 48 7.62 24.57 14.98
C LEU B 48 6.84 24.10 13.77
N HIS B 49 6.45 25.02 12.90
CA HIS B 49 5.57 24.71 11.78
C HIS B 49 6.24 25.07 10.47
N SER B 50 6.03 24.25 9.45
CA SER B 50 6.64 24.41 8.14
C SER B 50 5.59 24.87 7.14
N THR B 51 5.93 25.89 6.35
CA THR B 51 5.00 26.37 5.32
C THR B 51 5.80 27.14 4.28
N GLN B 52 5.37 27.04 3.03
CA GLN B 52 6.04 27.73 1.93
C GLN B 52 5.11 28.79 1.35
N ASP B 53 5.64 29.99 1.17
CA ASP B 53 4.92 31.10 0.59
C ASP B 53 5.93 32.17 0.18
N LEU B 54 5.44 33.36 -0.16
CA LEU B 54 6.28 34.47 -0.55
C LEU B 54 6.83 35.14 0.72
N PHE B 55 8.13 34.97 0.96
CA PHE B 55 8.80 35.59 2.10
C PHE B 55 10.03 36.35 1.61
N LEU B 56 10.53 37.22 2.48
CA LEU B 56 11.77 37.92 2.20
C LEU B 56 12.96 37.03 2.55
N PRO B 57 13.78 36.64 1.58
CA PRO B 57 14.94 35.78 1.90
C PRO B 57 15.89 36.47 2.87
N PHE B 58 16.37 35.70 3.84
CA PHE B 58 17.25 36.24 4.86
C PHE B 58 18.57 36.69 4.26
N PHE B 59 19.11 37.79 4.81
CA PHE B 59 20.40 38.33 4.41
C PHE B 59 20.42 38.70 2.92
N SER B 60 19.28 39.17 2.42
CA SER B 60 19.20 39.63 1.04
C SER B 60 19.67 41.07 0.92
N ASN B 61 19.96 41.46 -0.32
CA ASN B 61 20.21 42.87 -0.61
C ASN B 61 18.88 43.63 -0.65
N VAL B 62 18.81 44.73 0.09
CA VAL B 62 17.68 45.66 0.00
C VAL B 62 18.20 47.00 -0.47
N THR B 63 17.61 47.52 -1.55
CA THR B 63 18.06 48.79 -2.11
C THR B 63 17.83 49.92 -1.12
N TRP B 64 18.82 50.82 -1.01
CA TRP B 64 18.74 51.99 -0.15
C TRP B 64 18.53 53.23 -1.01
N PHE B 65 17.39 53.91 -0.82
CA PHE B 65 17.06 55.10 -1.58
C PHE B 65 17.25 56.34 -0.71
N HIS B 66 17.01 57.50 -1.32
CA HIS B 66 17.15 58.78 -0.62
C HIS B 66 16.14 59.80 -1.15
N ASN B 81 12.47 59.31 -5.65
CA ASN B 81 11.44 58.29 -5.55
C ASN B 81 11.07 57.72 -6.92
N PRO B 82 11.99 56.98 -7.55
CA PRO B 82 11.71 56.44 -8.88
C PRO B 82 10.72 55.29 -8.82
N VAL B 83 10.18 54.95 -10.00
CA VAL B 83 9.24 53.84 -10.12
C VAL B 83 10.00 52.51 -10.02
N LEU B 84 9.40 51.54 -9.35
CA LEU B 84 10.01 50.25 -9.10
C LEU B 84 9.05 49.14 -9.49
N PRO B 85 9.55 47.96 -9.83
CA PRO B 85 8.67 46.84 -10.16
C PRO B 85 7.94 46.32 -8.92
N PHE B 86 7.03 45.39 -9.17
CA PHE B 86 6.26 44.69 -8.14
C PHE B 86 6.23 43.20 -8.43
N ASN B 87 7.41 42.63 -8.68
CA ASN B 87 7.54 41.28 -9.25
C ASN B 87 6.53 40.28 -8.69
N ASP B 88 6.60 40.01 -7.39
CA ASP B 88 5.60 39.16 -6.75
C ASP B 88 5.11 39.76 -5.44
N GLY B 89 5.96 40.54 -4.78
CA GLY B 89 5.62 41.14 -3.52
C GLY B 89 6.75 42.00 -2.97
N VAL B 90 6.43 43.05 -2.24
CA VAL B 90 7.40 44.07 -1.85
C VAL B 90 7.45 44.16 -0.33
N TYR B 91 8.64 44.06 0.22
CA TYR B 91 8.92 44.40 1.61
C TYR B 91 9.46 45.82 1.66
N PHE B 92 8.67 46.73 2.21
CA PHE B 92 8.99 48.15 2.23
C PHE B 92 9.28 48.54 3.68
N ALA B 93 10.54 48.87 3.95
CA ALA B 93 10.96 49.29 5.28
C ALA B 93 11.24 50.78 5.29
N SER B 94 11.01 51.44 6.43
CA SER B 94 11.26 52.85 6.51
C SER B 94 11.68 53.24 7.92
N THR B 95 12.82 53.92 8.03
CA THR B 95 13.26 54.54 9.27
C THR B 95 13.09 56.05 9.13
N GLU B 96 12.34 56.65 10.04
CA GLU B 96 12.01 58.07 9.90
C GLU B 96 11.68 58.66 11.26
N LYS B 97 11.77 59.99 11.33
CA LYS B 97 11.35 60.74 12.49
C LYS B 97 10.44 61.92 12.16
N SER B 98 10.31 62.29 10.89
CA SER B 98 9.45 63.39 10.48
C SER B 98 8.28 62.94 9.59
N ASN B 99 8.13 61.64 9.34
CA ASN B 99 7.01 61.10 8.56
C ASN B 99 6.94 61.74 7.15
N ILE B 100 8.10 61.79 6.49
CA ILE B 100 8.15 62.33 5.14
C ILE B 100 7.33 61.49 4.17
N ILE B 101 7.44 60.17 4.28
CA ILE B 101 6.67 59.28 3.42
C ILE B 101 5.19 59.41 3.72
N ARG B 102 4.38 59.49 2.66
CA ARG B 102 2.95 59.66 2.86
C ARG B 102 2.10 58.63 2.14
N GLY B 103 2.49 58.19 0.96
CA GLY B 103 1.63 57.30 0.20
C GLY B 103 2.37 56.37 -0.73
N TRP B 104 1.60 55.51 -1.39
CA TRP B 104 2.11 54.58 -2.37
C TRP B 104 1.15 54.51 -3.56
N ILE B 105 1.72 54.24 -4.74
CA ILE B 105 0.94 54.05 -5.96
C ILE B 105 1.39 52.75 -6.62
N PHE B 106 0.44 51.88 -6.96
CA PHE B 106 0.69 50.61 -7.60
C PHE B 106 -0.07 50.51 -8.90
N GLY B 107 0.47 49.77 -9.86
CA GLY B 107 -0.22 49.59 -11.13
C GLY B 107 0.74 49.04 -12.17
N THR B 108 0.29 49.12 -13.43
CA THR B 108 1.09 48.69 -14.58
C THR B 108 1.66 49.88 -15.36
N THR B 109 0.80 50.82 -15.75
CA THR B 109 1.23 52.02 -16.45
C THR B 109 1.34 53.24 -15.55
N LEU B 110 0.67 53.23 -14.40
CA LEU B 110 0.68 54.34 -13.46
C LEU B 110 0.17 55.63 -14.11
N ASP B 111 -0.76 55.50 -15.05
CA ASP B 111 -1.38 56.64 -15.70
C ASP B 111 -2.80 56.23 -16.10
N SER B 112 -3.54 57.19 -16.64
CA SER B 112 -4.94 56.96 -17.02
C SER B 112 -5.07 55.90 -18.10
N LYS B 113 -6.32 55.58 -18.46
CA LYS B 113 -6.75 54.53 -19.39
C LYS B 113 -6.73 53.16 -18.75
N THR B 114 -6.30 53.03 -17.49
CA THR B 114 -6.29 51.77 -16.76
C THR B 114 -6.45 52.08 -15.28
N GLN B 115 -6.69 51.02 -14.50
CA GLN B 115 -6.84 51.15 -13.06
C GLN B 115 -5.48 51.11 -12.37
N SER B 116 -5.42 51.74 -11.19
CA SER B 116 -4.18 51.79 -10.42
C SER B 116 -4.53 52.04 -8.96
N LEU B 117 -3.86 51.32 -8.07
CA LEU B 117 -4.06 51.48 -6.64
C LEU B 117 -3.33 52.72 -6.13
N LEU B 118 -3.98 53.47 -5.26
CA LEU B 118 -3.37 54.63 -4.60
C LEU B 118 -3.76 54.63 -3.13
N ILE B 119 -2.76 54.64 -2.26
CA ILE B 119 -2.96 54.74 -0.82
C ILE B 119 -2.26 56.01 -0.36
N VAL B 120 -2.95 56.82 0.44
CA VAL B 120 -2.42 58.12 0.85
C VAL B 120 -2.80 58.38 2.31
N ASN B 121 -1.80 58.63 3.15
CA ASN B 121 -2.10 59.01 4.56
C ASN B 121 -2.35 60.51 4.55
N ASN B 122 -3.42 60.98 5.20
CA ASN B 122 -3.76 62.43 5.12
C ASN B 122 -3.94 62.97 6.53
N ALA B 123 -2.85 63.12 7.29
CA ALA B 123 -2.87 63.69 8.66
C ALA B 123 -3.67 62.81 9.63
N THR B 124 -4.96 62.57 9.35
CA THR B 124 -5.80 61.84 10.30
C THR B 124 -6.13 60.43 9.86
N ASN B 125 -5.99 60.08 8.57
CA ASN B 125 -6.52 58.80 8.12
C ASN B 125 -5.92 58.43 6.77
N VAL B 126 -6.07 57.16 6.41
CA VAL B 126 -5.55 56.64 5.15
C VAL B 126 -6.71 56.51 4.18
N VAL B 127 -6.50 57.00 2.95
CA VAL B 127 -7.48 56.91 1.88
C VAL B 127 -6.94 55.96 0.82
N ILE B 128 -7.75 54.99 0.41
CA ILE B 128 -7.36 53.98 -0.57
C ILE B 128 -8.35 54.03 -1.72
N LYS B 129 -7.84 54.17 -2.94
CA LYS B 129 -8.66 54.30 -4.13
C LYS B 129 -8.02 53.52 -5.27
N VAL B 130 -8.84 53.16 -6.26
CA VAL B 130 -8.35 52.40 -7.40
C VAL B 130 -8.84 53.02 -8.71
N CYS B 131 -9.14 54.31 -8.68
CA CYS B 131 -9.65 54.99 -9.86
C CYS B 131 -8.58 55.04 -10.96
N GLU B 132 -9.03 55.35 -12.18
CA GLU B 132 -8.13 55.61 -13.30
C GLU B 132 -7.60 57.03 -13.20
N PHE B 133 -6.61 57.21 -12.33
CA PHE B 133 -6.14 58.54 -11.99
C PHE B 133 -5.26 59.11 -13.10
N GLN B 134 -5.24 60.44 -13.18
CA GLN B 134 -4.33 61.17 -14.06
C GLN B 134 -3.18 61.68 -13.20
N PHE B 135 -2.16 60.84 -13.06
CA PHE B 135 -1.04 61.17 -12.19
C PHE B 135 -0.12 62.21 -12.83
N CYS B 136 0.62 62.91 -11.98
CA CYS B 136 1.64 63.84 -12.43
C CYS B 136 2.89 63.09 -12.82
N ASN B 137 3.80 63.80 -13.51
CA ASN B 137 5.06 63.19 -13.91
C ASN B 137 5.89 62.78 -12.68
N ASP B 138 5.94 63.63 -11.67
CA ASP B 138 6.68 63.36 -10.43
C ASP B 138 5.76 63.64 -9.24
N PRO B 139 4.77 62.79 -9.00
CA PRO B 139 3.80 63.07 -7.94
C PRO B 139 4.44 63.01 -6.56
N PHE B 140 3.89 63.82 -5.66
CA PHE B 140 4.34 63.85 -4.27
C PHE B 140 3.39 64.68 -3.42
N ASN B 164 -11.24 58.47 -12.70
CA ASN B 164 -12.63 58.03 -12.66
C ASN B 164 -12.73 56.52 -12.79
N ASN B 165 -13.96 56.02 -12.99
CA ASN B 165 -14.24 54.59 -13.13
C ASN B 165 -13.72 53.81 -11.92
N CYS B 166 -13.86 54.40 -10.73
CA CYS B 166 -13.40 53.75 -9.52
C CYS B 166 -14.21 52.49 -9.25
N THR B 167 -13.54 51.44 -8.77
CA THR B 167 -14.19 50.20 -8.36
C THR B 167 -14.17 49.99 -6.85
N PHE B 168 -13.35 50.74 -6.12
CA PHE B 168 -13.25 50.61 -4.68
C PHE B 168 -12.71 51.90 -4.10
N GLU B 169 -13.17 52.25 -2.90
CA GLU B 169 -12.72 53.45 -2.21
C GLU B 169 -12.98 53.28 -0.72
N TYR B 170 -11.94 53.48 0.08
CA TYR B 170 -12.03 53.31 1.53
C TYR B 170 -11.35 54.47 2.24
N VAL B 171 -11.93 54.87 3.37
CA VAL B 171 -11.37 55.90 4.24
C VAL B 171 -11.37 55.36 5.66
N SER B 172 -10.24 55.50 6.35
CA SER B 172 -10.14 55.05 7.73
C SER B 172 -10.58 56.13 8.71
N ASN B 188 11.86 56.00 14.30
CA ASN B 188 10.74 55.07 14.19
C ASN B 188 10.85 54.19 12.95
N LEU B 189 10.60 52.90 13.13
CA LEU B 189 10.68 51.91 12.06
C LEU B 189 9.28 51.46 11.68
N ARG B 190 9.00 51.47 10.38
CA ARG B 190 7.74 50.97 9.84
C ARG B 190 8.07 49.95 8.77
N GLU B 191 7.65 48.70 9.00
CA GLU B 191 7.81 47.62 8.04
C GLU B 191 6.46 47.31 7.39
N PHE B 192 6.48 47.07 6.08
CA PHE B 192 5.28 46.73 5.34
C PHE B 192 5.58 45.58 4.38
N VAL B 193 4.56 44.77 4.14
CA VAL B 193 4.62 43.69 3.15
C VAL B 193 3.38 43.81 2.27
N PHE B 194 3.59 43.96 0.96
CA PHE B 194 2.53 44.04 -0.01
C PHE B 194 2.61 42.81 -0.90
N LYS B 195 1.49 42.09 -1.04
CA LYS B 195 1.48 40.88 -1.83
C LYS B 195 0.15 40.73 -2.54
N ASN B 196 0.11 39.79 -3.48
CA ASN B 196 -1.11 39.48 -4.22
C ASN B 196 -1.39 37.98 -4.21
N TYR B 200 -5.82 38.24 -4.24
CA TYR B 200 -6.07 39.67 -4.11
C TYR B 200 -5.01 40.34 -3.25
N PHE B 201 -5.15 41.64 -3.03
CA PHE B 201 -4.09 42.43 -2.43
C PHE B 201 -4.08 42.26 -0.91
N LYS B 202 -2.90 42.10 -0.35
CA LYS B 202 -2.72 41.89 1.08
C LYS B 202 -1.62 42.81 1.59
N ILE B 203 -1.92 43.55 2.65
CA ILE B 203 -0.98 44.48 3.28
C ILE B 203 -0.79 44.06 4.73
N TYR B 204 0.43 43.67 5.07
CA TYR B 204 0.86 43.41 6.44
C TYR B 204 1.82 44.52 6.86
N SER B 205 1.94 44.74 8.16
CA SER B 205 2.84 45.80 8.61
C SER B 205 3.17 45.64 10.09
N LYS B 206 4.11 46.48 10.53
CA LYS B 206 4.53 46.56 11.92
C LYS B 206 5.18 47.92 12.15
N HIS B 207 4.97 48.46 13.35
CA HIS B 207 5.54 49.74 13.74
C HIS B 207 6.29 49.56 15.05
N THR B 208 7.53 50.05 15.10
CA THR B 208 8.40 49.89 16.25
C THR B 208 9.16 51.18 16.48
N PRO B 209 9.64 51.41 17.70
CA PRO B 209 10.54 52.54 17.95
C PRO B 209 12.01 52.17 17.80
N ILE B 210 12.80 53.15 17.39
CA ILE B 210 14.23 52.96 17.22
C ILE B 210 15.00 54.14 17.81
N ASP B 215 22.75 50.39 8.66
CA ASP B 215 21.72 51.41 8.79
C ASP B 215 20.38 50.78 9.16
N LEU B 216 20.13 49.58 8.64
CA LEU B 216 18.91 48.84 8.96
C LEU B 216 19.14 48.06 10.25
N PRO B 217 18.39 48.33 11.32
CA PRO B 217 18.64 47.65 12.59
C PRO B 217 18.47 46.14 12.47
N GLN B 218 19.32 45.41 13.17
CA GLN B 218 19.25 43.95 13.20
C GLN B 218 18.30 43.48 14.29
N GLY B 219 17.64 42.37 14.04
CA GLY B 219 16.69 41.82 14.99
C GLY B 219 15.67 40.97 14.27
N PHE B 220 14.70 40.50 15.05
CA PHE B 220 13.62 39.65 14.56
C PHE B 220 12.29 40.17 15.06
N SER B 221 11.31 40.25 14.16
CA SER B 221 9.97 40.69 14.53
C SER B 221 8.97 40.05 13.58
N ALA B 222 7.74 39.92 14.05
CA ALA B 222 6.66 39.30 13.29
C ALA B 222 5.65 40.38 12.92
N LEU B 223 5.40 40.52 11.62
CA LEU B 223 4.42 41.47 11.14
C LEU B 223 3.02 40.86 11.17
N GLU B 224 2.02 41.71 11.40
CA GLU B 224 0.66 41.22 11.48
C GLU B 224 -0.17 41.69 10.28
N PRO B 225 -1.14 40.90 9.84
CA PRO B 225 -2.03 41.35 8.77
C PRO B 225 -2.81 42.60 9.18
N LEU B 226 -2.90 43.55 8.26
CA LEU B 226 -3.61 44.79 8.51
C LEU B 226 -4.74 45.04 7.53
N VAL B 227 -4.49 44.92 6.23
CA VAL B 227 -5.46 45.35 5.22
C VAL B 227 -5.59 44.25 4.17
N ASP B 228 -6.84 43.99 3.76
CA ASP B 228 -7.14 43.11 2.64
C ASP B 228 -7.93 43.88 1.59
N LEU B 229 -7.45 43.88 0.35
CA LEU B 229 -8.13 44.55 -0.75
C LEU B 229 -8.52 43.51 -1.80
N PRO B 230 -9.79 43.12 -1.87
CA PRO B 230 -10.24 42.17 -2.91
C PRO B 230 -10.53 42.88 -4.23
N ILE B 231 -9.48 43.41 -4.83
CA ILE B 231 -9.60 44.17 -6.07
C ILE B 231 -9.13 43.37 -7.28
N GLY B 232 -8.09 42.56 -7.11
CA GLY B 232 -7.56 41.75 -8.21
C GLY B 232 -7.04 42.59 -9.35
N ILE B 233 -6.26 43.61 -9.04
CA ILE B 233 -5.70 44.51 -10.04
C ILE B 233 -4.32 44.00 -10.46
N ASN B 234 -4.08 43.97 -11.76
CA ASN B 234 -2.77 43.62 -12.29
C ASN B 234 -1.76 44.68 -11.86
N ILE B 235 -0.73 44.25 -11.13
CA ILE B 235 0.27 45.15 -10.58
C ILE B 235 1.64 44.60 -10.95
N THR B 236 2.43 45.39 -11.69
CA THR B 236 3.80 45.04 -12.01
C THR B 236 4.79 46.14 -11.64
N ARG B 237 4.33 47.31 -11.22
CA ARG B 237 5.19 48.44 -10.95
C ARG B 237 4.55 49.29 -9.86
N PHE B 238 5.37 50.07 -9.17
CA PHE B 238 4.87 50.93 -8.10
C PHE B 238 5.88 52.03 -7.81
N GLN B 239 5.44 52.98 -6.99
CA GLN B 239 6.26 54.10 -6.58
C GLN B 239 5.77 54.62 -5.23
N THR B 240 6.66 55.32 -4.52
CA THR B 240 6.34 55.93 -3.24
C THR B 240 6.13 57.43 -3.40
N LEU B 241 5.37 58.01 -2.48
CA LEU B 241 5.04 59.42 -2.49
C LEU B 241 5.40 60.01 -1.13
N LEU B 242 6.44 60.85 -1.10
CA LEU B 242 6.96 61.39 0.14
C LEU B 242 7.09 62.91 0.07
N ALA B 263 14.28 61.13 6.24
CA ALA B 263 13.62 59.83 6.24
C ALA B 263 14.24 58.90 5.20
N ALA B 264 14.56 57.67 5.62
CA ALA B 264 15.17 56.69 4.74
C ALA B 264 14.23 55.49 4.60
N TYR B 265 14.35 54.80 3.48
CA TYR B 265 13.51 53.63 3.23
C TYR B 265 14.25 52.64 2.33
N TYR B 266 13.83 51.37 2.43
CA TYR B 266 14.42 50.27 1.70
C TYR B 266 13.32 49.44 1.06
N VAL B 267 13.65 48.84 -0.09
CA VAL B 267 12.72 48.03 -0.86
C VAL B 267 13.35 46.67 -1.09
N GLY B 268 12.57 45.60 -0.87
CA GLY B 268 13.01 44.27 -1.19
C GLY B 268 11.89 43.48 -1.85
N TYR B 269 12.28 42.37 -2.48
CA TYR B 269 11.37 41.56 -3.28
C TYR B 269 11.26 40.16 -2.66
N LEU B 270 10.03 39.67 -2.56
CA LEU B 270 9.77 38.38 -1.94
C LEU B 270 10.03 37.24 -2.94
N GLN B 271 10.35 36.07 -2.39
CA GLN B 271 10.53 34.85 -3.14
C GLN B 271 9.69 33.74 -2.53
N PRO B 272 9.26 32.76 -3.35
CA PRO B 272 8.49 31.61 -2.83
C PRO B 272 9.37 30.56 -2.15
N ARG B 273 9.64 30.80 -0.87
CA ARG B 273 10.60 30.00 -0.13
C ARG B 273 9.96 29.38 1.11
N THR B 274 10.26 28.11 1.35
CA THR B 274 9.76 27.42 2.53
C THR B 274 10.41 27.99 3.79
N PHE B 275 9.62 28.10 4.86
CA PHE B 275 10.08 28.61 6.13
C PHE B 275 9.54 27.76 7.26
N LEU B 276 10.35 27.58 8.29
CA LEU B 276 9.94 26.93 9.53
C LEU B 276 9.88 27.98 10.63
N LEU B 277 8.69 28.24 11.14
CA LEU B 277 8.42 29.29 12.11
C LEU B 277 8.17 28.71 13.49
N LYS B 278 8.57 29.47 14.51
CA LYS B 278 8.52 29.03 15.91
C LYS B 278 7.44 29.85 16.63
N TYR B 279 6.23 29.31 16.69
CA TYR B 279 5.13 29.98 17.38
C TYR B 279 5.28 29.78 18.88
N ASN B 280 5.49 30.88 19.60
CA ASN B 280 5.56 30.88 21.06
C ASN B 280 4.21 30.51 21.65
N GLU B 281 4.20 30.21 22.96
CA GLU B 281 2.93 29.94 23.63
C GLU B 281 1.99 31.12 23.56
N ASN B 282 2.51 32.34 23.42
CA ASN B 282 1.69 33.52 23.20
C ASN B 282 1.22 33.65 21.75
N GLY B 283 1.58 32.70 20.89
CA GLY B 283 1.22 32.76 19.49
C GLY B 283 2.04 33.72 18.66
N THR B 284 3.15 34.22 19.18
CA THR B 284 4.01 35.17 18.47
C THR B 284 5.17 34.43 17.82
N ILE B 285 5.49 34.82 16.60
CA ILE B 285 6.62 34.25 15.87
C ILE B 285 7.91 34.80 16.46
N THR B 286 8.57 34.02 17.31
CA THR B 286 9.80 34.45 17.95
C THR B 286 11.06 34.10 17.16
N ASP B 287 10.95 33.28 16.12
CA ASP B 287 12.10 32.94 15.30
C ASP B 287 11.61 32.15 14.08
N ALA B 288 12.45 32.12 13.05
CA ALA B 288 12.13 31.38 11.84
C ALA B 288 13.43 31.01 11.14
N VAL B 289 13.34 29.98 10.30
CA VAL B 289 14.47 29.54 9.48
C VAL B 289 14.00 29.47 8.02
N ASP B 290 14.77 30.11 7.14
CA ASP B 290 14.60 30.02 5.70
C ASP B 290 15.21 28.71 5.21
N CYS B 291 14.36 27.75 4.85
CA CYS B 291 14.79 26.39 4.57
C CYS B 291 15.67 26.29 3.32
N ALA B 292 15.90 27.38 2.60
CA ALA B 292 16.75 27.35 1.41
C ALA B 292 17.97 28.25 1.53
N LEU B 293 18.18 28.91 2.66
CA LEU B 293 19.29 29.86 2.77
C LEU B 293 20.64 29.18 2.66
N ASP B 294 20.83 28.08 3.37
CA ASP B 294 22.12 27.42 3.47
C ASP B 294 21.89 25.94 3.78
N PRO B 295 22.89 25.09 3.52
CA PRO B 295 22.74 23.67 3.90
C PRO B 295 22.43 23.47 5.38
N LEU B 296 23.01 24.30 6.25
CA LEU B 296 22.69 24.20 7.67
C LEU B 296 21.20 24.45 7.90
N SER B 297 20.64 25.47 7.24
CA SER B 297 19.21 25.71 7.34
C SER B 297 18.41 24.56 6.73
N GLU B 298 18.92 23.98 5.64
CA GLU B 298 18.31 22.78 5.07
C GLU B 298 18.17 21.68 6.10
N THR B 299 19.25 21.40 6.82
CA THR B 299 19.21 20.40 7.89
C THR B 299 18.24 20.82 8.99
N LYS B 300 18.23 22.11 9.33
CA LYS B 300 17.34 22.60 10.37
C LYS B 300 15.88 22.31 10.04
N CYS B 301 15.47 22.60 8.80
CA CYS B 301 14.07 22.36 8.44
C CYS B 301 13.79 20.87 8.27
N THR B 302 14.71 20.12 7.65
CA THR B 302 14.47 18.70 7.41
C THR B 302 14.32 17.92 8.71
N LEU B 303 14.93 18.39 9.80
CA LEU B 303 14.77 17.78 11.11
C LEU B 303 13.66 18.41 11.93
N LYS B 304 13.04 19.48 11.43
CA LYS B 304 11.97 20.18 12.14
C LYS B 304 12.44 20.67 13.51
N SER B 305 13.56 21.38 13.53
CA SER B 305 14.07 21.95 14.76
C SER B 305 15.01 23.11 14.43
N PHE B 306 15.13 24.03 15.39
CA PHE B 306 16.04 25.15 15.28
C PHE B 306 17.44 24.83 15.77
N THR B 307 17.65 23.66 16.36
CA THR B 307 18.96 23.23 16.83
C THR B 307 19.24 21.83 16.30
N VAL B 308 20.49 21.57 15.96
CA VAL B 308 20.90 20.31 15.37
C VAL B 308 22.07 19.76 16.17
N GLU B 309 21.97 18.49 16.57
CA GLU B 309 23.05 17.83 17.26
C GLU B 309 24.13 17.39 16.28
N LYS B 310 25.31 17.12 16.82
CA LYS B 310 26.43 16.67 16.00
C LYS B 310 26.09 15.38 15.28
N GLY B 311 26.48 15.29 14.01
CA GLY B 311 26.25 14.10 13.22
C GLY B 311 26.18 14.43 11.75
N ILE B 312 25.84 13.42 10.97
CA ILE B 312 25.67 13.54 9.52
C ILE B 312 24.22 13.18 9.20
N TYR B 313 23.53 14.08 8.50
CA TYR B 313 22.14 13.87 8.12
C TYR B 313 21.98 14.04 6.62
N GLN B 314 21.00 13.33 6.06
CA GLN B 314 20.61 13.50 4.67
C GLN B 314 19.42 14.44 4.61
N THR B 315 19.50 15.43 3.73
CA THR B 315 18.48 16.48 3.67
C THR B 315 17.79 16.59 2.32
N SER B 316 18.47 16.28 1.21
CA SER B 316 17.90 16.43 -0.12
C SER B 316 18.74 15.63 -1.10
N ASN B 317 18.40 15.75 -2.38
CA ASN B 317 19.06 15.01 -3.43
C ASN B 317 19.50 15.97 -4.52
N PHE B 318 20.79 15.95 -4.84
CA PHE B 318 21.31 16.68 -5.98
C PHE B 318 21.08 15.88 -7.25
N ARG B 319 20.49 16.54 -8.25
CA ARG B 319 20.18 15.92 -9.55
C ARG B 319 20.43 16.94 -10.64
N VAL B 320 21.29 16.61 -11.60
CA VAL B 320 21.54 17.49 -12.72
C VAL B 320 20.29 17.52 -13.60
N GLN B 321 19.89 18.72 -14.02
CA GLN B 321 18.71 18.86 -14.84
C GLN B 321 19.07 18.78 -16.32
N PRO B 322 18.14 18.31 -17.16
CA PRO B 322 18.41 18.25 -18.61
C PRO B 322 18.49 19.64 -19.21
N THR B 323 19.61 19.90 -19.91
CA THR B 323 19.87 21.24 -20.41
C THR B 323 18.92 21.59 -21.56
N GLU B 324 18.63 20.63 -22.43
CA GLU B 324 17.65 20.85 -23.50
C GLU B 324 17.02 19.51 -23.85
N SER B 325 16.17 19.53 -24.87
CA SER B 325 15.41 18.37 -25.31
C SER B 325 15.81 17.98 -26.73
N ILE B 326 15.77 16.68 -27.01
CA ILE B 326 16.05 16.15 -28.34
C ILE B 326 14.92 15.19 -28.72
N VAL B 327 14.53 15.23 -29.98
CA VAL B 327 13.50 14.36 -30.54
C VAL B 327 14.04 13.74 -31.81
N ARG B 328 13.93 12.41 -31.92
CA ARG B 328 14.50 11.68 -33.05
C ARG B 328 13.46 10.73 -33.63
N PHE B 329 13.27 10.80 -34.94
CA PHE B 329 12.36 9.94 -35.68
C PHE B 329 13.04 9.52 -36.96
N PRO B 330 12.60 8.41 -37.58
CA PRO B 330 13.20 7.97 -38.85
C PRO B 330 13.05 9.00 -39.96
N ASN B 331 13.74 8.73 -41.06
CA ASN B 331 13.76 9.63 -42.20
C ASN B 331 12.38 9.72 -42.85
N ILE B 332 11.93 10.94 -43.15
CA ILE B 332 10.54 11.14 -43.71
C ILE B 332 10.51 10.73 -45.20
N THR B 333 10.89 9.49 -45.51
CA THR B 333 10.87 8.99 -46.92
C THR B 333 9.44 8.90 -47.47
N ASN B 334 8.48 8.43 -46.66
CA ASN B 334 7.09 8.20 -47.16
C ASN B 334 6.42 9.53 -47.52
N LEU B 335 5.58 9.52 -48.57
CA LEU B 335 4.97 10.77 -49.12
C LEU B 335 3.59 10.48 -49.72
N CYS B 336 2.56 11.22 -49.29
CA CYS B 336 1.22 11.09 -49.85
C CYS B 336 1.14 11.71 -51.23
N PRO B 337 0.37 11.13 -52.16
CA PRO B 337 0.30 11.61 -53.54
C PRO B 337 -0.63 12.81 -53.73
N PHE B 338 -0.40 13.86 -52.94
CA PHE B 338 -1.18 15.08 -53.10
C PHE B 338 -0.83 15.81 -54.39
N GLY B 339 0.42 15.69 -54.85
CA GLY B 339 0.82 16.37 -56.07
C GLY B 339 0.08 15.88 -57.30
N GLU B 340 -0.38 14.63 -57.29
CA GLU B 340 -1.13 14.11 -58.44
C GLU B 340 -2.48 14.79 -58.57
N VAL B 341 -3.13 15.11 -57.45
CA VAL B 341 -4.50 15.60 -57.49
C VAL B 341 -4.52 17.10 -57.80
N PHE B 342 -3.79 17.90 -57.02
CA PHE B 342 -3.80 19.34 -57.23
C PHE B 342 -3.18 19.72 -58.56
N ASN B 343 -2.03 19.14 -58.90
CA ASN B 343 -1.33 19.42 -60.14
C ASN B 343 -1.77 18.52 -61.30
N ALA B 344 -3.00 18.02 -61.26
CA ALA B 344 -3.52 17.19 -62.35
C ALA B 344 -3.78 18.03 -63.60
N THR B 345 -3.66 17.37 -64.76
CA THR B 345 -3.84 18.08 -66.03
C THR B 345 -5.30 18.22 -66.41
N ARG B 346 -6.11 17.18 -66.21
CA ARG B 346 -7.53 17.22 -66.51
C ARG B 346 -8.34 17.03 -65.23
N PHE B 347 -9.39 17.84 -65.08
CA PHE B 347 -10.33 17.74 -63.98
C PHE B 347 -11.67 17.22 -64.47
N ALA B 348 -12.42 16.60 -63.56
CA ALA B 348 -13.69 15.99 -63.90
C ALA B 348 -14.83 16.99 -63.77
N SER B 349 -15.91 16.71 -64.50
CA SER B 349 -17.15 17.47 -64.32
C SER B 349 -17.74 17.18 -62.95
N VAL B 350 -18.47 18.17 -62.40
CA VAL B 350 -18.89 18.10 -61.01
C VAL B 350 -19.87 16.95 -60.77
N TYR B 351 -20.72 16.63 -61.76
CA TYR B 351 -21.66 15.52 -61.58
C TYR B 351 -20.93 14.19 -61.48
N ALA B 352 -19.86 14.02 -62.25
CA ALA B 352 -19.03 12.82 -62.22
C ALA B 352 -17.73 13.06 -61.48
N TRP B 353 -17.84 13.58 -60.26
CA TRP B 353 -16.67 14.02 -59.51
C TRP B 353 -15.74 12.85 -59.22
N ASN B 354 -14.43 13.13 -59.27
CA ASN B 354 -13.41 12.11 -59.11
C ASN B 354 -13.08 11.94 -57.63
N ARG B 355 -12.77 10.70 -57.25
CA ARG B 355 -12.38 10.40 -55.88
C ARG B 355 -11.06 9.64 -55.88
N LYS B 356 -10.07 10.16 -55.15
CA LYS B 356 -8.80 9.50 -54.94
C LYS B 356 -8.71 9.06 -53.49
N ARG B 357 -8.35 7.80 -53.28
CA ARG B 357 -8.22 7.23 -51.95
C ARG B 357 -6.75 7.25 -51.55
N ILE B 358 -6.42 8.01 -50.50
CA ILE B 358 -5.05 8.20 -50.04
C ILE B 358 -4.87 7.41 -48.75
N SER B 359 -3.85 6.54 -48.73
CA SER B 359 -3.60 5.69 -47.57
C SER B 359 -2.13 5.32 -47.52
N ASN B 360 -1.65 5.05 -46.32
CA ASN B 360 -0.30 4.54 -46.05
C ASN B 360 0.77 5.47 -46.62
N CYS B 361 0.86 6.64 -46.00
CA CYS B 361 1.80 7.66 -46.46
C CYS B 361 1.87 8.76 -45.41
N VAL B 362 3.00 9.48 -45.41
CA VAL B 362 3.20 10.62 -44.53
C VAL B 362 2.75 11.87 -45.27
N ALA B 363 1.71 12.51 -44.74
CA ALA B 363 1.06 13.63 -45.43
C ALA B 363 1.72 14.93 -45.03
N ASP B 364 2.26 15.65 -46.02
CA ASP B 364 2.89 16.95 -45.80
C ASP B 364 1.88 18.02 -46.19
N TYR B 365 1.11 18.49 -45.21
CA TYR B 365 0.11 19.51 -45.46
C TYR B 365 0.71 20.90 -45.63
N SER B 366 2.01 21.06 -45.39
CA SER B 366 2.65 22.36 -45.54
C SER B 366 2.70 22.80 -46.99
N VAL B 367 2.69 21.86 -47.94
CA VAL B 367 2.68 22.20 -49.35
C VAL B 367 1.41 22.95 -49.73
N LEU B 368 0.37 22.88 -48.89
CA LEU B 368 -0.94 23.42 -49.24
C LEU B 368 -1.25 24.74 -48.55
N TYR B 369 -1.25 24.77 -47.22
CA TYR B 369 -1.63 26.00 -46.53
C TYR B 369 -0.56 27.09 -46.63
N ASN B 370 0.64 26.76 -47.12
CA ASN B 370 1.66 27.77 -47.38
C ASN B 370 1.72 28.18 -48.84
N SER B 371 0.72 27.80 -49.63
CA SER B 371 0.66 28.16 -51.04
C SER B 371 -0.28 29.35 -51.22
N ALA B 372 0.21 30.39 -51.89
CA ALA B 372 -0.56 31.60 -52.13
C ALA B 372 -1.38 31.55 -53.42
N SER B 373 -1.55 30.36 -54.00
CA SER B 373 -2.26 30.19 -55.26
C SER B 373 -3.70 29.73 -55.08
N PHE B 374 -4.24 29.82 -53.86
CA PHE B 374 -5.59 29.36 -53.57
C PHE B 374 -6.46 30.53 -53.14
N SER B 375 -7.64 30.65 -53.77
CA SER B 375 -8.56 31.72 -53.43
C SER B 375 -9.56 31.32 -52.37
N THR B 376 -9.81 30.02 -52.19
CA THR B 376 -10.70 29.52 -51.15
C THR B 376 -10.04 28.34 -50.47
N PHE B 377 -10.01 28.37 -49.14
CA PHE B 377 -9.34 27.35 -48.34
C PHE B 377 -9.97 27.30 -46.96
N LYS B 378 -11.08 26.58 -46.83
CA LYS B 378 -11.85 26.54 -45.59
C LYS B 378 -11.86 25.12 -45.06
N CYS B 379 -11.50 24.96 -43.79
CA CYS B 379 -11.45 23.66 -43.13
C CYS B 379 -12.53 23.57 -42.07
N TYR B 380 -13.05 22.36 -41.89
CA TYR B 380 -14.17 22.12 -40.99
C TYR B 380 -13.80 20.98 -40.05
N GLY B 381 -13.92 21.24 -38.74
CA GLY B 381 -13.61 20.23 -37.76
C GLY B 381 -12.14 19.91 -37.61
N VAL B 382 -11.26 20.79 -38.06
CA VAL B 382 -9.82 20.56 -37.96
C VAL B 382 -9.11 21.89 -38.26
N SER B 383 -7.89 22.02 -37.76
CA SER B 383 -7.11 23.23 -38.01
C SER B 383 -6.13 22.99 -39.15
N PRO B 384 -5.98 23.96 -40.05
CA PRO B 384 -5.07 23.75 -41.20
C PRO B 384 -3.62 23.58 -40.78
N THR B 385 -3.14 24.44 -39.89
CA THR B 385 -1.75 24.33 -39.44
C THR B 385 -1.55 23.14 -38.51
N LYS B 386 -2.59 22.74 -37.78
CA LYS B 386 -2.52 21.64 -36.83
C LYS B 386 -2.86 20.30 -37.45
N LEU B 387 -2.70 20.15 -38.78
CA LEU B 387 -3.03 18.91 -39.45
C LEU B 387 -1.85 17.96 -39.58
N ASN B 388 -0.62 18.49 -39.58
CA ASN B 388 0.57 17.65 -39.63
C ASN B 388 0.80 16.87 -38.33
N ASP B 389 -0.02 17.09 -37.30
CA ASP B 389 0.12 16.38 -36.03
C ASP B 389 -1.02 15.42 -35.76
N LEU B 390 -1.91 15.21 -36.74
CA LEU B 390 -3.08 14.38 -36.58
C LEU B 390 -2.97 13.17 -37.51
N CYS B 391 -3.23 11.99 -36.97
CA CYS B 391 -3.24 10.76 -37.75
C CYS B 391 -4.67 10.34 -38.03
N PHE B 392 -4.92 9.89 -39.26
CA PHE B 392 -6.24 9.45 -39.67
C PHE B 392 -6.12 8.12 -40.39
N THR B 393 -7.24 7.39 -40.44
CA THR B 393 -7.25 6.08 -41.08
C THR B 393 -7.26 6.21 -42.60
N ASN B 394 -8.14 7.07 -43.13
CA ASN B 394 -8.22 7.27 -44.57
C ASN B 394 -8.50 8.74 -44.87
N VAL B 395 -7.91 9.24 -45.95
CA VAL B 395 -8.12 10.60 -46.44
C VAL B 395 -8.65 10.51 -47.86
N TYR B 396 -9.73 11.25 -48.14
CA TYR B 396 -10.37 11.26 -49.45
C TYR B 396 -10.22 12.63 -50.08
N ALA B 397 -9.74 12.66 -51.32
CA ALA B 397 -9.56 13.91 -52.07
C ALA B 397 -10.50 13.85 -53.28
N ASP B 398 -11.53 14.69 -53.27
CA ASP B 398 -12.50 14.77 -54.35
C ASP B 398 -12.27 16.05 -55.13
N SER B 399 -12.26 15.93 -56.46
CA SER B 399 -11.90 17.05 -57.33
C SER B 399 -12.88 17.16 -58.49
N PHE B 400 -13.23 18.40 -58.82
CA PHE B 400 -14.20 18.70 -59.87
C PHE B 400 -14.06 20.17 -60.24
N VAL B 401 -14.90 20.62 -61.17
CA VAL B 401 -14.87 21.99 -61.67
C VAL B 401 -16.29 22.55 -61.64
N ILE B 402 -16.43 23.77 -61.14
CA ILE B 402 -17.71 24.46 -61.03
C ILE B 402 -17.51 25.93 -61.37
N ARG B 403 -18.58 26.71 -61.25
CA ARG B 403 -18.50 28.16 -61.37
C ARG B 403 -18.00 28.78 -60.07
N GLY B 404 -17.40 29.95 -60.20
CA GLY B 404 -17.03 30.71 -59.01
C GLY B 404 -18.22 31.08 -58.15
N ASP B 405 -19.37 31.33 -58.78
CA ASP B 405 -20.60 31.61 -58.05
C ASP B 405 -20.97 30.47 -57.11
N GLU B 406 -20.62 29.24 -57.46
CA GLU B 406 -21.07 28.06 -56.75
C GLU B 406 -20.03 27.47 -55.82
N VAL B 407 -18.92 28.18 -55.60
CA VAL B 407 -17.93 27.73 -54.61
C VAL B 407 -18.53 27.77 -53.22
N ARG B 408 -19.41 28.73 -52.96
CA ARG B 408 -20.07 28.85 -51.67
C ARG B 408 -20.94 27.65 -51.33
N GLN B 409 -21.35 26.86 -52.33
CA GLN B 409 -22.21 25.71 -52.08
C GLN B 409 -21.44 24.49 -51.59
N ILE B 410 -20.12 24.45 -51.80
CA ILE B 410 -19.31 23.34 -51.32
C ILE B 410 -19.00 23.58 -49.85
N ALA B 411 -20.00 23.36 -48.99
CA ALA B 411 -19.88 23.59 -47.56
C ALA B 411 -21.04 22.89 -46.88
N PRO B 412 -20.89 22.48 -45.62
CA PRO B 412 -21.97 21.77 -44.94
C PRO B 412 -23.23 22.61 -44.84
N GLY B 413 -24.37 21.96 -45.09
CA GLY B 413 -25.65 22.62 -44.93
C GLY B 413 -25.99 23.65 -45.98
N GLN B 414 -25.40 23.54 -47.17
CA GLN B 414 -25.68 24.47 -48.25
C GLN B 414 -26.71 23.87 -49.21
N THR B 415 -27.43 24.75 -49.90
CA THR B 415 -28.38 24.34 -50.92
C THR B 415 -28.08 25.08 -52.21
N GLY B 416 -28.65 24.58 -53.30
CA GLY B 416 -28.39 25.13 -54.61
C GLY B 416 -28.29 24.04 -55.66
N LYS B 417 -28.20 24.42 -56.94
CA LYS B 417 -28.16 23.42 -58.01
C LYS B 417 -26.98 22.47 -57.85
N ILE B 418 -25.89 22.93 -57.26
CA ILE B 418 -24.71 22.07 -57.10
C ILE B 418 -24.84 21.22 -55.83
N ALA B 419 -25.13 21.86 -54.70
CA ALA B 419 -25.19 21.13 -53.43
C ALA B 419 -26.30 20.08 -53.43
N ASP B 420 -27.40 20.34 -54.14
CA ASP B 420 -28.52 19.40 -54.12
C ASP B 420 -28.30 18.25 -55.10
N TYR B 421 -27.74 18.53 -56.29
CA TYR B 421 -27.80 17.60 -57.41
C TYR B 421 -26.45 17.14 -57.92
N ASN B 422 -25.34 17.60 -57.37
CA ASN B 422 -24.04 17.22 -57.91
C ASN B 422 -23.08 16.71 -56.84
N TYR B 423 -22.86 17.50 -55.80
CA TYR B 423 -21.91 17.16 -54.75
C TYR B 423 -22.43 17.76 -53.46
N LYS B 424 -22.64 16.93 -52.45
CA LYS B 424 -23.25 17.34 -51.19
C LYS B 424 -22.32 17.00 -50.04
N LEU B 425 -22.04 17.99 -49.20
CA LEU B 425 -21.26 17.68 -48.02
C LEU B 425 -22.18 17.46 -46.83
N PRO B 426 -21.84 16.55 -45.93
CA PRO B 426 -22.67 16.35 -44.74
C PRO B 426 -22.52 17.51 -43.78
N ASP B 427 -23.49 17.61 -42.88
CA ASP B 427 -23.45 18.69 -41.88
C ASP B 427 -22.30 18.49 -40.91
N ASP B 428 -21.91 17.25 -40.65
CA ASP B 428 -20.80 16.90 -39.78
C ASP B 428 -19.48 16.73 -40.55
N PHE B 429 -19.29 17.47 -41.64
CA PHE B 429 -18.09 17.32 -42.46
C PHE B 429 -16.84 17.59 -41.65
N THR B 430 -15.85 16.70 -41.80
CA THR B 430 -14.53 16.85 -41.17
C THR B 430 -13.49 16.85 -42.28
N GLY B 431 -13.08 18.03 -42.72
CA GLY B 431 -12.11 18.12 -43.79
C GLY B 431 -11.92 19.57 -44.21
N CYS B 432 -11.43 19.73 -45.44
CA CYS B 432 -11.07 21.05 -45.96
C CYS B 432 -11.53 21.19 -47.39
N VAL B 433 -11.99 22.38 -47.75
CA VAL B 433 -12.40 22.71 -49.11
C VAL B 433 -11.41 23.72 -49.66
N ILE B 434 -10.80 23.38 -50.79
CA ILE B 434 -9.77 24.21 -51.41
C ILE B 434 -10.19 24.51 -52.84
N ALA B 435 -10.08 25.78 -53.24
CA ALA B 435 -10.52 26.21 -54.56
C ALA B 435 -9.57 27.27 -55.09
N TRP B 436 -9.52 27.38 -56.42
CA TRP B 436 -8.74 28.40 -57.08
C TRP B 436 -9.28 28.59 -58.49
N ASN B 437 -9.11 29.80 -59.01
CA ASN B 437 -9.58 30.09 -60.35
C ASN B 437 -8.72 29.35 -61.38
N SER B 438 -9.38 28.84 -62.43
CA SER B 438 -8.71 28.13 -63.51
C SER B 438 -9.24 28.59 -64.86
N ASN B 439 -9.59 29.88 -64.96
CA ASN B 439 -10.08 30.42 -66.22
C ASN B 439 -9.02 30.33 -67.32
N ASN B 440 -7.75 30.33 -66.93
CA ASN B 440 -6.67 30.23 -67.91
C ASN B 440 -6.60 28.83 -68.52
N LEU B 441 -7.08 27.81 -67.81
CA LEU B 441 -7.00 26.43 -68.27
C LEU B 441 -8.33 25.89 -68.82
N ASP B 442 -9.44 26.17 -68.16
CA ASP B 442 -10.69 25.45 -68.41
C ASP B 442 -11.70 26.26 -69.22
N SER B 443 -11.32 27.40 -69.77
CA SER B 443 -12.19 28.20 -70.64
C SER B 443 -11.57 28.31 -72.02
N LYS B 444 -12.35 27.97 -73.04
CA LYS B 444 -11.93 28.10 -74.43
C LYS B 444 -12.52 29.37 -75.04
N VAL B 445 -11.88 29.83 -76.13
CA VAL B 445 -12.30 31.08 -76.77
C VAL B 445 -13.72 30.95 -77.31
N GLY B 446 -13.97 29.91 -78.10
CA GLY B 446 -15.30 29.63 -78.58
C GLY B 446 -16.26 29.10 -77.55
N GLY B 447 -15.80 28.85 -76.32
CA GLY B 447 -16.64 28.30 -75.28
C GLY B 447 -16.36 26.85 -74.99
N ASN B 448 -15.95 26.54 -73.76
CA ASN B 448 -15.68 25.17 -73.36
C ASN B 448 -16.96 24.51 -72.89
N TYR B 449 -17.26 23.33 -73.45
CA TYR B 449 -18.48 22.60 -73.11
C TYR B 449 -18.19 21.20 -72.57
N ASN B 450 -16.95 20.89 -72.23
CA ASN B 450 -16.60 19.58 -71.68
C ASN B 450 -16.97 19.44 -70.21
N TYR B 451 -17.19 20.54 -69.49
CA TYR B 451 -17.53 20.50 -68.08
C TYR B 451 -19.03 20.67 -67.90
N LEU B 452 -19.65 19.75 -67.14
CA LEU B 452 -21.09 19.67 -67.02
C LEU B 452 -21.50 19.70 -65.55
N TYR B 453 -22.79 19.99 -65.32
CA TYR B 453 -23.38 19.89 -63.99
C TYR B 453 -24.81 19.39 -64.12
N ARG B 454 -25.26 18.64 -63.13
CA ARG B 454 -26.61 18.11 -63.12
C ARG B 454 -27.62 19.20 -62.78
N LEU B 455 -28.63 19.36 -63.64
CA LEU B 455 -29.63 20.40 -63.47
C LEU B 455 -30.97 19.87 -62.97
N PHE B 456 -31.32 18.64 -63.29
CA PHE B 456 -32.61 18.07 -62.94
C PHE B 456 -32.42 16.82 -62.08
N ARG B 457 -33.10 16.79 -60.93
CA ARG B 457 -33.17 15.59 -60.11
C ARG B 457 -34.42 15.66 -59.25
N LYS B 458 -35.09 14.52 -59.09
CA LYS B 458 -36.34 14.48 -58.33
C LYS B 458 -36.10 14.80 -56.86
N SER B 459 -34.97 14.37 -56.31
CA SER B 459 -34.67 14.57 -54.90
C SER B 459 -33.19 14.93 -54.75
N ASN B 460 -32.86 15.51 -53.60
CA ASN B 460 -31.51 15.97 -53.36
C ASN B 460 -30.57 14.79 -53.11
N LEU B 461 -29.29 15.02 -53.36
CA LEU B 461 -28.27 14.00 -53.11
C LEU B 461 -27.96 13.88 -51.62
N LYS B 462 -27.72 12.65 -51.19
CA LYS B 462 -27.19 12.41 -49.86
C LYS B 462 -25.71 12.80 -49.82
N PRO B 463 -25.14 13.01 -48.63
CA PRO B 463 -23.72 13.35 -48.55
C PRO B 463 -22.83 12.37 -49.28
N PHE B 464 -21.92 12.92 -50.10
CA PHE B 464 -20.94 12.14 -50.87
C PHE B 464 -21.63 11.20 -51.87
N GLU B 465 -22.72 11.66 -52.47
CA GLU B 465 -23.41 10.90 -53.51
C GLU B 465 -22.93 11.33 -54.89
N ARG B 466 -22.70 10.35 -55.75
CA ARG B 466 -22.16 10.56 -57.09
C ARG B 466 -23.17 10.04 -58.11
N ASP B 467 -23.92 10.94 -58.72
CA ASP B 467 -24.94 10.59 -59.69
C ASP B 467 -24.41 10.87 -61.09
N ILE B 468 -24.26 9.81 -61.89
CA ILE B 468 -23.74 9.90 -63.25
C ILE B 468 -24.78 9.45 -64.29
N SER B 469 -26.05 9.47 -63.92
CA SER B 469 -27.11 9.02 -64.81
C SER B 469 -27.25 9.92 -66.03
N THR B 470 -27.64 9.31 -67.15
CA THR B 470 -27.95 10.02 -68.38
C THR B 470 -29.42 9.84 -68.78
N GLU B 471 -30.25 9.27 -67.90
CA GLU B 471 -31.67 9.06 -68.22
C GLU B 471 -32.38 10.39 -68.45
N ILE B 472 -33.30 10.40 -69.40
CA ILE B 472 -34.06 11.62 -69.68
C ILE B 472 -34.99 11.91 -68.51
N TYR B 473 -35.03 13.17 -68.09
CA TYR B 473 -35.74 13.57 -66.89
C TYR B 473 -37.22 13.74 -67.22
N GLN B 474 -38.07 12.98 -66.53
CA GLN B 474 -39.51 13.01 -66.80
C GLN B 474 -40.13 14.13 -65.98
N ALA B 475 -40.22 15.30 -66.59
CA ALA B 475 -40.75 16.49 -65.93
C ALA B 475 -42.26 16.62 -66.07
N GLY B 476 -42.90 15.76 -66.87
CA GLY B 476 -44.33 15.89 -67.10
C GLY B 476 -45.12 14.68 -66.69
N SER B 477 -46.40 14.65 -67.07
CA SER B 477 -47.26 13.52 -66.72
C SER B 477 -46.92 12.31 -67.58
N THR B 478 -46.62 12.52 -68.84
CA THR B 478 -46.33 11.45 -69.78
C THR B 478 -44.89 10.96 -69.63
N PRO B 479 -44.65 9.68 -69.86
CA PRO B 479 -43.28 9.16 -69.77
C PRO B 479 -42.47 9.53 -71.00
N CYS B 480 -41.15 9.54 -70.81
CA CYS B 480 -40.24 10.00 -71.84
C CYS B 480 -39.77 8.88 -72.77
N ASN B 481 -39.55 7.68 -72.22
CA ASN B 481 -39.03 6.54 -72.98
C ASN B 481 -37.71 6.88 -73.65
N GLY B 482 -36.85 7.59 -72.93
CA GLY B 482 -35.52 7.90 -73.42
C GLY B 482 -35.47 8.85 -74.61
N VAL B 483 -36.56 9.57 -74.87
CA VAL B 483 -36.64 10.50 -75.99
C VAL B 483 -36.82 11.90 -75.44
N GLU B 484 -36.05 12.85 -75.96
CA GLU B 484 -36.15 14.22 -75.51
C GLU B 484 -37.35 14.91 -76.18
N GLY B 485 -37.76 16.03 -75.59
CA GLY B 485 -38.96 16.72 -76.01
C GLY B 485 -39.53 17.50 -74.84
N PHE B 486 -40.79 17.92 -75.01
CA PHE B 486 -41.47 18.66 -73.97
C PHE B 486 -41.64 17.78 -72.73
N ASN B 487 -41.37 18.37 -71.57
CA ASN B 487 -41.43 17.67 -70.28
C ASN B 487 -40.50 16.45 -70.25
N CYS B 488 -39.49 16.44 -71.12
CA CYS B 488 -38.54 15.33 -71.21
C CYS B 488 -37.18 15.93 -71.58
N TYR B 489 -36.37 16.22 -70.56
CA TYR B 489 -35.15 16.99 -70.74
C TYR B 489 -33.93 16.16 -70.36
N PHE B 490 -32.83 16.43 -71.05
CA PHE B 490 -31.56 15.85 -70.67
C PHE B 490 -31.16 16.43 -69.31
N PRO B 491 -30.87 15.59 -68.31
CA PRO B 491 -30.73 16.10 -66.94
C PRO B 491 -29.48 16.94 -66.72
N LEU B 492 -28.50 16.90 -67.62
CA LEU B 492 -27.28 17.65 -67.46
C LEU B 492 -27.32 18.94 -68.27
N GLN B 493 -26.60 19.95 -67.78
CA GLN B 493 -26.44 21.22 -68.47
C GLN B 493 -24.96 21.55 -68.57
N SER B 494 -24.58 22.23 -69.65
CA SER B 494 -23.19 22.55 -69.93
C SER B 494 -22.84 23.95 -69.47
N TYR B 495 -21.75 24.07 -68.73
CA TYR B 495 -21.16 25.38 -68.47
C TYR B 495 -20.70 26.02 -69.77
N GLY B 496 -20.83 27.34 -69.86
CA GLY B 496 -20.29 28.07 -70.99
C GLY B 496 -19.06 28.86 -70.58
N PHE B 497 -17.96 28.16 -70.34
CA PHE B 497 -16.75 28.76 -69.79
C PHE B 497 -15.99 29.47 -70.91
N GLN B 498 -16.15 30.79 -70.97
CA GLN B 498 -15.44 31.68 -71.87
C GLN B 498 -14.54 32.62 -71.08
N PRO B 499 -13.41 33.04 -71.66
CA PRO B 499 -12.50 33.91 -70.88
C PRO B 499 -13.12 35.26 -70.56
N THR B 500 -14.06 35.74 -71.37
CA THR B 500 -14.70 37.02 -71.16
C THR B 500 -15.74 37.01 -70.05
N ASN B 501 -15.88 35.90 -69.33
CA ASN B 501 -16.89 35.78 -68.29
C ASN B 501 -16.43 36.51 -67.03
N GLY B 502 -17.41 36.98 -66.26
CA GLY B 502 -17.11 37.54 -64.95
C GLY B 502 -16.46 36.50 -64.05
N VAL B 503 -15.90 37.00 -62.95
CA VAL B 503 -15.18 36.13 -62.02
C VAL B 503 -16.10 35.02 -61.53
N GLY B 504 -17.36 35.34 -61.25
CA GLY B 504 -18.31 34.35 -60.78
C GLY B 504 -18.65 33.27 -61.80
N TYR B 505 -18.39 33.52 -63.08
CA TYR B 505 -18.73 32.58 -64.14
C TYR B 505 -17.52 31.86 -64.71
N GLN B 506 -16.32 32.19 -64.25
CA GLN B 506 -15.13 31.51 -64.70
C GLN B 506 -14.96 30.18 -63.96
N PRO B 507 -14.30 29.20 -64.58
CA PRO B 507 -14.15 27.90 -63.92
C PRO B 507 -13.20 27.96 -62.74
N TYR B 508 -13.62 27.32 -61.64
CA TYR B 508 -12.80 27.16 -60.45
C TYR B 508 -12.59 25.67 -60.21
N ARG B 509 -11.33 25.28 -59.97
CA ARG B 509 -11.02 23.90 -59.65
C ARG B 509 -11.03 23.70 -58.15
N VAL B 510 -11.72 22.66 -57.69
CA VAL B 510 -11.99 22.44 -56.29
C VAL B 510 -11.40 21.09 -55.88
N VAL B 511 -10.84 21.03 -54.67
CA VAL B 511 -10.36 19.80 -54.08
C VAL B 511 -10.91 19.73 -52.65
N VAL B 512 -11.65 18.67 -52.35
CA VAL B 512 -12.27 18.49 -51.04
C VAL B 512 -11.53 17.34 -50.35
N LEU B 513 -10.84 17.65 -49.25
CA LEU B 513 -10.16 16.64 -48.45
C LEU B 513 -11.09 16.18 -47.34
N SER B 514 -11.31 14.87 -47.25
CA SER B 514 -12.14 14.27 -46.22
C SER B 514 -11.26 13.45 -45.29
N PHE B 515 -11.32 13.75 -43.99
CA PHE B 515 -10.51 13.08 -42.99
C PHE B 515 -11.39 12.09 -42.23
N GLU B 516 -11.01 10.81 -42.27
CA GLU B 516 -11.79 9.72 -41.69
C GLU B 516 -10.99 9.05 -40.60
N ALA B 522 -4.13 3.64 -38.11
CA ALA B 522 -4.05 4.87 -38.92
C ALA B 522 -2.88 4.77 -39.91
N THR B 523 -3.17 4.87 -41.21
CA THR B 523 -2.12 4.77 -42.22
C THR B 523 -1.71 6.11 -42.82
N VAL B 524 -2.26 7.22 -42.37
CA VAL B 524 -1.91 8.54 -42.89
C VAL B 524 -1.63 9.45 -41.70
N CYS B 525 -0.35 9.80 -41.52
CA CYS B 525 0.07 10.73 -40.47
C CYS B 525 0.91 11.84 -41.07
N GLY B 526 1.14 12.87 -40.27
CA GLY B 526 1.88 14.04 -40.68
C GLY B 526 3.34 13.95 -40.27
N PRO B 527 4.16 14.86 -40.81
CA PRO B 527 5.61 14.61 -40.93
C PRO B 527 6.28 14.18 -39.63
N LYS B 528 6.11 14.99 -38.58
CA LYS B 528 6.71 14.74 -37.28
C LYS B 528 8.24 14.69 -37.37
N LYS B 529 8.80 15.84 -37.77
CA LYS B 529 10.23 15.98 -38.00
C LYS B 529 11.00 15.75 -36.71
N SER B 530 12.33 15.71 -36.84
CA SER B 530 13.21 15.49 -35.71
C SER B 530 14.25 16.60 -35.61
N THR B 531 15.21 16.48 -34.69
CA THR B 531 16.27 17.46 -34.51
C THR B 531 17.60 16.74 -34.36
N ASN B 532 18.64 17.52 -34.08
CA ASN B 532 19.96 16.98 -33.84
C ASN B 532 20.04 16.37 -32.44
N LEU B 533 21.01 15.48 -32.26
CA LEU B 533 21.26 14.80 -31.00
C LEU B 533 22.62 15.21 -30.43
N VAL B 534 22.68 15.34 -29.10
CA VAL B 534 23.89 15.73 -28.40
C VAL B 534 24.25 14.64 -27.39
N LYS B 535 25.54 14.37 -27.27
CA LYS B 535 26.06 13.34 -26.38
C LYS B 535 26.78 13.96 -25.20
N ASN B 536 27.01 13.13 -24.17
CA ASN B 536 27.77 13.51 -22.98
C ASN B 536 27.14 14.67 -22.22
N LYS B 537 25.83 14.85 -22.38
CA LYS B 537 25.08 15.88 -21.66
C LYS B 537 23.72 15.31 -21.28
N CYS B 538 23.29 15.61 -20.06
CA CYS B 538 21.98 15.17 -19.60
C CYS B 538 20.87 15.74 -20.48
N VAL B 539 20.09 14.86 -21.12
CA VAL B 539 19.03 15.27 -22.02
C VAL B 539 17.77 14.49 -21.68
N ASN B 540 16.62 15.12 -21.92
CA ASN B 540 15.33 14.42 -21.94
C ASN B 540 15.02 14.05 -23.37
N PHE B 541 15.00 12.75 -23.65
CA PHE B 541 14.97 12.22 -25.00
C PHE B 541 13.67 11.46 -25.26
N ASN B 542 13.27 11.42 -26.53
CA ASN B 542 12.10 10.67 -26.96
C ASN B 542 12.46 9.98 -28.27
N PHE B 543 12.89 8.72 -28.19
CA PHE B 543 13.10 7.90 -29.36
C PHE B 543 11.79 7.24 -29.79
N ASN B 544 11.87 6.45 -30.87
CA ASN B 544 10.75 6.10 -31.75
C ASN B 544 9.43 5.97 -30.99
N GLY B 545 9.42 5.18 -29.92
CA GLY B 545 8.21 5.01 -29.15
C GLY B 545 8.43 5.20 -27.66
N LEU B 546 9.69 5.35 -27.25
CA LEU B 546 10.01 5.43 -25.83
C LEU B 546 10.51 6.84 -25.47
N THR B 547 10.33 7.20 -24.20
CA THR B 547 10.78 8.49 -23.72
C THR B 547 11.49 8.29 -22.38
N GLY B 548 12.41 9.19 -22.08
CA GLY B 548 13.15 9.09 -20.84
C GLY B 548 14.06 10.27 -20.63
N THR B 549 14.88 10.18 -19.61
CA THR B 549 15.88 11.20 -19.29
C THR B 549 17.20 10.50 -18.99
N GLY B 550 18.28 11.02 -19.56
CA GLY B 550 19.58 10.42 -19.37
C GLY B 550 20.60 11.02 -20.31
N VAL B 551 21.81 10.45 -20.23
CA VAL B 551 22.95 10.85 -21.05
C VAL B 551 23.17 9.77 -22.10
N LEU B 552 23.25 10.18 -23.36
CA LEU B 552 23.49 9.26 -24.46
C LEU B 552 24.98 9.22 -24.76
N THR B 553 25.55 8.02 -24.78
CA THR B 553 26.98 7.85 -25.01
C THR B 553 27.22 6.80 -26.10
N GLU B 554 28.37 6.94 -26.76
CA GLU B 554 28.81 5.93 -27.72
C GLU B 554 28.90 4.57 -27.04
N SER B 555 28.31 3.56 -27.67
CA SER B 555 28.14 2.26 -27.05
C SER B 555 29.24 1.30 -27.48
N ASN B 556 29.20 0.10 -26.91
CA ASN B 556 30.17 -0.95 -27.21
C ASN B 556 29.47 -2.22 -27.66
N LYS B 557 28.14 -2.23 -27.72
CA LYS B 557 27.36 -3.42 -28.02
C LYS B 557 27.19 -3.56 -29.53
N LYS B 558 26.73 -4.74 -29.94
CA LYS B 558 26.48 -5.04 -31.35
C LYS B 558 25.01 -5.45 -31.48
N PHE B 559 24.15 -4.45 -31.65
CA PHE B 559 22.73 -4.72 -31.88
C PHE B 559 22.53 -5.41 -33.23
N LEU B 560 21.51 -6.26 -33.28
CA LEU B 560 21.14 -6.89 -34.54
C LEU B 560 20.48 -5.87 -35.46
N PRO B 561 20.44 -6.14 -36.77
CA PRO B 561 19.88 -5.16 -37.71
C PRO B 561 18.42 -4.81 -37.43
N PHE B 562 17.69 -5.64 -36.69
CA PHE B 562 16.28 -5.42 -36.43
C PHE B 562 15.99 -4.99 -35.00
N GLN B 563 17.01 -4.90 -34.14
CA GLN B 563 16.80 -4.54 -32.74
C GLN B 563 16.87 -3.03 -32.58
N GLN B 564 15.97 -2.49 -31.76
CA GLN B 564 15.88 -1.04 -31.57
C GLN B 564 16.23 -0.63 -30.15
N PHE B 565 15.57 -1.19 -29.15
CA PHE B 565 15.70 -0.75 -27.76
C PHE B 565 16.39 -1.84 -26.93
N GLY B 566 17.45 -1.45 -26.23
CA GLY B 566 18.09 -2.34 -25.29
C GLY B 566 17.27 -2.55 -24.03
N ARG B 567 17.75 -3.47 -23.19
CA ARG B 567 17.08 -3.75 -21.93
C ARG B 567 18.06 -4.44 -20.99
N ASP B 568 18.19 -3.90 -19.78
CA ASP B 568 19.01 -4.51 -18.75
C ASP B 568 18.29 -5.72 -18.15
N ILE B 569 18.96 -6.37 -17.19
CA ILE B 569 18.38 -7.56 -16.55
C ILE B 569 17.09 -7.23 -15.83
N ALA B 570 17.04 -6.08 -15.15
CA ALA B 570 15.86 -5.69 -14.37
C ALA B 570 14.90 -4.82 -15.19
N ASP B 571 14.56 -5.28 -16.38
CA ASP B 571 13.54 -4.67 -17.25
C ASP B 571 13.65 -3.15 -17.25
N THR B 572 14.86 -2.67 -17.54
CA THR B 572 15.14 -1.24 -17.64
C THR B 572 15.82 -0.95 -18.97
N THR B 573 15.35 0.08 -19.67
CA THR B 573 15.96 0.47 -20.92
C THR B 573 17.44 0.78 -20.74
N ASP B 574 18.28 0.21 -21.59
CA ASP B 574 19.73 0.33 -21.48
C ASP B 574 20.38 0.98 -22.69
N ALA B 575 19.95 0.63 -23.90
CA ALA B 575 20.51 1.23 -25.10
C ALA B 575 19.41 1.36 -26.16
N VAL B 576 19.63 2.27 -27.10
CA VAL B 576 18.67 2.51 -28.17
C VAL B 576 19.41 2.61 -29.51
N ARG B 577 18.66 2.37 -30.59
CA ARG B 577 19.16 2.56 -31.94
C ARG B 577 18.62 3.88 -32.48
N ASP B 578 19.52 4.79 -32.83
CA ASP B 578 19.09 6.08 -33.35
C ASP B 578 18.36 5.90 -34.67
N PRO B 579 17.14 6.43 -34.82
CA PRO B 579 16.36 6.15 -36.03
C PRO B 579 17.02 6.59 -37.33
N GLN B 580 17.79 7.68 -37.31
CA GLN B 580 18.42 8.19 -38.54
C GLN B 580 19.82 7.62 -38.73
N THR B 581 20.70 7.83 -37.76
CA THR B 581 22.07 7.31 -37.82
C THR B 581 22.09 5.90 -37.26
N LEU B 582 22.68 4.97 -38.02
CA LEU B 582 22.75 3.56 -37.60
C LEU B 582 23.86 3.38 -36.56
N GLU B 583 23.67 4.04 -35.43
CA GLU B 583 24.58 3.96 -34.30
C GLU B 583 23.79 3.64 -33.04
N ILE B 584 24.39 2.83 -32.16
CA ILE B 584 23.75 2.39 -30.93
C ILE B 584 24.23 3.29 -29.79
N LEU B 585 23.28 3.85 -29.05
CA LEU B 585 23.58 4.80 -27.99
C LEU B 585 23.21 4.19 -26.64
N ASP B 586 24.18 4.15 -25.73
CA ASP B 586 23.92 3.73 -24.35
C ASP B 586 23.29 4.87 -23.58
N ILE B 587 22.30 4.54 -22.76
CA ILE B 587 21.57 5.51 -21.97
C ILE B 587 22.01 5.35 -20.52
N THR B 588 22.86 6.26 -20.06
CA THR B 588 23.30 6.29 -18.68
C THR B 588 22.51 7.36 -17.94
N PRO B 589 21.68 7.02 -16.96
CA PRO B 589 20.87 8.03 -16.29
C PRO B 589 21.72 9.11 -15.66
N CYS B 590 21.22 10.34 -15.68
CA CYS B 590 22.01 11.49 -15.28
C CYS B 590 22.40 11.38 -13.81
N SER B 591 23.57 11.93 -13.49
CA SER B 591 24.13 11.79 -12.15
C SER B 591 23.19 12.39 -11.11
N PHE B 592 23.14 11.73 -9.95
CA PHE B 592 22.34 12.20 -8.83
C PHE B 592 22.87 11.55 -7.57
N GLY B 593 22.47 12.09 -6.43
CA GLY B 593 22.87 11.49 -5.17
C GLY B 593 22.45 12.35 -4.00
N GLY B 594 22.51 11.74 -2.82
CA GLY B 594 22.12 12.45 -1.62
C GLY B 594 23.09 13.56 -1.28
N VAL B 595 22.56 14.58 -0.58
CA VAL B 595 23.36 15.71 -0.13
C VAL B 595 23.38 15.68 1.40
N SER B 596 24.40 15.05 1.97
CA SER B 596 24.49 14.98 3.41
C SER B 596 25.19 16.21 3.96
N VAL B 597 24.75 16.67 5.13
CA VAL B 597 25.27 17.87 5.75
C VAL B 597 25.98 17.43 7.03
N ILE B 598 27.31 17.43 7.00
CA ILE B 598 28.10 17.10 8.18
C ILE B 598 28.24 18.37 9.03
N THR B 599 27.87 18.28 10.30
CA THR B 599 27.88 19.42 11.20
C THR B 599 28.27 19.00 12.61
N PRO B 600 29.16 19.75 13.25
CA PRO B 600 29.22 19.70 14.71
C PRO B 600 27.95 20.32 15.27
N GLY B 601 27.63 19.95 16.51
CA GLY B 601 26.40 20.42 17.12
C GLY B 601 26.27 21.93 17.06
N THR B 602 25.09 22.41 16.63
CA THR B 602 24.86 23.85 16.54
C THR B 602 25.15 24.57 17.85
N ASN B 603 25.11 23.85 18.97
CA ASN B 603 25.48 24.44 20.25
C ASN B 603 26.89 25.01 20.20
N THR B 604 27.84 24.27 19.60
CA THR B 604 29.24 24.67 19.62
C THR B 604 29.55 25.69 18.52
N SER B 605 29.05 25.45 17.31
CA SER B 605 29.36 26.33 16.18
C SER B 605 28.30 26.13 15.10
N ASN B 606 28.35 26.99 14.09
CA ASN B 606 27.43 26.92 12.95
C ASN B 606 28.13 26.62 11.62
N GLN B 607 29.40 26.24 11.64
CA GLN B 607 30.10 25.89 10.42
C GLN B 607 29.80 24.44 10.03
N VAL B 608 29.60 24.22 8.72
CA VAL B 608 29.15 22.93 8.23
C VAL B 608 29.97 22.55 7.00
N ALA B 609 29.93 21.26 6.67
CA ALA B 609 30.48 20.72 5.43
C ALA B 609 29.41 19.95 4.69
N VAL B 610 29.56 19.84 3.37
CA VAL B 610 28.56 19.21 2.52
C VAL B 610 29.19 18.06 1.76
N LEU B 611 28.57 16.88 1.87
CA LEU B 611 29.01 15.67 1.17
C LEU B 611 27.97 15.32 0.10
N TYR B 612 28.36 15.46 -1.16
CA TYR B 612 27.55 14.98 -2.28
C TYR B 612 27.91 13.53 -2.53
N GLN B 613 26.95 12.63 -2.31
CA GLN B 613 27.25 11.21 -2.28
C GLN B 613 27.40 10.65 -3.69
N ASP B 614 28.53 9.99 -3.93
CA ASP B 614 28.77 9.19 -5.13
C ASP B 614 28.68 10.06 -6.39
N VAL B 615 29.46 11.15 -6.41
CA VAL B 615 29.63 11.98 -7.60
C VAL B 615 31.05 12.53 -7.60
N ASN B 616 31.54 12.86 -8.79
CA ASN B 616 32.80 13.59 -8.91
C ASN B 616 32.61 15.05 -8.52
N CYS B 617 33.73 15.66 -8.10
CA CYS B 617 33.74 17.06 -7.68
C CYS B 617 33.69 18.04 -8.84
N THR B 618 33.66 17.54 -10.08
CA THR B 618 33.57 18.42 -11.25
C THR B 618 32.12 18.79 -11.58
N GLU B 619 31.16 17.94 -11.22
CA GLU B 619 29.77 18.14 -11.61
C GLU B 619 28.97 18.94 -10.57
N VAL B 620 29.60 19.40 -9.50
CA VAL B 620 28.91 20.20 -8.50
C VAL B 620 28.70 21.62 -9.03
N ASN B 641 39.76 23.70 -1.26
CA ASN B 641 39.42 22.97 -0.04
C ASN B 641 38.31 21.96 -0.36
N VAL B 642 38.58 21.11 -1.35
CA VAL B 642 37.63 20.10 -1.81
C VAL B 642 38.30 18.74 -1.75
N PHE B 643 37.59 17.74 -1.20
CA PHE B 643 38.13 16.40 -1.01
C PHE B 643 37.32 15.42 -1.85
N GLN B 644 38.00 14.65 -2.70
CA GLN B 644 37.37 13.60 -3.49
C GLN B 644 37.60 12.26 -2.79
N THR B 645 36.56 11.73 -2.17
CA THR B 645 36.64 10.47 -1.44
C THR B 645 35.80 9.42 -2.14
N ARG B 646 36.03 8.16 -1.76
CA ARG B 646 35.25 7.06 -2.33
C ARG B 646 33.76 7.20 -2.02
N ALA B 647 33.40 8.00 -1.01
CA ALA B 647 32.00 8.23 -0.70
C ALA B 647 31.40 9.35 -1.54
N GLY B 648 32.23 10.18 -2.16
CA GLY B 648 31.73 11.29 -2.97
C GLY B 648 32.57 12.53 -2.89
N CYS B 649 31.95 13.69 -3.11
CA CYS B 649 32.64 14.97 -3.06
C CYS B 649 32.34 15.66 -1.73
N LEU B 650 33.38 15.96 -0.97
CA LEU B 650 33.25 16.66 0.31
C LEU B 650 33.76 18.08 0.18
N ILE B 651 32.94 19.04 0.60
CA ILE B 651 33.25 20.47 0.49
C ILE B 651 33.14 21.10 1.87
N GLY B 652 34.10 21.98 2.18
CA GLY B 652 34.20 22.60 3.48
C GLY B 652 35.01 21.86 4.52
N ALA B 653 35.62 20.73 4.16
CA ALA B 653 36.40 19.92 5.08
C ALA B 653 37.88 20.02 4.72
N GLU B 654 38.70 20.37 5.71
CA GLU B 654 40.14 20.45 5.50
C GLU B 654 40.76 19.07 5.62
N HIS B 655 41.34 18.57 4.53
CA HIS B 655 41.88 17.22 4.51
C HIS B 655 43.27 17.21 5.16
N VAL B 656 43.39 16.47 6.26
CA VAL B 656 44.64 16.37 7.00
C VAL B 656 45.19 14.95 6.82
N ASN B 657 46.47 14.81 7.15
CA ASN B 657 47.13 13.50 7.06
C ASN B 657 47.08 12.74 8.37
N ASN B 658 47.10 13.43 9.50
CA ASN B 658 47.11 12.77 10.79
C ASN B 658 45.78 12.05 11.01
N SER B 659 45.86 10.87 11.61
CA SER B 659 44.69 10.05 11.88
C SER B 659 44.19 10.29 13.30
N TYR B 660 42.88 10.16 13.48
CA TYR B 660 42.24 10.36 14.78
C TYR B 660 41.06 9.42 14.90
N GLU B 661 40.54 9.31 16.12
CA GLU B 661 39.35 8.50 16.34
C GLU B 661 38.16 9.09 15.61
N CYS B 662 37.34 8.22 15.02
CA CYS B 662 36.21 8.68 14.22
C CYS B 662 35.17 9.35 15.11
N ASP B 663 34.69 10.51 14.67
CA ASP B 663 33.66 11.25 15.39
C ASP B 663 32.37 11.32 14.59
N ILE B 664 32.41 11.84 13.37
CA ILE B 664 31.26 11.87 12.48
C ILE B 664 31.62 10.99 11.28
N PRO B 665 31.05 9.79 11.17
CA PRO B 665 31.45 8.91 10.07
C PRO B 665 30.96 9.43 8.74
N ILE B 666 31.85 9.38 7.74
CA ILE B 666 31.52 9.70 6.37
C ILE B 666 31.41 8.43 5.52
N GLY B 667 32.48 7.65 5.48
CA GLY B 667 32.45 6.37 4.78
C GLY B 667 33.79 6.06 4.17
N ALA B 668 33.96 4.79 3.80
CA ALA B 668 35.18 4.30 3.17
C ALA B 668 36.41 4.66 3.99
N GLY B 669 36.30 4.54 5.30
CA GLY B 669 37.41 4.82 6.18
C GLY B 669 37.66 6.28 6.47
N ILE B 670 36.83 7.18 5.93
CA ILE B 670 36.98 8.61 6.11
C ILE B 670 35.95 9.09 7.12
N CYS B 671 36.40 9.82 8.14
CA CYS B 671 35.53 10.43 9.13
C CYS B 671 35.91 11.90 9.28
N ALA B 672 34.89 12.72 9.56
CA ALA B 672 35.07 14.15 9.71
C ALA B 672 34.77 14.57 11.14
N SER B 673 35.35 15.69 11.54
CA SER B 673 35.16 16.20 12.89
C SER B 673 35.64 17.65 12.95
N TYR B 674 35.21 18.36 13.98
CA TYR B 674 35.55 19.76 14.18
C TYR B 674 36.73 19.82 15.15
N GLN B 675 37.87 20.34 14.68
CA GLN B 675 39.08 20.36 15.48
C GLN B 675 39.87 21.62 15.17
N THR B 676 40.77 21.96 16.08
CA THR B 676 41.64 23.13 15.92
C THR B 676 42.71 22.85 14.88
N SER B 689 40.67 29.53 14.16
CA SER B 689 41.66 28.56 14.59
C SER B 689 41.11 27.14 14.53
N GLN B 690 39.78 27.03 14.62
CA GLN B 690 39.09 25.76 14.56
C GLN B 690 38.35 25.63 13.23
N SER B 691 38.28 24.40 12.73
CA SER B 691 37.70 24.13 11.42
C SER B 691 37.28 22.67 11.34
N ILE B 692 36.59 22.33 10.27
CA ILE B 692 36.15 20.96 10.02
C ILE B 692 37.22 20.25 9.21
N ILE B 693 37.61 19.07 9.66
CA ILE B 693 38.63 18.27 8.98
C ILE B 693 38.09 16.88 8.71
N ALA B 694 38.58 16.28 7.63
CA ALA B 694 38.26 14.90 7.26
C ALA B 694 39.55 14.10 7.19
N TYR B 695 39.54 12.92 7.81
CA TYR B 695 40.76 12.14 7.95
C TYR B 695 40.43 10.66 7.91
N THR B 696 41.44 9.87 7.53
CA THR B 696 41.33 8.41 7.59
C THR B 696 41.41 7.98 9.05
N MET B 697 40.29 7.49 9.59
CA MET B 697 40.21 7.24 11.02
C MET B 697 41.24 6.20 11.45
N SER B 698 41.78 6.39 12.65
CA SER B 698 42.76 5.47 13.20
C SER B 698 42.08 4.37 14.00
N LEU B 699 42.67 3.18 13.96
CA LEU B 699 42.17 2.03 14.69
C LEU B 699 42.78 1.92 16.08
N GLY B 700 43.67 2.85 16.44
CA GLY B 700 44.34 2.83 17.72
C GLY B 700 45.84 2.87 17.57
N ALA B 701 46.54 3.29 18.62
CA ALA B 701 48.00 3.34 18.56
C ALA B 701 48.56 1.93 18.41
N GLU B 702 49.47 1.75 17.46
CA GLU B 702 50.05 0.44 17.23
C GLU B 702 51.01 0.08 18.37
N ASN B 703 51.34 -1.21 18.46
CA ASN B 703 52.21 -1.70 19.50
C ASN B 703 52.86 -2.99 19.03
N SER B 704 54.02 -3.31 19.59
CA SER B 704 54.72 -4.54 19.30
C SER B 704 55.00 -5.27 20.60
N VAL B 705 54.64 -6.56 20.63
CA VAL B 705 54.86 -7.40 21.81
C VAL B 705 56.22 -8.06 21.68
N ALA B 706 57.08 -7.84 22.68
CA ALA B 706 58.43 -8.38 22.62
C ALA B 706 58.42 -9.89 22.87
N TYR B 707 57.81 -10.64 21.95
CA TYR B 707 57.64 -12.07 22.11
C TYR B 707 58.94 -12.82 21.82
N SER B 708 59.31 -13.73 22.71
CA SER B 708 60.43 -14.63 22.49
C SER B 708 60.14 -15.92 23.23
N ASN B 709 60.79 -16.99 22.78
CA ASN B 709 60.43 -18.34 23.23
C ASN B 709 60.73 -18.60 24.70
N ASN B 710 61.49 -17.73 25.36
CA ASN B 710 61.82 -17.93 26.77
C ASN B 710 61.67 -16.61 27.52
N SER B 711 60.56 -15.92 27.28
CA SER B 711 60.27 -14.66 27.94
C SER B 711 58.77 -14.58 28.20
N ILE B 712 58.42 -14.28 29.45
CA ILE B 712 57.04 -14.17 29.87
C ILE B 712 56.90 -12.89 30.68
N ALA B 713 55.82 -12.16 30.45
CA ALA B 713 55.56 -10.93 31.19
C ALA B 713 54.49 -11.22 32.21
N ILE B 714 54.80 -10.93 33.47
CA ILE B 714 53.88 -11.25 34.56
C ILE B 714 53.52 -9.95 35.28
N PRO B 715 52.26 -9.74 35.63
CA PRO B 715 51.92 -8.53 36.37
C PRO B 715 52.41 -8.58 37.80
N THR B 716 52.63 -7.39 38.36
CA THR B 716 53.06 -7.21 39.73
C THR B 716 52.07 -6.40 40.55
N ASN B 717 51.22 -5.63 39.89
CA ASN B 717 50.22 -4.82 40.56
C ASN B 717 48.89 -5.08 39.87
N PHE B 718 47.84 -4.34 40.22
CA PHE B 718 46.54 -4.55 39.61
C PHE B 718 45.66 -3.34 39.86
N THR B 719 44.54 -3.30 39.13
CA THR B 719 43.54 -2.25 39.28
C THR B 719 42.16 -2.87 39.20
N ILE B 720 41.27 -2.42 40.07
CA ILE B 720 39.88 -2.86 40.10
C ILE B 720 39.07 -1.84 39.32
N SER B 721 38.57 -2.23 38.16
CA SER B 721 37.86 -1.33 37.27
C SER B 721 36.37 -1.64 37.30
N VAL B 722 35.56 -0.60 37.47
CA VAL B 722 34.11 -0.72 37.41
C VAL B 722 33.68 -0.10 36.08
N THR B 723 33.19 -0.94 35.17
CA THR B 723 32.69 -0.46 33.90
C THR B 723 31.16 -0.41 33.93
N THR B 724 30.59 0.25 32.93
CA THR B 724 29.16 0.49 32.88
C THR B 724 28.59 -0.03 31.57
N GLU B 725 27.64 -0.95 31.65
CA GLU B 725 26.99 -1.55 30.48
C GLU B 725 25.50 -1.30 30.56
N ILE B 726 24.95 -0.62 29.55
CA ILE B 726 23.56 -0.17 29.57
C ILE B 726 22.76 -0.99 28.58
N LEU B 727 21.60 -1.48 29.02
CA LEU B 727 20.75 -2.34 28.21
C LEU B 727 19.29 -1.93 28.32
N PRO B 728 18.64 -1.60 27.20
CA PRO B 728 17.20 -1.35 27.25
C PRO B 728 16.42 -2.64 27.48
N VAL B 729 15.32 -2.53 28.23
CA VAL B 729 14.55 -3.68 28.66
C VAL B 729 13.13 -3.65 28.12
N SER B 730 12.46 -2.50 28.15
CA SER B 730 11.06 -2.41 27.77
C SER B 730 10.79 -1.09 27.08
N MET B 731 9.73 -1.08 26.27
CA MET B 731 9.29 0.11 25.55
C MET B 731 8.17 0.79 26.34
N THR B 732 7.51 1.75 25.69
CA THR B 732 6.32 2.38 26.24
C THR B 732 5.10 1.63 25.70
N LYS B 733 4.26 1.15 26.61
CA LYS B 733 3.12 0.31 26.25
C LYS B 733 2.04 1.17 25.59
N THR B 734 2.26 1.47 24.32
CA THR B 734 1.32 2.27 23.56
C THR B 734 0.11 1.44 23.15
N SER B 735 -1.04 2.10 23.07
CA SER B 735 -2.27 1.48 22.60
C SER B 735 -3.02 2.50 21.77
N VAL B 736 -3.52 2.08 20.61
CA VAL B 736 -4.16 2.96 19.66
C VAL B 736 -5.59 2.49 19.46
N ASP B 737 -6.53 3.42 19.56
CA ASP B 737 -7.93 3.12 19.32
C ASP B 737 -8.14 3.24 17.81
N CYS B 738 -8.25 2.08 17.15
CA CYS B 738 -8.30 2.04 15.70
C CYS B 738 -9.49 2.84 15.16
N THR B 739 -10.69 2.56 15.67
CA THR B 739 -11.88 3.19 15.12
C THR B 739 -11.90 4.69 15.44
N MET B 740 -11.40 5.08 16.61
CA MET B 740 -11.37 6.50 16.96
C MET B 740 -10.29 7.23 16.18
N TYR B 741 -9.15 6.58 15.92
CA TYR B 741 -8.10 7.21 15.14
C TYR B 741 -8.55 7.41 13.69
N ILE B 742 -9.05 6.34 13.07
CA ILE B 742 -9.43 6.42 11.66
C ILE B 742 -10.69 7.26 11.48
N CYS B 743 -11.69 7.06 12.33
CA CYS B 743 -13.04 7.55 12.10
C CYS B 743 -13.55 8.35 13.29
N GLY B 744 -12.76 9.33 13.75
CA GLY B 744 -13.09 10.07 14.96
C GLY B 744 -14.48 10.65 14.97
N ASP B 745 -15.34 10.11 15.82
CA ASP B 745 -16.70 10.62 16.07
C ASP B 745 -17.47 10.83 14.77
N SER B 746 -17.53 9.79 13.95
CA SER B 746 -18.33 9.81 12.72
C SER B 746 -19.00 8.45 12.56
N THR B 747 -20.32 8.43 12.70
CA THR B 747 -21.06 7.18 12.56
C THR B 747 -20.95 6.62 11.14
N GLU B 748 -21.08 7.48 10.13
CA GLU B 748 -20.95 7.03 8.75
C GLU B 748 -19.55 6.47 8.47
N CYS B 749 -18.52 7.13 9.02
CA CYS B 749 -17.16 6.63 8.82
C CYS B 749 -16.99 5.28 9.49
N SER B 750 -17.58 5.09 10.67
CA SER B 750 -17.51 3.79 11.34
C SER B 750 -18.21 2.72 10.51
N ASN B 751 -19.38 3.04 9.96
CA ASN B 751 -20.08 2.09 9.11
C ASN B 751 -19.25 1.71 7.89
N LEU B 752 -18.60 2.70 7.25
CA LEU B 752 -17.71 2.40 6.15
C LEU B 752 -16.53 1.54 6.59
N LEU B 753 -15.95 1.85 7.75
CA LEU B 753 -14.79 1.12 8.24
C LEU B 753 -15.14 -0.33 8.54
N LEU B 754 -16.39 -0.58 8.96
CA LEU B 754 -16.82 -1.95 9.23
C LEU B 754 -16.72 -2.83 7.98
N GLN B 755 -16.71 -2.23 6.80
CA GLN B 755 -16.54 -2.98 5.56
C GLN B 755 -15.17 -3.64 5.47
N TYR B 756 -14.19 -3.18 6.23
CA TYR B 756 -12.83 -3.71 6.17
C TYR B 756 -12.61 -4.87 7.15
N GLY B 757 -13.66 -5.31 7.83
CA GLY B 757 -13.56 -6.50 8.66
C GLY B 757 -12.79 -6.30 9.95
N SER B 758 -11.81 -7.18 10.18
CA SER B 758 -11.17 -7.32 11.48
C SER B 758 -9.83 -6.60 11.58
N PHE B 759 -9.55 -5.68 10.66
CA PHE B 759 -8.25 -5.01 10.66
C PHE B 759 -8.01 -4.29 11.98
N CYS B 760 -9.01 -3.54 12.44
CA CYS B 760 -8.91 -2.83 13.71
C CYS B 760 -8.65 -3.80 14.86
N THR B 761 -9.33 -4.94 14.85
CA THR B 761 -9.11 -5.95 15.89
C THR B 761 -7.69 -6.49 15.81
N GLN B 762 -7.19 -6.73 14.60
CA GLN B 762 -5.81 -7.17 14.44
C GLN B 762 -4.84 -6.18 15.07
N LEU B 763 -4.98 -4.90 14.73
CA LEU B 763 -4.03 -3.90 15.24
C LEU B 763 -4.11 -3.80 16.77
N ASN B 764 -5.34 -3.76 17.31
CA ASN B 764 -5.48 -3.64 18.76
C ASN B 764 -4.90 -4.86 19.46
N ARG B 765 -5.14 -6.06 18.92
CA ARG B 765 -4.58 -7.27 19.51
C ARG B 765 -3.06 -7.26 19.46
N ALA B 766 -2.49 -6.80 18.34
CA ALA B 766 -1.04 -6.71 18.23
C ALA B 766 -0.47 -5.76 19.27
N LEU B 767 -1.09 -4.60 19.43
CA LEU B 767 -0.58 -3.63 20.41
C LEU B 767 -0.71 -4.18 21.84
N THR B 768 -1.82 -4.86 22.13
CA THR B 768 -1.97 -5.47 23.45
C THR B 768 -0.91 -6.54 23.68
N GLY B 769 -0.62 -7.33 22.65
CA GLY B 769 0.44 -8.32 22.75
C GLY B 769 1.78 -7.69 23.03
N ILE B 770 2.09 -6.59 22.33
CA ILE B 770 3.34 -5.89 22.59
C ILE B 770 3.40 -5.40 24.03
N ALA B 771 2.30 -4.81 24.53
CA ALA B 771 2.29 -4.30 25.90
C ALA B 771 2.52 -5.42 26.91
N VAL B 772 1.88 -6.57 26.69
CA VAL B 772 2.06 -7.70 27.59
C VAL B 772 3.49 -8.21 27.50
N GLU B 773 4.05 -8.22 26.29
CA GLU B 773 5.43 -8.66 26.12
C GLU B 773 6.38 -7.75 26.88
N GLN B 774 6.11 -6.44 26.88
CA GLN B 774 6.95 -5.51 27.62
C GLN B 774 6.88 -5.77 29.11
N ASP B 775 5.68 -5.99 29.64
CA ASP B 775 5.57 -6.28 31.07
C ASP B 775 6.25 -7.60 31.41
N LYS B 776 6.14 -8.59 30.53
CA LYS B 776 6.86 -9.85 30.72
C LYS B 776 8.36 -9.63 30.71
N ASN B 777 8.85 -8.80 29.79
CA ASN B 777 10.27 -8.49 29.73
C ASN B 777 10.75 -7.91 31.04
N THR B 778 10.06 -6.88 31.54
CA THR B 778 10.49 -6.27 32.79
C THR B 778 10.44 -7.28 33.93
N GLN B 779 9.37 -8.08 33.99
CA GLN B 779 9.22 -9.07 35.05
C GLN B 779 10.37 -10.07 35.04
N GLU B 780 10.70 -10.60 33.86
CA GLU B 780 11.74 -11.62 33.79
C GLU B 780 13.13 -11.03 33.97
N VAL B 781 13.34 -9.77 33.59
CA VAL B 781 14.64 -9.16 33.78
C VAL B 781 14.90 -8.88 35.25
N PHE B 782 13.92 -8.29 35.94
CA PHE B 782 14.17 -7.89 37.31
C PHE B 782 13.72 -8.93 38.33
N ALA B 783 12.49 -9.43 38.21
CA ALA B 783 11.95 -10.34 39.21
C ALA B 783 12.55 -11.74 39.06
N GLN B 784 13.84 -11.87 39.40
CA GLN B 784 14.52 -13.16 39.37
C GLN B 784 14.91 -13.64 40.75
N VAL B 785 14.68 -12.82 41.78
CA VAL B 785 15.00 -13.18 43.16
C VAL B 785 13.73 -13.55 43.88
N LYS B 786 13.76 -14.70 44.57
CA LYS B 786 12.56 -15.20 45.24
C LYS B 786 12.09 -14.24 46.32
N GLN B 787 13.00 -13.84 47.21
CA GLN B 787 12.66 -12.99 48.34
C GLN B 787 13.24 -11.60 48.12
N ILE B 788 12.98 -10.72 49.09
CA ILE B 788 13.49 -9.35 49.06
C ILE B 788 14.50 -9.18 50.19
N TYR B 789 15.78 -9.39 49.88
CA TYR B 789 16.80 -9.23 50.91
C TYR B 789 17.05 -7.75 51.21
N LYS B 790 17.56 -7.50 52.40
CA LYS B 790 17.89 -6.16 52.88
C LYS B 790 19.22 -6.21 53.61
N THR B 791 20.09 -5.24 53.33
CA THR B 791 21.37 -5.18 54.00
C THR B 791 21.18 -4.89 55.49
N PRO B 792 22.07 -5.41 56.33
CA PRO B 792 21.99 -5.13 57.77
C PRO B 792 22.45 -3.71 58.07
N PRO B 793 22.09 -3.17 59.23
CA PRO B 793 22.59 -1.83 59.59
C PRO B 793 24.10 -1.75 59.63
N ILE B 794 24.78 -2.83 60.00
CA ILE B 794 26.25 -2.83 60.01
C ILE B 794 26.76 -2.79 58.58
N LYS B 795 27.74 -1.94 58.32
CA LYS B 795 28.34 -1.81 57.01
C LYS B 795 29.81 -2.20 57.02
N ASP B 796 30.13 -3.28 57.74
CA ASP B 796 31.50 -3.80 57.79
C ASP B 796 31.73 -4.75 56.61
N PHE B 797 31.85 -4.14 55.43
CA PHE B 797 32.05 -4.88 54.19
C PHE B 797 33.53 -4.97 53.81
N GLY B 798 34.42 -5.01 54.80
CA GLY B 798 35.84 -5.17 54.54
C GLY B 798 36.51 -3.98 53.89
N GLY B 799 35.90 -2.80 53.94
CA GLY B 799 36.45 -1.60 53.34
C GLY B 799 35.74 -1.17 52.07
N PHE B 800 35.05 -2.08 51.39
CA PHE B 800 34.27 -1.72 50.21
C PHE B 800 33.14 -0.77 50.61
N ASN B 801 32.95 0.28 49.81
CA ASN B 801 32.00 1.34 50.11
C ASN B 801 30.89 1.25 49.07
N PHE B 802 29.75 0.71 49.47
CA PHE B 802 28.59 0.57 48.60
C PHE B 802 27.56 1.66 48.80
N SER B 803 27.87 2.71 49.57
CA SER B 803 26.89 3.75 49.87
C SER B 803 26.40 4.46 48.61
N GLN B 804 27.17 4.40 47.52
CA GLN B 804 26.79 5.07 46.29
C GLN B 804 25.83 4.26 45.43
N ILE B 805 25.74 2.94 45.66
CA ILE B 805 24.86 2.08 44.88
C ILE B 805 23.73 1.51 45.71
N LEU B 806 23.86 1.43 47.03
CA LEU B 806 22.81 0.92 47.88
C LEU B 806 21.72 1.96 48.05
N PRO B 807 20.50 1.54 48.37
CA PRO B 807 19.41 2.52 48.54
C PRO B 807 19.73 3.52 49.64
N ASP B 808 19.32 4.77 49.42
CA ASP B 808 19.42 5.80 50.42
C ASP B 808 18.05 6.01 51.06
N PRO B 809 17.89 5.70 52.35
CA PRO B 809 16.55 5.83 52.96
C PRO B 809 16.01 7.25 52.95
N SER B 810 16.89 8.25 52.84
CA SER B 810 16.50 9.66 52.78
C SER B 810 16.47 10.17 51.34
N LYS B 811 15.97 9.35 50.42
CA LYS B 811 15.97 9.61 48.98
C LYS B 811 14.56 9.32 48.47
N PRO B 812 14.25 9.46 47.16
CA PRO B 812 12.85 9.23 46.75
C PRO B 812 12.39 7.78 46.92
N SER B 813 12.39 7.34 48.17
CA SER B 813 11.63 6.19 48.68
C SER B 813 12.18 4.83 48.25
N LYS B 814 13.02 4.78 47.21
CA LYS B 814 13.75 3.54 46.96
C LYS B 814 15.08 3.71 46.23
N ARG B 815 15.49 4.91 45.84
CA ARG B 815 16.44 5.08 44.75
C ARG B 815 17.81 5.45 45.29
N SER B 816 18.84 4.74 44.84
CA SER B 816 20.21 5.05 45.22
C SER B 816 20.69 6.29 44.47
N PHE B 817 21.93 6.70 44.75
CA PHE B 817 22.49 7.89 44.14
C PHE B 817 22.66 7.69 42.63
N ILE B 818 23.23 6.55 42.23
CA ILE B 818 23.51 6.32 40.82
C ILE B 818 22.22 6.16 40.02
N GLU B 819 21.22 5.49 40.61
CA GLU B 819 19.92 5.41 39.96
C GLU B 819 19.32 6.79 39.76
N ASP B 820 19.47 7.67 40.76
CA ASP B 820 18.99 9.04 40.60
C ASP B 820 19.72 9.76 39.48
N LEU B 821 21.04 9.59 39.41
CA LEU B 821 21.81 10.16 38.30
C LEU B 821 21.29 9.66 36.96
N LEU B 822 20.98 8.36 36.87
CA LEU B 822 20.51 7.78 35.61
C LEU B 822 19.14 8.33 35.24
N PHE B 823 18.24 8.46 36.22
CA PHE B 823 16.88 8.91 35.95
C PHE B 823 16.82 10.37 35.50
N ASN B 824 17.91 11.13 35.66
CA ASN B 824 17.94 12.52 35.27
C ASN B 824 18.66 12.76 33.96
N LYS B 825 19.13 11.71 33.29
CA LYS B 825 19.82 11.83 32.02
C LYS B 825 18.96 11.36 30.86
N VAL B 826 17.68 11.06 31.10
CA VAL B 826 16.76 10.62 30.07
C VAL B 826 15.50 11.47 30.16
N THR B 827 15.08 12.03 29.03
CA THR B 827 13.88 12.85 28.99
C THR B 827 12.63 12.01 28.78
N LEU B 849 3.69 15.30 21.83
CA LEU B 849 3.36 16.07 23.02
C LEU B 849 2.71 15.18 24.09
N ILE B 850 2.60 15.71 25.30
CA ILE B 850 2.16 14.91 26.44
C ILE B 850 0.75 14.38 26.20
N CYS B 851 -0.19 15.26 25.82
CA CYS B 851 -1.58 14.88 25.69
C CYS B 851 -2.23 15.33 24.38
N ALA B 852 -1.56 16.16 23.58
CA ALA B 852 -2.13 16.56 22.29
C ALA B 852 -2.36 15.36 21.37
N GLN B 853 -1.64 14.27 21.56
CA GLN B 853 -1.91 13.04 20.84
C GLN B 853 -3.02 12.21 21.47
N LYS B 854 -3.26 12.39 22.78
CA LYS B 854 -4.28 11.60 23.47
C LYS B 854 -5.66 11.76 22.84
N PHE B 855 -5.93 12.90 22.21
CA PHE B 855 -7.23 13.16 21.64
C PHE B 855 -7.43 12.50 20.27
N ASN B 856 -6.45 11.75 19.78
CA ASN B 856 -6.59 11.01 18.53
C ASN B 856 -6.56 9.50 18.75
N GLY B 857 -6.93 9.05 19.95
CA GLY B 857 -6.99 7.65 20.27
C GLY B 857 -5.68 7.01 20.65
N LEU B 858 -4.58 7.76 20.65
CA LEU B 858 -3.26 7.25 21.01
C LEU B 858 -3.05 7.44 22.51
N THR B 859 -3.00 6.33 23.25
CA THR B 859 -2.80 6.36 24.69
C THR B 859 -1.55 5.57 25.05
N VAL B 860 -1.00 5.87 26.21
CA VAL B 860 0.20 5.21 26.72
C VAL B 860 -0.17 4.50 28.01
N LEU B 861 -0.28 3.18 27.95
CA LEU B 861 -0.62 2.41 29.14
C LEU B 861 0.53 2.49 30.14
N PRO B 862 0.22 2.51 31.44
CA PRO B 862 1.27 2.53 32.45
C PRO B 862 1.86 1.15 32.66
N PRO B 863 3.15 1.06 32.96
CA PRO B 863 3.78 -0.24 33.16
C PRO B 863 3.26 -0.94 34.40
N LEU B 864 3.29 -2.28 34.35
CA LEU B 864 2.82 -3.07 35.49
C LEU B 864 3.69 -2.84 36.72
N LEU B 865 5.00 -2.77 36.54
CA LEU B 865 5.95 -2.59 37.64
C LEU B 865 6.39 -1.13 37.68
N THR B 866 5.97 -0.40 38.71
CA THR B 866 6.39 0.98 38.87
C THR B 866 7.88 1.06 39.21
N ASP B 867 8.44 2.26 39.00
CA ASP B 867 9.87 2.45 39.21
C ASP B 867 10.30 2.11 40.63
N GLU B 868 9.43 2.36 41.61
CA GLU B 868 9.75 2.04 43.00
C GLU B 868 9.89 0.54 43.19
N MET B 869 9.03 -0.25 42.55
CA MET B 869 9.11 -1.70 42.69
C MET B 869 10.35 -2.26 42.00
N ILE B 870 10.72 -1.70 40.85
CA ILE B 870 11.96 -2.11 40.19
C ILE B 870 13.17 -1.76 41.05
N ALA B 871 13.13 -0.58 41.69
CA ALA B 871 14.20 -0.21 42.61
C ALA B 871 14.27 -1.17 43.79
N GLN B 872 13.11 -1.58 44.32
CA GLN B 872 13.08 -2.57 45.38
C GLN B 872 13.71 -3.88 44.93
N TYR B 873 13.38 -4.34 43.72
CA TYR B 873 13.93 -5.59 43.22
C TYR B 873 15.45 -5.50 43.08
N THR B 874 15.93 -4.40 42.52
CA THR B 874 17.38 -4.24 42.37
C THR B 874 18.07 -4.14 43.73
N SER B 875 17.42 -3.49 44.70
CA SER B 875 17.97 -3.45 46.06
C SER B 875 18.06 -4.84 46.66
N ALA B 876 17.03 -5.66 46.45
CA ALA B 876 17.07 -7.03 46.97
C ALA B 876 18.20 -7.82 46.31
N LEU B 877 18.33 -7.70 45.00
CA LEU B 877 19.40 -8.37 44.28
C LEU B 877 20.77 -7.92 44.78
N LEU B 878 20.94 -6.61 44.96
CA LEU B 878 22.22 -6.07 45.41
C LEU B 878 22.55 -6.54 46.81
N ALA B 879 21.56 -6.57 47.71
CA ALA B 879 21.81 -7.02 49.07
C ALA B 879 22.14 -8.50 49.09
N GLY B 880 21.44 -9.31 48.31
CA GLY B 880 21.77 -10.72 48.21
C GLY B 880 23.19 -10.94 47.71
N THR B 881 23.57 -10.23 46.65
CA THR B 881 24.92 -10.36 46.12
C THR B 881 25.96 -9.96 47.16
N ILE B 882 25.72 -8.85 47.86
CA ILE B 882 26.71 -8.35 48.82
C ILE B 882 26.86 -9.29 50.00
N THR B 883 25.75 -9.80 50.53
CA THR B 883 25.80 -10.54 51.79
C THR B 883 25.90 -12.04 51.62
N SER B 884 25.67 -12.59 50.42
CA SER B 884 25.68 -14.03 50.25
C SER B 884 26.37 -14.50 48.98
N GLY B 885 26.83 -13.60 48.12
CA GLY B 885 27.52 -14.00 46.91
C GLY B 885 26.60 -14.58 45.86
N TRP B 886 26.86 -15.82 45.46
CA TRP B 886 26.06 -16.51 44.46
C TRP B 886 25.11 -17.53 45.07
N THR B 887 25.22 -17.82 46.37
CA THR B 887 24.41 -18.86 46.98
C THR B 887 22.93 -18.48 46.95
N PHE B 888 22.61 -17.19 47.14
CA PHE B 888 21.21 -16.79 47.25
C PHE B 888 20.41 -17.10 45.99
N GLY B 889 21.07 -17.30 44.86
CA GLY B 889 20.38 -17.69 43.65
C GLY B 889 20.19 -19.19 43.57
N ALA B 890 21.25 -19.92 43.95
CA ALA B 890 21.18 -21.38 43.90
C ALA B 890 20.18 -21.93 44.90
N GLY B 891 19.97 -21.24 46.02
CA GLY B 891 19.05 -21.72 47.03
C GLY B 891 18.81 -20.70 48.12
N ALA B 892 18.80 -21.14 49.37
CA ALA B 892 18.64 -20.22 50.47
C ALA B 892 19.87 -19.33 50.59
N ALA B 893 19.65 -18.10 51.06
CA ALA B 893 20.74 -17.15 51.19
C ALA B 893 21.62 -17.54 52.38
N LEU B 894 22.91 -17.68 52.12
CA LEU B 894 23.87 -18.11 53.13
C LEU B 894 24.89 -17.00 53.29
N GLN B 895 24.83 -16.30 54.43
CA GLN B 895 25.70 -15.15 54.64
C GLN B 895 27.16 -15.58 54.62
N ILE B 896 28.03 -14.61 54.39
CA ILE B 896 29.47 -14.81 54.31
C ILE B 896 30.14 -13.45 54.36
N PRO B 897 31.22 -13.29 55.13
CA PRO B 897 31.89 -11.98 55.17
C PRO B 897 32.31 -11.57 53.76
N PHE B 898 32.12 -10.29 53.45
CA PHE B 898 32.34 -9.82 52.08
C PHE B 898 33.80 -10.02 51.66
N ALA B 899 34.74 -9.76 52.58
CA ALA B 899 36.15 -10.01 52.27
C ALA B 899 36.38 -11.43 51.80
N MET B 900 35.77 -12.41 52.47
CA MET B 900 35.97 -13.80 52.07
C MET B 900 35.24 -14.11 50.78
N GLN B 901 34.12 -13.42 50.51
CA GLN B 901 33.46 -13.56 49.22
C GLN B 901 34.36 -13.10 48.10
N MET B 902 35.01 -11.95 48.28
CA MET B 902 35.96 -11.47 47.28
C MET B 902 37.17 -12.39 47.19
N ALA B 903 37.54 -13.04 48.29
CA ALA B 903 38.60 -14.04 48.24
C ALA B 903 38.21 -15.20 47.34
N TYR B 904 36.96 -15.66 47.46
CA TYR B 904 36.45 -16.70 46.56
C TYR B 904 36.45 -16.22 45.13
N ARG B 905 36.05 -14.95 44.91
CA ARG B 905 36.00 -14.41 43.56
C ARG B 905 37.39 -14.38 42.93
N PHE B 906 38.39 -13.90 43.69
CA PHE B 906 39.76 -13.91 43.22
C PHE B 906 40.23 -15.33 42.95
N ASN B 907 39.91 -16.26 43.85
CA ASN B 907 40.32 -17.65 43.68
C ASN B 907 39.71 -18.27 42.42
N GLY B 908 38.65 -17.66 41.88
CA GLY B 908 38.01 -18.18 40.69
C GLY B 908 38.59 -17.67 39.39
N ILE B 909 39.44 -16.66 39.46
CA ILE B 909 40.08 -16.10 38.27
C ILE B 909 41.58 -16.41 38.26
N GLY B 910 42.00 -17.44 39.00
CA GLY B 910 43.39 -17.86 38.97
C GLY B 910 44.32 -17.09 39.89
N VAL B 911 43.79 -16.31 40.83
CA VAL B 911 44.60 -15.59 41.80
C VAL B 911 44.26 -16.12 43.19
N THR B 912 45.28 -16.61 43.90
CA THR B 912 45.07 -17.21 45.20
C THR B 912 44.45 -16.21 46.18
N GLN B 913 43.96 -16.74 47.30
CA GLN B 913 43.23 -15.91 48.26
C GLN B 913 44.15 -14.89 48.92
N ASN B 914 45.37 -15.30 49.30
CA ASN B 914 46.25 -14.44 50.09
C ASN B 914 46.54 -13.11 49.38
N VAL B 915 46.45 -13.08 48.05
CA VAL B 915 46.64 -11.84 47.32
C VAL B 915 45.65 -10.78 47.80
N LEU B 916 44.38 -11.17 47.98
CA LEU B 916 43.38 -10.24 48.49
C LEU B 916 43.72 -9.79 49.89
N TYR B 917 43.78 -10.73 50.84
CA TYR B 917 43.95 -10.37 52.24
C TYR B 917 45.19 -9.51 52.46
N GLU B 918 46.31 -9.87 51.82
CA GLU B 918 47.51 -9.06 51.96
C GLU B 918 47.38 -7.70 51.28
N ASN B 919 46.36 -7.50 50.45
CA ASN B 919 46.15 -6.24 49.75
C ASN B 919 44.67 -5.86 49.80
N GLN B 920 44.05 -6.00 50.97
CA GLN B 920 42.62 -5.72 51.11
C GLN B 920 42.34 -4.23 50.99
N LYS B 921 43.11 -3.41 51.72
CA LYS B 921 42.88 -1.98 51.73
C LYS B 921 43.08 -1.37 50.34
N LEU B 922 44.11 -1.82 49.63
CA LEU B 922 44.36 -1.33 48.27
C LEU B 922 43.16 -1.59 47.37
N ILE B 923 42.64 -2.82 47.40
CA ILE B 923 41.50 -3.16 46.56
C ILE B 923 40.27 -2.35 46.95
N ALA B 924 40.02 -2.20 48.26
CA ALA B 924 38.88 -1.40 48.70
C ALA B 924 39.00 0.04 48.21
N ASN B 925 40.19 0.63 48.33
CA ASN B 925 40.37 2.01 47.88
C ASN B 925 40.18 2.11 46.37
N GLN B 926 40.70 1.14 45.61
CA GLN B 926 40.50 1.13 44.18
C GLN B 926 39.02 1.05 43.83
N PHE B 927 38.27 0.21 44.52
CA PHE B 927 36.84 0.08 44.23
C PHE B 927 36.11 1.38 44.53
N ASN B 928 36.43 2.02 45.66
CA ASN B 928 35.79 3.29 45.99
C ASN B 928 36.12 4.36 44.95
N SER B 929 37.39 4.46 44.56
CA SER B 929 37.76 5.43 43.54
C SER B 929 37.08 5.16 42.22
N ALA B 930 36.93 3.88 41.84
CA ALA B 930 36.23 3.54 40.61
C ALA B 930 34.77 3.94 40.67
N ILE B 931 34.12 3.71 41.82
CA ILE B 931 32.73 4.12 41.98
C ILE B 931 32.61 5.64 41.88
N GLY B 932 33.52 6.37 42.51
CA GLY B 932 33.52 7.82 42.38
C GLY B 932 33.70 8.28 40.96
N LYS B 933 34.61 7.66 40.23
CA LYS B 933 34.83 8.00 38.82
C LYS B 933 33.58 7.73 37.99
N ILE B 934 32.89 6.62 38.27
CA ILE B 934 31.65 6.31 37.56
C ILE B 934 30.61 7.39 37.83
N GLN B 935 30.46 7.79 39.09
CA GLN B 935 29.54 8.87 39.43
C GLN B 935 29.89 10.15 38.67
N ASP B 936 31.17 10.52 38.66
CA ASP B 936 31.59 11.74 37.97
C ASP B 936 31.27 11.65 36.48
N SER B 937 31.58 10.50 35.86
CA SER B 937 31.33 10.34 34.44
C SER B 937 29.85 10.44 34.13
N LEU B 938 29.01 9.81 34.93
CA LEU B 938 27.56 9.86 34.70
C LEU B 938 27.00 11.25 34.94
N SER B 939 27.55 11.98 35.91
CA SER B 939 27.04 13.31 36.21
C SER B 939 27.49 14.34 35.18
N SER B 940 28.67 14.15 34.59
CA SER B 940 29.21 15.16 33.67
C SER B 940 28.65 14.99 32.27
N THR B 941 28.58 13.76 31.78
CA THR B 941 28.19 13.46 30.41
C THR B 941 26.77 12.90 30.40
N ALA B 942 25.92 13.45 29.53
CA ALA B 942 24.57 12.95 29.36
C ALA B 942 24.41 11.97 28.20
N SER B 943 25.35 11.96 27.25
CA SER B 943 25.29 11.01 26.14
C SER B 943 25.57 9.58 26.57
N ALA B 944 26.06 9.37 27.79
CA ALA B 944 26.40 8.02 28.25
C ALA B 944 25.21 7.08 28.12
N LEU B 945 24.00 7.55 28.44
CA LEU B 945 22.80 6.73 28.37
C LEU B 945 22.11 6.82 27.02
N GLY B 946 22.88 7.14 25.96
CA GLY B 946 22.28 7.27 24.64
C GLY B 946 21.47 6.06 24.24
N LYS B 947 21.98 4.86 24.52
CA LYS B 947 21.27 3.63 24.16
C LYS B 947 19.83 3.65 24.67
N LEU B 948 19.61 4.13 25.89
CA LEU B 948 18.25 4.28 26.36
C LEU B 948 17.54 5.41 25.63
N GLN B 949 18.18 6.58 25.58
CA GLN B 949 17.54 7.76 24.99
C GLN B 949 17.04 7.48 23.58
N ASP B 950 17.92 6.93 22.74
CA ASP B 950 17.56 6.52 21.38
C ASP B 950 16.20 5.85 21.38
N VAL B 951 16.06 4.78 22.17
CA VAL B 951 14.81 4.03 22.22
C VAL B 951 13.64 4.99 22.36
N VAL B 952 13.65 5.75 23.47
CA VAL B 952 12.58 6.70 23.73
C VAL B 952 12.32 7.53 22.49
N ASN B 953 13.37 8.20 22.00
CA ASN B 953 13.22 9.10 20.85
C ASN B 953 12.50 8.39 19.73
N GLN B 954 12.98 7.19 19.37
CA GLN B 954 12.40 6.48 18.25
C GLN B 954 10.90 6.35 18.42
N ASN B 955 10.47 5.83 19.58
CA ASN B 955 9.04 5.66 19.81
C ASN B 955 8.32 6.98 19.58
N ALA B 956 8.80 8.03 20.24
CA ALA B 956 8.16 9.34 20.11
C ALA B 956 8.04 9.71 18.64
N GLN B 957 9.15 9.62 17.92
CA GLN B 957 9.16 9.99 16.51
C GLN B 957 8.06 9.24 15.77
N ALA B 958 8.01 7.92 15.95
CA ALA B 958 6.96 7.11 15.33
C ALA B 958 5.60 7.76 15.57
N LEU B 959 5.24 7.91 16.84
CA LEU B 959 3.94 8.46 17.20
C LEU B 959 3.71 9.77 16.47
N ASN B 960 4.72 10.65 16.50
CA ASN B 960 4.57 11.96 15.87
C ASN B 960 4.16 11.81 14.42
N THR B 961 4.87 10.98 13.67
CA THR B 961 4.53 10.79 12.26
C THR B 961 3.09 10.31 12.14
N LEU B 962 2.71 9.33 12.97
CA LEU B 962 1.33 8.85 12.98
C LEU B 962 0.36 10.02 13.13
N VAL B 963 0.60 10.87 14.14
CA VAL B 963 -0.27 12.02 14.34
C VAL B 963 -0.28 12.91 13.10
N LYS B 964 0.89 13.16 12.53
CA LYS B 964 0.94 14.01 11.36
C LYS B 964 0.26 13.38 10.16
N GLN B 965 0.12 12.04 10.15
CA GLN B 965 -0.61 11.41 9.07
C GLN B 965 -2.09 11.78 9.07
N LEU B 966 -2.60 12.35 10.17
CA LEU B 966 -3.97 12.85 10.19
C LEU B 966 -4.12 14.15 9.42
N SER B 967 -3.03 14.77 9.00
CA SER B 967 -3.06 16.05 8.30
C SER B 967 -2.97 15.88 6.78
N SER B 968 -2.99 14.66 6.29
CA SER B 968 -2.85 14.37 4.87
C SER B 968 -4.19 14.03 4.23
N ASN B 969 -4.37 14.47 2.98
CA ASN B 969 -5.61 14.26 2.28
C ASN B 969 -5.68 12.87 1.65
N PHE B 970 -4.54 12.27 1.34
CA PHE B 970 -4.44 10.95 0.70
C PHE B 970 -5.22 10.90 -0.61
N GLY B 971 -5.43 12.04 -1.26
CA GLY B 971 -6.21 12.11 -2.48
C GLY B 971 -7.61 12.65 -2.29
N ALA B 972 -8.10 12.69 -1.06
CA ALA B 972 -9.41 13.27 -0.78
C ALA B 972 -9.38 14.78 -1.01
N ILE B 973 -10.55 15.41 -0.86
CA ILE B 973 -10.67 16.84 -1.05
C ILE B 973 -10.42 17.64 0.22
N SER B 974 -10.20 16.98 1.35
CA SER B 974 -9.88 17.65 2.61
C SER B 974 -9.45 16.61 3.62
N SER B 975 -8.46 16.96 4.45
CA SER B 975 -7.96 16.04 5.47
C SER B 975 -8.78 16.05 6.74
N VAL B 976 -9.87 16.81 6.80
CA VAL B 976 -10.74 16.87 7.96
C VAL B 976 -12.04 16.18 7.61
N LEU B 977 -12.34 15.10 8.34
CA LEU B 977 -13.54 14.31 8.05
C LEU B 977 -14.81 15.13 8.21
N ASN B 978 -14.84 16.01 9.22
CA ASN B 978 -16.02 16.83 9.47
C ASN B 978 -16.35 17.72 8.27
N ASP B 979 -15.31 18.29 7.65
CA ASP B 979 -15.54 19.14 6.49
C ASP B 979 -16.14 18.36 5.32
N ILE B 980 -15.61 17.16 5.06
CA ILE B 980 -16.14 16.34 3.97
C ILE B 980 -17.59 15.95 4.27
N LEU B 981 -17.90 15.65 5.53
CA LEU B 981 -19.28 15.32 5.87
C LEU B 981 -20.20 16.53 5.75
N SER B 982 -19.69 17.72 6.03
CA SER B 982 -20.49 18.93 5.96
C SER B 982 -20.61 19.49 4.55
N ARG B 983 -19.76 19.06 3.62
CA ARG B 983 -19.71 19.63 2.29
C ARG B 983 -20.26 18.74 1.19
N LEU B 984 -20.38 17.43 1.43
CA LEU B 984 -20.83 16.51 0.40
C LEU B 984 -21.93 15.60 0.94
N ASP B 985 -22.83 15.20 0.04
CA ASP B 985 -23.84 14.21 0.35
C ASP B 985 -23.22 12.82 0.29
N PRO B 986 -23.90 11.81 0.83
CA PRO B 986 -23.30 10.45 0.93
C PRO B 986 -22.77 9.93 -0.39
N PRO B 987 -23.47 10.11 -1.53
CA PRO B 987 -22.97 9.49 -2.78
C PRO B 987 -21.48 9.66 -3.06
N GLU B 988 -20.92 10.84 -2.80
CA GLU B 988 -19.49 11.05 -3.00
C GLU B 988 -18.71 11.22 -1.70
N ALA B 989 -19.39 11.64 -0.62
CA ALA B 989 -18.76 11.60 0.69
C ALA B 989 -18.26 10.21 1.02
N GLU B 990 -18.95 9.17 0.54
CA GLU B 990 -18.49 7.81 0.79
C GLU B 990 -17.16 7.55 0.11
N VAL B 991 -16.99 8.02 -1.13
CA VAL B 991 -15.73 7.84 -1.82
C VAL B 991 -14.62 8.60 -1.10
N GLN B 992 -14.89 9.84 -0.72
CA GLN B 992 -13.87 10.65 -0.04
C GLN B 992 -13.45 9.99 1.27
N ILE B 993 -14.43 9.58 2.08
CA ILE B 993 -14.14 8.92 3.34
C ILE B 993 -13.44 7.58 3.11
N ASP B 994 -13.74 6.90 2.01
CA ASP B 994 -13.05 5.66 1.68
C ASP B 994 -11.57 5.92 1.45
N ARG B 995 -11.25 6.97 0.69
CA ARG B 995 -9.85 7.32 0.49
C ARG B 995 -9.17 7.66 1.82
N LEU B 996 -9.82 8.47 2.64
CA LEU B 996 -9.24 8.84 3.93
C LEU B 996 -9.02 7.61 4.81
N ILE B 997 -10.01 6.71 4.86
CA ILE B 997 -9.92 5.51 5.68
C ILE B 997 -8.79 4.62 5.20
N THR B 998 -8.66 4.45 3.88
CA THR B 998 -7.57 3.64 3.35
C THR B 998 -6.23 4.21 3.76
N GLY B 999 -6.06 5.53 3.62
CA GLY B 999 -4.80 6.15 3.99
C GLY B 999 -4.49 5.96 5.46
N ARG B 1000 -5.46 6.26 6.32
CA ARG B 1000 -5.22 6.18 7.76
C ARG B 1000 -4.99 4.74 8.21
N LEU B 1001 -5.70 3.78 7.60
CA LEU B 1001 -5.48 2.37 7.91
C LEU B 1001 -4.08 1.94 7.50
N GLN B 1002 -3.61 2.39 6.33
CA GLN B 1002 -2.24 2.07 5.93
C GLN B 1002 -1.24 2.65 6.90
N SER B 1003 -1.46 3.88 7.35
CA SER B 1003 -0.57 4.49 8.34
C SER B 1003 -0.57 3.68 9.64
N LEU B 1004 -1.76 3.27 10.10
CA LEU B 1004 -1.84 2.49 11.32
C LEU B 1004 -1.11 1.16 11.19
N GLN B 1005 -1.29 0.48 10.06
CA GLN B 1005 -0.61 -0.79 9.84
C GLN B 1005 0.90 -0.62 9.82
N THR B 1006 1.37 0.43 9.15
CA THR B 1006 2.81 0.71 9.14
C THR B 1006 3.33 0.93 10.55
N TYR B 1007 2.62 1.75 11.33
CA TYR B 1007 3.04 2.02 12.71
C TYR B 1007 3.06 0.74 13.52
N VAL B 1008 2.05 -0.11 13.35
CA VAL B 1008 1.98 -1.36 14.12
C VAL B 1008 3.15 -2.26 13.76
N THR B 1009 3.48 -2.36 12.48
CA THR B 1009 4.61 -3.19 12.07
C THR B 1009 5.93 -2.66 12.64
N GLN B 1010 6.12 -1.34 12.58
CA GLN B 1010 7.31 -0.74 13.19
C GLN B 1010 7.38 -1.07 14.67
N GLN B 1011 6.25 -0.95 15.38
CA GLN B 1011 6.22 -1.25 16.80
C GLN B 1011 6.56 -2.72 17.05
N LEU B 1012 6.05 -3.61 16.21
CA LEU B 1012 6.31 -5.03 16.37
C LEU B 1012 7.80 -5.33 16.21
N ILE B 1013 8.42 -4.75 15.19
CA ILE B 1013 9.85 -5.01 14.97
C ILE B 1013 10.68 -4.42 16.10
N ARG B 1014 10.36 -3.21 16.54
CA ARG B 1014 11.09 -2.62 17.65
C ARG B 1014 10.88 -3.40 18.94
N ALA B 1015 9.69 -3.97 19.12
CA ALA B 1015 9.42 -4.80 20.29
C ALA B 1015 10.22 -6.10 20.23
N ALA B 1016 10.40 -6.66 19.03
CA ALA B 1016 11.30 -7.81 18.90
C ALA B 1016 12.73 -7.43 19.29
N GLU B 1017 13.18 -6.25 18.84
CA GLU B 1017 14.50 -5.75 19.24
C GLU B 1017 14.61 -5.67 20.75
N ILE B 1018 13.64 -5.02 21.38
CA ILE B 1018 13.67 -4.81 22.82
C ILE B 1018 13.54 -6.13 23.57
N ARG B 1019 12.80 -7.10 23.04
CA ARG B 1019 12.74 -8.41 23.65
C ARG B 1019 14.08 -9.10 23.62
N ALA B 1020 14.80 -8.99 22.49
CA ALA B 1020 16.15 -9.54 22.42
C ALA B 1020 17.05 -8.89 23.45
N SER B 1021 16.99 -7.56 23.56
CA SER B 1021 17.80 -6.85 24.55
C SER B 1021 17.41 -7.25 25.97
N ALA B 1022 16.12 -7.49 26.22
CA ALA B 1022 15.67 -7.89 27.54
C ALA B 1022 16.13 -9.29 27.89
N ASN B 1023 16.11 -10.20 26.92
CA ASN B 1023 16.66 -11.53 27.14
C ASN B 1023 18.15 -11.45 27.45
N LEU B 1024 18.88 -10.59 26.74
CA LEU B 1024 20.29 -10.41 27.04
C LEU B 1024 20.48 -9.86 28.45
N ALA B 1025 19.67 -8.90 28.85
CA ALA B 1025 19.77 -8.33 30.19
C ALA B 1025 19.45 -9.37 31.26
N ALA B 1026 18.43 -10.19 31.03
CA ALA B 1026 18.09 -11.24 31.98
C ALA B 1026 19.20 -12.26 32.10
N THR B 1027 19.81 -12.64 30.98
CA THR B 1027 20.93 -13.58 31.03
C THR B 1027 22.11 -12.97 31.78
N LYS B 1028 22.39 -11.69 31.54
CA LYS B 1028 23.48 -11.03 32.27
C LYS B 1028 23.19 -10.98 33.76
N MET B 1029 21.94 -10.68 34.13
CA MET B 1029 21.60 -10.63 35.56
C MET B 1029 21.71 -12.00 36.20
N SER B 1030 21.31 -13.04 35.48
CA SER B 1030 21.40 -14.40 36.03
C SER B 1030 22.84 -14.83 36.21
N GLU B 1031 23.66 -14.69 35.17
CA GLU B 1031 25.00 -15.28 35.14
C GLU B 1031 26.08 -14.31 35.57
N CYS B 1032 25.72 -13.10 35.96
CA CYS B 1032 26.66 -12.03 36.27
C CYS B 1032 26.46 -11.46 37.67
N VAL B 1033 25.21 -11.28 38.08
CA VAL B 1033 24.90 -10.80 39.43
C VAL B 1033 24.74 -11.96 40.40
N LEU B 1034 23.86 -12.90 40.07
CA LEU B 1034 23.59 -14.07 40.91
C LEU B 1034 24.70 -15.09 40.89
N GLY B 1035 25.81 -14.79 40.23
CA GLY B 1035 26.94 -15.68 40.17
C GLY B 1035 28.23 -14.98 39.81
N GLN B 1036 29.08 -15.67 39.06
CA GLN B 1036 30.35 -15.10 38.60
C GLN B 1036 30.65 -15.73 37.26
N SER B 1037 30.49 -14.96 36.18
CA SER B 1037 30.69 -15.49 34.85
C SER B 1037 32.17 -15.50 34.49
N LYS B 1038 32.65 -16.63 33.98
CA LYS B 1038 33.97 -16.73 33.40
C LYS B 1038 33.96 -16.50 31.90
N ARG B 1039 32.80 -16.13 31.34
CA ARG B 1039 32.73 -15.79 29.94
C ARG B 1039 33.48 -14.48 29.69
N VAL B 1040 34.42 -14.53 28.74
CA VAL B 1040 35.33 -13.41 28.53
C VAL B 1040 34.58 -12.24 27.90
N ASP B 1041 34.78 -11.05 28.47
CA ASP B 1041 34.24 -9.79 27.96
C ASP B 1041 32.71 -9.75 27.98
N PHE B 1042 32.07 -10.80 28.49
CA PHE B 1042 30.62 -10.81 28.60
C PHE B 1042 30.13 -10.07 29.83
N CYS B 1043 31.01 -9.83 30.80
CA CYS B 1043 30.66 -9.12 32.02
C CYS B 1043 31.75 -8.09 32.35
N GLY B 1044 32.10 -7.29 31.37
CA GLY B 1044 33.05 -6.22 31.54
C GLY B 1044 34.46 -6.60 31.11
N LYS B 1045 35.22 -5.60 30.68
CA LYS B 1045 36.59 -5.82 30.24
C LYS B 1045 37.46 -6.30 31.41
N GLY B 1046 38.34 -7.26 31.13
CA GLY B 1046 39.16 -7.85 32.16
C GLY B 1046 38.55 -9.11 32.74
N TYR B 1047 39.13 -9.55 33.84
CA TYR B 1047 38.62 -10.71 34.55
C TYR B 1047 37.45 -10.26 35.42
N HIS B 1048 36.33 -10.97 35.33
CA HIS B 1048 35.13 -10.54 36.04
C HIS B 1048 35.20 -10.95 37.49
N LEU B 1049 34.92 -9.99 38.37
CA LEU B 1049 34.78 -10.22 39.81
C LEU B 1049 33.33 -10.29 40.24
N MET B 1050 32.54 -9.27 39.90
CA MET B 1050 31.12 -9.28 40.23
C MET B 1050 30.42 -8.20 39.42
N SER B 1051 29.12 -8.03 39.70
CA SER B 1051 28.31 -7.04 39.00
C SER B 1051 27.29 -6.47 39.97
N PHE B 1052 26.86 -5.24 39.71
CA PHE B 1052 25.79 -4.62 40.48
C PHE B 1052 24.75 -4.04 39.53
N PRO B 1053 23.48 -4.40 39.65
CA PRO B 1053 22.46 -3.85 38.76
C PRO B 1053 21.88 -2.56 39.28
N GLN B 1054 21.44 -1.72 38.35
CA GLN B 1054 20.79 -0.46 38.66
C GLN B 1054 19.64 -0.24 37.69
N SER B 1055 18.50 0.19 38.22
CA SER B 1055 17.38 0.49 37.34
C SER B 1055 17.70 1.72 36.49
N ALA B 1056 16.85 1.96 35.49
CA ALA B 1056 16.91 3.16 34.67
C ALA B 1056 15.64 3.21 33.83
N PRO B 1057 15.19 4.40 33.40
CA PRO B 1057 13.93 4.47 32.65
C PRO B 1057 13.95 3.56 31.43
N HIS B 1058 13.13 2.50 31.48
CA HIS B 1058 13.02 1.54 30.40
C HIS B 1058 14.36 0.86 30.11
N GLY B 1059 15.10 0.52 31.16
CA GLY B 1059 16.36 -0.16 30.94
C GLY B 1059 17.09 -0.43 32.26
N VAL B 1060 18.19 -1.15 32.14
CA VAL B 1060 19.02 -1.52 33.28
C VAL B 1060 20.46 -1.13 32.98
N VAL B 1061 21.22 -0.90 34.03
CA VAL B 1061 22.62 -0.50 33.94
C VAL B 1061 23.42 -1.40 34.88
N PHE B 1062 24.36 -2.15 34.31
CA PHE B 1062 25.23 -3.01 35.10
C PHE B 1062 26.56 -2.31 35.36
N LEU B 1063 26.92 -2.20 36.64
CA LEU B 1063 28.27 -1.82 37.04
C LEU B 1063 29.06 -3.10 37.22
N HIS B 1064 29.93 -3.39 36.25
CA HIS B 1064 30.72 -4.62 36.24
C HIS B 1064 32.04 -4.34 36.95
N VAL B 1065 32.26 -4.97 38.09
CA VAL B 1065 33.51 -4.86 38.82
C VAL B 1065 34.44 -5.98 38.34
N THR B 1066 35.56 -5.60 37.74
CA THR B 1066 36.49 -6.50 37.10
C THR B 1066 37.91 -6.22 37.59
N TYR B 1067 38.76 -7.23 37.47
CA TYR B 1067 40.15 -7.16 37.90
C TYR B 1067 41.04 -7.09 36.67
N VAL B 1068 41.94 -6.10 36.64
CA VAL B 1068 42.77 -5.84 35.47
C VAL B 1068 44.22 -5.69 35.90
N PRO B 1069 45.13 -6.54 35.44
CA PRO B 1069 46.55 -6.33 35.75
C PRO B 1069 47.06 -5.01 35.19
N ALA B 1070 47.89 -4.32 35.98
CA ALA B 1070 48.32 -2.96 35.68
C ALA B 1070 49.82 -2.89 35.42
N GLN B 1071 50.65 -3.33 36.35
CA GLN B 1071 52.10 -3.18 36.26
C GLN B 1071 52.68 -4.57 36.01
N GLU B 1072 53.59 -4.66 35.04
CA GLU B 1072 54.10 -5.93 34.56
C GLU B 1072 55.62 -5.89 34.45
N LYS B 1073 56.23 -7.07 34.56
CA LYS B 1073 57.68 -7.21 34.48
C LYS B 1073 58.02 -8.36 33.55
N ASN B 1074 59.11 -8.19 32.80
CA ASN B 1074 59.66 -9.26 31.98
C ASN B 1074 60.34 -10.30 32.86
N PHE B 1075 60.30 -11.56 32.42
CA PHE B 1075 61.06 -12.62 33.08
C PHE B 1075 61.47 -13.66 32.05
N THR B 1076 62.59 -14.31 32.31
CA THR B 1076 62.96 -15.49 31.54
C THR B 1076 62.26 -16.70 32.15
N THR B 1077 61.71 -17.56 31.31
CA THR B 1077 60.88 -18.65 31.79
C THR B 1077 61.28 -19.96 31.14
N ALA B 1078 60.92 -21.05 31.82
CA ALA B 1078 61.17 -22.40 31.35
C ALA B 1078 59.95 -23.27 31.61
N PRO B 1079 59.64 -24.20 30.71
CA PRO B 1079 58.46 -25.04 30.90
C PRO B 1079 58.60 -26.07 32.01
N ALA B 1080 59.82 -26.42 32.40
CA ALA B 1080 60.07 -27.40 33.45
C ALA B 1080 61.56 -27.44 33.73
N ILE B 1081 61.93 -28.09 34.83
CA ILE B 1081 63.31 -28.11 35.32
C ILE B 1081 63.68 -29.53 35.73
N CYS B 1082 64.85 -29.99 35.29
CA CYS B 1082 65.41 -31.23 35.83
C CYS B 1082 65.89 -31.00 37.25
N HIS B 1083 65.73 -32.03 38.10
CA HIS B 1083 66.39 -32.06 39.39
C HIS B 1083 67.27 -33.29 39.56
N ASP B 1084 66.74 -34.48 39.29
CA ASP B 1084 67.48 -35.73 39.41
C ASP B 1084 67.23 -36.58 38.17
N GLY B 1085 67.19 -35.96 37.00
CA GLY B 1085 66.83 -36.63 35.76
C GLY B 1085 65.35 -36.51 35.47
N LYS B 1086 64.53 -36.63 36.52
CA LYS B 1086 63.10 -36.41 36.40
C LYS B 1086 62.80 -34.92 36.19
N ALA B 1087 61.68 -34.65 35.53
CA ALA B 1087 61.24 -33.30 35.25
C ALA B 1087 60.12 -32.92 36.21
N HIS B 1088 60.11 -31.65 36.63
CA HIS B 1088 59.10 -31.12 37.52
C HIS B 1088 58.26 -30.10 36.76
N PHE B 1089 56.94 -30.23 36.86
CA PHE B 1089 56.05 -29.25 36.27
C PHE B 1089 55.26 -28.56 37.38
N PRO B 1090 54.97 -27.27 37.22
CA PRO B 1090 54.31 -26.55 38.31
C PRO B 1090 52.83 -26.86 38.38
N ARG B 1091 52.34 -27.12 39.59
CA ARG B 1091 50.93 -27.41 39.79
C ARG B 1091 50.06 -26.24 39.34
N GLU B 1092 50.23 -25.10 40.00
CA GLU B 1092 49.52 -23.87 39.66
C GLU B 1092 50.52 -22.73 39.62
N GLY B 1093 50.70 -22.14 38.44
CA GLY B 1093 51.69 -21.11 38.21
C GLY B 1093 52.76 -21.57 37.25
N VAL B 1094 53.69 -20.65 36.97
CA VAL B 1094 54.76 -20.86 36.02
C VAL B 1094 56.10 -20.58 36.68
N PHE B 1095 57.15 -21.22 36.14
CA PHE B 1095 58.51 -20.94 36.57
C PHE B 1095 58.98 -19.62 35.98
N VAL B 1096 59.71 -18.85 36.79
CA VAL B 1096 60.31 -17.58 36.36
C VAL B 1096 61.73 -17.49 36.89
N SER B 1097 62.50 -16.58 36.30
CA SER B 1097 63.84 -16.29 36.77
C SER B 1097 64.08 -14.79 36.72
N ASN B 1098 64.51 -14.23 37.84
CA ASN B 1098 64.87 -12.81 37.90
C ASN B 1098 66.29 -12.55 37.40
N GLY B 1099 66.90 -13.50 36.70
CA GLY B 1099 68.23 -13.34 36.18
C GLY B 1099 69.20 -14.39 36.68
N THR B 1100 69.10 -14.73 37.96
CA THR B 1100 70.01 -15.67 38.59
C THR B 1100 69.32 -16.87 39.21
N HIS B 1101 68.21 -16.66 39.92
CA HIS B 1101 67.51 -17.72 40.62
C HIS B 1101 66.20 -18.03 39.92
N TRP B 1102 65.63 -19.20 40.26
CA TRP B 1102 64.39 -19.67 39.68
C TRP B 1102 63.34 -19.82 40.76
N PHE B 1103 62.17 -19.23 40.54
CA PHE B 1103 61.02 -19.34 41.42
C PHE B 1103 59.83 -19.89 40.66
N VAL B 1104 58.80 -20.28 41.40
CA VAL B 1104 57.51 -20.65 40.82
C VAL B 1104 56.47 -19.67 41.35
N THR B 1105 55.81 -18.96 40.44
CA THR B 1105 54.86 -17.91 40.79
C THR B 1105 53.55 -18.14 40.04
N GLN B 1106 52.43 -17.92 40.72
CA GLN B 1106 51.14 -17.93 40.04
C GLN B 1106 51.17 -16.99 38.84
N ARG B 1107 50.36 -17.31 37.84
CA ARG B 1107 50.49 -16.70 36.53
C ARG B 1107 49.71 -15.40 36.37
N ASN B 1108 48.91 -15.01 37.36
CA ASN B 1108 48.14 -13.78 37.30
C ASN B 1108 48.65 -12.73 38.26
N PHE B 1109 49.66 -13.03 39.08
CA PHE B 1109 50.20 -12.08 40.04
C PHE B 1109 51.58 -12.58 40.47
N TYR B 1110 52.59 -11.73 40.30
CA TYR B 1110 53.97 -12.12 40.59
C TYR B 1110 54.11 -12.38 42.09
N GLU B 1111 54.14 -13.65 42.47
CA GLU B 1111 54.24 -14.07 43.87
C GLU B 1111 55.30 -15.16 43.93
N PRO B 1112 56.57 -14.80 43.84
CA PRO B 1112 57.62 -15.82 43.72
C PRO B 1112 57.70 -16.71 44.95
N GLN B 1113 57.75 -18.01 44.71
CA GLN B 1113 57.91 -19.01 45.76
C GLN B 1113 59.05 -19.94 45.40
N ILE B 1114 59.81 -20.38 46.41
CA ILE B 1114 60.88 -21.34 46.18
C ILE B 1114 60.29 -22.59 45.54
N ILE B 1115 61.04 -23.20 44.63
CA ILE B 1115 60.58 -24.39 43.93
C ILE B 1115 60.82 -25.59 44.83
N THR B 1116 59.75 -26.35 45.12
CA THR B 1116 59.81 -27.50 46.01
C THR B 1116 58.93 -28.60 45.44
N THR B 1117 58.89 -29.73 46.14
CA THR B 1117 58.12 -30.88 45.66
C THR B 1117 56.64 -30.80 46.04
N ASP B 1118 56.21 -29.76 46.74
CA ASP B 1118 54.79 -29.54 46.97
C ASP B 1118 54.19 -28.47 46.08
N ASN B 1119 55.03 -27.74 45.34
CA ASN B 1119 54.59 -26.82 44.31
C ASN B 1119 54.61 -27.43 42.92
N THR B 1120 55.41 -28.47 42.73
CA THR B 1120 55.65 -29.09 41.43
C THR B 1120 55.41 -30.59 41.55
N PHE B 1121 54.96 -31.18 40.45
CA PHE B 1121 54.73 -32.62 40.37
C PHE B 1121 55.63 -33.21 39.29
N VAL B 1122 56.02 -34.46 39.50
CA VAL B 1122 56.98 -35.13 38.63
C VAL B 1122 56.20 -35.84 37.52
N SER B 1123 56.86 -36.03 36.38
CA SER B 1123 56.28 -36.81 35.29
C SER B 1123 57.42 -37.23 34.36
N GLY B 1124 57.70 -38.52 34.29
CA GLY B 1124 58.67 -38.98 33.32
C GLY B 1124 60.07 -38.47 33.63
N ASN B 1125 60.80 -38.14 32.57
CA ASN B 1125 62.16 -37.63 32.67
C ASN B 1125 62.29 -36.46 31.71
N CYS B 1126 63.34 -35.67 31.91
CA CYS B 1126 63.47 -34.38 31.23
C CYS B 1126 64.33 -34.45 29.97
N ASP B 1127 64.28 -35.56 29.26
CA ASP B 1127 64.83 -35.65 27.91
C ASP B 1127 63.82 -35.37 26.81
N VAL B 1128 62.55 -35.12 27.13
CA VAL B 1128 61.51 -34.92 26.13
C VAL B 1128 61.03 -33.47 26.05
N VAL B 1129 60.84 -32.82 27.20
CA VAL B 1129 60.34 -31.46 27.21
C VAL B 1129 61.35 -30.54 26.51
N ILE B 1130 60.83 -29.58 25.75
CA ILE B 1130 61.61 -28.62 24.99
C ILE B 1130 61.70 -27.31 25.77
N GLY B 1131 62.93 -26.83 26.00
CA GLY B 1131 63.18 -25.61 26.75
C GLY B 1131 63.53 -25.79 28.21
N ILE B 1132 63.69 -27.03 28.68
CA ILE B 1132 64.03 -27.28 30.08
C ILE B 1132 65.33 -26.58 30.46
N VAL B 1133 65.42 -26.20 31.74
CA VAL B 1133 66.59 -25.54 32.30
C VAL B 1133 66.93 -26.25 33.60
N ASN B 1134 68.21 -26.25 33.95
CA ASN B 1134 68.65 -26.92 35.17
C ASN B 1134 68.39 -26.05 36.39
N ASN B 1135 68.16 -26.72 37.52
CA ASN B 1135 67.93 -26.06 38.81
C ASN B 1135 67.80 -27.15 39.86
N THR B 1136 67.76 -26.74 41.12
CA THR B 1136 67.54 -27.64 42.25
C THR B 1136 66.15 -27.45 42.81
N VAL B 1137 65.50 -28.56 43.15
CA VAL B 1137 64.16 -28.56 43.73
C VAL B 1137 64.32 -28.94 45.19
N TYR B 1138 64.27 -27.94 46.06
CA TYR B 1138 64.39 -28.19 47.50
C TYR B 1138 63.28 -29.12 47.98
N ASP B 1139 63.66 -30.09 48.80
CA ASP B 1139 62.72 -31.08 49.31
C ASP B 1139 62.47 -30.82 50.80
N PRO B 1140 61.25 -30.50 51.20
CA PRO B 1140 61.02 -30.17 52.62
C PRO B 1140 61.34 -31.30 53.57
N LEU B 1141 61.21 -32.56 53.13
CA LEU B 1141 61.35 -33.69 54.03
C LEU B 1141 62.80 -33.96 54.39
N GLN B 1142 63.75 -33.60 53.52
CA GLN B 1142 65.15 -33.90 53.79
C GLN B 1142 65.68 -33.21 55.05
N PRO B 1143 65.50 -31.89 55.24
CA PRO B 1143 65.99 -31.28 56.49
C PRO B 1143 65.36 -31.89 57.74
N GLU B 1144 64.06 -32.21 57.68
CA GLU B 1144 63.41 -32.83 58.83
C GLU B 1144 63.99 -34.21 59.12
N LEU B 1145 64.25 -34.99 58.07
CA LEU B 1145 64.85 -36.31 58.26
C LEU B 1145 66.25 -36.17 58.86
N ASP B 1146 67.04 -35.22 58.37
CA ASP B 1146 68.38 -35.02 58.89
C ASP B 1146 68.35 -34.58 60.35
N SER B 1147 67.44 -33.68 60.70
CA SER B 1147 67.34 -33.18 62.06
C SER B 1147 66.68 -34.22 62.97
N ALA C 27 -1.10 -36.61 -42.69
CA ALA C 27 0.11 -37.00 -42.01
C ALA C 27 0.37 -36.11 -40.79
N TYR C 28 1.27 -36.55 -39.92
CA TYR C 28 1.61 -35.82 -38.70
C TYR C 28 3.09 -35.96 -38.44
N THR C 29 3.64 -35.01 -37.68
CA THR C 29 5.06 -35.03 -37.36
C THR C 29 5.25 -34.36 -36.01
N ASN C 30 6.40 -34.64 -35.39
CA ASN C 30 6.74 -34.09 -34.08
C ASN C 30 7.45 -32.75 -34.27
N SER C 31 7.00 -31.73 -33.54
CA SER C 31 7.66 -30.44 -33.51
C SER C 31 8.54 -30.36 -32.26
N PHE C 32 9.72 -30.97 -32.37
CA PHE C 32 10.62 -31.21 -31.24
C PHE C 32 10.82 -30.00 -30.36
N THR C 33 11.48 -28.96 -30.89
CA THR C 33 11.73 -27.72 -30.15
C THR C 33 11.64 -26.50 -31.05
N ARG C 34 10.87 -26.58 -32.13
CA ARG C 34 10.80 -25.52 -33.11
C ARG C 34 9.57 -24.65 -32.89
N GLY C 35 9.65 -23.41 -33.37
CA GLY C 35 8.58 -22.46 -33.24
C GLY C 35 8.85 -21.29 -32.32
N VAL C 36 10.09 -21.08 -31.92
CA VAL C 36 10.47 -19.97 -31.04
C VAL C 36 10.87 -18.78 -31.89
N TYR C 37 10.21 -17.65 -31.66
CA TYR C 37 10.44 -16.42 -32.41
C TYR C 37 10.62 -15.26 -31.45
N TYR C 38 11.50 -14.31 -31.82
CA TYR C 38 11.74 -13.12 -31.01
C TYR C 38 10.42 -12.38 -30.77
N PRO C 39 9.90 -12.38 -29.54
CA PRO C 39 8.57 -11.79 -29.31
C PRO C 39 8.53 -10.28 -29.45
N ASP C 40 9.66 -9.62 -29.69
CA ASP C 40 9.72 -8.17 -29.80
C ASP C 40 11.06 -7.78 -30.42
N LYS C 41 11.33 -6.48 -30.46
CA LYS C 41 12.56 -5.92 -31.00
C LYS C 41 13.42 -5.36 -29.88
N VAL C 42 13.49 -6.08 -28.76
CA VAL C 42 14.16 -5.64 -27.55
C VAL C 42 15.42 -6.48 -27.37
N PHE C 43 16.54 -5.81 -27.10
CA PHE C 43 17.81 -6.48 -26.88
C PHE C 43 17.98 -6.88 -25.42
N ARG C 44 18.48 -8.09 -25.22
CA ARG C 44 18.78 -8.63 -23.90
C ARG C 44 20.00 -9.53 -24.02
N SER C 45 20.91 -9.42 -23.06
CA SER C 45 22.17 -10.16 -23.09
C SER C 45 22.28 -11.02 -21.84
N SER C 46 22.56 -12.30 -22.04
CA SER C 46 22.81 -13.24 -20.95
C SER C 46 21.69 -13.19 -19.91
N VAL C 47 20.45 -13.30 -20.38
CA VAL C 47 19.28 -13.12 -19.55
C VAL C 47 18.28 -14.23 -19.81
N LEU C 48 17.68 -14.75 -18.74
CA LEU C 48 16.60 -15.72 -18.84
C LEU C 48 15.29 -14.97 -18.64
N HIS C 49 14.51 -14.82 -19.70
CA HIS C 49 13.31 -13.99 -19.69
C HIS C 49 12.07 -14.86 -19.81
N SER C 50 11.07 -14.58 -18.97
CA SER C 50 9.79 -15.27 -19.00
C SER C 50 8.77 -14.40 -19.71
N THR C 51 8.16 -14.94 -20.77
CA THR C 51 7.18 -14.20 -21.54
C THR C 51 6.06 -15.13 -21.98
N GLN C 52 4.83 -14.65 -21.93
CA GLN C 52 3.66 -15.42 -22.34
C GLN C 52 3.12 -14.85 -23.64
N ASP C 53 2.92 -15.74 -24.62
CA ASP C 53 2.41 -15.35 -25.94
C ASP C 53 2.03 -16.64 -26.68
N LEU C 54 1.69 -16.47 -27.96
CA LEU C 54 1.32 -17.59 -28.83
C LEU C 54 2.59 -18.28 -29.32
N PHE C 55 2.80 -19.52 -28.90
CA PHE C 55 3.94 -20.31 -29.33
C PHE C 55 3.47 -21.69 -29.77
N LEU C 56 4.36 -22.38 -30.48
CA LEU C 56 4.12 -23.77 -30.84
C LEU C 56 4.54 -24.69 -29.69
N PRO C 57 3.61 -25.43 -29.08
CA PRO C 57 3.98 -26.31 -27.96
C PRO C 57 5.02 -27.33 -28.38
N PHE C 58 5.97 -27.59 -27.47
CA PHE C 58 7.03 -28.55 -27.77
C PHE C 58 6.47 -29.95 -27.91
N PHE C 59 7.08 -30.71 -28.83
CA PHE C 59 6.72 -32.11 -29.09
C PHE C 59 5.23 -32.26 -29.39
N SER C 60 4.65 -31.26 -30.05
CA SER C 60 3.25 -31.33 -30.47
C SER C 60 3.17 -31.90 -31.89
N ASN C 61 1.94 -32.03 -32.38
CA ASN C 61 1.68 -32.52 -33.73
C ASN C 61 1.64 -31.37 -34.73
N VAL C 62 2.39 -31.53 -35.83
CA VAL C 62 2.36 -30.59 -36.94
C VAL C 62 1.93 -31.36 -38.17
N THR C 63 1.00 -30.79 -38.93
CA THR C 63 0.49 -31.44 -40.13
C THR C 63 1.52 -31.40 -41.25
N TRP C 64 1.72 -32.54 -41.90
CA TRP C 64 2.72 -32.71 -42.95
C TRP C 64 2.00 -32.95 -44.27
N PHE C 65 2.37 -32.17 -45.30
CA PHE C 65 1.73 -32.28 -46.60
C PHE C 65 2.78 -32.51 -47.68
N HIS C 66 2.38 -33.20 -48.74
CA HIS C 66 3.26 -33.47 -49.87
C HIS C 66 2.87 -32.64 -51.08
N ASN C 81 -2.97 -28.18 -52.75
CA ASN C 81 -3.06 -26.87 -52.12
C ASN C 81 -4.32 -26.74 -51.25
N PRO C 82 -4.42 -27.54 -50.19
CA PRO C 82 -5.60 -27.46 -49.33
C PRO C 82 -5.65 -26.15 -48.56
N VAL C 83 -6.87 -25.76 -48.19
CA VAL C 83 -7.11 -24.56 -47.40
C VAL C 83 -7.24 -24.97 -45.94
N LEU C 84 -6.58 -24.23 -45.06
CA LEU C 84 -6.46 -24.55 -43.65
C LEU C 84 -6.95 -23.38 -42.81
N PRO C 85 -7.38 -23.64 -41.58
CA PRO C 85 -7.77 -22.55 -40.68
C PRO C 85 -6.56 -21.75 -40.23
N PHE C 86 -6.84 -20.57 -39.68
CA PHE C 86 -5.83 -19.64 -39.19
C PHE C 86 -6.24 -19.13 -37.81
N ASN C 87 -6.53 -20.06 -36.91
CA ASN C 87 -7.14 -19.79 -35.60
C ASN C 87 -6.47 -18.62 -34.91
N ASP C 88 -5.20 -18.78 -34.52
CA ASP C 88 -4.49 -17.72 -33.80
C ASP C 88 -3.04 -17.64 -34.27
N GLY C 89 -2.82 -17.74 -35.57
CA GLY C 89 -1.47 -17.73 -36.08
C GLY C 89 -1.01 -19.09 -36.52
N VAL C 90 -0.13 -19.12 -37.51
CA VAL C 90 0.31 -20.36 -38.13
C VAL C 90 1.82 -20.33 -38.29
N TYR C 91 2.49 -21.39 -37.85
CA TYR C 91 3.88 -21.63 -38.17
C TYR C 91 3.95 -22.53 -39.40
N PHE C 92 4.73 -22.12 -40.39
CA PHE C 92 4.79 -22.79 -41.68
C PHE C 92 6.25 -23.12 -41.95
N ALA C 93 6.51 -24.31 -42.49
CA ALA C 93 7.87 -24.70 -42.77
C ALA C 93 7.92 -25.44 -44.10
N SER C 94 9.04 -25.29 -44.81
CA SER C 94 9.20 -25.89 -46.13
C SER C 94 10.63 -26.35 -46.34
N THR C 95 10.77 -27.54 -46.90
CA THR C 95 12.04 -28.07 -47.37
C THR C 95 12.02 -28.05 -48.89
N GLU C 96 13.04 -27.44 -49.49
CA GLU C 96 13.02 -27.13 -50.92
C GLU C 96 14.30 -27.60 -51.59
N LYS C 97 14.15 -28.15 -52.79
CA LYS C 97 15.28 -28.43 -53.67
C LYS C 97 15.09 -27.87 -55.08
N SER C 98 13.88 -27.41 -55.43
CA SER C 98 13.63 -26.82 -56.74
C SER C 98 12.73 -25.59 -56.68
N ASN C 99 12.50 -25.03 -55.49
CA ASN C 99 11.66 -23.84 -55.31
C ASN C 99 10.24 -24.10 -55.82
N ILE C 100 9.63 -25.16 -55.28
CA ILE C 100 8.26 -25.49 -55.69
C ILE C 100 7.27 -24.52 -55.05
N ILE C 101 7.32 -24.37 -53.72
CA ILE C 101 6.41 -23.47 -53.02
C ILE C 101 6.72 -22.04 -53.43
N ARG C 102 5.68 -21.27 -53.74
CA ARG C 102 5.85 -19.91 -54.25
C ARG C 102 5.24 -18.85 -53.35
N GLY C 103 4.00 -19.02 -52.89
CA GLY C 103 3.37 -17.95 -52.15
C GLY C 103 2.28 -18.41 -51.23
N TRP C 104 1.54 -17.44 -50.71
CA TRP C 104 0.44 -17.71 -49.79
C TRP C 104 -0.74 -16.80 -50.10
N ILE C 105 -1.93 -17.29 -49.77
CA ILE C 105 -3.17 -16.51 -49.79
C ILE C 105 -3.77 -16.56 -48.39
N PHE C 106 -4.15 -15.39 -47.86
CA PHE C 106 -4.85 -15.30 -46.59
C PHE C 106 -6.15 -14.54 -46.79
N GLY C 107 -7.14 -14.86 -45.96
CA GLY C 107 -8.39 -14.11 -46.01
C GLY C 107 -9.47 -14.78 -45.19
N THR C 108 -10.72 -14.49 -45.58
CA THR C 108 -11.89 -15.13 -44.96
C THR C 108 -12.71 -15.93 -45.97
N THR C 109 -13.01 -15.36 -47.13
CA THR C 109 -13.71 -16.07 -48.19
C THR C 109 -12.87 -16.30 -49.44
N LEU C 110 -11.98 -15.36 -49.78
CA LEU C 110 -11.08 -15.50 -50.92
C LEU C 110 -11.84 -15.79 -52.21
N ASP C 111 -12.98 -15.14 -52.39
CA ASP C 111 -13.81 -15.30 -53.58
C ASP C 111 -14.28 -13.96 -54.10
N SER C 112 -13.40 -12.97 -54.07
CA SER C 112 -13.67 -11.60 -54.53
C SER C 112 -14.83 -10.95 -53.78
N LYS C 113 -15.12 -11.40 -52.56
CA LYS C 113 -16.15 -10.79 -51.73
C LYS C 113 -15.58 -9.88 -50.65
N THR C 114 -14.34 -10.12 -50.22
CA THR C 114 -13.69 -9.28 -49.22
C THR C 114 -12.19 -9.30 -49.51
N GLN C 115 -11.49 -8.27 -49.02
CA GLN C 115 -10.05 -8.17 -49.21
C GLN C 115 -9.35 -9.43 -48.72
N SER C 116 -8.20 -9.72 -49.32
CA SER C 116 -7.48 -10.95 -49.02
C SER C 116 -6.01 -10.76 -49.38
N LEU C 117 -5.13 -11.11 -48.45
CA LEU C 117 -3.69 -10.98 -48.68
C LEU C 117 -3.22 -12.01 -49.71
N LEU C 118 -2.46 -11.53 -50.69
CA LEU C 118 -1.80 -12.39 -51.67
C LEU C 118 -0.32 -12.07 -51.66
N ILE C 119 0.52 -13.07 -51.37
CA ILE C 119 1.97 -12.92 -51.34
C ILE C 119 2.56 -13.91 -52.33
N VAL C 120 3.31 -13.40 -53.31
CA VAL C 120 3.87 -14.24 -54.36
C VAL C 120 5.31 -13.84 -54.62
N ASN C 121 6.20 -14.83 -54.66
CA ASN C 121 7.60 -14.64 -55.05
C ASN C 121 7.77 -15.15 -56.47
N ASN C 122 7.60 -14.27 -57.45
CA ASN C 122 7.80 -14.64 -58.85
C ASN C 122 9.29 -14.56 -59.18
N ALA C 123 10.01 -15.56 -58.67
CA ALA C 123 11.26 -16.10 -59.21
C ALA C 123 12.39 -15.08 -59.15
N THR C 124 12.04 -13.80 -59.03
CA THR C 124 12.95 -12.75 -58.61
C THR C 124 12.27 -11.69 -57.76
N ASN C 125 10.94 -11.59 -57.77
CA ASN C 125 10.25 -10.42 -57.21
C ASN C 125 9.26 -10.87 -56.15
N VAL C 126 9.39 -10.32 -54.95
CA VAL C 126 8.41 -10.54 -53.89
C VAL C 126 7.33 -9.46 -54.03
N VAL C 127 6.07 -9.89 -54.09
CA VAL C 127 4.95 -8.96 -54.24
C VAL C 127 3.89 -9.32 -53.21
N ILE C 128 3.41 -8.30 -52.50
CA ILE C 128 2.34 -8.44 -51.51
C ILE C 128 1.23 -7.48 -51.89
N LYS C 129 0.01 -8.01 -52.00
CA LYS C 129 -1.16 -7.21 -52.34
C LYS C 129 -2.31 -7.59 -51.42
N VAL C 130 -3.27 -6.67 -51.27
CA VAL C 130 -4.43 -6.93 -50.43
C VAL C 130 -5.71 -6.60 -51.20
N CYS C 131 -5.66 -6.72 -52.53
CA CYS C 131 -6.84 -6.46 -53.33
C CYS C 131 -7.88 -7.56 -53.12
N GLU C 132 -9.13 -7.24 -53.47
CA GLU C 132 -10.22 -8.21 -53.43
C GLU C 132 -10.14 -9.12 -54.66
N PHE C 133 -9.09 -9.94 -54.69
CA PHE C 133 -8.83 -10.78 -55.84
C PHE C 133 -9.93 -11.83 -56.02
N GLN C 134 -10.19 -12.18 -57.26
CA GLN C 134 -11.07 -13.29 -57.60
C GLN C 134 -10.20 -14.50 -57.92
N PHE C 135 -10.19 -15.47 -57.02
CA PHE C 135 -9.28 -16.60 -57.12
C PHE C 135 -9.94 -17.75 -57.87
N CYS C 136 -9.09 -18.58 -58.47
CA CYS C 136 -9.54 -19.81 -59.11
C CYS C 136 -9.84 -20.88 -58.06
N ASN C 137 -10.49 -21.96 -58.49
CA ASN C 137 -10.74 -23.08 -57.60
C ASN C 137 -9.43 -23.70 -57.12
N ASP C 138 -8.46 -23.85 -58.02
CA ASP C 138 -7.12 -24.33 -57.68
C ASP C 138 -6.10 -23.36 -58.25
N PRO C 139 -5.82 -22.26 -57.55
CA PRO C 139 -4.92 -21.24 -58.11
C PRO C 139 -3.47 -21.70 -58.15
N PHE C 140 -3.10 -22.46 -59.17
CA PHE C 140 -1.72 -22.93 -59.33
C PHE C 140 -1.00 -22.11 -60.38
N LEU C 141 0.32 -22.07 -60.26
CA LEU C 141 1.18 -21.40 -61.23
C LEU C 141 1.87 -22.42 -62.12
N GLY C 142 2.15 -22.00 -63.36
CA GLY C 142 2.77 -22.87 -64.35
C GLY C 142 4.07 -23.49 -63.89
N VAL C 143 4.18 -24.81 -64.06
CA VAL C 143 5.38 -25.53 -63.66
C VAL C 143 6.54 -25.19 -64.60
N ASN C 165 -10.35 -3.21 -55.59
CA ASN C 165 -10.22 -2.53 -54.31
C ASN C 165 -8.93 -2.95 -53.61
N CYS C 166 -7.87 -2.18 -53.81
CA CYS C 166 -6.57 -2.44 -53.22
C CYS C 166 -6.26 -1.36 -52.18
N THR C 167 -5.88 -1.77 -50.98
CA THR C 167 -5.54 -0.84 -49.93
C THR C 167 -4.06 -0.84 -49.58
N PHE C 168 -3.26 -1.67 -50.23
CA PHE C 168 -1.83 -1.75 -49.99
C PHE C 168 -1.20 -2.57 -51.11
N GLU C 169 0.05 -2.24 -51.46
CA GLU C 169 0.76 -2.97 -52.50
C GLU C 169 2.25 -2.73 -52.31
N TYR C 170 3.01 -3.81 -52.13
CA TYR C 170 4.45 -3.72 -51.95
C TYR C 170 5.16 -4.68 -52.90
N VAL C 171 6.32 -4.26 -53.39
CA VAL C 171 7.15 -5.06 -54.28
C VAL C 171 8.59 -4.97 -53.81
N SER C 172 9.27 -6.11 -53.76
CA SER C 172 10.67 -6.15 -53.36
C SER C 172 11.59 -6.27 -54.58
N ASN C 188 17.19 -27.22 -48.80
CA ASN C 188 17.13 -25.99 -48.00
C ASN C 188 15.84 -25.93 -47.19
N LEU C 189 15.92 -25.29 -46.03
CA LEU C 189 14.80 -25.21 -45.09
C LEU C 189 14.45 -23.74 -44.84
N ARG C 190 13.16 -23.45 -44.87
CA ARG C 190 12.64 -22.11 -44.58
C ARG C 190 11.47 -22.21 -43.61
N GLU C 191 11.52 -21.44 -42.54
CA GLU C 191 10.47 -21.40 -41.54
C GLU C 191 9.91 -19.98 -41.45
N PHE C 192 8.59 -19.89 -41.34
CA PHE C 192 7.89 -18.62 -41.22
C PHE C 192 6.85 -18.72 -40.12
N VAL C 193 6.56 -17.59 -39.48
CA VAL C 193 5.49 -17.49 -38.50
C VAL C 193 4.61 -16.31 -38.90
N PHE C 194 3.36 -16.58 -39.24
CA PHE C 194 2.38 -15.55 -39.56
C PHE C 194 1.38 -15.44 -38.42
N LYS C 195 1.16 -14.23 -37.92
CA LYS C 195 0.10 -14.04 -36.94
C LYS C 195 -0.52 -12.66 -37.12
N ASN C 196 -1.72 -12.49 -36.58
CA ASN C 196 -2.50 -11.26 -36.72
C ASN C 196 -2.97 -10.83 -35.34
N ILE C 197 -2.42 -9.73 -34.84
CA ILE C 197 -2.74 -9.20 -33.52
C ILE C 197 -3.06 -7.72 -33.66
N ASP C 198 -4.25 -7.33 -33.20
CA ASP C 198 -4.68 -5.93 -33.14
C ASP C 198 -4.50 -5.23 -34.49
N GLY C 199 -4.91 -5.93 -35.55
CA GLY C 199 -4.86 -5.39 -36.89
C GLY C 199 -3.49 -5.40 -37.54
N TYR C 200 -2.47 -5.89 -36.86
CA TYR C 200 -1.12 -5.95 -37.41
C TYR C 200 -0.79 -7.40 -37.75
N PHE C 201 -0.26 -7.61 -38.95
CA PHE C 201 0.08 -8.94 -39.43
C PHE C 201 1.60 -9.09 -39.33
N LYS C 202 2.04 -9.79 -38.29
CA LYS C 202 3.46 -10.06 -38.07
C LYS C 202 3.88 -11.27 -38.88
N ILE C 203 4.98 -11.13 -39.62
CA ILE C 203 5.59 -12.19 -40.40
C ILE C 203 7.05 -12.29 -39.98
N TYR C 204 7.38 -13.37 -39.27
CA TYR C 204 8.75 -13.71 -38.89
C TYR C 204 9.25 -14.83 -39.79
N SER C 205 10.58 -14.88 -39.99
CA SER C 205 11.13 -15.84 -40.93
C SER C 205 12.53 -16.25 -40.50
N LYS C 206 12.99 -17.36 -41.08
CA LYS C 206 14.34 -17.85 -40.87
C LYS C 206 14.66 -18.86 -41.96
N HIS C 207 15.90 -18.82 -42.46
CA HIS C 207 16.38 -19.74 -43.47
C HIS C 207 17.58 -20.50 -42.94
N THR C 208 17.75 -21.74 -43.39
CA THR C 208 18.89 -22.54 -42.98
C THR C 208 19.09 -23.66 -44.00
N PRO C 209 20.33 -24.10 -44.21
CA PRO C 209 20.55 -25.31 -45.02
C PRO C 209 20.16 -26.55 -44.25
N ILE C 210 19.92 -27.64 -45.00
CA ILE C 210 19.50 -28.90 -44.41
C ILE C 210 19.84 -30.01 -45.39
N ASN C 211 20.11 -31.21 -44.84
CA ASN C 211 20.28 -32.42 -45.63
C ASN C 211 19.37 -33.49 -45.02
N LEU C 212 18.10 -33.46 -45.41
CA LEU C 212 17.09 -34.37 -44.88
C LEU C 212 15.82 -34.20 -45.71
N VAL C 213 15.10 -35.29 -45.88
CA VAL C 213 13.95 -35.35 -46.79
C VAL C 213 12.66 -35.71 -46.05
N ARG C 214 12.70 -36.73 -45.20
CA ARG C 214 11.50 -37.38 -44.72
C ARG C 214 10.89 -36.74 -43.47
N ASP C 215 11.55 -35.77 -42.85
CA ASP C 215 11.01 -35.18 -41.63
C ASP C 215 11.72 -33.87 -41.34
N LEU C 216 11.19 -33.13 -40.36
CA LEU C 216 11.83 -31.91 -39.90
C LEU C 216 13.13 -32.23 -39.17
N PRO C 217 14.11 -31.33 -39.22
CA PRO C 217 15.35 -31.54 -38.48
C PRO C 217 15.14 -31.25 -37.00
N GLN C 218 15.82 -32.01 -36.16
CA GLN C 218 15.76 -31.79 -34.72
C GLN C 218 16.84 -30.78 -34.32
N GLY C 219 16.44 -29.80 -33.53
CA GLY C 219 17.34 -28.73 -33.16
C GLY C 219 16.57 -27.48 -32.81
N PHE C 220 17.33 -26.46 -32.40
CA PHE C 220 16.77 -25.20 -31.94
C PHE C 220 17.28 -24.06 -32.79
N SER C 221 16.39 -23.13 -33.13
CA SER C 221 16.75 -21.93 -33.89
C SER C 221 15.62 -20.92 -33.75
N ALA C 222 15.99 -19.65 -33.67
CA ALA C 222 15.02 -18.58 -33.50
C ALA C 222 14.69 -17.93 -34.83
N LEU C 223 13.49 -17.33 -34.90
CA LEU C 223 12.98 -16.72 -36.12
C LEU C 223 12.91 -15.21 -35.91
N GLU C 224 13.59 -14.46 -36.77
CA GLU C 224 13.62 -13.01 -36.66
C GLU C 224 12.39 -12.41 -37.35
N PRO C 225 11.98 -11.22 -36.95
CA PRO C 225 10.90 -10.53 -37.67
C PRO C 225 11.36 -9.94 -38.99
N LEU C 226 10.52 -10.12 -40.02
CA LEU C 226 10.76 -9.55 -41.33
C LEU C 226 9.73 -8.51 -41.74
N VAL C 227 8.44 -8.76 -41.54
CA VAL C 227 7.41 -7.83 -41.99
C VAL C 227 6.39 -7.61 -40.87
N ASP C 228 5.88 -6.39 -40.79
CA ASP C 228 4.80 -6.02 -39.86
C ASP C 228 3.77 -5.23 -40.65
N LEU C 229 2.84 -5.93 -41.31
CA LEU C 229 1.88 -5.24 -42.16
C LEU C 229 0.83 -4.54 -41.33
N PRO C 230 0.54 -3.26 -41.58
CA PRO C 230 -0.55 -2.58 -40.89
C PRO C 230 -1.90 -2.82 -41.54
N ILE C 231 -1.97 -3.88 -42.37
CA ILE C 231 -3.11 -4.18 -43.24
C ILE C 231 -4.46 -3.94 -42.54
N GLY C 232 -4.62 -4.50 -41.34
CA GLY C 232 -5.86 -4.41 -40.61
C GLY C 232 -6.94 -5.37 -41.04
N ILE C 233 -6.68 -6.20 -42.04
CA ILE C 233 -7.65 -7.20 -42.49
C ILE C 233 -7.59 -8.39 -41.56
N ASN C 234 -8.75 -8.79 -41.03
CA ASN C 234 -8.83 -9.97 -40.19
C ASN C 234 -8.88 -11.23 -41.04
N ILE C 235 -8.09 -12.24 -40.67
CA ILE C 235 -7.96 -13.46 -41.44
C ILE C 235 -8.59 -14.59 -40.63
N THR C 236 -9.16 -15.56 -41.35
CA THR C 236 -9.71 -16.76 -40.73
C THR C 236 -9.12 -18.01 -41.38
N ARG C 237 -8.84 -17.94 -42.69
CA ARG C 237 -8.38 -19.07 -43.45
C ARG C 237 -7.22 -18.65 -44.33
N PHE C 238 -6.46 -19.64 -44.80
CA PHE C 238 -5.32 -19.39 -45.68
C PHE C 238 -5.02 -20.65 -46.48
N GLN C 239 -4.19 -20.48 -47.51
CA GLN C 239 -3.84 -21.55 -48.42
C GLN C 239 -2.46 -21.28 -49.02
N THR C 240 -1.78 -22.35 -49.40
CA THR C 240 -0.44 -22.28 -49.95
C THR C 240 -0.49 -22.22 -51.48
N LEU C 241 0.65 -21.85 -52.08
CA LEU C 241 0.77 -21.73 -53.53
C LEU C 241 2.11 -22.33 -53.93
N LEU C 242 2.08 -23.50 -54.54
CA LEU C 242 3.30 -24.17 -55.00
C LEU C 242 3.29 -24.34 -56.52
N ALA C 264 6.72 -30.79 -50.19
CA ALA C 264 6.31 -31.15 -48.84
C ALA C 264 6.52 -29.96 -47.89
N TYR C 265 5.56 -29.74 -47.00
CA TYR C 265 5.64 -28.65 -46.04
C TYR C 265 4.96 -29.07 -44.75
N TYR C 266 5.05 -28.21 -43.74
CA TYR C 266 4.53 -28.50 -42.41
C TYR C 266 3.81 -27.28 -41.86
N VAL C 267 2.68 -27.52 -41.19
CA VAL C 267 1.84 -26.47 -40.64
C VAL C 267 1.58 -26.77 -39.16
N GLY C 268 1.80 -25.77 -38.30
CA GLY C 268 1.43 -25.88 -36.91
C GLY C 268 0.66 -24.66 -36.45
N TYR C 269 -0.06 -24.82 -35.34
CA TYR C 269 -0.96 -23.80 -34.81
C TYR C 269 -0.50 -23.35 -33.43
N LEU C 270 -0.37 -22.03 -33.26
CA LEU C 270 0.10 -21.45 -32.01
C LEU C 270 -0.95 -21.59 -30.91
N GLN C 271 -0.48 -21.59 -29.66
CA GLN C 271 -1.31 -21.62 -28.48
C GLN C 271 -0.76 -20.62 -27.47
N PRO C 272 -1.61 -20.09 -26.57
CA PRO C 272 -1.12 -19.09 -25.60
C PRO C 272 -0.38 -19.67 -24.39
N ARG C 273 0.92 -19.91 -24.56
CA ARG C 273 1.74 -20.52 -23.54
C ARG C 273 2.80 -19.54 -23.04
N THR C 274 3.38 -19.87 -21.88
CA THR C 274 4.46 -19.10 -21.28
C THR C 274 5.78 -19.82 -21.54
N PHE C 275 6.79 -19.08 -21.98
CA PHE C 275 8.09 -19.63 -22.33
C PHE C 275 9.19 -18.88 -21.59
N LEU C 276 10.28 -19.59 -21.33
CA LEU C 276 11.52 -19.01 -20.81
C LEU C 276 12.57 -19.04 -21.90
N LEU C 277 13.06 -17.86 -22.28
CA LEU C 277 14.01 -17.70 -23.37
C LEU C 277 15.37 -17.30 -22.83
N LYS C 278 16.43 -17.92 -23.35
CA LYS C 278 17.79 -17.64 -22.92
C LYS C 278 18.47 -16.78 -23.98
N TYR C 279 18.78 -15.54 -23.62
CA TYR C 279 19.52 -14.62 -24.47
C TYR C 279 21.00 -14.67 -24.09
N ASN C 280 21.86 -14.98 -25.06
CA ASN C 280 23.29 -15.02 -24.82
C ASN C 280 23.84 -13.60 -24.82
N GLU C 281 25.18 -13.46 -24.80
CA GLU C 281 25.79 -12.13 -24.75
C GLU C 281 25.53 -11.33 -26.01
N ASN C 282 25.18 -11.97 -27.12
CA ASN C 282 25.04 -11.30 -28.40
C ASN C 282 23.59 -10.99 -28.76
N GLY C 283 22.67 -11.09 -27.80
CA GLY C 283 21.29 -10.71 -28.03
C GLY C 283 20.41 -11.72 -28.73
N THR C 284 20.93 -12.90 -29.08
CA THR C 284 20.15 -13.88 -29.82
C THR C 284 19.68 -14.99 -28.89
N ILE C 285 18.51 -15.54 -29.21
CA ILE C 285 17.94 -16.65 -28.43
C ILE C 285 18.70 -17.93 -28.76
N THR C 286 19.23 -18.58 -27.73
CA THR C 286 19.98 -19.81 -27.91
C THR C 286 19.26 -21.04 -27.36
N ASP C 287 18.26 -20.87 -26.50
CA ASP C 287 17.52 -21.99 -25.96
C ASP C 287 16.22 -21.48 -25.36
N ALA C 288 15.26 -22.39 -25.23
CA ALA C 288 13.94 -22.05 -24.71
C ALA C 288 13.41 -23.21 -23.88
N VAL C 289 12.54 -22.89 -22.93
CA VAL C 289 11.89 -23.86 -22.07
C VAL C 289 10.40 -23.57 -22.03
N ASP C 290 9.59 -24.54 -22.44
CA ASP C 290 8.14 -24.40 -22.38
C ASP C 290 7.71 -24.59 -20.94
N CYS C 291 7.05 -23.59 -20.37
CA CYS C 291 6.78 -23.58 -18.93
C CYS C 291 5.62 -24.49 -18.54
N ALA C 292 5.02 -25.19 -19.52
CA ALA C 292 3.92 -26.11 -19.25
C ALA C 292 4.14 -27.45 -19.92
N LEU C 293 5.37 -27.74 -20.34
CA LEU C 293 5.67 -28.99 -21.05
C LEU C 293 5.72 -30.17 -20.10
N ASP C 294 6.45 -30.04 -18.99
CA ASP C 294 6.72 -31.16 -18.11
C ASP C 294 7.07 -30.61 -16.73
N PRO C 295 7.01 -31.44 -15.68
CA PRO C 295 7.32 -30.93 -14.34
C PRO C 295 8.70 -30.30 -14.22
N LEU C 296 9.70 -30.88 -14.87
CA LEU C 296 11.05 -30.31 -14.82
C LEU C 296 11.07 -28.91 -15.43
N SER C 297 10.38 -28.74 -16.55
CA SER C 297 10.32 -27.41 -17.17
C SER C 297 9.54 -26.43 -16.30
N GLU C 298 8.49 -26.91 -15.64
CA GLU C 298 7.77 -26.07 -14.69
C GLU C 298 8.68 -25.58 -13.59
N THR C 299 9.49 -26.47 -13.03
CA THR C 299 10.47 -26.08 -12.02
C THR C 299 11.47 -25.07 -12.59
N LYS C 300 11.94 -25.33 -13.81
CA LYS C 300 12.92 -24.44 -14.43
C LYS C 300 12.37 -23.03 -14.59
N CYS C 301 11.13 -22.90 -15.05
CA CYS C 301 10.55 -21.57 -15.27
C CYS C 301 10.03 -20.95 -13.99
N THR C 302 9.80 -21.73 -12.93
CA THR C 302 9.45 -21.12 -11.65
C THR C 302 10.69 -20.68 -10.88
N LEU C 303 11.85 -21.28 -11.14
CA LEU C 303 13.11 -20.85 -10.54
C LEU C 303 13.86 -19.85 -11.42
N LYS C 304 13.55 -19.80 -12.71
CA LYS C 304 14.22 -18.92 -13.67
C LYS C 304 15.71 -19.27 -13.77
N SER C 305 15.98 -20.55 -14.04
CA SER C 305 17.34 -21.01 -14.31
C SER C 305 17.27 -22.31 -15.11
N PHE C 306 18.08 -22.40 -16.16
CA PHE C 306 18.07 -23.58 -17.01
C PHE C 306 18.64 -24.81 -16.31
N THR C 307 19.38 -24.63 -15.22
CA THR C 307 19.88 -25.74 -14.41
C THR C 307 19.46 -25.49 -12.98
N VAL C 308 18.84 -26.49 -12.36
CA VAL C 308 18.38 -26.38 -10.98
C VAL C 308 19.05 -27.47 -10.14
N GLU C 309 19.61 -27.06 -9.02
CA GLU C 309 20.28 -27.99 -8.12
C GLU C 309 19.25 -28.75 -7.31
N LYS C 310 19.68 -29.88 -6.73
CA LYS C 310 18.77 -30.82 -6.07
C LYS C 310 17.94 -30.13 -4.99
N GLY C 311 16.79 -30.69 -4.67
CA GLY C 311 15.90 -30.08 -3.69
C GLY C 311 14.42 -30.26 -4.03
N ILE C 312 13.55 -29.64 -3.25
CA ILE C 312 12.11 -29.72 -3.46
C ILE C 312 11.56 -28.30 -3.62
N TYR C 313 10.93 -28.03 -4.75
CA TYR C 313 10.43 -26.70 -5.09
C TYR C 313 8.92 -26.76 -5.29
N GLN C 314 8.23 -25.70 -4.85
CA GLN C 314 6.80 -25.56 -5.09
C GLN C 314 6.55 -24.80 -6.39
N THR C 315 5.85 -25.44 -7.32
CA THR C 315 5.65 -24.89 -8.67
C THR C 315 4.25 -24.36 -8.91
N SER C 316 3.21 -25.17 -8.70
CA SER C 316 1.85 -24.77 -9.03
C SER C 316 0.87 -25.46 -8.08
N ASN C 317 -0.41 -25.33 -8.38
CA ASN C 317 -1.48 -25.91 -7.58
C ASN C 317 -2.37 -26.78 -8.46
N PHE C 318 -2.63 -28.02 -8.02
CA PHE C 318 -3.51 -28.93 -8.73
C PHE C 318 -4.89 -28.90 -8.13
N ARG C 319 -5.91 -28.76 -8.98
CA ARG C 319 -7.31 -28.75 -8.59
C ARG C 319 -8.10 -29.61 -9.56
N VAL C 320 -9.03 -30.41 -9.03
CA VAL C 320 -9.85 -31.24 -9.90
C VAL C 320 -10.71 -30.35 -10.79
N GLN C 321 -11.11 -30.87 -11.95
CA GLN C 321 -11.95 -30.09 -12.83
C GLN C 321 -13.38 -30.64 -12.85
N PRO C 322 -14.38 -29.78 -13.00
CA PRO C 322 -15.76 -30.26 -13.07
C PRO C 322 -15.99 -31.12 -14.31
N THR C 323 -16.87 -32.11 -14.16
CA THR C 323 -17.19 -33.03 -15.24
C THR C 323 -18.54 -32.74 -15.87
N GLU C 324 -19.50 -32.24 -15.09
CA GLU C 324 -20.82 -31.89 -15.60
C GLU C 324 -21.22 -30.53 -15.01
N SER C 325 -22.11 -29.85 -15.71
CA SER C 325 -22.63 -28.55 -15.28
C SER C 325 -24.09 -28.72 -14.89
N ILE C 326 -24.42 -28.35 -13.65
CA ILE C 326 -25.76 -28.52 -13.11
C ILE C 326 -26.41 -27.14 -13.04
N VAL C 327 -27.60 -27.03 -13.63
CA VAL C 327 -28.39 -25.81 -13.60
C VAL C 327 -29.76 -26.15 -13.04
N ARG C 328 -30.15 -25.47 -11.97
CA ARG C 328 -31.42 -25.73 -11.30
C ARG C 328 -32.20 -24.45 -11.17
N PHE C 329 -33.51 -24.53 -11.40
CA PHE C 329 -34.42 -23.40 -11.30
C PHE C 329 -35.81 -23.94 -11.02
N PRO C 330 -36.70 -23.13 -10.45
CA PRO C 330 -38.08 -23.58 -10.29
C PRO C 330 -38.80 -23.63 -11.62
N ASN C 331 -39.79 -24.52 -11.70
CA ASN C 331 -40.57 -24.71 -12.92
C ASN C 331 -41.81 -23.81 -12.92
N ILE C 332 -41.69 -22.68 -13.61
CA ILE C 332 -42.78 -21.73 -13.77
C ILE C 332 -42.94 -21.46 -15.27
N THR C 333 -44.20 -21.37 -15.71
CA THR C 333 -44.50 -21.17 -17.13
C THR C 333 -45.06 -19.78 -17.43
N ASN C 334 -46.01 -19.30 -16.62
CA ASN C 334 -46.71 -18.06 -16.96
C ASN C 334 -45.73 -16.90 -17.10
N LEU C 335 -45.90 -16.13 -18.17
CA LEU C 335 -45.10 -14.94 -18.40
C LEU C 335 -45.47 -13.83 -17.42
N CYS C 336 -44.49 -13.02 -17.06
CA CYS C 336 -44.75 -11.87 -16.20
C CYS C 336 -45.55 -10.84 -16.98
N PRO C 337 -46.63 -10.29 -16.40
CA PRO C 337 -47.51 -9.36 -17.14
C PRO C 337 -46.92 -7.95 -17.21
N PHE C 338 -45.73 -7.84 -17.80
CA PHE C 338 -45.14 -6.52 -18.00
C PHE C 338 -45.99 -5.67 -18.93
N GLY C 339 -46.65 -6.30 -19.91
CA GLY C 339 -47.44 -5.54 -20.87
C GLY C 339 -48.51 -4.69 -20.21
N GLU C 340 -49.19 -5.25 -19.22
CA GLU C 340 -50.27 -4.53 -18.55
C GLU C 340 -49.77 -3.29 -17.82
N VAL C 341 -48.47 -3.20 -17.57
CA VAL C 341 -47.90 -2.04 -16.89
C VAL C 341 -47.40 -1.00 -17.88
N PHE C 342 -46.58 -1.43 -18.85
CA PHE C 342 -46.03 -0.48 -19.83
C PHE C 342 -47.09 -0.04 -20.83
N ASN C 343 -48.00 -0.93 -21.21
CA ASN C 343 -49.05 -0.63 -22.17
C ASN C 343 -50.36 -0.25 -21.49
N ALA C 344 -50.32 0.08 -20.20
CA ALA C 344 -51.53 0.53 -19.50
C ALA C 344 -52.06 1.81 -20.14
N THR C 345 -53.38 1.84 -20.37
CA THR C 345 -53.99 3.00 -21.00
C THR C 345 -53.84 4.25 -20.13
N ARG C 346 -54.04 4.11 -18.82
CA ARG C 346 -53.91 5.24 -17.90
C ARG C 346 -52.81 4.95 -16.88
N PHE C 347 -52.07 5.99 -16.53
CA PHE C 347 -51.04 5.93 -15.50
C PHE C 347 -51.43 6.81 -14.31
N ALA C 348 -50.96 6.43 -13.13
CA ALA C 348 -51.24 7.17 -11.92
C ALA C 348 -50.34 8.39 -11.83
N SER C 349 -50.88 9.48 -11.30
CA SER C 349 -50.07 10.67 -11.05
C SER C 349 -48.86 10.32 -10.18
N VAL C 350 -47.79 11.11 -10.33
CA VAL C 350 -46.54 10.82 -9.64
C VAL C 350 -46.74 10.80 -8.13
N TYR C 351 -47.53 11.75 -7.61
CA TYR C 351 -47.78 11.79 -6.16
C TYR C 351 -48.55 10.57 -5.69
N ALA C 352 -49.27 9.88 -6.58
CA ALA C 352 -49.99 8.67 -6.27
C ALA C 352 -49.52 7.50 -7.11
N TRP C 353 -48.21 7.39 -7.30
CA TRP C 353 -47.63 6.36 -8.16
C TRP C 353 -48.18 4.98 -7.81
N ASN C 354 -48.57 4.25 -8.85
CA ASN C 354 -49.15 2.93 -8.66
C ASN C 354 -48.06 1.90 -8.44
N ARG C 355 -48.33 0.93 -7.56
CA ARG C 355 -47.40 -0.16 -7.30
C ARG C 355 -48.07 -1.49 -7.61
N LYS C 356 -47.42 -2.28 -8.47
CA LYS C 356 -47.86 -3.61 -8.84
C LYS C 356 -46.83 -4.62 -8.39
N ARG C 357 -47.28 -5.73 -7.83
CA ARG C 357 -46.39 -6.78 -7.36
C ARG C 357 -46.26 -7.83 -8.46
N ILE C 358 -45.03 -8.09 -8.89
CA ILE C 358 -44.72 -9.10 -9.89
C ILE C 358 -44.00 -10.25 -9.20
N SER C 359 -44.55 -11.45 -9.32
CA SER C 359 -44.03 -12.63 -8.63
C SER C 359 -44.53 -13.88 -9.33
N ASN C 360 -43.79 -14.97 -9.14
CA ASN C 360 -44.16 -16.29 -9.64
C ASN C 360 -44.43 -16.28 -11.15
N CYS C 361 -43.44 -15.80 -11.90
CA CYS C 361 -43.57 -15.67 -13.35
C CYS C 361 -42.19 -15.59 -13.97
N VAL C 362 -42.13 -15.83 -15.27
CA VAL C 362 -40.90 -15.70 -16.05
C VAL C 362 -40.83 -14.30 -16.64
N ALA C 363 -39.70 -13.62 -16.42
CA ALA C 363 -39.50 -12.24 -16.85
C ALA C 363 -38.49 -12.22 -18.00
N ASP C 364 -38.99 -12.13 -19.23
CA ASP C 364 -38.15 -12.01 -20.41
C ASP C 364 -37.81 -10.55 -20.62
N TYR C 365 -36.75 -10.08 -19.96
CA TYR C 365 -36.38 -8.67 -20.00
C TYR C 365 -35.93 -8.20 -21.39
N SER C 366 -35.59 -9.12 -22.29
CA SER C 366 -35.17 -8.74 -23.64
C SER C 366 -36.21 -7.85 -24.30
N VAL C 367 -37.48 -8.28 -24.27
CA VAL C 367 -38.59 -7.52 -24.82
C VAL C 367 -38.52 -6.05 -24.41
N LEU C 368 -37.98 -5.79 -23.22
CA LEU C 368 -37.85 -4.42 -22.72
C LEU C 368 -36.59 -3.74 -23.26
N TYR C 369 -35.43 -4.40 -23.14
CA TYR C 369 -34.19 -3.72 -23.52
C TYR C 369 -33.83 -3.88 -24.99
N ASN C 370 -34.56 -4.69 -25.74
CA ASN C 370 -34.41 -4.71 -27.19
C ASN C 370 -35.41 -3.82 -27.91
N SER C 371 -36.36 -3.24 -27.19
CA SER C 371 -37.33 -2.33 -27.80
C SER C 371 -36.71 -0.96 -28.01
N ALA C 372 -37.08 -0.31 -29.11
CA ALA C 372 -36.69 1.07 -29.37
C ALA C 372 -37.69 2.09 -28.85
N SER C 373 -38.72 1.63 -28.12
CA SER C 373 -39.79 2.51 -27.67
C SER C 373 -39.45 3.29 -26.42
N PHE C 374 -38.29 3.06 -25.81
CA PHE C 374 -37.91 3.67 -24.54
C PHE C 374 -36.74 4.59 -24.77
N SER C 375 -36.88 5.84 -24.31
CA SER C 375 -35.79 6.81 -24.41
C SER C 375 -34.82 6.73 -23.23
N THR C 376 -35.27 6.26 -22.06
CA THR C 376 -34.38 6.07 -20.92
C THR C 376 -34.55 4.67 -20.37
N PHE C 377 -33.43 3.97 -20.20
CA PHE C 377 -33.43 2.60 -19.65
C PHE C 377 -32.15 2.46 -18.84
N LYS C 378 -32.24 2.66 -17.53
CA LYS C 378 -31.08 2.75 -16.66
C LYS C 378 -31.22 1.79 -15.49
N CYS C 379 -30.37 0.77 -15.43
CA CYS C 379 -30.41 -0.22 -14.37
C CYS C 379 -29.25 0.04 -13.42
N TYR C 380 -29.59 0.32 -12.15
CA TYR C 380 -28.63 0.58 -11.10
C TYR C 380 -28.38 -0.68 -10.28
N GLY C 381 -27.10 -1.03 -10.14
CA GLY C 381 -26.68 -2.17 -9.35
C GLY C 381 -26.74 -3.51 -10.05
N VAL C 382 -27.18 -3.55 -11.30
CA VAL C 382 -27.28 -4.79 -12.07
C VAL C 382 -27.11 -4.41 -13.53
N SER C 383 -26.73 -5.38 -14.35
CA SER C 383 -26.69 -5.22 -15.80
C SER C 383 -27.91 -5.88 -16.43
N PRO C 384 -28.66 -5.16 -17.26
CA PRO C 384 -29.93 -5.71 -17.77
C PRO C 384 -29.76 -7.03 -18.50
N THR C 385 -28.65 -7.23 -19.21
CA THR C 385 -28.43 -8.50 -19.89
C THR C 385 -28.41 -9.65 -18.90
N LYS C 386 -27.77 -9.45 -17.75
CA LYS C 386 -27.67 -10.50 -16.73
C LYS C 386 -29.01 -10.79 -16.05
N LEU C 387 -30.00 -9.91 -16.21
CA LEU C 387 -31.31 -10.15 -15.60
C LEU C 387 -31.95 -11.46 -16.08
N ASN C 388 -31.56 -11.97 -17.24
CA ASN C 388 -32.09 -13.22 -17.74
C ASN C 388 -31.54 -14.44 -17.03
N ASP C 389 -30.52 -14.26 -16.17
CA ASP C 389 -29.88 -15.37 -15.47
C ASP C 389 -29.94 -15.19 -13.96
N LEU C 390 -30.93 -14.47 -13.46
CA LEU C 390 -31.07 -14.23 -12.02
C LEU C 390 -32.48 -14.52 -11.57
N CYS C 391 -32.61 -14.90 -10.31
CA CYS C 391 -33.89 -15.07 -9.64
C CYS C 391 -34.03 -14.05 -8.52
N PHE C 392 -35.16 -13.37 -8.46
CA PHE C 392 -35.34 -12.26 -7.53
C PHE C 392 -36.27 -12.67 -6.40
N THR C 393 -36.19 -11.91 -5.30
CA THR C 393 -37.09 -12.15 -4.17
C THR C 393 -38.53 -11.87 -4.55
N ASN C 394 -38.83 -10.61 -4.89
CA ASN C 394 -40.19 -10.18 -5.19
C ASN C 394 -40.10 -8.87 -5.93
N VAL C 395 -40.64 -8.83 -7.15
CA VAL C 395 -40.46 -7.67 -8.02
C VAL C 395 -41.58 -6.68 -7.76
N TYR C 396 -41.26 -5.39 -7.87
CA TYR C 396 -42.26 -4.34 -7.69
C TYR C 396 -42.13 -3.36 -8.85
N ALA C 397 -43.26 -2.99 -9.44
CA ALA C 397 -43.30 -2.04 -10.55
C ALA C 397 -44.05 -0.80 -10.09
N ASP C 398 -43.32 0.31 -9.99
CA ASP C 398 -43.89 1.60 -9.63
C ASP C 398 -44.07 2.40 -10.91
N SER C 399 -45.30 2.77 -11.23
CA SER C 399 -45.62 3.45 -12.47
C SER C 399 -46.18 4.83 -12.17
N PHE C 400 -45.79 5.81 -12.97
CA PHE C 400 -46.34 7.15 -12.89
C PHE C 400 -45.93 7.95 -14.14
N VAL C 401 -46.23 9.24 -14.12
CA VAL C 401 -46.00 10.14 -15.25
C VAL C 401 -45.39 11.43 -14.72
N ILE C 402 -44.38 11.95 -15.42
CA ILE C 402 -43.75 13.21 -15.06
C ILE C 402 -43.51 14.04 -16.32
N ARG C 403 -42.83 15.17 -16.17
CA ARG C 403 -42.38 15.96 -17.31
C ARG C 403 -40.89 15.70 -17.58
N GLY C 404 -40.49 15.94 -18.82
CA GLY C 404 -39.16 15.54 -19.26
C GLY C 404 -38.05 16.12 -18.41
N ASP C 405 -38.14 17.41 -18.08
CA ASP C 405 -37.08 18.06 -17.32
C ASP C 405 -36.84 17.37 -15.98
N GLU C 406 -37.87 16.72 -15.43
CA GLU C 406 -37.80 16.07 -14.14
C GLU C 406 -37.43 14.59 -14.23
N VAL C 407 -37.23 14.07 -15.45
CA VAL C 407 -36.84 12.66 -15.60
C VAL C 407 -35.52 12.39 -14.88
N ARG C 408 -34.62 13.36 -14.92
CA ARG C 408 -33.34 13.23 -14.20
C ARG C 408 -33.55 12.99 -12.72
N GLN C 409 -34.63 13.52 -12.15
CA GLN C 409 -34.86 13.36 -10.71
C GLN C 409 -35.17 11.92 -10.31
N ILE C 410 -35.52 11.06 -11.26
CA ILE C 410 -35.81 9.65 -10.94
C ILE C 410 -34.48 8.92 -11.02
N ALA C 411 -33.72 8.99 -9.93
CA ALA C 411 -32.40 8.37 -9.80
C ALA C 411 -31.91 8.53 -8.37
N PRO C 412 -31.05 7.63 -7.89
CA PRO C 412 -30.56 7.75 -6.51
C PRO C 412 -29.80 9.05 -6.29
N GLY C 413 -29.98 9.64 -5.11
CA GLY C 413 -29.21 10.80 -4.73
C GLY C 413 -29.54 12.06 -5.49
N GLN C 414 -30.75 12.15 -6.06
CA GLN C 414 -31.19 13.33 -6.79
C GLN C 414 -32.08 14.19 -5.92
N THR C 415 -32.15 15.47 -6.28
CA THR C 415 -32.99 16.45 -5.60
C THR C 415 -33.91 17.13 -6.61
N GLY C 416 -34.83 17.93 -6.09
CA GLY C 416 -35.83 18.59 -6.90
C GLY C 416 -37.23 18.30 -6.42
N LYS C 417 -38.20 18.86 -7.15
CA LYS C 417 -39.61 18.72 -6.77
C LYS C 417 -40.02 17.26 -6.69
N ILE C 418 -39.76 16.49 -7.75
CA ILE C 418 -40.24 15.11 -7.82
C ILE C 418 -39.59 14.26 -6.74
N ALA C 419 -38.26 14.32 -6.64
CA ALA C 419 -37.56 13.48 -5.68
C ALA C 419 -37.96 13.83 -4.25
N ASP C 420 -38.07 15.12 -3.94
CA ASP C 420 -38.32 15.52 -2.56
C ASP C 420 -39.76 15.28 -2.17
N TYR C 421 -40.71 15.59 -3.05
CA TYR C 421 -42.13 15.64 -2.69
C TYR C 421 -42.99 14.58 -3.35
N ASN C 422 -42.50 13.89 -4.38
CA ASN C 422 -43.35 13.00 -5.17
C ASN C 422 -42.88 11.56 -5.18
N TYR C 423 -41.60 11.31 -5.44
CA TYR C 423 -41.10 9.95 -5.56
C TYR C 423 -39.59 9.95 -5.35
N LYS C 424 -39.12 9.22 -4.34
CA LYS C 424 -37.72 9.25 -3.94
C LYS C 424 -37.17 7.82 -3.99
N LEU C 425 -36.10 7.62 -4.77
CA LEU C 425 -35.39 6.35 -4.76
C LEU C 425 -34.36 6.31 -3.64
N PRO C 426 -34.08 5.12 -3.10
CA PRO C 426 -33.02 5.01 -2.09
C PRO C 426 -31.64 5.20 -2.69
N ASP C 427 -30.70 5.65 -1.84
CA ASP C 427 -29.35 5.94 -2.30
C ASP C 427 -28.67 4.68 -2.82
N ASP C 428 -28.94 3.54 -2.18
CA ASP C 428 -28.42 2.24 -2.61
C ASP C 428 -29.42 1.46 -3.46
N PHE C 429 -30.26 2.16 -4.23
CA PHE C 429 -31.32 1.51 -4.99
C PHE C 429 -30.74 0.49 -5.97
N THR C 430 -31.37 -0.68 -6.02
CA THR C 430 -31.04 -1.71 -6.99
C THR C 430 -32.29 -1.99 -7.83
N GLY C 431 -32.13 -1.95 -9.14
CA GLY C 431 -33.24 -2.17 -10.04
C GLY C 431 -33.16 -1.25 -11.23
N CYS C 432 -34.20 -1.28 -12.06
CA CYS C 432 -34.16 -0.58 -13.34
C CYS C 432 -35.21 0.51 -13.40
N VAL C 433 -34.91 1.58 -14.13
CA VAL C 433 -35.82 2.68 -14.39
C VAL C 433 -36.01 2.79 -15.89
N ILE C 434 -37.27 2.83 -16.34
CA ILE C 434 -37.60 2.89 -17.76
C ILE C 434 -38.54 4.06 -17.96
N ALA C 435 -38.23 4.90 -18.94
CA ALA C 435 -39.00 6.12 -19.17
C ALA C 435 -39.09 6.38 -20.67
N TRP C 436 -40.26 6.83 -21.12
CA TRP C 436 -40.42 7.14 -22.53
C TRP C 436 -41.45 8.24 -22.71
N ASN C 437 -41.28 9.02 -23.77
CA ASN C 437 -42.18 10.12 -24.07
C ASN C 437 -43.60 9.62 -24.33
N SER C 438 -44.58 10.42 -23.92
CA SER C 438 -45.99 10.08 -24.06
C SER C 438 -46.79 11.28 -24.56
N ASN C 439 -46.16 12.15 -25.37
CA ASN C 439 -46.85 13.34 -25.85
C ASN C 439 -48.07 12.99 -26.68
N ASN C 440 -47.96 11.97 -27.54
CA ASN C 440 -49.08 11.58 -28.38
C ASN C 440 -50.28 11.06 -27.58
N LEU C 441 -50.07 10.63 -26.35
CA LEU C 441 -51.10 9.99 -25.55
C LEU C 441 -51.65 10.85 -24.42
N ASP C 442 -50.79 11.60 -23.72
CA ASP C 442 -51.19 12.30 -22.52
C ASP C 442 -51.42 13.79 -22.72
N SER C 443 -51.18 14.31 -23.92
CA SER C 443 -51.34 15.74 -24.19
C SER C 443 -52.68 16.00 -24.88
N LYS C 444 -53.24 17.17 -24.59
CA LYS C 444 -54.48 17.61 -25.20
C LYS C 444 -54.34 19.03 -25.70
N VAL C 445 -55.06 19.35 -26.78
CA VAL C 445 -54.99 20.69 -27.37
C VAL C 445 -55.38 21.75 -26.35
N GLY C 446 -56.42 21.48 -25.55
CA GLY C 446 -56.83 22.36 -24.49
C GLY C 446 -56.07 22.22 -23.20
N GLY C 447 -55.10 21.32 -23.14
CA GLY C 447 -54.30 21.10 -21.95
C GLY C 447 -54.86 20.01 -21.08
N ASN C 448 -54.08 18.95 -20.87
CA ASN C 448 -54.48 17.82 -20.03
C ASN C 448 -53.97 18.06 -18.61
N TYR C 449 -54.90 18.19 -17.66
CA TYR C 449 -54.56 18.46 -16.27
C TYR C 449 -54.82 17.27 -15.35
N ASN C 450 -55.00 16.07 -15.91
CA ASN C 450 -55.30 14.91 -15.07
C ASN C 450 -54.09 14.44 -14.27
N TYR C 451 -52.87 14.75 -14.72
CA TYR C 451 -51.66 14.34 -14.02
C TYR C 451 -51.24 15.44 -13.05
N LEU C 452 -50.96 15.06 -11.82
CA LEU C 452 -50.69 16.01 -10.75
C LEU C 452 -49.30 15.79 -10.19
N TYR C 453 -48.81 16.79 -9.46
CA TYR C 453 -47.57 16.68 -8.71
C TYR C 453 -47.70 17.45 -7.41
N ARG C 454 -47.06 16.94 -6.36
CA ARG C 454 -47.09 17.60 -5.06
C ARG C 454 -46.11 18.77 -5.07
N LEU C 455 -46.59 19.95 -4.71
CA LEU C 455 -45.76 21.15 -4.75
C LEU C 455 -45.21 21.55 -3.38
N PHE C 456 -45.88 21.17 -2.30
CA PHE C 456 -45.46 21.53 -0.95
C PHE C 456 -45.46 20.30 -0.06
N ARG C 457 -44.53 20.28 0.89
CA ARG C 457 -44.45 19.21 1.89
C ARG C 457 -43.50 19.64 2.99
N LYS C 458 -43.85 19.29 4.23
CA LYS C 458 -43.05 19.70 5.38
C LYS C 458 -41.66 19.08 5.38
N SER C 459 -41.47 17.96 4.69
CA SER C 459 -40.18 17.29 4.67
C SER C 459 -40.09 16.41 3.43
N ASN C 460 -38.86 16.01 3.11
CA ASN C 460 -38.63 15.17 1.94
C ASN C 460 -39.09 13.74 2.20
N LEU C 461 -39.39 13.04 1.11
CA LEU C 461 -39.86 11.66 1.20
C LEU C 461 -38.71 10.70 1.46
N LYS C 462 -38.97 9.69 2.27
CA LYS C 462 -38.06 8.56 2.39
C LYS C 462 -38.25 7.60 1.22
N PRO C 463 -37.26 6.74 0.95
CA PRO C 463 -37.31 5.90 -0.26
C PRO C 463 -38.59 5.08 -0.35
N PHE C 464 -39.17 5.04 -1.55
CA PHE C 464 -40.37 4.29 -1.89
C PHE C 464 -41.60 4.72 -1.09
N GLU C 465 -41.53 5.88 -0.42
CA GLU C 465 -42.69 6.39 0.29
C GLU C 465 -43.77 6.86 -0.68
N ARG C 466 -45.02 6.72 -0.29
CA ARG C 466 -46.17 7.12 -1.10
C ARG C 466 -47.03 8.03 -0.24
N ASP C 467 -47.25 9.27 -0.71
CA ASP C 467 -48.04 10.26 0.00
C ASP C 467 -49.16 10.72 -0.93
N ILE C 468 -50.39 10.40 -0.58
CA ILE C 468 -51.56 10.80 -1.35
C ILE C 468 -52.43 11.79 -0.58
N SER C 469 -51.90 12.38 0.49
CA SER C 469 -52.67 13.30 1.30
C SER C 469 -53.01 14.57 0.52
N THR C 470 -54.12 15.20 0.91
CA THR C 470 -54.57 16.45 0.29
C THR C 470 -54.66 17.58 1.31
N GLU C 471 -53.93 17.48 2.41
CA GLU C 471 -53.97 18.51 3.45
C GLU C 471 -53.52 19.85 2.91
N ILE C 472 -54.25 20.90 3.27
CA ILE C 472 -53.93 22.25 2.83
C ILE C 472 -52.62 22.70 3.47
N TYR C 473 -51.70 23.18 2.64
CA TYR C 473 -50.39 23.62 3.12
C TYR C 473 -50.44 25.11 3.45
N GLN C 474 -50.07 25.44 4.68
CA GLN C 474 -50.02 26.82 5.17
C GLN C 474 -48.64 27.39 4.91
N ALA C 475 -48.51 28.16 3.84
CA ALA C 475 -47.22 28.77 3.49
C ALA C 475 -46.92 30.02 4.29
N GLY C 476 -47.89 30.55 5.04
CA GLY C 476 -47.67 31.75 5.81
C GLY C 476 -47.95 31.57 7.29
N SER C 477 -48.13 32.67 8.02
CA SER C 477 -48.43 32.61 9.44
C SER C 477 -49.92 32.51 9.73
N THR C 478 -50.77 32.70 8.74
CA THR C 478 -52.22 32.66 8.96
C THR C 478 -52.71 31.21 8.90
N PRO C 479 -53.35 30.70 9.96
CA PRO C 479 -53.93 29.36 9.89
C PRO C 479 -54.95 29.24 8.77
N CYS C 480 -54.94 28.10 8.09
CA CYS C 480 -55.83 27.89 6.95
C CYS C 480 -57.17 27.29 7.33
N ASN C 481 -57.20 26.44 8.36
CA ASN C 481 -58.42 25.80 8.83
C ASN C 481 -59.13 25.05 7.69
N GLY C 482 -58.33 24.44 6.82
CA GLY C 482 -58.88 23.70 5.69
C GLY C 482 -59.40 24.55 4.56
N VAL C 483 -59.16 25.85 4.57
CA VAL C 483 -59.65 26.78 3.55
C VAL C 483 -58.47 27.24 2.72
N GLU C 484 -58.54 27.02 1.41
CA GLU C 484 -57.49 27.45 0.51
C GLU C 484 -57.54 28.96 0.29
N GLY C 485 -56.39 29.53 -0.04
CA GLY C 485 -56.30 30.97 -0.26
C GLY C 485 -54.86 31.43 -0.24
N PHE C 486 -54.69 32.72 0.02
CA PHE C 486 -53.35 33.30 0.09
C PHE C 486 -52.53 32.60 1.16
N ASN C 487 -51.37 32.07 0.77
CA ASN C 487 -50.50 31.27 1.64
C ASN C 487 -51.17 30.00 2.14
N CYS C 488 -52.30 29.61 1.53
CA CYS C 488 -53.02 28.38 1.88
C CYS C 488 -53.28 27.64 0.58
N TYR C 489 -52.44 26.65 0.27
CA TYR C 489 -52.40 26.05 -1.05
C TYR C 489 -52.81 24.59 -1.00
N PHE C 490 -53.49 24.16 -2.06
CA PHE C 490 -53.71 22.74 -2.28
C PHE C 490 -52.39 22.08 -2.65
N PRO C 491 -51.95 21.04 -1.94
CA PRO C 491 -50.58 20.52 -2.14
C PRO C 491 -50.33 20.00 -3.54
N LEU C 492 -51.37 19.69 -4.31
CA LEU C 492 -51.22 19.17 -5.65
C LEU C 492 -51.40 20.29 -6.67
N GLN C 493 -50.73 20.13 -7.81
CA GLN C 493 -50.87 21.05 -8.93
C GLN C 493 -50.77 20.26 -10.22
N SER C 494 -51.56 20.65 -11.22
CA SER C 494 -51.67 19.88 -12.44
C SER C 494 -50.56 20.23 -13.42
N TYR C 495 -50.08 19.22 -14.13
CA TYR C 495 -49.19 19.46 -15.26
C TYR C 495 -49.97 20.04 -16.43
N GLY C 496 -49.33 20.94 -17.17
CA GLY C 496 -49.91 21.42 -18.41
C GLY C 496 -49.36 20.69 -19.63
N PHE C 497 -50.09 19.71 -20.12
CA PHE C 497 -49.63 18.87 -21.23
C PHE C 497 -50.41 19.24 -22.48
N GLN C 498 -49.78 20.02 -23.35
CA GLN C 498 -50.30 20.33 -24.67
C GLN C 498 -49.34 19.80 -25.74
N PRO C 499 -49.85 19.37 -26.89
CA PRO C 499 -48.96 18.79 -27.91
C PRO C 499 -47.92 19.77 -28.42
N THR C 500 -48.15 21.08 -28.31
CA THR C 500 -47.20 22.08 -28.77
C THR C 500 -46.16 22.43 -27.71
N ASN C 501 -46.26 21.87 -26.51
CA ASN C 501 -45.31 22.17 -25.46
C ASN C 501 -43.92 21.65 -25.79
N GLY C 502 -42.91 22.32 -25.25
CA GLY C 502 -41.54 21.87 -25.44
C GLY C 502 -41.31 20.50 -24.85
N VAL C 503 -40.34 19.78 -25.41
CA VAL C 503 -40.08 18.40 -25.01
C VAL C 503 -39.81 18.29 -23.52
N GLY C 504 -39.18 19.31 -22.93
CA GLY C 504 -38.97 19.32 -21.50
C GLY C 504 -40.25 19.30 -20.69
N TYR C 505 -41.30 19.92 -21.21
CA TYR C 505 -42.61 19.95 -20.57
C TYR C 505 -43.56 18.90 -21.11
N GLN C 506 -43.11 18.05 -22.04
CA GLN C 506 -43.98 17.02 -22.56
C GLN C 506 -44.08 15.85 -21.59
N PRO C 507 -45.18 15.09 -21.63
CA PRO C 507 -45.37 14.02 -20.65
C PRO C 507 -44.52 12.80 -20.95
N TYR C 508 -43.90 12.26 -19.90
CA TYR C 508 -43.10 11.05 -19.96
C TYR C 508 -43.69 10.03 -18.99
N ARG C 509 -43.83 8.80 -19.46
CA ARG C 509 -44.27 7.69 -18.61
C ARG C 509 -43.05 6.96 -18.06
N VAL C 510 -43.08 6.69 -16.75
CA VAL C 510 -41.95 6.12 -16.04
C VAL C 510 -42.41 4.90 -15.24
N VAL C 511 -41.62 3.83 -15.33
CA VAL C 511 -41.85 2.58 -14.61
C VAL C 511 -40.53 2.19 -13.95
N VAL C 512 -40.59 1.90 -12.65
CA VAL C 512 -39.42 1.55 -11.86
C VAL C 512 -39.59 0.12 -11.38
N LEU C 513 -38.72 -0.77 -11.83
CA LEU C 513 -38.68 -2.15 -11.38
C LEU C 513 -37.69 -2.25 -10.23
N SER C 514 -38.16 -2.69 -9.07
CA SER C 514 -37.33 -2.87 -7.89
C SER C 514 -37.35 -4.33 -7.48
N PHE C 515 -36.16 -4.90 -7.29
CA PHE C 515 -35.98 -6.27 -6.85
C PHE C 515 -34.79 -6.36 -5.91
N GLU C 516 -34.95 -7.18 -4.86
CA GLU C 516 -33.87 -7.46 -3.92
C GLU C 516 -33.19 -8.78 -4.29
N LEU C 517 -31.85 -8.78 -4.21
CA LEU C 517 -31.06 -9.89 -4.72
C LEU C 517 -31.12 -11.08 -3.75
N LEU C 518 -30.30 -12.09 -4.01
CA LEU C 518 -30.40 -13.39 -3.36
C LEU C 518 -30.19 -13.33 -1.85
N HIS C 519 -31.26 -13.52 -1.08
CA HIS C 519 -31.13 -13.85 0.34
C HIS C 519 -32.15 -14.88 0.80
N ALA C 520 -33.05 -15.34 -0.07
CA ALA C 520 -34.15 -16.20 0.32
C ALA C 520 -34.67 -16.90 -0.94
N PRO C 521 -35.62 -17.86 -0.80
CA PRO C 521 -36.21 -18.46 -2.00
C PRO C 521 -36.76 -17.41 -2.95
N ALA C 522 -36.88 -17.77 -4.23
CA ALA C 522 -37.25 -16.82 -5.27
C ALA C 522 -38.43 -17.33 -6.08
N THR C 523 -39.14 -16.40 -6.70
CA THR C 523 -40.29 -16.71 -7.53
C THR C 523 -40.24 -16.07 -8.91
N VAL C 524 -39.36 -15.09 -9.14
CA VAL C 524 -39.18 -14.46 -10.44
C VAL C 524 -37.81 -14.86 -10.95
N CYS C 525 -37.78 -15.63 -12.03
CA CYS C 525 -36.55 -16.13 -12.62
C CYS C 525 -36.55 -15.83 -14.11
N GLY C 526 -35.39 -16.01 -14.74
CA GLY C 526 -35.26 -15.79 -16.16
C GLY C 526 -35.66 -17.02 -16.95
N PRO C 527 -35.44 -16.98 -18.27
CA PRO C 527 -35.85 -18.11 -19.13
C PRO C 527 -34.94 -19.32 -19.07
N LYS C 528 -33.95 -19.34 -18.18
CA LYS C 528 -32.99 -20.43 -18.16
C LYS C 528 -33.67 -21.76 -17.89
N LYS C 529 -33.25 -22.80 -18.61
CA LYS C 529 -33.80 -24.13 -18.45
C LYS C 529 -33.15 -24.81 -17.24
N SER C 530 -33.39 -26.10 -17.07
CA SER C 530 -32.87 -26.86 -15.95
C SER C 530 -32.21 -28.13 -16.46
N THR C 531 -31.59 -28.87 -15.56
CA THR C 531 -30.86 -30.09 -15.91
C THR C 531 -30.94 -31.03 -14.71
N ASN C 532 -30.70 -32.32 -14.97
CA ASN C 532 -30.70 -33.31 -13.91
C ASN C 532 -29.57 -33.03 -12.92
N LEU C 533 -29.56 -33.79 -11.83
CA LEU C 533 -28.62 -33.61 -10.73
C LEU C 533 -27.75 -34.85 -10.58
N VAL C 534 -26.46 -34.63 -10.37
CA VAL C 534 -25.50 -35.70 -10.17
C VAL C 534 -24.70 -35.43 -8.90
N LYS C 535 -24.48 -36.48 -8.10
CA LYS C 535 -23.81 -36.38 -6.82
C LYS C 535 -22.47 -37.12 -6.87
N ASN C 536 -21.64 -36.84 -5.85
CA ASN C 536 -20.37 -37.53 -5.63
C ASN C 536 -19.36 -37.28 -6.74
N LYS C 537 -19.47 -36.13 -7.41
CA LYS C 537 -18.55 -35.75 -8.46
C LYS C 537 -18.47 -34.22 -8.50
N CYS C 538 -17.26 -33.71 -8.70
CA CYS C 538 -17.04 -32.26 -8.72
C CYS C 538 -17.74 -31.68 -9.93
N VAL C 539 -18.68 -30.75 -9.70
CA VAL C 539 -19.49 -30.18 -10.77
C VAL C 539 -19.66 -28.68 -10.55
N ASN C 540 -20.09 -28.01 -11.61
CA ASN C 540 -20.45 -26.59 -11.58
C ASN C 540 -21.94 -26.46 -11.29
N PHE C 541 -22.28 -26.03 -10.08
CA PHE C 541 -23.67 -25.86 -9.67
C PHE C 541 -24.09 -24.41 -9.79
N ASN C 542 -25.37 -24.21 -10.12
CA ASN C 542 -25.97 -22.87 -10.21
C ASN C 542 -27.39 -22.99 -9.65
N PHE C 543 -27.54 -22.77 -8.34
CA PHE C 543 -28.82 -22.85 -7.67
C PHE C 543 -29.43 -21.46 -7.54
N ASN C 544 -30.46 -21.18 -8.35
CA ASN C 544 -31.21 -19.92 -8.27
C ASN C 544 -30.29 -18.71 -8.42
N GLY C 545 -29.32 -18.81 -9.32
CA GLY C 545 -28.38 -17.73 -9.56
C GLY C 545 -27.16 -17.74 -8.66
N LEU C 546 -27.17 -18.56 -7.61
CA LEU C 546 -25.98 -18.73 -6.76
C LEU C 546 -25.09 -19.78 -7.42
N THR C 547 -23.95 -19.35 -7.94
CA THR C 547 -23.09 -20.19 -8.74
C THR C 547 -21.85 -20.62 -7.94
N GLY C 548 -21.31 -21.77 -8.31
CA GLY C 548 -20.09 -22.25 -7.66
C GLY C 548 -19.69 -23.59 -8.22
N THR C 549 -18.65 -24.16 -7.63
CA THR C 549 -18.13 -25.45 -8.05
C THR C 549 -17.83 -26.30 -6.83
N GLY C 550 -18.17 -27.58 -6.90
CA GLY C 550 -17.84 -28.50 -5.85
C GLY C 550 -18.67 -29.78 -5.97
N VAL C 551 -18.62 -30.57 -4.91
CA VAL C 551 -19.29 -31.87 -4.85
C VAL C 551 -20.55 -31.73 -4.01
N LEU C 552 -21.66 -32.23 -4.55
CA LEU C 552 -22.96 -32.17 -3.87
C LEU C 552 -23.26 -33.54 -3.29
N THR C 553 -23.56 -33.58 -1.99
CA THR C 553 -23.82 -34.84 -1.31
C THR C 553 -25.07 -34.68 -0.46
N GLU C 554 -25.67 -35.81 -0.08
CA GLU C 554 -26.80 -35.78 0.83
C GLU C 554 -26.35 -35.22 2.18
N SER C 555 -27.14 -34.31 2.73
CA SER C 555 -26.80 -33.63 3.97
C SER C 555 -27.67 -34.14 5.11
N ASN C 556 -27.26 -33.81 6.33
CA ASN C 556 -28.05 -34.08 7.52
C ASN C 556 -28.49 -32.79 8.21
N LYS C 557 -28.38 -31.66 7.50
CA LYS C 557 -28.81 -30.38 8.04
C LYS C 557 -30.33 -30.27 7.97
N LYS C 558 -30.90 -29.58 8.94
CA LYS C 558 -32.35 -29.38 9.01
C LYS C 558 -32.63 -27.91 8.75
N PHE C 559 -32.74 -27.55 7.48
CA PHE C 559 -33.05 -26.18 7.10
C PHE C 559 -34.45 -25.79 7.55
N LEU C 560 -34.60 -24.52 7.88
CA LEU C 560 -35.91 -23.96 8.16
C LEU C 560 -36.65 -23.63 6.86
N PRO C 561 -37.98 -23.59 6.89
CA PRO C 561 -38.76 -23.44 5.65
C PRO C 561 -38.48 -22.14 4.91
N PHE C 562 -37.97 -21.13 5.60
CA PHE C 562 -37.75 -19.81 5.01
C PHE C 562 -36.30 -19.56 4.61
N GLN C 563 -35.43 -20.56 4.75
CA GLN C 563 -34.01 -20.42 4.45
C GLN C 563 -33.69 -21.23 3.20
N GLN C 564 -33.05 -20.59 2.22
CA GLN C 564 -32.69 -21.26 0.98
C GLN C 564 -31.34 -21.98 1.09
N PHE C 565 -30.29 -21.26 1.47
CA PHE C 565 -28.95 -21.79 1.48
C PHE C 565 -28.25 -21.40 2.78
N GLY C 566 -27.33 -22.27 3.22
CA GLY C 566 -26.53 -22.00 4.38
C GLY C 566 -25.27 -21.22 4.03
N ARG C 567 -24.38 -21.09 5.01
CA ARG C 567 -23.13 -20.38 4.81
C ARG C 567 -22.05 -20.94 5.72
N ASP C 568 -20.81 -20.74 5.29
CA ASP C 568 -19.63 -21.09 6.06
C ASP C 568 -19.12 -19.84 6.77
N ILE C 569 -18.19 -20.05 7.72
CA ILE C 569 -17.57 -18.96 8.45
C ILE C 569 -16.99 -17.93 7.49
N ALA C 570 -16.56 -18.36 6.30
CA ALA C 570 -15.97 -17.49 5.30
C ALA C 570 -17.01 -16.83 4.40
N ASP C 571 -18.28 -16.88 4.78
CA ASP C 571 -19.42 -16.34 4.02
C ASP C 571 -19.56 -17.05 2.67
N THR C 572 -18.89 -18.18 2.47
CA THR C 572 -19.09 -19.02 1.30
C THR C 572 -20.18 -20.05 1.59
N THR C 573 -20.99 -20.34 0.59
CA THR C 573 -22.11 -21.25 0.76
C THR C 573 -21.63 -22.62 1.23
N ASP C 574 -22.37 -23.21 2.17
CA ASP C 574 -22.08 -24.54 2.70
C ASP C 574 -23.07 -25.59 2.23
N ALA C 575 -24.35 -25.25 2.15
CA ALA C 575 -25.37 -26.18 1.67
C ALA C 575 -26.50 -25.37 1.03
N VAL C 576 -27.26 -26.03 0.17
CA VAL C 576 -28.34 -25.37 -0.58
C VAL C 576 -29.57 -26.26 -0.59
N ARG C 577 -30.72 -25.63 -0.84
CA ARG C 577 -31.99 -26.33 -1.02
C ARG C 577 -32.28 -26.37 -2.52
N ASP C 578 -32.42 -27.58 -3.06
CA ASP C 578 -32.71 -27.77 -4.47
C ASP C 578 -34.06 -27.12 -4.80
N PRO C 579 -34.12 -26.20 -5.76
CA PRO C 579 -35.39 -25.49 -6.02
C PRO C 579 -36.52 -26.40 -6.47
N GLN C 580 -36.22 -27.56 -7.06
CA GLN C 580 -37.26 -28.44 -7.57
C GLN C 580 -37.58 -29.60 -6.65
N THR C 581 -36.60 -30.12 -5.92
CA THR C 581 -36.81 -31.19 -4.95
C THR C 581 -36.51 -30.65 -3.56
N LEU C 582 -37.44 -30.84 -2.63
CA LEU C 582 -37.26 -30.32 -1.28
C LEU C 582 -36.26 -31.18 -0.51
N GLU C 583 -34.98 -31.10 -0.90
CA GLU C 583 -33.91 -31.81 -0.23
C GLU C 583 -32.73 -30.86 -0.04
N ILE C 584 -31.99 -31.05 1.04
CA ILE C 584 -30.87 -30.19 1.39
C ILE C 584 -29.59 -30.89 0.96
N LEU C 585 -28.84 -30.24 0.07
CA LEU C 585 -27.59 -30.78 -0.44
C LEU C 585 -26.42 -30.05 0.20
N ASP C 586 -25.47 -30.82 0.74
CA ASP C 586 -24.25 -30.26 1.30
C ASP C 586 -23.21 -30.15 0.20
N ILE C 587 -22.56 -29.00 0.12
CA ILE C 587 -21.57 -28.71 -0.91
C ILE C 587 -20.19 -28.73 -0.26
N THR C 588 -19.30 -29.56 -0.81
CA THR C 588 -17.92 -29.64 -0.33
C THR C 588 -16.98 -29.36 -1.48
N PRO C 589 -16.11 -28.35 -1.38
CA PRO C 589 -15.15 -28.10 -2.47
C PRO C 589 -14.31 -29.33 -2.76
N CYS C 590 -14.12 -29.61 -4.04
CA CYS C 590 -13.43 -30.84 -4.40
C CYS C 590 -11.91 -30.65 -4.35
N SER C 591 -11.20 -31.77 -4.29
CA SER C 591 -9.82 -31.80 -3.81
C SER C 591 -8.93 -30.83 -4.58
N PHE C 592 -7.93 -30.30 -3.88
CA PHE C 592 -6.94 -29.39 -4.44
C PHE C 592 -5.74 -29.38 -3.52
N GLY C 593 -4.65 -28.80 -4.01
CA GLY C 593 -3.47 -28.65 -3.17
C GLY C 593 -2.24 -28.35 -3.98
N GLY C 594 -1.18 -27.99 -3.25
CA GLY C 594 0.07 -27.63 -3.89
C GLY C 594 0.74 -28.79 -4.57
N VAL C 595 1.62 -28.47 -5.51
CA VAL C 595 2.42 -29.45 -6.23
C VAL C 595 3.89 -29.08 -6.07
N SER C 596 4.68 -30.05 -5.61
CA SER C 596 6.12 -29.86 -5.43
C SER C 596 6.87 -30.82 -6.35
N VAL C 597 8.05 -30.43 -6.78
CA VAL C 597 8.83 -31.19 -7.74
C VAL C 597 10.14 -31.59 -7.07
N ILE C 598 10.16 -32.80 -6.50
CA ILE C 598 11.40 -33.34 -5.94
C ILE C 598 12.34 -33.71 -7.10
N THR C 599 13.49 -33.05 -7.17
CA THR C 599 14.41 -33.25 -8.27
C THR C 599 15.81 -33.51 -7.75
N PRO C 600 16.51 -34.52 -8.28
CA PRO C 600 17.91 -34.73 -7.89
C PRO C 600 18.87 -33.68 -8.44
N GLY C 601 18.37 -32.75 -9.25
CA GLY C 601 19.23 -31.79 -9.92
C GLY C 601 19.58 -32.20 -11.34
N THR C 602 19.37 -31.29 -12.29
CA THR C 602 19.61 -31.60 -13.70
C THR C 602 21.06 -31.99 -13.97
N ASN C 603 21.98 -31.62 -13.07
CA ASN C 603 23.39 -31.97 -13.24
C ASN C 603 23.56 -33.48 -13.38
N THR C 604 22.81 -34.26 -12.60
CA THR C 604 22.97 -35.70 -12.59
C THR C 604 21.92 -36.44 -13.40
N SER C 605 20.70 -35.91 -13.52
CA SER C 605 19.63 -36.54 -14.27
C SER C 605 18.48 -35.56 -14.39
N ASN C 606 17.65 -35.78 -15.41
CA ASN C 606 16.47 -34.96 -15.65
C ASN C 606 15.18 -35.61 -15.16
N GLN C 607 15.27 -36.74 -14.47
CA GLN C 607 14.09 -37.43 -13.96
C GLN C 607 13.71 -36.83 -12.61
N VAL C 608 12.41 -36.55 -12.43
CA VAL C 608 11.91 -35.87 -11.25
C VAL C 608 10.66 -36.58 -10.77
N ALA C 609 10.32 -36.34 -9.51
CA ALA C 609 9.09 -36.85 -8.91
C ALA C 609 8.19 -35.68 -8.50
N VAL C 610 6.89 -35.93 -8.46
CA VAL C 610 5.90 -34.90 -8.20
C VAL C 610 5.12 -35.28 -6.95
N LEU C 611 5.01 -34.33 -6.03
CA LEU C 611 4.23 -34.51 -4.80
C LEU C 611 3.00 -33.62 -4.86
N TYR C 612 1.82 -34.24 -4.92
CA TYR C 612 0.56 -33.53 -4.75
C TYR C 612 0.21 -33.55 -3.27
N GLN C 613 0.10 -32.37 -2.67
CA GLN C 613 -0.08 -32.26 -1.23
C GLN C 613 -1.54 -32.43 -0.85
N ASP C 614 -1.80 -33.26 0.16
CA ASP C 614 -3.11 -33.38 0.80
C ASP C 614 -4.20 -33.76 -0.19
N VAL C 615 -3.88 -34.67 -1.11
CA VAL C 615 -4.84 -35.26 -2.03
C VAL C 615 -4.65 -36.77 -2.02
N ASN C 616 -5.67 -37.48 -2.48
CA ASN C 616 -5.61 -38.93 -2.54
C ASN C 616 -5.13 -39.39 -3.91
N CYS C 617 -4.28 -40.42 -3.90
CA CYS C 617 -3.68 -40.92 -5.14
C CYS C 617 -4.74 -41.38 -6.14
N THR C 618 -5.91 -41.80 -5.67
CA THR C 618 -6.98 -42.23 -6.56
C THR C 618 -7.58 -41.07 -7.35
N GLU C 619 -7.25 -39.83 -7.00
CA GLU C 619 -7.87 -38.66 -7.62
C GLU C 619 -7.01 -38.01 -8.69
N VAL C 620 -5.69 -38.21 -8.64
CA VAL C 620 -4.78 -37.62 -9.61
C VAL C 620 -4.97 -38.26 -10.97
N ASN C 641 3.76 -46.49 -10.53
CA ASN C 641 4.76 -46.07 -9.55
C ASN C 641 4.22 -44.90 -8.73
N VAL C 642 3.35 -45.21 -7.78
CA VAL C 642 2.69 -44.20 -6.95
C VAL C 642 2.84 -44.59 -5.48
N PHE C 643 3.07 -43.60 -4.62
CA PHE C 643 3.23 -43.82 -3.19
C PHE C 643 2.35 -42.87 -2.38
N GLN C 644 1.62 -43.40 -1.40
CA GLN C 644 0.78 -42.60 -0.53
C GLN C 644 1.51 -42.34 0.78
N THR C 645 1.61 -41.07 1.16
CA THR C 645 2.23 -40.69 2.43
C THR C 645 1.36 -39.64 3.10
N ARG C 646 1.64 -39.40 4.39
CA ARG C 646 0.91 -38.36 5.11
C ARG C 646 1.05 -37.01 4.44
N ALA C 647 2.19 -36.77 3.78
CA ALA C 647 2.36 -35.51 3.04
C ALA C 647 1.38 -35.41 1.89
N GLY C 648 1.10 -36.53 1.23
CA GLY C 648 0.21 -36.53 0.08
C GLY C 648 0.43 -37.70 -0.85
N CYS C 649 0.39 -37.45 -2.15
CA CYS C 649 0.62 -38.47 -3.16
C CYS C 649 1.90 -38.18 -3.92
N LEU C 650 2.81 -39.15 -3.96
CA LEU C 650 4.10 -39.02 -4.62
C LEU C 650 4.10 -39.88 -5.88
N ILE C 651 4.45 -39.27 -7.01
CA ILE C 651 4.42 -39.92 -8.30
C ILE C 651 5.81 -39.83 -8.92
N GLY C 652 6.32 -40.97 -9.38
CA GLY C 652 7.64 -41.06 -9.97
C GLY C 652 8.75 -41.51 -9.05
N ALA C 653 8.44 -41.95 -7.83
CA ALA C 653 9.44 -42.40 -6.88
C ALA C 653 9.06 -43.78 -6.36
N GLU C 654 10.05 -44.66 -6.25
CA GLU C 654 9.84 -46.02 -5.78
C GLU C 654 10.04 -46.09 -4.27
N HIS C 655 9.21 -46.88 -3.61
CA HIS C 655 9.28 -47.03 -2.15
C HIS C 655 10.22 -48.17 -1.79
N VAL C 656 11.21 -47.87 -0.96
CA VAL C 656 12.25 -48.81 -0.56
C VAL C 656 12.13 -49.02 0.95
N ASN C 657 12.12 -50.28 1.37
CA ASN C 657 12.00 -50.58 2.80
C ASN C 657 13.26 -50.19 3.57
N ASN C 658 14.43 -50.26 2.93
CA ASN C 658 15.66 -49.85 3.60
C ASN C 658 15.55 -48.39 4.05
N SER C 659 16.40 -48.03 5.01
CA SER C 659 16.41 -46.69 5.58
C SER C 659 17.81 -46.08 5.46
N TYR C 660 17.86 -44.80 5.10
CA TYR C 660 19.12 -44.09 4.91
C TYR C 660 18.99 -42.70 5.55
N GLU C 661 20.10 -41.97 5.54
CA GLU C 661 20.07 -40.58 5.97
C GLU C 661 19.26 -39.72 5.02
N CYS C 662 18.58 -38.72 5.57
CA CYS C 662 17.72 -37.87 4.77
C CYS C 662 18.56 -36.98 3.86
N ASP C 663 18.17 -36.92 2.57
CA ASP C 663 18.88 -36.10 1.59
C ASP C 663 17.99 -34.95 1.10
N ILE C 664 16.80 -35.26 0.60
CA ILE C 664 15.82 -34.25 0.22
C ILE C 664 14.56 -34.49 1.05
N PRO C 665 14.23 -33.61 1.99
CA PRO C 665 13.10 -33.87 2.88
C PRO C 665 11.76 -33.67 2.20
N ILE C 666 10.90 -34.68 2.27
CA ILE C 666 9.53 -34.59 1.82
C ILE C 666 8.59 -34.26 2.97
N GLY C 667 8.69 -35.02 4.06
CA GLY C 667 7.92 -34.72 5.26
C GLY C 667 7.38 -35.96 5.93
N ALA C 668 6.94 -35.82 7.18
CA ALA C 668 6.38 -36.93 7.96
C ALA C 668 7.36 -38.10 8.00
N GLY C 669 8.64 -37.79 8.17
CA GLY C 669 9.67 -38.81 8.24
C GLY C 669 10.03 -39.44 6.92
N ILE C 670 9.56 -38.89 5.80
CA ILE C 670 9.84 -39.42 4.48
C ILE C 670 10.79 -38.47 3.75
N CYS C 671 11.89 -39.02 3.24
CA CYS C 671 12.85 -38.27 2.44
C CYS C 671 13.14 -39.03 1.15
N ALA C 672 13.45 -38.30 0.10
CA ALA C 672 13.71 -38.88 -1.20
C ALA C 672 15.14 -38.63 -1.63
N SER C 673 15.69 -39.61 -2.34
CA SER C 673 17.06 -39.54 -2.85
C SER C 673 17.10 -40.12 -4.25
N TYR C 674 18.27 -40.06 -4.89
CA TYR C 674 18.48 -40.64 -6.20
C TYR C 674 19.58 -41.68 -6.09
N GLN C 675 19.23 -42.95 -6.34
CA GLN C 675 20.15 -44.05 -6.11
C GLN C 675 20.04 -45.05 -7.24
N THR C 676 21.06 -45.91 -7.35
CA THR C 676 21.07 -46.96 -8.35
C THR C 676 20.23 -48.15 -7.92
N GLN C 690 19.40 -46.55 -12.50
CA GLN C 690 19.18 -45.65 -11.38
C GLN C 690 17.73 -45.17 -11.35
N SER C 691 17.33 -44.55 -10.25
CA SER C 691 15.98 -44.04 -10.09
C SER C 691 15.89 -43.24 -8.79
N ILE C 692 14.75 -42.60 -8.60
CA ILE C 692 14.46 -41.80 -7.41
C ILE C 692 13.68 -42.67 -6.44
N ILE C 693 14.12 -42.70 -5.19
CA ILE C 693 13.48 -43.53 -4.19
C ILE C 693 13.05 -42.67 -3.02
N ALA C 694 11.98 -43.10 -2.35
CA ALA C 694 11.45 -42.45 -1.16
C ALA C 694 11.52 -43.44 -0.01
N TYR C 695 12.06 -43.00 1.13
CA TYR C 695 12.27 -43.88 2.26
C TYR C 695 11.92 -43.14 3.55
N THR C 696 11.79 -43.91 4.63
CA THR C 696 11.63 -43.35 5.96
C THR C 696 13.02 -43.13 6.53
N MET C 697 13.39 -41.86 6.70
CA MET C 697 14.78 -41.52 7.01
C MET C 697 15.20 -42.17 8.33
N SER C 698 16.45 -42.62 8.37
CA SER C 698 17.05 -43.18 9.58
C SER C 698 17.77 -42.07 10.34
N LEU C 699 17.50 -41.99 11.65
CA LEU C 699 18.09 -40.94 12.46
C LEU C 699 19.61 -41.08 12.52
N GLY C 700 20.11 -42.31 12.63
CA GLY C 700 21.54 -42.52 12.68
C GLY C 700 21.85 -43.99 12.86
N ALA C 701 23.15 -44.27 12.94
CA ALA C 701 23.61 -45.65 13.11
C ALA C 701 23.37 -46.12 14.54
N GLU C 702 22.74 -47.28 14.68
CA GLU C 702 22.51 -47.84 16.00
C GLU C 702 23.84 -48.17 16.66
N ASN C 703 23.95 -47.84 17.95
CA ASN C 703 25.17 -48.08 18.70
C ASN C 703 24.79 -48.22 20.18
N SER C 704 24.75 -49.46 20.66
CA SER C 704 24.45 -49.71 22.06
C SER C 704 25.70 -49.54 22.90
N VAL C 705 25.56 -48.87 24.03
CA VAL C 705 26.68 -48.60 24.93
C VAL C 705 26.78 -49.73 25.94
N ALA C 706 27.99 -50.28 26.09
CA ALA C 706 28.22 -51.41 26.99
C ALA C 706 28.36 -50.89 28.43
N TYR C 707 27.25 -50.40 28.95
CA TYR C 707 27.22 -49.86 30.29
C TYR C 707 27.33 -50.98 31.31
N SER C 708 28.07 -50.72 32.39
CA SER C 708 28.19 -51.69 33.47
C SER C 708 28.67 -50.97 34.71
N ASN C 709 28.22 -51.46 35.87
CA ASN C 709 28.41 -50.72 37.12
C ASN C 709 29.85 -50.73 37.61
N ASN C 710 30.72 -51.54 37.00
CA ASN C 710 32.13 -51.58 37.36
C ASN C 710 33.00 -51.68 36.11
N SER C 711 32.69 -50.89 35.09
CA SER C 711 33.49 -50.84 33.87
C SER C 711 33.52 -49.42 33.35
N ILE C 712 34.74 -48.87 33.19
CA ILE C 712 34.91 -47.51 32.72
C ILE C 712 35.74 -47.53 31.43
N ALA C 713 35.54 -46.53 30.59
CA ALA C 713 36.26 -46.38 29.34
C ALA C 713 37.00 -45.06 29.36
N ILE C 714 38.33 -45.13 29.34
CA ILE C 714 39.18 -43.96 29.45
C ILE C 714 39.96 -43.78 28.16
N PRO C 715 39.99 -42.59 27.57
CA PRO C 715 40.82 -42.37 26.39
C PRO C 715 42.30 -42.46 26.73
N THR C 716 43.08 -42.94 25.75
CA THR C 716 44.52 -42.99 25.86
C THR C 716 45.24 -42.05 24.91
N ASN C 717 44.51 -41.40 24.01
CA ASN C 717 45.10 -40.55 22.99
C ASN C 717 44.05 -39.53 22.56
N PHE C 718 44.48 -38.53 21.80
CA PHE C 718 43.62 -37.42 21.44
C PHE C 718 43.93 -36.95 20.03
N THR C 719 43.15 -35.98 19.57
CA THR C 719 43.36 -35.28 18.32
C THR C 719 43.06 -33.80 18.52
N ILE C 720 43.81 -32.95 17.81
CA ILE C 720 43.61 -31.51 17.82
C ILE C 720 42.90 -31.16 16.52
N SER C 721 41.59 -30.96 16.60
CA SER C 721 40.77 -30.75 15.42
C SER C 721 40.43 -29.28 15.25
N VAL C 722 40.56 -28.78 14.03
CA VAL C 722 40.22 -27.40 13.70
C VAL C 722 38.95 -27.42 12.86
N THR C 723 37.91 -26.76 13.36
CA THR C 723 36.66 -26.57 12.64
C THR C 723 36.55 -25.14 12.16
N THR C 724 35.60 -24.91 11.25
CA THR C 724 35.35 -23.59 10.69
C THR C 724 33.88 -23.22 10.91
N GLU C 725 33.67 -22.00 11.40
CA GLU C 725 32.32 -21.51 11.70
C GLU C 725 32.14 -20.17 11.02
N ILE C 726 31.12 -20.05 10.18
CA ILE C 726 30.90 -18.88 9.33
C ILE C 726 29.70 -18.12 9.88
N LEU C 727 29.85 -16.79 10.03
CA LEU C 727 28.78 -15.97 10.57
C LEU C 727 28.63 -14.70 9.74
N PRO C 728 27.40 -14.32 9.38
CA PRO C 728 27.17 -13.01 8.78
C PRO C 728 27.18 -11.90 9.83
N VAL C 729 27.66 -10.73 9.42
CA VAL C 729 27.86 -9.62 10.35
C VAL C 729 27.14 -8.37 9.87
N SER C 730 26.92 -8.25 8.56
CA SER C 730 26.27 -7.05 8.04
C SER C 730 25.69 -7.31 6.66
N MET C 731 24.78 -6.42 6.26
CA MET C 731 24.16 -6.41 4.95
C MET C 731 24.80 -5.32 4.08
N THR C 732 24.24 -5.14 2.88
CA THR C 732 24.60 -4.03 2.02
C THR C 732 23.79 -2.80 2.38
N LYS C 733 24.48 -1.69 2.64
CA LYS C 733 23.84 -0.46 3.13
C LYS C 733 23.09 0.21 1.98
N THR C 734 21.90 -0.31 1.70
CA THR C 734 21.06 0.20 0.62
C THR C 734 20.27 1.43 1.09
N SER C 735 20.08 2.38 0.18
CA SER C 735 19.27 3.57 0.44
C SER C 735 18.45 3.89 -0.81
N VAL C 736 17.17 4.18 -0.61
CA VAL C 736 16.25 4.43 -1.72
C VAL C 736 15.67 5.83 -1.59
N ASP C 737 15.69 6.58 -2.70
CA ASP C 737 15.10 7.90 -2.79
C ASP C 737 13.67 7.74 -3.31
N CYS C 738 12.69 7.88 -2.42
CA CYS C 738 11.31 7.58 -2.80
C CYS C 738 10.82 8.53 -3.88
N THR C 739 11.18 9.81 -3.77
CA THR C 739 10.69 10.78 -4.74
C THR C 739 11.14 10.45 -6.15
N MET C 740 12.41 10.06 -6.33
CA MET C 740 12.87 9.71 -7.66
C MET C 740 12.37 8.34 -8.11
N TYR C 741 12.18 7.41 -7.17
CA TYR C 741 11.69 6.09 -7.54
C TYR C 741 10.23 6.14 -7.96
N ILE C 742 9.38 6.76 -7.15
CA ILE C 742 7.95 6.84 -7.42
C ILE C 742 7.67 7.79 -8.58
N CYS C 743 8.32 8.94 -8.58
CA CYS C 743 7.98 10.06 -9.45
C CYS C 743 9.18 10.56 -10.22
N GLY C 744 9.89 9.64 -10.89
CA GLY C 744 11.07 10.02 -11.63
C GLY C 744 10.84 11.15 -12.62
N ASP C 745 11.43 12.31 -12.35
CA ASP C 745 11.36 13.47 -13.23
C ASP C 745 9.93 13.77 -13.69
N SER C 746 9.08 14.09 -12.71
CA SER C 746 7.69 14.44 -13.01
C SER C 746 7.15 15.33 -11.90
N THR C 747 6.94 16.61 -12.23
CA THR C 747 6.46 17.56 -11.24
C THR C 747 5.06 17.21 -10.74
N GLU C 748 4.15 16.86 -11.66
CA GLU C 748 2.78 16.55 -11.27
C GLU C 748 2.73 15.34 -10.35
N CYS C 749 3.54 14.32 -10.64
CA CYS C 749 3.58 13.14 -9.79
C CYS C 749 4.07 13.52 -8.40
N SER C 750 5.08 14.38 -8.31
CA SER C 750 5.57 14.83 -7.01
C SER C 750 4.49 15.59 -6.25
N ASN C 751 3.76 16.47 -6.95
CA ASN C 751 2.67 17.20 -6.29
C ASN C 751 1.61 16.24 -5.75
N LEU C 752 1.25 15.23 -6.53
CA LEU C 752 0.32 14.22 -6.03
C LEU C 752 0.89 13.45 -4.85
N LEU C 753 2.18 13.09 -4.92
CA LEU C 753 2.81 12.31 -3.86
C LEU C 753 2.87 13.09 -2.57
N LEU C 754 2.98 14.43 -2.66
CA LEU C 754 3.10 15.25 -1.46
C LEU C 754 1.84 15.19 -0.60
N GLN C 755 0.75 14.65 -1.15
CA GLN C 755 -0.49 14.50 -0.40
C GLN C 755 -0.37 13.42 0.67
N TYR C 756 0.47 12.41 0.43
CA TYR C 756 0.56 11.24 1.30
C TYR C 756 1.36 11.50 2.58
N GLY C 757 1.69 12.74 2.89
CA GLY C 757 2.32 13.06 4.17
C GLY C 757 3.80 12.77 4.23
N SER C 758 4.19 11.99 5.24
CA SER C 758 5.58 11.80 5.61
C SER C 758 6.03 10.34 5.42
N PHE C 759 5.46 9.66 4.44
CA PHE C 759 5.87 8.29 4.15
C PHE C 759 7.36 8.23 3.83
N CYS C 760 7.82 9.11 2.93
CA CYS C 760 9.24 9.12 2.57
C CYS C 760 10.13 9.40 3.76
N THR C 761 9.75 10.34 4.63
CA THR C 761 10.61 10.63 5.75
C THR C 761 10.83 9.38 6.61
N GLN C 762 9.75 8.67 6.95
CA GLN C 762 9.93 7.49 7.79
C GLN C 762 10.61 6.33 7.06
N LEU C 763 10.35 6.16 5.76
CA LEU C 763 11.07 5.12 5.02
C LEU C 763 12.57 5.40 4.94
N ASN C 764 12.94 6.63 4.58
CA ASN C 764 14.34 7.02 4.54
C ASN C 764 14.98 6.89 5.92
N ARG C 765 14.24 7.26 6.96
CA ARG C 765 14.74 7.15 8.32
C ARG C 765 15.00 5.70 8.68
N ALA C 766 14.09 4.80 8.30
CA ALA C 766 14.28 3.39 8.58
C ALA C 766 15.51 2.85 7.86
N LEU C 767 15.67 3.21 6.58
CA LEU C 767 16.83 2.71 5.83
C LEU C 767 18.14 3.28 6.38
N THR C 768 18.13 4.56 6.79
CA THR C 768 19.31 5.15 7.42
C THR C 768 19.63 4.44 8.72
N GLY C 769 18.60 4.15 9.53
CA GLY C 769 18.81 3.38 10.73
C GLY C 769 19.40 2.01 10.44
N ILE C 770 18.92 1.36 9.38
CA ILE C 770 19.46 0.06 8.99
C ILE C 770 20.95 0.18 8.69
N ALA C 771 21.33 1.19 7.90
CA ALA C 771 22.74 1.37 7.54
C ALA C 771 23.58 1.63 8.79
N VAL C 772 23.10 2.51 9.67
CA VAL C 772 23.80 2.80 10.91
C VAL C 772 23.95 1.53 11.73
N GLU C 773 22.90 0.71 11.79
CA GLU C 773 22.94 -0.53 12.55
C GLU C 773 23.97 -1.48 11.97
N GLN C 774 24.09 -1.54 10.64
CA GLN C 774 25.11 -2.39 10.03
C GLN C 774 26.51 -1.92 10.39
N ASP C 775 26.73 -0.59 10.33
CA ASP C 775 28.01 -0.05 10.75
C ASP C 775 28.31 -0.42 12.21
N LYS C 776 27.31 -0.28 13.09
CA LYS C 776 27.49 -0.63 14.49
C LYS C 776 27.80 -2.11 14.66
N ASN C 777 27.11 -2.97 13.89
CA ASN C 777 27.35 -4.40 13.96
C ASN C 777 28.79 -4.71 13.63
N THR C 778 29.28 -4.20 12.51
CA THR C 778 30.67 -4.47 12.13
C THR C 778 31.63 -3.92 13.18
N GLN C 779 31.37 -2.71 13.67
CA GLN C 779 32.23 -2.08 14.65
C GLN C 779 32.34 -2.94 15.91
N GLU C 780 31.20 -3.41 16.41
CA GLU C 780 31.22 -4.18 17.65
C GLU C 780 31.75 -5.59 17.45
N VAL C 781 31.53 -6.19 16.28
CA VAL C 781 32.06 -7.52 16.02
C VAL C 781 33.57 -7.50 15.96
N PHE C 782 34.14 -6.55 15.21
CA PHE C 782 35.58 -6.57 14.99
C PHE C 782 36.39 -5.66 15.92
N ALA C 783 35.93 -4.42 16.12
CA ALA C 783 36.71 -3.43 16.87
C ALA C 783 36.62 -3.72 18.37
N GLN C 784 37.26 -4.82 18.76
CA GLN C 784 37.29 -5.24 20.16
C GLN C 784 38.68 -5.19 20.78
N VAL C 785 39.69 -4.71 20.06
CA VAL C 785 41.05 -4.61 20.57
C VAL C 785 41.44 -3.14 20.65
N LYS C 786 41.95 -2.73 21.81
CA LYS C 786 42.26 -1.33 22.05
C LYS C 786 43.42 -0.83 21.18
N GLN C 787 44.37 -1.70 20.87
CA GLN C 787 45.56 -1.33 20.12
C GLN C 787 45.67 -2.22 18.88
N ILE C 788 46.72 -1.97 18.09
CA ILE C 788 46.99 -2.77 16.89
C ILE C 788 48.34 -3.45 17.12
N TYR C 789 48.30 -4.67 17.67
CA TYR C 789 49.51 -5.46 17.83
C TYR C 789 49.95 -6.03 16.49
N LYS C 790 51.24 -6.31 16.37
CA LYS C 790 51.77 -6.95 15.18
C LYS C 790 52.80 -7.99 15.57
N THR C 791 52.76 -9.13 14.87
CA THR C 791 53.63 -10.24 15.19
C THR C 791 55.09 -9.86 14.94
N PRO C 792 56.02 -10.31 15.78
CA PRO C 792 57.44 -10.06 15.50
C PRO C 792 57.91 -10.91 14.33
N PRO C 793 59.04 -10.54 13.70
CA PRO C 793 59.51 -11.34 12.57
C PRO C 793 59.81 -12.79 12.91
N ILE C 794 60.31 -13.07 14.12
CA ILE C 794 60.58 -14.46 14.50
C ILE C 794 59.26 -15.20 14.66
N LYS C 795 59.20 -16.42 14.13
CA LYS C 795 58.03 -17.26 14.21
C LYS C 795 58.26 -18.49 15.10
N ASP C 796 58.99 -18.30 16.20
CA ASP C 796 59.32 -19.39 17.11
C ASP C 796 58.12 -19.64 18.02
N PHE C 797 57.04 -20.10 17.41
CA PHE C 797 55.80 -20.39 18.11
C PHE C 797 55.71 -21.86 18.49
N GLY C 798 56.72 -22.33 19.24
CA GLY C 798 56.71 -23.68 19.77
C GLY C 798 56.48 -24.75 18.73
N GLY C 799 56.71 -24.41 17.47
CA GLY C 799 56.47 -25.29 16.36
C GLY C 799 55.17 -25.02 15.61
N PHE C 800 54.25 -24.27 16.22
CA PHE C 800 53.03 -23.90 15.53
C PHE C 800 53.32 -22.95 14.38
N ASN C 801 52.57 -23.09 13.30
CA ASN C 801 52.79 -22.38 12.05
C ASN C 801 51.54 -21.58 11.72
N PHE C 802 51.59 -20.26 11.91
CA PHE C 802 50.44 -19.41 11.66
C PHE C 802 50.50 -18.69 10.32
N SER C 803 51.49 -19.01 9.48
CA SER C 803 51.71 -18.26 8.24
C SER C 803 50.50 -18.27 7.33
N GLN C 804 49.51 -19.12 7.59
CA GLN C 804 48.29 -19.19 6.79
C GLN C 804 47.18 -18.31 7.34
N ILE C 805 47.40 -17.64 8.48
CA ILE C 805 46.42 -16.72 9.02
C ILE C 805 46.99 -15.34 9.32
N LEU C 806 48.30 -15.22 9.51
CA LEU C 806 48.91 -13.91 9.70
C LEU C 806 48.91 -13.16 8.37
N PRO C 807 48.90 -11.83 8.39
CA PRO C 807 48.91 -11.08 7.13
C PRO C 807 50.15 -11.38 6.31
N ASP C 808 49.97 -11.40 4.99
CA ASP C 808 51.08 -11.60 4.06
C ASP C 808 51.62 -10.22 3.66
N PRO C 809 52.87 -9.90 3.98
CA PRO C 809 53.40 -8.57 3.61
C PRO C 809 53.43 -8.34 2.10
N SER C 810 53.43 -9.40 1.29
CA SER C 810 53.34 -9.30 -0.16
C SER C 810 51.99 -9.89 -0.56
N LYS C 811 50.96 -9.05 -0.55
CA LYS C 811 49.60 -9.51 -0.80
C LYS C 811 48.80 -8.33 -1.32
N PRO C 812 47.62 -8.58 -1.91
CA PRO C 812 46.85 -7.44 -2.46
C PRO C 812 46.50 -6.39 -1.43
N SER C 813 45.88 -6.79 -0.31
CA SER C 813 45.46 -5.84 0.72
C SER C 813 45.84 -6.35 2.10
N LYS C 814 47.04 -6.91 2.23
CA LYS C 814 47.55 -7.43 3.51
C LYS C 814 46.57 -8.42 4.15
N ARG C 815 45.97 -9.26 3.31
CA ARG C 815 45.07 -10.30 3.78
C ARG C 815 45.77 -11.64 3.84
N SER C 816 45.32 -12.50 4.75
CA SER C 816 45.92 -13.81 4.91
C SER C 816 45.35 -14.77 3.85
N PHE C 817 46.01 -15.93 3.73
CA PHE C 817 45.62 -16.91 2.73
C PHE C 817 44.15 -17.29 2.86
N ILE C 818 43.72 -17.66 4.08
CA ILE C 818 42.34 -18.07 4.28
C ILE C 818 41.40 -16.88 4.05
N GLU C 819 41.81 -15.69 4.45
CA GLU C 819 41.03 -14.49 4.19
C GLU C 819 40.84 -14.27 2.69
N ASP C 820 41.91 -14.43 1.91
CA ASP C 820 41.81 -14.25 0.47
C ASP C 820 40.90 -15.31 -0.15
N LEU C 821 41.00 -16.56 0.32
CA LEU C 821 40.09 -17.60 -0.14
C LEU C 821 38.64 -17.22 0.14
N LEU C 822 38.35 -16.77 1.35
CA LEU C 822 36.99 -16.39 1.71
C LEU C 822 36.49 -15.24 0.83
N PHE C 823 37.35 -14.25 0.58
CA PHE C 823 36.97 -13.13 -0.27
C PHE C 823 36.71 -13.58 -1.71
N ASN C 824 37.48 -14.57 -2.18
CA ASN C 824 37.33 -15.06 -3.56
C ASN C 824 36.24 -16.10 -3.72
N LYS C 825 35.67 -16.61 -2.64
CA LYS C 825 34.60 -17.60 -2.73
C LYS C 825 33.21 -17.00 -2.55
N VAL C 826 33.09 -15.67 -2.58
CA VAL C 826 31.81 -14.99 -2.44
C VAL C 826 31.66 -14.02 -3.60
N THR C 827 30.49 -14.03 -4.24
CA THR C 827 30.20 -13.12 -5.34
C THR C 827 28.76 -12.62 -5.24
N LYS C 854 20.23 0.32 -11.21
CA LYS C 854 21.31 1.11 -10.64
C LYS C 854 20.86 2.54 -10.34
N PHE C 855 20.76 3.36 -11.39
CA PHE C 855 20.45 4.78 -11.24
C PHE C 855 18.94 4.99 -11.40
N ASN C 856 18.19 4.42 -10.45
CA ASN C 856 16.74 4.55 -10.42
C ASN C 856 16.29 4.86 -9.00
N GLY C 857 17.08 5.66 -8.29
CA GLY C 857 16.83 6.01 -6.91
C GLY C 857 17.42 5.06 -5.89
N LEU C 858 18.06 3.98 -6.33
CA LEU C 858 18.65 3.00 -5.44
C LEU C 858 20.16 3.19 -5.40
N THR C 859 20.72 3.32 -4.19
CA THR C 859 22.15 3.50 -4.02
C THR C 859 22.63 2.54 -2.94
N VAL C 860 23.93 2.26 -2.98
CA VAL C 860 24.56 1.36 -2.01
C VAL C 860 25.61 2.20 -1.29
N LEU C 861 25.33 2.61 -0.06
CA LEU C 861 26.30 3.36 0.71
C LEU C 861 27.50 2.46 1.04
N PRO C 862 28.70 3.03 1.11
CA PRO C 862 29.87 2.22 1.41
C PRO C 862 29.96 1.95 2.90
N PRO C 863 30.52 0.82 3.31
CA PRO C 863 30.71 0.56 4.74
C PRO C 863 31.74 1.50 5.33
N LEU C 864 31.57 1.79 6.61
CA LEU C 864 32.48 2.74 7.27
C LEU C 864 33.89 2.19 7.35
N LEU C 865 34.01 0.90 7.67
CA LEU C 865 35.30 0.23 7.80
C LEU C 865 35.58 -0.53 6.51
N THR C 866 36.58 -0.08 5.75
CA THR C 866 36.97 -0.76 4.54
C THR C 866 37.61 -2.11 4.87
N ASP C 867 37.60 -3.01 3.88
CA ASP C 867 38.10 -4.37 4.10
C ASP C 867 39.54 -4.37 4.60
N GLU C 868 40.32 -3.35 4.21
CA GLU C 868 41.68 -3.25 4.74
C GLU C 868 41.66 -3.02 6.24
N MET C 869 40.75 -2.15 6.72
CA MET C 869 40.64 -1.90 8.15
C MET C 869 40.18 -3.15 8.90
N ILE C 870 39.23 -3.88 8.34
CA ILE C 870 38.78 -5.12 8.99
C ILE C 870 39.91 -6.13 9.03
N ALA C 871 40.72 -6.19 7.97
CA ALA C 871 41.88 -7.06 7.97
C ALA C 871 42.88 -6.65 9.04
N GLN C 872 43.09 -5.33 9.21
CA GLN C 872 43.98 -4.86 10.27
C GLN C 872 43.43 -5.23 11.65
N TYR C 873 42.12 -5.14 11.84
CA TYR C 873 41.53 -5.50 13.13
C TYR C 873 41.71 -6.99 13.42
N THR C 874 41.43 -7.83 12.43
CA THR C 874 41.64 -9.26 12.61
C THR C 874 43.11 -9.57 12.86
N SER C 875 44.02 -8.85 12.19
CA SER C 875 45.44 -9.03 12.42
C SER C 875 45.83 -8.65 13.84
N ALA C 876 45.29 -7.55 14.34
CA ALA C 876 45.59 -7.14 15.72
C ALA C 876 45.09 -8.18 16.71
N LEU C 877 43.85 -8.65 16.53
CA LEU C 877 43.31 -9.66 17.43
C LEU C 877 44.12 -10.94 17.38
N LEU C 878 44.48 -11.37 16.16
CA LEU C 878 45.23 -12.61 15.98
C LEU C 878 46.62 -12.50 16.59
N ALA C 879 47.31 -11.37 16.39
CA ALA C 879 48.63 -11.19 16.96
C ALA C 879 48.56 -11.15 18.48
N GLY C 880 47.54 -10.49 19.03
CA GLY C 880 47.38 -10.50 20.48
C GLY C 880 47.17 -11.91 21.00
N THR C 881 46.30 -12.68 20.34
CA THR C 881 46.05 -14.05 20.77
C THR C 881 47.33 -14.89 20.70
N ILE C 882 48.09 -14.74 19.62
CA ILE C 882 49.29 -15.54 19.44
C ILE C 882 50.36 -15.19 20.47
N THR C 883 50.67 -13.89 20.61
CA THR C 883 51.83 -13.49 21.36
C THR C 883 51.55 -13.22 22.83
N SER C 884 50.28 -13.17 23.23
CA SER C 884 49.91 -12.86 24.61
C SER C 884 48.85 -13.77 25.18
N GLY C 885 48.18 -14.60 24.38
CA GLY C 885 47.17 -15.50 24.90
C GLY C 885 45.84 -14.81 25.08
N TRP C 886 45.32 -14.82 26.30
CA TRP C 886 44.08 -14.12 26.61
C TRP C 886 44.30 -12.83 27.38
N THR C 887 45.52 -12.61 27.88
CA THR C 887 45.78 -11.45 28.72
C THR C 887 45.52 -10.14 27.97
N PHE C 888 45.76 -10.12 26.67
CA PHE C 888 45.61 -8.89 25.90
C PHE C 888 44.16 -8.42 25.87
N GLY C 889 43.20 -9.31 26.13
CA GLY C 889 41.81 -8.94 26.22
C GLY C 889 41.47 -8.35 27.57
N ALA C 890 42.01 -8.96 28.63
CA ALA C 890 41.73 -8.48 29.97
C ALA C 890 42.39 -7.14 30.25
N GLY C 891 43.65 -6.99 29.85
CA GLY C 891 44.37 -5.76 30.09
C GLY C 891 45.55 -5.60 29.15
N ALA C 892 46.67 -5.09 29.68
CA ALA C 892 47.86 -4.93 28.86
C ALA C 892 48.35 -6.29 28.37
N ALA C 893 48.82 -6.32 27.13
CA ALA C 893 49.29 -7.58 26.56
C ALA C 893 50.54 -8.05 27.27
N LEU C 894 50.52 -9.30 27.73
CA LEU C 894 51.63 -9.92 28.46
C LEU C 894 52.16 -11.06 27.60
N GLN C 895 53.39 -10.91 27.11
CA GLN C 895 53.94 -11.94 26.23
C GLN C 895 54.06 -13.26 26.99
N ILE C 896 54.14 -14.34 26.23
CA ILE C 896 54.26 -15.69 26.79
C ILE C 896 54.64 -16.66 25.69
N PRO C 897 55.55 -17.60 25.91
CA PRO C 897 55.83 -18.62 24.89
C PRO C 897 54.56 -19.40 24.58
N PHE C 898 54.39 -19.72 23.29
CA PHE C 898 53.14 -20.34 22.85
C PHE C 898 52.94 -21.70 23.51
N ALA C 899 54.03 -22.46 23.70
CA ALA C 899 53.92 -23.75 24.37
C ALA C 899 53.32 -23.60 25.75
N MET C 900 53.73 -22.57 26.50
CA MET C 900 53.18 -22.38 27.84
C MET C 900 51.72 -21.94 27.78
N GLN C 901 51.35 -21.19 26.75
CA GLN C 901 49.94 -20.84 26.56
C GLN C 901 49.10 -22.08 26.32
N MET C 902 49.58 -22.99 25.46
CA MET C 902 48.86 -24.23 25.24
C MET C 902 48.83 -25.09 26.50
N ALA C 903 49.87 -25.00 27.33
CA ALA C 903 49.85 -25.69 28.62
C ALA C 903 48.73 -25.13 29.50
N TYR C 904 48.57 -23.81 29.50
CA TYR C 904 47.46 -23.19 30.21
C TYR C 904 46.13 -23.73 29.70
N ARG C 905 45.99 -23.81 28.37
CA ARG C 905 44.73 -24.26 27.79
C ARG C 905 44.43 -25.71 28.15
N PHE C 906 45.46 -26.57 28.11
CA PHE C 906 45.27 -27.96 28.51
C PHE C 906 44.87 -28.06 29.98
N ASN C 907 45.54 -27.31 30.85
CA ASN C 907 45.08 -27.23 32.23
C ASN C 907 43.64 -26.76 32.30
N GLY C 908 43.23 -25.91 31.35
CA GLY C 908 41.88 -25.39 31.28
C GLY C 908 40.86 -26.42 30.86
N ILE C 909 41.29 -27.51 30.23
CA ILE C 909 40.37 -28.55 29.80
C ILE C 909 40.54 -29.83 30.62
N GLY C 910 41.15 -29.73 31.80
CA GLY C 910 41.23 -30.87 32.70
C GLY C 910 42.23 -31.91 32.28
N VAL C 911 43.18 -31.56 31.40
CA VAL C 911 44.29 -32.42 31.02
C VAL C 911 45.57 -31.80 31.56
N THR C 912 46.26 -32.52 32.45
CA THR C 912 47.47 -31.98 33.06
C THR C 912 48.47 -31.57 31.99
N GLN C 913 49.29 -30.57 32.33
CA GLN C 913 50.13 -29.91 31.32
C GLN C 913 51.20 -30.83 30.76
N ASN C 914 51.72 -31.77 31.56
CA ASN C 914 52.78 -32.65 31.08
C ASN C 914 52.38 -33.38 29.80
N VAL C 915 51.08 -33.62 29.61
CA VAL C 915 50.60 -34.23 28.37
C VAL C 915 51.06 -33.42 27.16
N LEU C 916 50.95 -32.09 27.25
CA LEU C 916 51.40 -31.22 26.16
C LEU C 916 52.90 -31.38 25.94
N TYR C 917 53.69 -31.07 26.97
CA TYR C 917 55.13 -31.02 26.81
C TYR C 917 55.71 -32.36 26.35
N GLU C 918 55.09 -33.47 26.76
CA GLU C 918 55.55 -34.77 26.29
C GLU C 918 55.08 -35.08 24.88
N ASN C 919 54.06 -34.37 24.39
CA ASN C 919 53.52 -34.57 23.04
C ASN C 919 53.45 -33.25 22.28
N GLN C 920 54.47 -32.40 22.42
CA GLN C 920 54.41 -31.09 21.79
C GLN C 920 54.50 -31.19 20.28
N LYS C 921 55.46 -31.97 19.77
CA LYS C 921 55.64 -32.07 18.33
C LYS C 921 54.43 -32.68 17.66
N LEU C 922 53.86 -33.73 18.27
CA LEU C 922 52.66 -34.36 17.71
C LEU C 922 51.50 -33.38 17.65
N ILE C 923 51.29 -32.60 18.71
CA ILE C 923 50.19 -31.63 18.71
C ILE C 923 50.42 -30.57 17.65
N ALA C 924 51.66 -30.07 17.53
CA ALA C 924 51.94 -29.06 16.52
C ALA C 924 51.69 -29.60 15.11
N ASN C 925 52.14 -30.83 14.85
CA ASN C 925 51.92 -31.45 13.54
C ASN C 925 50.43 -31.65 13.27
N GLN C 926 49.69 -32.09 14.29
CA GLN C 926 48.25 -32.29 14.11
C GLN C 926 47.55 -30.97 13.82
N PHE C 927 47.93 -29.90 14.52
CA PHE C 927 47.34 -28.59 14.25
C PHE C 927 47.65 -28.13 12.84
N ASN C 928 48.90 -28.30 12.39
CA ASN C 928 49.26 -27.92 11.03
C ASN C 928 48.47 -28.72 10.01
N SER C 929 48.32 -30.03 10.24
CA SER C 929 47.53 -30.85 9.33
C SER C 929 46.07 -30.39 9.29
N ALA C 930 45.51 -30.04 10.45
CA ALA C 930 44.13 -29.57 10.49
C ALA C 930 43.98 -28.27 9.72
N ILE C 931 44.94 -27.35 9.88
CA ILE C 931 44.87 -26.09 9.14
C ILE C 931 44.98 -26.34 7.64
N GLY C 932 45.87 -27.26 7.24
CA GLY C 932 45.95 -27.63 5.84
C GLY C 932 44.65 -28.21 5.30
N LYS C 933 44.01 -29.08 6.09
CA LYS C 933 42.74 -29.65 5.68
C LYS C 933 41.67 -28.57 5.52
N ILE C 934 41.66 -27.60 6.43
CA ILE C 934 40.73 -26.49 6.32
C ILE C 934 41.00 -25.69 5.05
N GLN C 935 42.28 -25.43 4.76
CA GLN C 935 42.67 -24.77 3.52
C GLN C 935 42.10 -25.51 2.31
N ASP C 936 42.34 -26.82 2.25
CA ASP C 936 41.88 -27.60 1.10
C ASP C 936 40.36 -27.58 0.99
N SER C 937 39.67 -27.71 2.12
CA SER C 937 38.20 -27.72 2.10
C SER C 937 37.67 -26.39 1.58
N LEU C 938 38.23 -25.27 2.06
CA LEU C 938 37.77 -23.96 1.60
C LEU C 938 38.09 -23.75 0.12
N SER C 939 39.27 -24.20 -0.32
CA SER C 939 39.65 -24.01 -1.72
C SER C 939 38.82 -24.87 -2.66
N SER C 940 38.37 -26.04 -2.20
CA SER C 940 37.67 -26.99 -3.06
C SER C 940 36.17 -26.70 -3.11
N THR C 941 35.53 -26.56 -1.96
CA THR C 941 34.08 -26.41 -1.87
C THR C 941 33.75 -24.93 -1.72
N ALA C 942 33.07 -24.37 -2.74
CA ALA C 942 32.62 -22.98 -2.68
C ALA C 942 31.39 -22.81 -1.80
N SER C 943 30.54 -23.82 -1.71
CA SER C 943 29.29 -23.71 -0.94
C SER C 943 29.53 -23.59 0.55
N ALA C 944 30.76 -23.82 1.02
CA ALA C 944 31.06 -23.74 2.45
C ALA C 944 30.65 -22.40 3.04
N LEU C 945 30.87 -21.31 2.30
CA LEU C 945 30.53 -19.97 2.77
C LEU C 945 29.08 -19.60 2.47
N GLY C 946 28.23 -20.61 2.23
CA GLY C 946 26.85 -20.43 1.81
C GLY C 946 26.15 -19.29 2.50
N LYS C 947 26.13 -19.33 3.83
CA LYS C 947 25.45 -18.32 4.63
C LYS C 947 25.73 -16.92 4.10
N LEU C 948 27.01 -16.53 4.05
CA LEU C 948 27.33 -15.19 3.59
C LEU C 948 26.74 -14.93 2.22
N GLN C 949 27.03 -15.83 1.27
CA GLN C 949 26.50 -15.71 -0.07
C GLN C 949 24.98 -15.55 -0.02
N ASP C 950 24.32 -16.43 0.75
CA ASP C 950 22.87 -16.40 0.85
C ASP C 950 22.40 -15.00 1.19
N VAL C 951 22.98 -14.40 2.23
CA VAL C 951 22.60 -13.05 2.64
C VAL C 951 22.60 -12.14 1.41
N VAL C 952 23.76 -12.05 0.74
CA VAL C 952 23.89 -11.22 -0.45
C VAL C 952 22.73 -11.50 -1.40
N ASN C 953 22.59 -12.78 -1.78
CA ASN C 953 21.56 -13.17 -2.74
C ASN C 953 20.22 -12.54 -2.35
N GLN C 954 19.80 -12.77 -1.10
CA GLN C 954 18.48 -12.32 -0.68
C GLN C 954 18.32 -10.84 -0.98
N ASN C 955 19.28 -10.03 -0.53
CA ASN C 955 19.18 -8.60 -0.71
C ASN C 955 18.99 -8.27 -2.18
N ALA C 956 19.85 -8.84 -3.03
CA ALA C 956 19.75 -8.56 -4.47
C ALA C 956 18.34 -8.82 -4.95
N GLN C 957 17.79 -10.00 -4.62
CA GLN C 957 16.45 -10.35 -5.07
C GLN C 957 15.48 -9.26 -4.67
N ALA C 958 15.52 -8.86 -3.40
CA ALA C 958 14.67 -7.79 -2.91
C ALA C 958 14.73 -6.60 -3.86
N LEU C 959 15.94 -6.05 -4.05
CA LEU C 959 16.09 -4.90 -4.93
C LEU C 959 15.48 -5.18 -6.29
N ASN C 960 15.83 -6.33 -6.88
CA ASN C 960 15.29 -6.69 -8.18
C ASN C 960 13.78 -6.62 -8.15
N THR C 961 13.17 -7.29 -7.18
CA THR C 961 11.72 -7.27 -7.08
C THR C 961 11.22 -5.84 -7.03
N LEU C 962 11.81 -5.02 -6.15
CA LEU C 962 11.42 -3.62 -6.05
C LEU C 962 11.44 -2.97 -7.43
N VAL C 963 12.56 -3.14 -8.15
CA VAL C 963 12.69 -2.52 -9.47
C VAL C 963 11.62 -3.06 -10.40
N LYS C 964 11.37 -4.37 -10.35
CA LYS C 964 10.37 -4.96 -11.22
C LYS C 964 8.98 -4.39 -10.93
N GLN C 965 8.75 -3.93 -9.69
CA GLN C 965 7.45 -3.34 -9.39
C GLN C 965 7.19 -2.08 -10.21
N LEU C 966 8.24 -1.44 -10.72
CA LEU C 966 8.04 -0.29 -11.61
C LEU C 966 7.41 -0.67 -12.93
N SER C 967 7.39 -1.96 -13.27
CA SER C 967 6.81 -2.43 -14.53
C SER C 967 5.36 -2.90 -14.38
N SER C 968 4.77 -2.75 -13.20
CA SER C 968 3.39 -3.17 -12.97
C SER C 968 2.45 -1.98 -13.06
N ASN C 969 1.28 -2.20 -13.65
CA ASN C 969 0.33 -1.13 -13.89
C ASN C 969 -0.51 -0.81 -12.66
N PHE C 970 -0.58 -1.73 -11.70
CA PHE C 970 -1.35 -1.55 -10.46
C PHE C 970 -2.80 -1.13 -10.73
N GLY C 971 -3.32 -1.52 -11.90
CA GLY C 971 -4.64 -1.14 -12.34
C GLY C 971 -4.69 0.05 -13.28
N ALA C 972 -3.60 0.78 -13.43
CA ALA C 972 -3.56 1.88 -14.39
C ALA C 972 -3.55 1.33 -15.82
N ILE C 973 -3.50 2.25 -16.78
CA ILE C 973 -3.51 1.87 -18.19
C ILE C 973 -2.10 1.55 -18.71
N SER C 974 -1.06 2.06 -18.06
CA SER C 974 0.31 1.80 -18.49
C SER C 974 1.24 2.02 -17.30
N SER C 975 2.26 1.17 -17.20
CA SER C 975 3.25 1.27 -16.14
C SER C 975 4.18 2.47 -16.31
N VAL C 976 4.12 3.17 -17.43
CA VAL C 976 4.99 4.31 -17.70
C VAL C 976 4.24 5.59 -17.33
N LEU C 977 4.80 6.33 -16.38
CA LEU C 977 4.19 7.59 -15.94
C LEU C 977 4.13 8.62 -17.06
N ASN C 978 5.20 8.73 -17.84
CA ASN C 978 5.26 9.74 -18.90
C ASN C 978 4.17 9.52 -19.94
N ASP C 979 3.91 8.26 -20.31
CA ASP C 979 2.86 7.99 -21.29
C ASP C 979 1.50 8.42 -20.76
N ILE C 980 1.22 8.12 -19.49
CA ILE C 980 -0.05 8.56 -18.90
C ILE C 980 -0.15 10.08 -18.91
N LEU C 981 0.92 10.77 -18.53
CA LEU C 981 0.88 12.23 -18.52
C LEU C 981 0.64 12.79 -19.92
N SER C 982 1.31 12.24 -20.93
CA SER C 982 1.23 12.78 -22.28
C SER C 982 -0.07 12.39 -22.99
N ARG C 983 -0.68 11.27 -22.62
CA ARG C 983 -1.80 10.72 -23.36
C ARG C 983 -3.16 11.15 -22.83
N LEU C 984 -3.37 11.09 -21.52
CA LEU C 984 -4.68 11.38 -20.96
C LEU C 984 -4.78 12.84 -20.51
N ASP C 985 -6.02 13.29 -20.39
CA ASP C 985 -6.30 14.60 -19.84
C ASP C 985 -6.03 14.60 -18.32
N PRO C 986 -5.73 15.76 -17.76
CA PRO C 986 -5.38 15.83 -16.31
C PRO C 986 -6.42 15.22 -15.41
N PRO C 987 -7.74 15.41 -15.66
CA PRO C 987 -8.72 14.86 -14.70
C PRO C 987 -8.60 13.36 -14.48
N GLU C 988 -8.30 12.59 -15.52
CA GLU C 988 -8.14 11.14 -15.39
C GLU C 988 -6.70 10.72 -15.19
N ALA C 989 -5.75 11.44 -15.80
CA ALA C 989 -4.34 11.20 -15.49
C ALA C 989 -4.05 11.35 -14.00
N GLU C 990 -4.79 12.22 -13.30
CA GLU C 990 -4.59 12.36 -11.87
C GLU C 990 -4.98 11.09 -11.13
N VAL C 991 -6.10 10.47 -11.51
CA VAL C 991 -6.50 9.22 -10.89
C VAL C 991 -5.52 8.11 -11.22
N GLN C 992 -5.07 8.06 -12.48
CA GLN C 992 -4.09 7.03 -12.87
C GLN C 992 -2.79 7.17 -12.08
N ILE C 993 -2.30 8.41 -11.92
CA ILE C 993 -1.07 8.61 -11.17
C ILE C 993 -1.30 8.36 -9.68
N ASP C 994 -2.51 8.58 -9.18
CA ASP C 994 -2.84 8.18 -7.81
C ASP C 994 -2.70 6.67 -7.65
N ARG C 995 -3.24 5.92 -8.61
CA ARG C 995 -3.10 4.47 -8.60
C ARG C 995 -1.63 4.06 -8.60
N LEU C 996 -0.85 4.66 -9.50
CA LEU C 996 0.56 4.31 -9.61
C LEU C 996 1.31 4.64 -8.33
N ILE C 997 1.02 5.79 -7.72
CA ILE C 997 1.69 6.19 -6.50
C ILE C 997 1.35 5.24 -5.36
N THR C 998 0.07 4.87 -5.23
CA THR C 998 -0.31 3.90 -4.22
C THR C 998 0.42 2.59 -4.40
N GLY C 999 0.47 2.09 -5.64
CA GLY C 999 1.15 0.83 -5.90
C GLY C 999 2.63 0.89 -5.56
N ARG C 1000 3.32 1.94 -6.03
CA ARG C 1000 4.75 2.03 -5.80
C ARG C 1000 5.05 2.23 -4.32
N LEU C 1001 4.21 3.00 -3.61
CA LEU C 1001 4.38 3.16 -2.18
C LEU C 1001 4.21 1.85 -1.44
N GLN C 1002 3.21 1.04 -1.85
CA GLN C 1002 3.03 -0.26 -1.23
C GLN C 1002 4.23 -1.18 -1.49
N SER C 1003 4.76 -1.16 -2.71
CA SER C 1003 5.94 -1.96 -3.01
C SER C 1003 7.13 -1.53 -2.16
N LEU C 1004 7.34 -0.22 -2.04
CA LEU C 1004 8.44 0.29 -1.22
C LEU C 1004 8.26 -0.10 0.24
N GLN C 1005 7.03 -0.01 0.76
CA GLN C 1005 6.77 -0.39 2.14
C GLN C 1005 7.05 -1.88 2.36
N THR C 1006 6.63 -2.72 1.43
CA THR C 1006 6.93 -4.15 1.55
C THR C 1006 8.42 -4.40 1.56
N TYR C 1007 9.16 -3.72 0.66
CA TYR C 1007 10.60 -3.89 0.62
C TYR C 1007 11.25 -3.44 1.93
N VAL C 1008 10.79 -2.30 2.46
CA VAL C 1008 11.38 -1.77 3.68
C VAL C 1008 11.11 -2.69 4.86
N THR C 1009 9.89 -3.23 4.95
CA THR C 1009 9.57 -4.17 6.03
C THR C 1009 10.43 -5.44 5.94
N GLN C 1010 10.58 -5.98 4.72
CA GLN C 1010 11.43 -7.15 4.55
C GLN C 1010 12.86 -6.85 4.93
N GLN C 1011 13.36 -5.66 4.56
CA GLN C 1011 14.72 -5.27 4.93
C GLN C 1011 14.86 -5.16 6.44
N LEU C 1012 13.85 -4.60 7.11
CA LEU C 1012 13.88 -4.48 8.56
C LEU C 1012 13.96 -5.84 9.22
N ILE C 1013 13.15 -6.80 8.74
CA ILE C 1013 13.15 -8.13 9.36
C ILE C 1013 14.48 -8.83 9.11
N ARG C 1014 14.99 -8.76 7.88
CA ARG C 1014 16.26 -9.40 7.58
C ARG C 1014 17.41 -8.74 8.34
N ALA C 1015 17.33 -7.43 8.57
CA ALA C 1015 18.34 -6.74 9.35
C ALA C 1015 18.26 -7.11 10.83
N ALA C 1016 17.05 -7.36 11.35
CA ALA C 1016 16.95 -7.89 12.71
C ALA C 1016 17.63 -9.26 12.80
N GLU C 1017 17.40 -10.11 11.80
CA GLU C 1017 18.08 -11.40 11.75
C GLU C 1017 19.60 -11.22 11.75
N ILE C 1018 20.09 -10.31 10.89
CA ILE C 1018 21.53 -10.10 10.78
C ILE C 1018 22.09 -9.48 12.04
N ARG C 1019 21.32 -8.64 12.73
CA ARG C 1019 21.77 -8.10 14.01
C ARG C 1019 21.88 -9.19 15.06
N ALA C 1020 20.95 -10.14 15.07
CA ALA C 1020 21.08 -11.28 15.97
C ALA C 1020 22.33 -12.08 15.65
N SER C 1021 22.57 -12.31 14.36
CA SER C 1021 23.78 -13.03 13.94
C SER C 1021 25.04 -12.28 14.35
N ALA C 1022 25.03 -10.95 14.23
CA ALA C 1022 26.21 -10.16 14.57
C ALA C 1022 26.44 -10.14 16.08
N ASN C 1023 25.37 -10.11 16.86
CA ASN C 1023 25.52 -10.23 18.32
C ASN C 1023 26.10 -11.58 18.68
N LEU C 1024 25.62 -12.65 18.03
CA LEU C 1024 26.18 -13.98 18.27
C LEU C 1024 27.66 -14.02 17.90
N ALA C 1025 28.02 -13.41 16.77
CA ALA C 1025 29.42 -13.40 16.35
C ALA C 1025 30.29 -12.61 17.32
N ALA C 1026 29.79 -11.48 17.82
CA ALA C 1026 30.55 -10.71 18.82
C ALA C 1026 30.74 -11.50 20.09
N THR C 1027 29.69 -12.19 20.56
CA THR C 1027 29.81 -13.01 21.76
C THR C 1027 30.82 -14.13 21.54
N LYS C 1028 30.77 -14.77 20.37
CA LYS C 1028 31.73 -15.83 20.06
C LYS C 1028 33.15 -15.29 20.04
N MET C 1029 33.36 -14.12 19.44
CA MET C 1029 34.71 -13.56 19.40
C MET C 1029 35.20 -13.20 20.79
N SER C 1030 34.31 -12.70 21.65
CA SER C 1030 34.71 -12.31 22.99
C SER C 1030 35.07 -13.54 23.83
N GLU C 1031 34.20 -14.55 23.83
CA GLU C 1031 34.35 -15.69 24.75
C GLU C 1031 35.19 -16.81 24.17
N CYS C 1032 35.46 -16.79 22.88
CA CYS C 1032 36.11 -17.88 22.15
C CYS C 1032 37.52 -17.56 21.72
N VAL C 1033 37.74 -16.33 21.22
CA VAL C 1033 39.05 -15.89 20.74
C VAL C 1033 39.81 -15.24 21.88
N LEU C 1034 39.21 -14.21 22.47
CA LEU C 1034 39.87 -13.48 23.55
C LEU C 1034 40.06 -14.33 24.80
N GLY C 1035 39.39 -15.48 24.89
CA GLY C 1035 39.52 -16.35 26.03
C GLY C 1035 39.43 -17.81 25.65
N GLN C 1036 38.96 -18.65 26.58
CA GLN C 1036 38.77 -20.07 26.32
C GLN C 1036 37.41 -20.46 26.90
N SER C 1037 36.46 -20.79 26.02
CA SER C 1037 35.12 -21.13 26.46
C SER C 1037 35.07 -22.53 27.06
N LYS C 1038 34.24 -22.68 28.10
CA LYS C 1038 33.89 -23.97 28.66
C LYS C 1038 32.43 -24.34 28.37
N ARG C 1039 31.79 -23.62 27.46
CA ARG C 1039 30.43 -23.93 27.03
C ARG C 1039 30.47 -25.00 25.95
N VAL C 1040 29.77 -26.12 26.18
CA VAL C 1040 29.81 -27.23 25.26
C VAL C 1040 29.15 -26.86 23.95
N ASP C 1041 29.76 -27.28 22.84
CA ASP C 1041 29.26 -27.07 21.49
C ASP C 1041 28.97 -25.61 21.16
N PHE C 1042 29.49 -24.68 21.96
CA PHE C 1042 29.44 -23.26 21.61
C PHE C 1042 30.64 -22.82 20.78
N CYS C 1043 31.74 -23.57 20.82
CA CYS C 1043 32.96 -23.26 20.09
C CYS C 1043 33.52 -24.53 19.47
N GLY C 1044 32.68 -25.25 18.75
CA GLY C 1044 33.12 -26.44 18.05
C GLY C 1044 32.96 -27.71 18.87
N LYS C 1045 32.71 -28.81 18.18
CA LYS C 1045 32.53 -30.10 18.84
C LYS C 1045 33.81 -30.51 19.56
N GLY C 1046 33.66 -30.94 20.81
CA GLY C 1046 34.80 -31.30 21.63
C GLY C 1046 35.15 -30.21 22.62
N TYR C 1047 36.22 -30.46 23.37
CA TYR C 1047 36.72 -29.49 24.33
C TYR C 1047 37.43 -28.36 23.58
N HIS C 1048 37.09 -27.13 23.92
CA HIS C 1048 37.64 -25.98 23.21
C HIS C 1048 39.01 -25.61 23.72
N LEU C 1049 39.95 -25.38 22.80
CA LEU C 1049 41.27 -24.87 23.12
C LEU C 1049 41.43 -23.39 22.79
N MET C 1050 41.14 -22.99 21.56
CA MET C 1050 41.28 -21.58 21.18
C MET C 1050 40.53 -21.34 19.88
N SER C 1051 40.58 -20.09 19.41
CA SER C 1051 39.96 -19.73 18.15
C SER C 1051 40.79 -18.65 17.47
N PHE C 1052 40.66 -18.58 16.15
CA PHE C 1052 41.32 -17.55 15.36
C PHE C 1052 40.29 -16.89 14.46
N PRO C 1053 40.09 -15.59 14.54
CA PRO C 1053 39.17 -14.91 13.62
C PRO C 1053 39.78 -14.70 12.24
N GLN C 1054 38.89 -14.56 11.26
CA GLN C 1054 39.27 -14.27 9.89
C GLN C 1054 38.15 -13.43 9.27
N SER C 1055 38.54 -12.35 8.59
CA SER C 1055 37.55 -11.50 7.95
C SER C 1055 36.85 -12.27 6.83
N ALA C 1056 35.77 -11.69 6.34
CA ALA C 1056 35.08 -12.17 5.14
C ALA C 1056 34.10 -11.10 4.70
N PRO C 1057 33.68 -11.12 3.43
CA PRO C 1057 32.82 -10.02 2.94
C PRO C 1057 31.53 -9.96 3.74
N HIS C 1058 31.39 -8.91 4.55
CA HIS C 1058 30.23 -8.74 5.42
C HIS C 1058 30.05 -9.93 6.36
N GLY C 1059 31.14 -10.43 6.91
CA GLY C 1059 31.04 -11.56 7.83
C GLY C 1059 32.37 -11.93 8.45
N VAL C 1060 32.30 -12.85 9.40
CA VAL C 1060 33.46 -13.34 10.13
C VAL C 1060 33.50 -14.87 10.05
N VAL C 1061 34.71 -15.41 10.15
CA VAL C 1061 34.94 -16.85 10.07
C VAL C 1061 35.87 -17.23 11.21
N PHE C 1062 35.38 -18.06 12.13
CA PHE C 1062 36.16 -18.54 13.26
C PHE C 1062 36.78 -19.89 12.93
N LEU C 1063 38.09 -19.99 13.14
CA LEU C 1063 38.81 -21.27 13.13
C LEU C 1063 38.89 -21.74 14.57
N HIS C 1064 38.07 -22.74 14.92
CA HIS C 1064 38.00 -23.25 16.28
C HIS C 1064 38.98 -24.41 16.42
N VAL C 1065 40.01 -24.23 17.26
CA VAL C 1065 40.96 -25.28 17.59
C VAL C 1065 40.47 -25.96 18.86
N THR C 1066 40.16 -27.25 18.77
CA THR C 1066 39.53 -27.98 19.86
C THR C 1066 40.24 -29.31 20.07
N TYR C 1067 39.99 -29.91 21.23
CA TYR C 1067 40.70 -31.10 21.68
C TYR C 1067 39.68 -32.23 21.82
N VAL C 1068 39.95 -33.36 21.17
CA VAL C 1068 38.97 -34.43 21.10
C VAL C 1068 39.63 -35.77 21.44
N PRO C 1069 39.25 -36.44 22.53
CA PRO C 1069 39.85 -37.74 22.82
C PRO C 1069 39.44 -38.76 21.77
N ALA C 1070 40.42 -39.59 21.36
CA ALA C 1070 40.25 -40.47 20.20
C ALA C 1070 40.28 -41.95 20.56
N GLN C 1071 41.35 -42.42 21.20
CA GLN C 1071 41.56 -43.85 21.42
C GLN C 1071 41.21 -44.20 22.86
N GLU C 1072 40.19 -45.05 23.02
CA GLU C 1072 39.63 -45.37 24.32
C GLU C 1072 39.90 -46.82 24.68
N LYS C 1073 40.15 -47.07 25.96
CA LYS C 1073 40.40 -48.40 26.48
C LYS C 1073 39.42 -48.72 27.60
N ASN C 1074 39.07 -50.01 27.72
CA ASN C 1074 38.23 -50.50 28.80
C ASN C 1074 39.10 -50.85 30.01
N PHE C 1075 38.76 -50.29 31.16
CA PHE C 1075 39.40 -50.63 32.42
C PHE C 1075 38.33 -50.95 33.44
N THR C 1076 38.62 -51.89 34.34
CA THR C 1076 37.75 -52.11 35.47
C THR C 1076 37.86 -50.91 36.41
N THR C 1077 36.77 -50.61 37.13
CA THR C 1077 36.77 -49.40 37.92
C THR C 1077 36.20 -49.69 39.30
N ALA C 1078 36.44 -48.76 40.22
CA ALA C 1078 35.91 -48.80 41.56
C ALA C 1078 35.65 -47.38 42.03
N PRO C 1079 34.67 -47.17 42.90
CA PRO C 1079 34.45 -45.83 43.46
C PRO C 1079 35.40 -45.47 44.58
N ALA C 1080 36.01 -46.47 45.21
CA ALA C 1080 36.97 -46.28 46.29
C ALA C 1080 37.64 -47.62 46.55
N ILE C 1081 38.75 -47.58 47.29
CA ILE C 1081 39.51 -48.77 47.62
C ILE C 1081 39.71 -48.80 49.13
N CYS C 1082 39.62 -50.00 49.71
CA CYS C 1082 39.67 -50.17 51.16
C CYS C 1082 41.05 -50.69 51.53
N HIS C 1083 41.77 -49.92 52.34
CA HIS C 1083 43.13 -50.29 52.72
C HIS C 1083 43.19 -50.86 54.14
N ASP C 1084 42.80 -50.06 55.13
CA ASP C 1084 42.84 -50.44 56.54
C ASP C 1084 41.51 -50.13 57.21
N GLY C 1085 40.40 -50.44 56.55
CA GLY C 1085 39.09 -50.03 57.00
C GLY C 1085 38.66 -48.66 56.55
N LYS C 1086 39.58 -47.82 56.10
CA LYS C 1086 39.26 -46.51 55.56
C LYS C 1086 38.99 -46.61 54.06
N ALA C 1087 38.17 -45.69 53.56
CA ALA C 1087 37.86 -45.61 52.14
C ALA C 1087 38.63 -44.44 51.52
N HIS C 1088 39.33 -44.72 50.43
CA HIS C 1088 40.16 -43.73 49.75
C HIS C 1088 39.54 -43.39 48.40
N PHE C 1089 39.28 -42.10 48.19
CA PHE C 1089 38.74 -41.61 46.93
C PHE C 1089 39.78 -40.75 46.21
N PRO C 1090 39.75 -40.71 44.88
CA PRO C 1090 40.78 -39.93 44.17
C PRO C 1090 40.56 -38.43 44.31
N ARG C 1091 41.65 -37.71 44.55
CA ARG C 1091 41.58 -36.25 44.63
C ARG C 1091 41.14 -35.67 43.29
N GLU C 1092 41.83 -36.05 42.21
CA GLU C 1092 41.49 -35.60 40.87
C GLU C 1092 41.84 -36.74 39.93
N GLY C 1093 40.84 -37.55 39.61
CA GLY C 1093 41.02 -38.71 38.77
C GLY C 1093 40.03 -39.80 39.14
N VAL C 1094 40.33 -41.01 38.68
CA VAL C 1094 39.47 -42.17 38.88
C VAL C 1094 40.35 -43.41 39.00
N PHE C 1095 39.94 -44.33 39.86
CA PHE C 1095 40.63 -45.60 39.98
C PHE C 1095 40.33 -46.47 38.77
N VAL C 1096 41.34 -47.22 38.33
CA VAL C 1096 41.21 -48.16 37.23
C VAL C 1096 41.98 -49.43 37.56
N SER C 1097 41.69 -50.48 36.81
CA SER C 1097 42.33 -51.77 37.00
C SER C 1097 42.44 -52.45 35.64
N ASN C 1098 43.65 -52.88 35.30
CA ASN C 1098 43.93 -53.67 34.12
C ASN C 1098 43.79 -55.16 34.37
N GLY C 1099 43.07 -55.55 35.43
CA GLY C 1099 42.85 -56.94 35.75
C GLY C 1099 43.53 -57.38 37.02
N THR C 1100 44.72 -56.84 37.28
CA THR C 1100 45.53 -57.27 38.42
C THR C 1100 45.79 -56.16 39.42
N HIS C 1101 46.24 -54.99 38.97
CA HIS C 1101 46.60 -53.90 39.85
C HIS C 1101 45.62 -52.74 39.72
N TRP C 1102 45.57 -51.91 40.75
CA TRP C 1102 44.70 -50.75 40.81
C TRP C 1102 45.55 -49.48 40.74
N PHE C 1103 45.25 -48.63 39.77
CA PHE C 1103 45.92 -47.35 39.58
C PHE C 1103 44.90 -46.22 39.67
N VAL C 1104 45.39 -44.99 39.66
CA VAL C 1104 44.55 -43.79 39.63
C VAL C 1104 45.01 -42.91 38.48
N THR C 1105 44.09 -42.59 37.56
CA THR C 1105 44.41 -41.82 36.38
C THR C 1105 43.54 -40.57 36.29
N GLN C 1106 44.08 -39.51 35.70
CA GLN C 1106 43.26 -38.37 35.32
C GLN C 1106 42.15 -38.81 34.37
N ARG C 1107 41.03 -38.09 34.41
CA ARG C 1107 39.80 -38.59 33.80
C ARG C 1107 39.86 -38.52 32.27
N ASN C 1108 40.51 -37.51 31.71
CA ASN C 1108 40.46 -37.25 30.28
C ASN C 1108 41.69 -37.76 29.53
N PHE C 1109 42.58 -38.50 30.19
CA PHE C 1109 43.76 -39.03 29.53
C PHE C 1109 44.35 -40.13 30.39
N TYR C 1110 44.47 -41.34 29.84
CA TYR C 1110 44.95 -42.48 30.62
C TYR C 1110 46.42 -42.26 30.96
N GLU C 1111 46.69 -41.94 32.22
CA GLU C 1111 48.06 -41.77 32.72
C GLU C 1111 48.14 -42.42 34.09
N PRO C 1112 48.28 -43.75 34.14
CA PRO C 1112 48.18 -44.46 35.42
C PRO C 1112 49.30 -44.06 36.36
N GLN C 1113 48.96 -43.94 37.64
CA GLN C 1113 49.92 -43.68 38.69
C GLN C 1113 49.60 -44.57 39.90
N ILE C 1114 50.65 -45.11 40.51
CA ILE C 1114 50.50 -45.97 41.69
C ILE C 1114 49.66 -45.19 42.70
N ILE C 1115 48.84 -45.89 43.48
CA ILE C 1115 47.96 -45.21 44.43
C ILE C 1115 48.76 -44.89 45.69
N THR C 1116 48.81 -43.61 46.03
CA THR C 1116 49.53 -43.12 47.20
C THR C 1116 48.63 -42.15 47.96
N THR C 1117 48.97 -41.96 49.23
CA THR C 1117 48.19 -41.06 50.08
C THR C 1117 48.21 -39.61 49.60
N ASP C 1118 48.99 -39.32 48.56
CA ASP C 1118 48.95 -38.01 47.93
C ASP C 1118 48.06 -37.97 46.69
N ASN C 1119 47.69 -39.12 46.14
CA ASN C 1119 46.72 -39.19 45.06
C ASN C 1119 45.29 -39.29 45.58
N THR C 1120 45.10 -39.84 46.78
CA THR C 1120 43.79 -40.16 47.30
C THR C 1120 43.58 -39.55 48.67
N PHE C 1121 42.33 -39.22 48.97
CA PHE C 1121 41.93 -38.66 50.25
C PHE C 1121 40.97 -39.61 50.95
N VAL C 1122 41.02 -39.61 52.28
CA VAL C 1122 40.32 -40.59 53.10
C VAL C 1122 38.95 -40.04 53.46
N SER C 1123 37.97 -40.93 53.65
CA SER C 1123 36.65 -40.55 54.11
C SER C 1123 35.86 -41.77 54.56
N GLY C 1124 35.36 -41.75 55.80
CA GLY C 1124 34.45 -42.77 56.27
C GLY C 1124 35.14 -44.12 56.43
N ASN C 1125 34.37 -45.18 56.17
CA ASN C 1125 34.85 -46.55 56.29
C ASN C 1125 34.26 -47.37 55.15
N CYS C 1126 34.64 -48.64 55.09
CA CYS C 1126 34.34 -49.48 53.93
C CYS C 1126 33.00 -50.19 54.03
N ASP C 1127 32.16 -49.84 55.00
CA ASP C 1127 30.86 -50.46 55.16
C ASP C 1127 29.73 -49.65 54.56
N VAL C 1128 30.05 -48.54 53.89
CA VAL C 1128 29.06 -47.60 53.39
C VAL C 1128 29.05 -47.55 51.87
N VAL C 1129 30.22 -47.33 51.26
CA VAL C 1129 30.30 -47.14 49.82
C VAL C 1129 29.90 -48.43 49.12
N ILE C 1130 29.04 -48.30 48.10
CA ILE C 1130 28.50 -49.45 47.38
C ILE C 1130 29.45 -49.77 46.23
N GLY C 1131 30.22 -50.84 46.37
CA GLY C 1131 31.16 -51.25 45.34
C GLY C 1131 32.63 -51.12 45.69
N ILE C 1132 32.95 -50.76 46.95
CA ILE C 1132 34.35 -50.57 47.32
C ILE C 1132 35.14 -51.86 47.12
N VAL C 1133 36.39 -51.72 46.68
CA VAL C 1133 37.27 -52.84 46.40
C VAL C 1133 38.44 -52.79 47.38
N ASN C 1134 39.21 -53.87 47.40
CA ASN C 1134 40.35 -54.01 48.30
C ASN C 1134 41.63 -53.74 47.54
N ASN C 1135 42.58 -53.10 48.20
CA ASN C 1135 43.91 -52.82 47.63
C ASN C 1135 44.79 -52.27 48.75
N THR C 1136 46.03 -51.95 48.41
CA THR C 1136 46.99 -51.35 49.33
C THR C 1136 47.39 -49.98 48.84
N VAL C 1137 47.27 -48.97 49.70
CA VAL C 1137 47.63 -47.61 49.37
C VAL C 1137 49.07 -47.39 49.82
N TYR C 1138 49.99 -47.32 48.86
CA TYR C 1138 51.40 -47.12 49.15
C TYR C 1138 51.62 -45.76 49.82
N ASP C 1139 52.45 -45.76 50.87
CA ASP C 1139 52.76 -44.52 51.58
C ASP C 1139 54.17 -44.10 51.24
N PRO C 1140 54.35 -42.95 50.58
CA PRO C 1140 55.72 -42.50 50.24
C PRO C 1140 56.61 -42.27 51.44
N LEU C 1141 56.04 -41.95 52.61
CA LEU C 1141 56.86 -41.58 53.76
C LEU C 1141 57.57 -42.77 54.38
N GLN C 1142 56.97 -43.97 54.29
CA GLN C 1142 57.53 -45.12 54.99
C GLN C 1142 58.91 -45.54 54.49
N PRO C 1143 59.15 -45.70 53.18
CA PRO C 1143 60.52 -46.06 52.76
C PRO C 1143 61.56 -45.05 53.19
N GLU C 1144 61.25 -43.76 53.13
CA GLU C 1144 62.20 -42.74 53.58
C GLU C 1144 62.44 -42.84 55.08
N LEU C 1145 61.38 -43.08 55.86
CA LEU C 1145 61.53 -43.21 57.31
C LEU C 1145 62.38 -44.42 57.67
N ASP C 1146 62.18 -45.54 56.96
CA ASP C 1146 62.99 -46.73 57.22
C ASP C 1146 64.46 -46.49 56.92
N SER C 1147 64.74 -45.79 55.82
CA SER C 1147 66.13 -45.49 55.44
C SER C 1147 66.79 -44.57 56.46
N GLU D 1 -52.75 20.14 -72.92
CA GLU D 1 -53.41 21.33 -72.38
C GLU D 1 -52.65 21.86 -71.19
N VAL D 2 -51.64 22.69 -71.43
CA VAL D 2 -50.80 23.22 -70.38
C VAL D 2 -51.31 24.59 -69.97
N GLN D 3 -51.54 24.78 -68.67
CA GLN D 3 -52.09 26.01 -68.14
C GLN D 3 -51.96 25.98 -66.62
N LEU D 4 -51.92 27.16 -66.02
CA LEU D 4 -51.90 27.32 -64.58
C LEU D 4 -53.13 28.10 -64.14
N LEU D 5 -53.90 27.51 -63.22
CA LEU D 5 -55.09 28.13 -62.67
C LEU D 5 -54.88 28.32 -61.17
N GLU D 6 -55.08 29.55 -60.70
CA GLU D 6 -54.80 29.90 -59.31
C GLU D 6 -55.97 30.65 -58.70
N SER D 7 -56.10 30.52 -57.38
CA SER D 7 -57.19 31.15 -56.63
C SER D 7 -56.73 31.35 -55.19
N GLY D 8 -57.61 31.94 -54.39
CA GLY D 8 -57.36 32.15 -52.98
C GLY D 8 -57.12 33.59 -52.59
N GLY D 9 -57.11 34.52 -53.55
CA GLY D 9 -56.87 35.90 -53.23
C GLY D 9 -58.12 36.63 -52.78
N GLY D 10 -57.91 37.67 -51.98
CA GLY D 10 -59.00 38.45 -51.47
C GLY D 10 -58.53 39.44 -50.42
N LEU D 11 -59.49 40.01 -49.71
CA LEU D 11 -59.20 40.98 -48.67
C LEU D 11 -58.79 40.28 -47.38
N ILE D 12 -57.85 40.90 -46.65
CA ILE D 12 -57.37 40.34 -45.40
C ILE D 12 -56.78 41.47 -44.57
N GLN D 13 -57.10 41.47 -43.28
CA GLN D 13 -56.61 42.50 -42.39
C GLN D 13 -55.09 42.36 -42.20
N PRO D 14 -54.40 43.48 -41.97
CA PRO D 14 -52.95 43.41 -41.74
C PRO D 14 -52.63 42.51 -40.55
N GLY D 15 -51.50 41.82 -40.65
CA GLY D 15 -51.14 40.82 -39.68
C GLY D 15 -51.85 39.49 -39.83
N GLY D 16 -52.88 39.42 -40.68
CA GLY D 16 -53.60 38.19 -40.93
C GLY D 16 -52.84 37.25 -41.86
N SER D 17 -53.52 36.18 -42.26
CA SER D 17 -52.93 35.16 -43.12
C SER D 17 -53.83 34.89 -44.30
N LEU D 18 -53.24 34.25 -45.32
CA LEU D 18 -53.96 33.88 -46.54
C LEU D 18 -53.11 32.93 -47.37
N ARG D 19 -53.69 31.82 -47.81
CA ARG D 19 -52.99 30.84 -48.64
C ARG D 19 -53.50 30.92 -50.08
N LEU D 20 -52.57 30.90 -51.02
CA LEU D 20 -52.88 30.97 -52.44
C LEU D 20 -52.60 29.62 -53.09
N SER D 21 -53.62 29.05 -53.74
CA SER D 21 -53.51 27.77 -54.41
C SER D 21 -53.32 27.99 -55.90
N CYS D 22 -52.42 27.22 -56.50
CA CYS D 22 -52.10 27.29 -57.92
C CYS D 22 -52.15 25.87 -58.48
N ALA D 23 -53.25 25.53 -59.14
CA ALA D 23 -53.44 24.19 -59.68
C ALA D 23 -52.88 24.11 -61.10
N ALA D 24 -52.22 23.00 -61.40
CA ALA D 24 -51.48 22.83 -62.65
C ALA D 24 -52.10 21.73 -63.49
N SER D 25 -51.85 21.81 -64.80
CA SER D 25 -52.27 20.78 -65.74
C SER D 25 -51.28 20.74 -66.89
N GLY D 26 -50.85 19.54 -67.27
CA GLY D 26 -49.92 19.34 -68.37
C GLY D 26 -48.53 18.95 -67.96
N PHE D 27 -48.18 19.09 -66.68
CA PHE D 27 -46.85 18.71 -66.21
C PHE D 27 -46.94 18.45 -64.72
N THR D 28 -45.85 17.95 -64.16
CA THR D 28 -45.77 17.61 -62.75
C THR D 28 -45.09 18.76 -61.98
N VAL D 29 -45.76 19.25 -60.94
CA VAL D 29 -45.22 20.35 -60.15
C VAL D 29 -44.04 19.87 -59.30
N SER D 30 -44.16 18.69 -58.69
CA SER D 30 -43.12 18.16 -57.83
C SER D 30 -41.83 17.84 -58.57
N SER D 31 -41.80 18.00 -59.89
CA SER D 31 -40.62 17.70 -60.69
C SER D 31 -40.03 18.93 -61.37
N ASN D 32 -40.64 20.11 -61.21
CA ASN D 32 -40.25 21.31 -61.91
C ASN D 32 -39.81 22.40 -60.93
N TYR D 33 -39.19 23.44 -61.48
CA TYR D 33 -38.92 24.66 -60.75
C TYR D 33 -40.15 25.56 -60.84
N MET D 34 -40.71 25.93 -59.69
CA MET D 34 -41.91 26.76 -59.61
C MET D 34 -41.59 28.04 -58.86
N SER D 35 -42.30 29.12 -59.21
CA SER D 35 -42.04 30.43 -58.65
C SER D 35 -43.32 31.21 -58.46
N TRP D 36 -43.33 32.02 -57.41
CA TRP D 36 -44.36 33.03 -57.18
C TRP D 36 -43.77 34.41 -57.46
N VAL D 37 -44.52 35.23 -58.20
CA VAL D 37 -44.09 36.59 -58.54
C VAL D 37 -45.28 37.52 -58.38
N ARG D 38 -45.11 38.58 -57.61
CA ARG D 38 -46.18 39.52 -57.32
C ARG D 38 -45.89 40.87 -58.00
N GLN D 39 -46.97 41.55 -58.39
CA GLN D 39 -46.89 42.85 -59.04
C GLN D 39 -47.82 43.82 -58.32
N ALA D 40 -47.24 44.79 -57.61
CA ALA D 40 -48.04 45.81 -56.96
C ALA D 40 -48.76 46.65 -58.02
N PRO D 41 -49.92 47.23 -57.68
CA PRO D 41 -50.66 48.04 -58.65
C PRO D 41 -49.85 49.22 -59.15
N GLY D 42 -49.72 49.31 -60.47
CA GLY D 42 -48.99 50.38 -61.11
C GLY D 42 -47.48 50.22 -61.13
N LYS D 43 -46.94 49.26 -60.39
CA LYS D 43 -45.50 49.07 -60.29
C LYS D 43 -45.05 47.90 -61.17
N GLY D 44 -43.76 47.58 -61.08
CA GLY D 44 -43.16 46.49 -61.82
C GLY D 44 -43.34 45.13 -61.17
N LEU D 45 -42.55 44.18 -61.64
CA LEU D 45 -42.62 42.81 -61.15
C LEU D 45 -41.61 42.59 -60.02
N GLU D 46 -41.98 41.72 -59.08
CA GLU D 46 -41.16 41.46 -57.91
C GLU D 46 -41.16 39.97 -57.61
N TRP D 47 -39.97 39.36 -57.65
CA TRP D 47 -39.83 37.94 -57.37
C TRP D 47 -40.07 37.65 -55.89
N VAL D 48 -40.74 36.54 -55.60
CA VAL D 48 -41.17 36.24 -54.24
C VAL D 48 -40.50 34.97 -53.73
N SER D 49 -40.76 33.83 -54.37
CA SER D 49 -40.27 32.56 -53.85
C SER D 49 -40.04 31.56 -54.98
N VAL D 50 -39.22 30.55 -54.68
CA VAL D 50 -38.86 29.50 -55.62
C VAL D 50 -38.77 28.18 -54.86
N ILE D 51 -39.30 27.12 -55.46
CA ILE D 51 -39.05 25.76 -55.00
C ILE D 51 -38.38 24.98 -56.14
N TYR D 52 -37.29 24.31 -55.82
CA TYR D 52 -36.57 23.53 -56.82
C TYR D 52 -37.31 22.23 -57.11
N SER D 53 -36.80 21.49 -58.10
CA SER D 53 -37.35 20.15 -58.35
C SER D 53 -37.10 19.23 -57.17
N GLY D 54 -35.93 19.34 -56.54
CA GLY D 54 -35.61 18.51 -55.40
C GLY D 54 -36.25 18.93 -54.10
N GLY D 55 -36.73 20.17 -54.00
CA GLY D 55 -37.45 20.63 -52.83
C GLY D 55 -36.83 21.80 -52.09
N SER D 56 -35.63 22.26 -52.46
CA SER D 56 -35.01 23.37 -51.76
C SER D 56 -35.83 24.64 -51.95
N THR D 57 -36.05 25.37 -50.86
CA THR D 57 -36.89 26.57 -50.87
C THR D 57 -36.04 27.82 -50.71
N TYR D 58 -36.37 28.85 -51.49
CA TYR D 58 -35.69 30.14 -51.44
C TYR D 58 -36.74 31.24 -51.44
N TYR D 59 -36.50 32.28 -50.65
CA TYR D 59 -37.46 33.36 -50.49
C TYR D 59 -36.74 34.70 -50.62
N ALA D 60 -37.50 35.72 -50.99
CA ALA D 60 -36.99 37.08 -51.04
C ALA D 60 -36.87 37.65 -49.64
N ASP D 61 -36.00 38.68 -49.51
CA ASP D 61 -35.74 39.26 -48.21
C ASP D 61 -36.97 39.92 -47.60
N SER D 62 -37.88 40.42 -48.43
CA SER D 62 -39.02 41.18 -47.95
C SER D 62 -40.14 40.30 -47.40
N VAL D 63 -40.09 38.99 -47.66
CA VAL D 63 -41.09 38.06 -47.15
C VAL D 63 -40.47 36.90 -46.40
N LYS D 64 -39.14 36.90 -46.23
CA LYS D 64 -38.48 35.81 -45.53
C LYS D 64 -38.96 35.72 -44.09
N GLY D 65 -39.27 34.51 -43.64
CA GLY D 65 -39.83 34.29 -42.34
C GLY D 65 -41.33 34.42 -42.25
N ARG D 66 -41.96 35.13 -43.18
CA ARG D 66 -43.41 35.32 -43.20
C ARG D 66 -44.12 34.44 -44.23
N PHE D 67 -43.57 34.31 -45.43
CA PHE D 67 -44.19 33.52 -46.49
C PHE D 67 -43.58 32.14 -46.54
N THR D 68 -44.39 31.18 -46.98
CA THR D 68 -43.96 29.79 -47.14
C THR D 68 -44.53 29.26 -48.44
N ILE D 69 -43.73 28.45 -49.14
CA ILE D 69 -44.13 27.85 -50.41
C ILE D 69 -44.05 26.34 -50.28
N SER D 70 -45.03 25.65 -50.86
CA SER D 70 -45.08 24.20 -50.81
C SER D 70 -45.86 23.69 -52.01
N ARG D 71 -46.03 22.37 -52.07
CA ARG D 71 -46.73 21.74 -53.18
C ARG D 71 -47.30 20.40 -52.71
N ASP D 72 -48.30 19.93 -53.45
CA ASP D 72 -48.96 18.66 -53.17
C ASP D 72 -48.92 17.82 -54.44
N ASN D 73 -48.21 16.69 -54.38
CA ASN D 73 -48.06 15.86 -55.58
C ASN D 73 -49.37 15.20 -55.96
N SER D 74 -50.18 14.82 -54.97
CA SER D 74 -51.43 14.13 -55.26
C SER D 74 -52.43 15.04 -55.97
N LYS D 75 -52.39 16.33 -55.68
CA LYS D 75 -53.27 17.31 -56.32
C LYS D 75 -52.58 18.09 -57.42
N ASN D 76 -51.26 17.98 -57.55
CA ASN D 76 -50.46 18.75 -58.50
C ASN D 76 -50.77 20.24 -58.38
N THR D 77 -50.53 20.76 -57.17
CA THR D 77 -50.90 22.12 -56.83
C THR D 77 -49.76 22.79 -56.09
N LEU D 78 -49.45 24.03 -56.46
CA LEU D 78 -48.46 24.84 -55.79
C LEU D 78 -49.14 25.80 -54.83
N TYR D 79 -48.60 25.91 -53.62
CA TYR D 79 -49.17 26.73 -52.58
C TYR D 79 -48.22 27.84 -52.17
N LEU D 80 -48.78 28.89 -51.56
CA LEU D 80 -48.02 30.01 -51.01
C LEU D 80 -48.71 30.45 -49.73
N GLN D 81 -48.19 29.99 -48.60
CA GLN D 81 -48.74 30.37 -47.30
C GLN D 81 -48.16 31.73 -46.90
N MET D 82 -49.05 32.70 -46.65
CA MET D 82 -48.64 34.05 -46.30
C MET D 82 -49.11 34.36 -44.88
N ASN D 83 -48.17 34.74 -44.03
CA ASN D 83 -48.44 35.05 -42.63
C ASN D 83 -47.90 36.43 -42.31
N SER D 84 -48.46 37.03 -41.25
CA SER D 84 -48.10 38.38 -40.83
C SER D 84 -48.20 39.36 -41.99
N LEU D 85 -49.32 39.30 -42.70
CA LEU D 85 -49.48 40.10 -43.90
C LEU D 85 -49.46 41.59 -43.58
N ARG D 86 -48.82 42.35 -44.45
CA ARG D 86 -48.67 43.80 -44.31
C ARG D 86 -49.34 44.49 -45.49
N ALA D 87 -49.56 45.81 -45.33
CA ALA D 87 -50.21 46.58 -46.39
C ALA D 87 -49.41 46.56 -47.68
N GLU D 88 -48.08 46.50 -47.60
CA GLU D 88 -47.24 46.46 -48.79
C GLU D 88 -47.21 45.10 -49.45
N ASP D 89 -47.94 44.12 -48.95
CA ASP D 89 -48.07 42.82 -49.60
C ASP D 89 -49.20 42.79 -50.61
N THR D 90 -49.95 43.89 -50.74
CA THR D 90 -51.08 43.96 -51.65
C THR D 90 -50.58 43.99 -53.10
N ALA D 91 -50.94 42.95 -53.87
CA ALA D 91 -50.50 42.85 -55.25
C ALA D 91 -51.27 41.72 -55.91
N VAL D 92 -51.08 41.58 -57.22
CA VAL D 92 -51.51 40.41 -57.96
C VAL D 92 -50.41 39.37 -57.84
N TYR D 93 -50.79 38.13 -57.56
CA TYR D 93 -49.81 37.08 -57.27
C TYR D 93 -49.85 36.03 -58.39
N TYR D 94 -48.90 36.15 -59.31
CA TYR D 94 -48.77 35.18 -60.38
C TYR D 94 -47.91 34.01 -59.93
N CYS D 95 -48.38 32.79 -60.20
CA CYS D 95 -47.56 31.60 -60.09
C CYS D 95 -47.08 31.21 -61.48
N ALA D 96 -45.81 30.81 -61.58
CA ALA D 96 -45.22 30.54 -62.88
C ALA D 96 -44.31 29.32 -62.78
N ARG D 97 -44.42 28.47 -63.79
CA ARG D 97 -43.43 27.41 -64.01
C ARG D 97 -42.16 28.06 -64.56
N ASP D 98 -41.12 28.12 -63.73
CA ASP D 98 -39.92 28.85 -64.09
C ASP D 98 -39.33 28.34 -65.41
N HIS D 99 -38.87 29.28 -66.23
CA HIS D 99 -38.15 28.92 -67.44
C HIS D 99 -36.83 28.26 -67.07
N VAL D 100 -36.56 27.10 -67.64
CA VAL D 100 -35.30 26.41 -67.43
C VAL D 100 -34.74 26.01 -68.78
N ARG D 101 -35.62 25.82 -69.75
CA ARG D 101 -35.24 25.26 -71.05
C ARG D 101 -36.31 25.67 -72.06
N PRO D 102 -35.97 25.66 -73.39
CA PRO D 102 -36.86 26.19 -74.45
C PRO D 102 -38.22 26.71 -74.06
N GLY D 103 -39.26 25.89 -74.14
CA GLY D 103 -40.61 26.41 -74.05
C GLY D 103 -41.46 25.87 -72.92
N MET D 104 -40.91 25.88 -71.70
CA MET D 104 -41.65 25.45 -70.52
C MET D 104 -42.07 26.59 -69.61
N ASN D 105 -41.74 27.84 -69.96
CA ASN D 105 -42.10 28.97 -69.12
C ASN D 105 -43.56 29.34 -69.34
N ILE D 106 -44.37 29.17 -68.30
CA ILE D 106 -45.80 29.46 -68.35
C ILE D 106 -46.20 30.11 -67.03
N TRP D 107 -46.97 31.19 -67.12
CA TRP D 107 -47.42 31.96 -65.98
C TRP D 107 -48.92 31.76 -65.75
N GLY D 108 -49.33 31.86 -64.49
CA GLY D 108 -50.73 31.90 -64.15
C GLY D 108 -51.38 33.21 -64.57
N GLN D 109 -52.53 33.53 -64.00
CA GLN D 109 -53.20 34.80 -64.27
C GLN D 109 -53.25 35.68 -63.04
N GLY D 110 -52.72 35.23 -61.92
CA GLY D 110 -52.65 36.04 -60.72
C GLY D 110 -53.99 36.15 -60.01
N THR D 111 -53.92 36.33 -58.69
CA THR D 111 -55.10 36.60 -57.89
C THR D 111 -54.80 37.84 -57.06
N MET D 112 -55.85 38.64 -56.80
CA MET D 112 -55.67 39.93 -56.15
C MET D 112 -55.74 39.74 -54.65
N VAL D 113 -54.61 39.90 -53.98
CA VAL D 113 -54.53 39.91 -52.52
C VAL D 113 -54.53 41.36 -52.08
N THR D 114 -55.53 41.75 -51.29
CA THR D 114 -55.71 43.12 -50.83
C THR D 114 -55.63 43.14 -49.31
N VAL D 115 -54.50 43.59 -48.78
CA VAL D 115 -54.32 43.66 -47.34
C VAL D 115 -54.81 45.02 -46.87
N SER D 116 -55.98 45.03 -46.24
CA SER D 116 -56.58 46.26 -45.72
C SER D 116 -57.52 45.89 -44.59
N ALA E 1 -27.47 42.00 -53.76
CA ALA E 1 -28.44 41.63 -54.78
C ALA E 1 -28.22 42.42 -56.08
N ILE E 2 -28.42 41.74 -57.21
CA ILE E 2 -28.23 42.38 -58.50
C ILE E 2 -29.32 43.43 -58.72
N ARG E 3 -29.01 44.47 -59.49
CA ARG E 3 -29.96 45.53 -59.79
C ARG E 3 -29.98 45.80 -61.28
N MET E 4 -31.11 45.50 -61.92
CA MET E 4 -31.28 45.72 -63.35
C MET E 4 -31.85 47.11 -63.59
N THR E 5 -31.23 47.86 -64.50
CA THR E 5 -31.70 49.18 -64.91
C THR E 5 -32.15 49.12 -66.36
N GLN E 6 -33.33 49.65 -66.63
CA GLN E 6 -34.00 49.50 -67.93
C GLN E 6 -34.33 50.88 -68.49
N SER E 7 -33.81 51.18 -69.68
CA SER E 7 -34.07 52.42 -70.37
C SER E 7 -34.64 52.17 -71.76
N PRO E 8 -35.61 52.97 -72.21
CA PRO E 8 -36.22 54.07 -71.45
C PRO E 8 -37.39 53.61 -70.61
N SER E 9 -37.89 54.47 -69.71
CA SER E 9 -39.05 54.11 -68.91
C SER E 9 -40.32 54.03 -69.77
N SER E 10 -40.51 55.00 -70.67
CA SER E 10 -41.64 55.02 -71.57
C SER E 10 -41.15 55.22 -72.99
N LEU E 11 -42.03 54.96 -73.96
CA LEU E 11 -41.63 55.00 -75.36
C LEU E 11 -42.86 55.02 -76.24
N SER E 12 -42.82 55.85 -77.28
CA SER E 12 -43.86 55.90 -78.31
C SER E 12 -43.20 55.97 -79.67
N ALA E 13 -43.65 55.12 -80.60
CA ALA E 13 -43.07 55.08 -81.93
C ALA E 13 -44.16 54.73 -82.94
N SER E 14 -43.89 55.06 -84.20
CA SER E 14 -44.86 54.79 -85.26
C SER E 14 -44.89 53.32 -85.61
N VAL E 15 -45.97 52.91 -86.29
CA VAL E 15 -46.09 51.53 -86.75
C VAL E 15 -45.02 51.27 -87.81
N GLY E 16 -44.20 50.26 -87.58
CA GLY E 16 -43.13 49.91 -88.51
C GLY E 16 -41.77 50.46 -88.14
N ASP E 17 -41.70 51.38 -87.18
CA ASP E 17 -40.40 51.91 -86.76
C ASP E 17 -39.64 50.88 -85.94
N ARG E 18 -38.32 50.96 -86.00
CA ARG E 18 -37.48 50.10 -85.16
C ARG E 18 -37.51 50.61 -83.73
N VAL E 19 -37.83 49.73 -82.80
CA VAL E 19 -37.93 50.04 -81.38
C VAL E 19 -36.87 49.25 -80.64
N THR E 20 -36.05 49.94 -79.84
CA THR E 20 -34.96 49.31 -79.11
C THR E 20 -34.90 49.85 -77.69
N ILE E 21 -34.89 48.93 -76.72
CA ILE E 21 -34.70 49.29 -75.32
C ILE E 21 -33.49 48.52 -74.79
N THR E 22 -32.89 49.07 -73.73
CA THR E 22 -31.70 48.51 -73.13
C THR E 22 -31.97 48.11 -71.68
N CYS E 23 -31.09 47.26 -71.16
CA CYS E 23 -31.18 46.78 -69.78
C CYS E 23 -29.77 46.54 -69.29
N GLN E 24 -29.26 47.43 -68.45
CA GLN E 24 -27.91 47.30 -67.91
C GLN E 24 -27.95 46.61 -66.56
N ALA E 25 -27.08 45.62 -66.38
CA ALA E 25 -26.99 44.87 -65.13
C ALA E 25 -25.98 45.50 -64.20
N SER E 26 -26.23 45.38 -62.89
CA SER E 26 -25.30 45.90 -61.91
C SER E 26 -24.06 45.01 -61.79
N GLN E 27 -24.22 43.71 -61.97
CA GLN E 27 -23.12 42.77 -62.02
C GLN E 27 -23.13 42.02 -63.35
N ASP E 28 -22.08 41.21 -63.56
CA ASP E 28 -22.07 40.31 -64.70
C ASP E 28 -23.10 39.21 -64.49
N ILE E 29 -23.99 39.04 -65.48
CA ILE E 29 -24.98 37.97 -65.43
C ILE E 29 -24.83 37.03 -66.64
N SER E 30 -23.63 36.98 -67.23
CA SER E 30 -23.33 36.14 -68.39
C SER E 30 -24.34 36.47 -69.49
N ASN E 31 -25.17 35.53 -69.93
CA ASN E 31 -26.27 35.82 -70.85
C ASN E 31 -27.61 35.36 -70.27
N TYR E 32 -27.67 35.17 -68.95
CA TYR E 32 -28.89 34.70 -68.28
C TYR E 32 -29.81 35.89 -68.01
N LEU E 33 -30.39 36.40 -69.09
CA LEU E 33 -31.34 37.51 -69.02
C LEU E 33 -32.52 37.21 -69.93
N ASN E 34 -33.72 37.29 -69.38
CA ASN E 34 -34.94 37.03 -70.13
C ASN E 34 -35.74 38.32 -70.31
N TRP E 35 -36.66 38.29 -71.27
CA TRP E 35 -37.50 39.44 -71.61
C TRP E 35 -38.96 39.00 -71.60
N TYR E 36 -39.82 39.80 -70.99
CA TYR E 36 -41.24 39.50 -70.88
C TYR E 36 -42.07 40.62 -71.50
N GLN E 37 -43.20 40.24 -72.08
CA GLN E 37 -44.20 41.18 -72.60
C GLN E 37 -45.49 40.99 -71.81
N GLN E 38 -45.94 42.05 -71.15
CA GLN E 38 -47.17 42.02 -70.36
C GLN E 38 -48.18 43.01 -70.97
N LYS E 39 -49.13 42.49 -71.73
CA LYS E 39 -50.23 43.30 -72.21
C LYS E 39 -51.09 43.74 -71.03
N PRO E 40 -51.85 44.83 -71.18
CA PRO E 40 -52.62 45.36 -70.05
C PRO E 40 -53.54 44.31 -69.42
N GLY E 41 -53.41 44.14 -68.12
CA GLY E 41 -54.28 43.27 -67.36
C GLY E 41 -53.88 41.81 -67.38
N LYS E 42 -53.24 41.37 -68.46
CA LYS E 42 -52.86 39.97 -68.60
C LYS E 42 -51.53 39.70 -67.90
N ALA E 43 -51.16 38.42 -67.88
CA ALA E 43 -49.91 38.01 -67.25
C ALA E 43 -48.73 38.29 -68.16
N PRO E 44 -47.52 38.35 -67.60
CA PRO E 44 -46.33 38.47 -68.44
C PRO E 44 -46.19 37.27 -69.37
N LYS E 45 -45.63 37.52 -70.56
CA LYS E 45 -45.46 36.51 -71.59
C LYS E 45 -44.01 36.51 -72.02
N LEU E 46 -43.34 35.36 -71.89
CA LEU E 46 -41.93 35.26 -72.20
C LEU E 46 -41.71 35.33 -73.70
N LEU E 47 -40.88 36.29 -74.13
CA LEU E 47 -40.53 36.44 -75.54
C LEU E 47 -39.09 36.03 -75.81
N ILE E 48 -38.12 36.63 -75.12
CA ILE E 48 -36.71 36.36 -75.30
C ILE E 48 -36.16 35.72 -74.03
N TYR E 49 -35.47 34.59 -74.20
CA TYR E 49 -34.77 33.93 -73.11
C TYR E 49 -33.29 33.78 -73.46
N ASP E 50 -32.44 33.80 -72.44
CA ASP E 50 -31.00 33.72 -72.61
C ASP E 50 -30.49 34.81 -73.55
N ALA E 51 -30.90 36.06 -73.28
CA ALA E 51 -30.38 37.25 -73.92
C ALA E 51 -30.76 37.37 -75.40
N SER E 52 -30.57 36.28 -76.16
CA SER E 52 -30.70 36.35 -77.62
C SER E 52 -31.62 35.32 -78.23
N ASN E 53 -32.12 34.35 -77.48
CA ASN E 53 -32.90 33.26 -78.05
C ASN E 53 -34.39 33.59 -78.02
N LEU E 54 -35.06 33.38 -79.15
CA LEU E 54 -36.48 33.69 -79.30
C LEU E 54 -37.31 32.48 -78.86
N GLU E 55 -38.26 32.71 -77.98
CA GLU E 55 -39.17 31.65 -77.56
C GLU E 55 -40.03 31.21 -78.74
N THR E 56 -40.34 29.92 -78.78
CA THR E 56 -41.11 29.36 -79.89
C THR E 56 -42.48 30.02 -79.98
N GLY E 57 -42.79 30.55 -81.17
CA GLY E 57 -44.05 31.19 -81.43
C GLY E 57 -44.00 32.71 -81.49
N VAL E 58 -42.93 33.32 -80.99
CA VAL E 58 -42.81 34.77 -81.04
C VAL E 58 -42.55 35.21 -82.47
N PRO E 59 -43.19 36.28 -82.96
CA PRO E 59 -42.90 36.75 -84.32
C PRO E 59 -41.43 37.12 -84.48
N SER E 60 -40.96 37.04 -85.73
CA SER E 60 -39.55 37.30 -86.01
C SER E 60 -39.14 38.74 -85.73
N ARG E 61 -40.10 39.66 -85.63
CA ARG E 61 -39.78 41.07 -85.44
C ARG E 61 -39.18 41.35 -84.07
N PHE E 62 -39.16 40.39 -83.16
CA PHE E 62 -38.60 40.59 -81.82
C PHE E 62 -37.19 40.03 -81.77
N SER E 63 -36.26 40.82 -81.22
CA SER E 63 -34.85 40.49 -81.23
C SER E 63 -34.26 40.73 -79.86
N GLY E 64 -33.10 40.12 -79.62
CA GLY E 64 -32.37 40.29 -78.38
C GLY E 64 -30.89 39.99 -78.55
N SER E 65 -30.04 40.78 -77.91
CA SER E 65 -28.60 40.57 -77.96
C SER E 65 -27.96 41.14 -76.70
N GLY E 66 -26.72 40.76 -76.46
CA GLY E 66 -25.97 41.27 -75.34
C GLY E 66 -25.42 40.18 -74.44
N SER E 67 -24.30 40.47 -73.78
CA SER E 67 -23.71 39.54 -72.84
C SER E 67 -22.91 40.33 -71.82
N GLY E 68 -22.68 39.71 -70.66
CA GLY E 68 -21.99 40.37 -69.57
C GLY E 68 -22.88 41.24 -68.72
N THR E 69 -22.98 42.54 -69.06
CA THR E 69 -23.75 43.48 -68.28
C THR E 69 -24.69 44.36 -69.08
N ASP E 70 -24.50 44.50 -70.39
CA ASP E 70 -25.31 45.37 -71.23
C ASP E 70 -26.07 44.54 -72.25
N PHE E 71 -27.39 44.67 -72.27
CA PHE E 71 -28.26 43.89 -73.14
C PHE E 71 -29.22 44.84 -73.86
N THR E 72 -29.76 44.35 -74.97
CA THR E 72 -30.68 45.13 -75.79
C THR E 72 -31.86 44.27 -76.23
N PHE E 73 -33.01 44.92 -76.43
CA PHE E 73 -34.22 44.28 -76.93
C PHE E 73 -34.78 45.13 -78.06
N THR E 74 -34.90 44.54 -79.25
CA THR E 74 -35.24 45.28 -80.46
C THR E 74 -36.50 44.72 -81.11
N ILE E 75 -37.41 45.61 -81.48
CA ILE E 75 -38.55 45.28 -82.32
C ILE E 75 -38.25 45.77 -83.73
N SER E 76 -38.23 44.84 -84.69
CA SER E 76 -37.90 45.16 -86.08
C SER E 76 -38.82 46.23 -86.65
N SER E 77 -40.10 45.89 -86.82
CA SER E 77 -41.11 46.85 -87.24
C SER E 77 -42.26 46.79 -86.23
N LEU E 78 -42.49 47.90 -85.54
CA LEU E 78 -43.49 47.94 -84.48
C LEU E 78 -44.90 47.73 -85.03
N GLN E 79 -45.67 46.88 -84.33
CA GLN E 79 -47.03 46.55 -84.70
C GLN E 79 -48.03 47.05 -83.64
N PRO E 80 -49.27 47.33 -84.04
CA PRO E 80 -50.24 47.87 -83.07
C PRO E 80 -50.47 46.97 -81.87
N GLU E 81 -50.53 45.65 -82.06
CA GLU E 81 -50.75 44.76 -80.93
C GLU E 81 -49.51 44.60 -80.05
N ASP E 82 -48.39 45.24 -80.40
CA ASP E 82 -47.20 45.20 -79.56
C ASP E 82 -47.28 46.14 -78.35
N ILE E 83 -48.39 46.86 -78.18
CA ILE E 83 -48.50 47.77 -77.05
C ILE E 83 -48.53 46.94 -75.77
N ALA E 84 -47.58 47.22 -74.87
CA ALA E 84 -47.46 46.50 -73.61
C ALA E 84 -46.33 47.08 -72.77
N THR E 85 -46.12 46.53 -71.58
CA THR E 85 -44.96 46.85 -70.76
C THR E 85 -43.98 45.68 -70.82
N TYR E 86 -42.73 45.97 -71.15
CA TYR E 86 -41.70 44.96 -71.35
C TYR E 86 -40.70 45.04 -70.20
N TYR E 87 -40.39 43.89 -69.60
CA TYR E 87 -39.48 43.82 -68.48
C TYR E 87 -38.30 42.91 -68.81
N CYS E 88 -37.16 43.17 -68.17
CA CYS E 88 -36.01 42.29 -68.21
C CYS E 88 -35.78 41.68 -66.83
N GLN E 89 -35.35 40.42 -66.81
CA GLN E 89 -35.05 39.72 -65.56
C GLN E 89 -33.79 38.88 -65.72
N GLN E 90 -32.99 38.84 -64.66
CA GLN E 90 -31.93 37.86 -64.52
C GLN E 90 -32.39 36.80 -63.54
N TYR E 91 -31.96 35.55 -63.76
CA TYR E 91 -32.44 34.44 -62.95
C TYR E 91 -31.34 33.50 -62.49
N ASP E 92 -30.15 33.56 -63.06
CA ASP E 92 -29.09 32.62 -62.66
C ASP E 92 -28.69 32.85 -61.22
N ASN E 93 -28.45 34.10 -60.83
CA ASN E 93 -28.05 34.45 -59.48
C ASN E 93 -29.27 34.92 -58.69
N LEU E 94 -29.40 34.41 -57.46
CA LEU E 94 -30.47 34.70 -56.52
C LEU E 94 -30.11 35.92 -55.66
N PRO E 95 -31.10 36.77 -55.33
CA PRO E 95 -32.51 36.63 -55.72
C PRO E 95 -32.76 37.01 -57.18
N VAL E 96 -33.90 36.56 -57.72
CA VAL E 96 -34.28 36.96 -59.07
C VAL E 96 -34.72 38.42 -59.04
N THR E 97 -34.20 39.22 -59.97
CA THR E 97 -34.45 40.65 -60.00
C THR E 97 -35.00 41.03 -61.37
N PHE E 98 -35.86 42.04 -61.40
CA PHE E 98 -36.46 42.54 -62.62
C PHE E 98 -35.94 43.93 -62.96
N GLY E 99 -36.25 44.35 -64.19
CA GLY E 99 -35.97 45.71 -64.62
C GLY E 99 -37.10 46.67 -64.28
N GLY E 100 -36.85 47.95 -64.54
CA GLY E 100 -37.83 48.97 -64.23
C GLY E 100 -39.07 48.91 -65.11
N GLY E 101 -38.94 48.37 -66.31
CA GLY E 101 -40.07 48.29 -67.21
C GLY E 101 -40.05 49.38 -68.27
N THR E 102 -40.66 49.08 -69.41
CA THR E 102 -40.76 50.03 -70.52
C THR E 102 -42.16 49.97 -71.11
N LYS E 103 -42.92 51.05 -70.96
CA LYS E 103 -44.25 51.14 -71.56
C LYS E 103 -44.13 51.58 -73.01
N VAL E 104 -44.83 50.89 -73.91
CA VAL E 104 -44.75 51.13 -75.34
C VAL E 104 -46.13 51.53 -75.85
N ASP E 105 -46.19 52.66 -76.56
CA ASP E 105 -47.43 53.18 -77.12
C ASP E 105 -47.25 53.41 -78.62
N ILE E 106 -48.35 53.28 -79.36
CA ILE E 106 -48.35 53.46 -80.81
C ILE E 106 -48.51 54.93 -81.15
N LYS E 107 -47.80 55.39 -82.17
CA LYS E 107 -47.98 56.72 -82.76
C LYS E 107 -48.77 56.54 -84.04
#